data_8X0L
#
_entry.id   8X0L
#
_cell.length_a   1.00
_cell.length_b   1.00
_cell.length_c   1.00
_cell.angle_alpha   90.00
_cell.angle_beta   90.00
_cell.angle_gamma   90.00
#
_symmetry.space_group_name_H-M   'P 1'
#
loop_
_entity.id
_entity.type
_entity.pdbx_description
1 polymer 'Capsid protein'
2 polymer 'pike glycoprotein E2'
3 polymer 'pike glycoprotein E1'
4 polymer 'Very low-density lipoprotein receptor'
5 branched 2-acetamido-2-deoxy-beta-D-glucopyranose-(1-4)-2-acetamido-2-deoxy-beta-D-glucopyranose
6 non-polymer 2-acetamido-2-deoxy-beta-D-glucopyranose
7 non-polymer 'CALCIUM ION'
#
loop_
_entity_poly.entity_id
_entity_poly.type
_entity_poly.pdbx_seq_one_letter_code
_entity_poly.pdbx_strand_id
1 'polypeptide(L)'
;GKRERMCMKIENDCIFEVKHEGKVTGYACLVGDKVMKPAHVKGVIDNADLAKLAFKKSSKYDLECAQIPVHMRSDASKYT
HEKPEGHYNWHHGAVQYSGGRFTIPTGAGKPGDSGRPIFDNKGRVVAIVLGGANEGSRTALSVVTWNKDMVTRVTPEGSE
EW
;
A,E,I
2 'polypeptide(L)'
;SVSQHFNVYKATRPYIAYCADCGAGHSCHSPVAIEAVRSEATDGMLKIQFSAQIGIDKSDNHDYTKIRYADGHAIENAVR
SSLKVATSGDCFVHGTMGHFILAKCPPGEFLQVSIQDTRNAVRACRIQYHHDPQPVGREKFTIRPHYGKEIPCTTYQQTT
AKTVEEIDMHMPPDTPDRTLLSQQSGNVKITVGGKKVKYNCTCGTGNVGTTNSDMTINTCLIEQCHVSVTDHKKWQFNSP
FVPRADEPARKGKVHIPFPLDNITCRVPMAREPTVIHGKREVTLHLHPDHPTLFSYRTLGEDPQYHEEWVTAAVERTIPV
PVDGMEYHWGNNDPVRLWSQLTTEGKPHGWPHQIVQYYYGLYPAATVSAVVGMSLLALISIFASCYMLVAARSKCLTPYA
LTPGAAVPWTLGILCCAP
;
B,F,J
3 'polypeptide(L)'
;YEHSTVMPNVVGFPYKAHIERPGYSPLTLQMQVVETSLEPTLNLEYITCEYKTVVPSPYVKCCGASECSTKEKPDYQCKV
YTGVYPFMWGGAYCFCDSENTQLSEAYVDRSDVCRHDHASAYKAHTASLKAKVRVMYGNVNQTVDVYVNGDHAVTIGGTQ
FIFGPLSSAWTPFDNKIVVYKDEVFNQDFPPYGSGQPGRFGDIQSRTVESNDLYANTALKLARPSPGMVHVPYTQTPSGF
KYWLKEKGTALNTKAPFGCQIKTNPVRAMNCAVGNIPVSMNLPDSAFTRIVEAPTIIDLTCTVATCTHSSDFGGVLTLTY
KTDKNGDCSVHSHSNVATLQEATAKVKTAGKVTLHFSTASASPSFVVSLCSARATCSASCEPPKDHIVPYAASHSNVVFP
DMSGTALSWVQKISGGLGAFAIGAILVLVVVTCIGLRR
;
C,G,K
4 'polypeptide(L)' CRIHEISCGAHSTQCIPVSWRCDGENDCDSGEDEENC H,D,L
#
loop_
_chem_comp.id
_chem_comp.type
_chem_comp.name
_chem_comp.formula
CA non-polymer 'CALCIUM ION' 'Ca 2'
NAG D-saccharide, beta linking 2-acetamido-2-deoxy-beta-D-glucopyranose 'C8 H15 N O6'
#
# COMPACT_ATOMS: atom_id res chain seq x y z
N GLY A 1 -84.99 -54.15 37.14
CA GLY A 1 -84.86 -55.14 38.20
C GLY A 1 -83.53 -55.87 38.17
N LYS A 2 -83.60 -57.21 38.06
CA LYS A 2 -82.38 -58.01 38.02
C LYS A 2 -81.57 -57.73 36.77
N ARG A 3 -82.24 -57.55 35.62
CA ARG A 3 -81.54 -57.21 34.40
C ARG A 3 -80.87 -55.84 34.51
N GLU A 4 -81.54 -54.88 35.15
CA GLU A 4 -80.91 -53.59 35.42
C GLU A 4 -79.70 -53.75 36.32
N ARG A 5 -79.81 -54.61 37.33
CA ARG A 5 -78.67 -54.86 38.21
C ARG A 5 -77.48 -55.42 37.44
N MET A 6 -77.75 -56.39 36.55
CA MET A 6 -76.67 -57.00 35.77
C MET A 6 -76.05 -56.00 34.79
N CYS A 7 -76.88 -55.17 34.13
CA CYS A 7 -76.35 -54.19 33.20
C CYS A 7 -75.48 -53.16 33.93
N MET A 8 -75.96 -52.68 35.08
CA MET A 8 -75.17 -51.73 35.85
C MET A 8 -73.90 -52.39 36.41
N LYS A 9 -73.96 -53.68 36.72
CA LYS A 9 -72.78 -54.39 37.20
C LYS A 9 -71.70 -54.45 36.14
N ILE A 10 -72.09 -54.75 34.89
CA ILE A 10 -71.09 -54.74 33.82
C ILE A 10 -70.60 -53.31 33.56
N GLU A 11 -71.52 -52.35 33.56
CA GLU A 11 -71.15 -50.97 33.23
C GLU A 11 -70.23 -50.36 34.28
N ASN A 12 -70.33 -50.80 35.53
CA ASN A 12 -69.42 -50.31 36.56
C ASN A 12 -68.00 -50.81 36.38
N ASP A 13 -67.77 -51.76 35.47
CA ASP A 13 -66.46 -52.34 35.26
C ASP A 13 -65.89 -52.03 33.89
N CYS A 14 -66.69 -52.13 32.83
CA CYS A 14 -66.20 -51.96 31.46
C CYS A 14 -66.28 -50.51 30.97
N ILE A 15 -66.74 -49.59 31.80
CA ILE A 15 -66.94 -48.20 31.40
C ILE A 15 -66.14 -47.29 32.33
N PHE A 16 -65.36 -46.40 31.74
CA PHE A 16 -64.70 -45.31 32.44
C PHE A 16 -65.17 -43.99 31.84
N GLU A 17 -64.56 -42.89 32.27
CA GLU A 17 -64.97 -41.57 31.83
C GLU A 17 -63.74 -40.72 31.53
N VAL A 18 -63.93 -39.76 30.63
CA VAL A 18 -62.87 -38.82 30.26
C VAL A 18 -63.16 -37.48 30.91
N LYS A 19 -62.13 -36.90 31.52
CA LYS A 19 -62.27 -35.68 32.30
C LYS A 19 -61.51 -34.54 31.66
N HIS A 20 -62.11 -33.35 31.65
CA HIS A 20 -61.48 -32.15 31.12
C HIS A 20 -62.03 -30.96 31.88
N GLU A 21 -61.13 -30.13 32.40
CA GLU A 21 -61.49 -28.87 33.08
C GLU A 21 -62.44 -29.12 34.26
N GLY A 22 -62.42 -30.33 34.80
CA GLY A 22 -63.27 -30.68 35.91
C GLY A 22 -64.69 -31.10 35.58
N LYS A 23 -65.02 -31.36 34.32
CA LYS A 23 -66.27 -32.04 34.00
C LYS A 23 -65.99 -33.28 33.15
N VAL A 24 -66.72 -34.35 33.43
CA VAL A 24 -66.73 -35.53 32.56
C VAL A 24 -67.46 -35.19 31.27
N THR A 25 -66.84 -35.51 30.14
CA THR A 25 -67.42 -35.20 28.84
C THR A 25 -67.61 -36.40 27.93
N GLY A 26 -67.18 -37.60 28.34
CA GLY A 26 -67.38 -38.78 27.53
C GLY A 26 -66.97 -40.03 28.28
N TYR A 27 -67.36 -41.18 27.74
CA TYR A 27 -67.08 -42.46 28.35
C TYR A 27 -66.21 -43.30 27.42
N ALA A 28 -65.35 -44.12 28.02
CA ALA A 28 -64.46 -45.01 27.29
C ALA A 28 -64.80 -46.46 27.62
N CYS A 29 -64.99 -47.26 26.58
CA CYS A 29 -65.37 -48.66 26.72
C CYS A 29 -64.24 -49.57 26.26
N LEU A 30 -64.35 -50.85 26.62
CA LEU A 30 -63.40 -51.89 26.22
C LEU A 30 -64.23 -53.01 25.58
N VAL A 31 -64.46 -52.89 24.28
CA VAL A 31 -65.17 -53.90 23.52
C VAL A 31 -64.17 -54.95 23.09
N GLY A 32 -64.24 -56.14 23.68
CA GLY A 32 -63.34 -57.23 23.33
C GLY A 32 -61.90 -56.95 23.69
N ASP A 33 -61.04 -56.88 22.67
CA ASP A 33 -59.61 -56.70 22.86
C ASP A 33 -59.12 -55.30 22.54
N LYS A 34 -59.97 -54.42 22.04
CA LYS A 34 -59.58 -53.08 21.61
C LYS A 34 -60.27 -52.02 22.47
N VAL A 35 -59.48 -51.08 22.99
CA VAL A 35 -60.08 -49.90 23.60
C VAL A 35 -60.80 -49.09 22.54
N MET A 36 -62.00 -48.61 22.88
CA MET A 36 -62.77 -47.76 22.00
C MET A 36 -63.21 -46.51 22.76
N LYS A 37 -63.05 -45.34 22.13
CA LYS A 37 -63.56 -44.07 22.65
C LYS A 37 -63.78 -43.11 21.49
N PRO A 38 -64.92 -42.43 21.44
CA PRO A 38 -65.21 -41.55 20.30
C PRO A 38 -64.16 -40.45 20.14
N ALA A 39 -63.85 -40.13 18.88
CA ALA A 39 -62.84 -39.13 18.58
C ALA A 39 -63.32 -37.71 18.79
N HIS A 40 -64.61 -37.44 18.66
CA HIS A 40 -65.13 -36.08 18.78
C HIS A 40 -65.08 -35.55 20.20
N VAL A 41 -64.97 -36.44 21.20
CA VAL A 41 -64.86 -36.03 22.60
C VAL A 41 -63.39 -36.01 22.98
N LYS A 42 -62.94 -34.89 23.52
CA LYS A 42 -61.52 -34.67 23.79
C LYS A 42 -61.28 -34.49 25.28
N GLY A 43 -60.10 -34.89 25.74
CA GLY A 43 -59.76 -34.80 27.14
C GLY A 43 -58.70 -35.83 27.48
N VAL A 44 -58.60 -36.13 28.77
CA VAL A 44 -57.66 -37.12 29.30
C VAL A 44 -58.46 -38.20 30.01
N ILE A 45 -58.18 -39.46 29.69
CA ILE A 45 -58.91 -40.56 30.29
C ILE A 45 -58.62 -40.61 31.78
N ASP A 46 -59.67 -40.68 32.60
CA ASP A 46 -59.52 -40.67 34.04
C ASP A 46 -59.00 -42.02 34.53
N ASN A 47 -57.76 -42.35 34.16
CA ASN A 47 -57.14 -43.60 34.55
C ASN A 47 -55.63 -43.46 34.41
N ALA A 48 -54.89 -44.29 35.14
CA ALA A 48 -53.43 -44.16 35.17
C ALA A 48 -52.79 -44.80 33.95
N ASP A 49 -52.98 -46.11 33.77
CA ASP A 49 -52.32 -46.83 32.69
C ASP A 49 -53.14 -46.91 31.41
N LEU A 50 -54.36 -46.37 31.40
CA LEU A 50 -55.15 -46.31 30.18
C LEU A 50 -54.94 -45.03 29.39
N ALA A 51 -54.04 -44.15 29.85
CA ALA A 51 -53.76 -42.90 29.15
C ALA A 51 -52.34 -42.82 28.61
N LYS A 52 -51.48 -43.78 28.96
CA LYS A 52 -50.09 -43.76 28.55
C LYS A 52 -49.82 -44.51 27.25
N LEU A 53 -50.78 -45.25 26.72
CA LEU A 53 -50.59 -46.02 25.51
C LEU A 53 -50.81 -45.11 24.29
N ALA A 54 -50.50 -45.65 23.11
CA ALA A 54 -50.60 -44.91 21.85
C ALA A 54 -51.88 -45.29 21.14
N PHE A 55 -52.60 -44.29 20.63
CA PHE A 55 -53.90 -44.48 20.02
C PHE A 55 -53.80 -44.40 18.50
N LYS A 56 -54.93 -44.65 17.85
CA LYS A 56 -55.08 -44.53 16.40
C LYS A 56 -56.35 -43.75 16.12
N LYS A 57 -56.24 -42.69 15.32
CA LYS A 57 -57.35 -41.77 15.08
C LYS A 57 -57.77 -41.85 13.61
N SER A 58 -59.08 -41.92 13.37
CA SER A 58 -59.64 -41.96 12.02
C SER A 58 -60.93 -41.13 12.04
N SER A 59 -60.84 -39.89 11.55
CA SER A 59 -61.96 -38.97 11.63
C SER A 59 -63.13 -39.37 10.74
N LYS A 60 -62.92 -40.25 9.76
CA LYS A 60 -64.04 -40.68 8.92
C LYS A 60 -64.95 -41.66 9.68
N TYR A 61 -64.43 -42.26 10.75
CA TYR A 61 -65.22 -43.10 11.63
C TYR A 61 -65.42 -42.49 13.01
N ASP A 62 -64.69 -41.42 13.33
CA ASP A 62 -64.88 -40.65 14.55
C ASP A 62 -64.71 -41.52 15.79
N LEU A 63 -63.59 -42.24 15.82
CA LEU A 63 -63.26 -43.07 16.97
C LEU A 63 -61.75 -43.22 17.07
N GLU A 64 -61.27 -43.44 18.29
CA GLU A 64 -59.86 -43.68 18.55
C GLU A 64 -59.72 -45.02 19.28
N CYS A 65 -58.81 -45.86 18.80
CA CYS A 65 -58.70 -47.23 19.25
C CYS A 65 -57.27 -47.58 19.63
N ALA A 66 -57.12 -48.56 20.51
CA ALA A 66 -55.83 -49.06 20.96
C ALA A 66 -56.04 -50.47 21.49
N GLN A 67 -54.93 -51.12 21.83
CA GLN A 67 -54.95 -52.49 22.31
C GLN A 67 -54.79 -52.51 23.83
N ILE A 68 -55.67 -53.25 24.51
CA ILE A 68 -55.69 -53.30 25.97
C ILE A 68 -54.44 -53.99 26.49
N PRO A 69 -53.93 -53.61 27.66
CA PRO A 69 -52.83 -54.35 28.27
C PRO A 69 -53.26 -55.76 28.67
N VAL A 70 -52.26 -56.64 28.78
CA VAL A 70 -52.54 -58.06 29.01
C VAL A 70 -53.18 -58.30 30.37
N HIS A 71 -52.93 -57.42 31.34
CA HIS A 71 -53.39 -57.68 32.70
C HIS A 71 -54.80 -57.16 32.97
N MET A 72 -55.50 -56.65 31.96
CA MET A 72 -56.93 -56.38 32.05
C MET A 72 -57.73 -57.08 30.95
N ARG A 73 -57.17 -58.15 30.37
CA ARG A 73 -57.90 -58.88 29.33
C ARG A 73 -59.19 -59.49 29.86
N SER A 74 -59.25 -59.77 31.16
CA SER A 74 -60.42 -60.42 31.74
C SER A 74 -61.67 -59.55 31.70
N ASP A 75 -61.51 -58.22 31.70
CA ASP A 75 -62.64 -57.30 31.72
C ASP A 75 -63.10 -57.02 30.29
N ALA A 76 -63.45 -58.11 29.60
CA ALA A 76 -63.92 -58.02 28.22
C ALA A 76 -65.39 -57.62 28.20
N SER A 77 -66.02 -57.68 27.02
CA SER A 77 -67.41 -57.29 26.91
C SER A 77 -68.22 -58.22 26.00
N LYS A 78 -67.64 -59.31 25.50
CA LYS A 78 -68.34 -60.32 24.72
C LYS A 78 -69.04 -59.69 23.51
N TYR A 79 -68.22 -59.24 22.57
CA TYR A 79 -68.71 -58.59 21.36
C TYR A 79 -69.57 -59.57 20.54
N THR A 80 -70.48 -58.99 19.76
CA THR A 80 -71.32 -59.78 18.86
C THR A 80 -71.69 -58.92 17.67
N HIS A 81 -72.13 -59.58 16.59
CA HIS A 81 -72.41 -58.88 15.34
C HIS A 81 -73.76 -59.20 14.73
N GLU A 82 -74.57 -60.08 15.35
CA GLU A 82 -75.90 -60.33 14.83
C GLU A 82 -76.79 -59.11 15.05
N LYS A 83 -77.73 -58.90 14.12
CA LYS A 83 -78.66 -57.78 14.18
C LYS A 83 -80.07 -58.25 13.89
N PRO A 84 -80.72 -58.92 14.84
CA PRO A 84 -82.15 -59.19 14.71
C PRO A 84 -83.00 -58.07 15.28
N GLU A 85 -84.16 -57.87 14.66
CA GLU A 85 -85.04 -56.79 15.08
C GLU A 85 -85.58 -57.02 16.48
N GLY A 86 -85.69 -55.94 17.24
CA GLY A 86 -86.25 -56.04 18.58
C GLY A 86 -85.85 -54.91 19.51
N HIS A 87 -86.07 -55.11 20.80
CA HIS A 87 -85.73 -54.14 21.83
C HIS A 87 -84.35 -54.46 22.39
N TYR A 88 -83.57 -53.41 22.65
CA TYR A 88 -82.19 -53.58 23.06
C TYR A 88 -81.91 -52.77 24.32
N ASN A 89 -81.01 -53.28 25.14
CA ASN A 89 -80.74 -52.67 26.43
C ASN A 89 -79.86 -51.44 26.25
N TRP A 90 -80.08 -50.45 27.11
CA TRP A 90 -79.28 -49.24 27.15
C TRP A 90 -79.32 -48.71 28.58
N HIS A 91 -78.26 -48.01 28.98
CA HIS A 91 -78.18 -47.50 30.35
C HIS A 91 -79.33 -46.56 30.68
N HIS A 92 -79.95 -45.95 29.68
CA HIS A 92 -81.05 -45.01 29.89
C HIS A 92 -82.37 -45.55 29.34
N GLY A 93 -82.59 -46.84 29.49
CA GLY A 93 -83.84 -47.44 29.05
C GLY A 93 -83.68 -48.20 27.74
N ALA A 94 -84.59 -49.15 27.53
CA ALA A 94 -84.51 -50.02 26.37
C ALA A 94 -84.71 -49.24 25.07
N VAL A 95 -84.07 -49.71 24.01
CA VAL A 95 -84.11 -49.07 22.70
C VAL A 95 -84.54 -50.10 21.67
N GLN A 96 -85.34 -49.66 20.70
CA GLN A 96 -85.93 -50.57 19.72
C GLN A 96 -85.19 -50.45 18.40
N TYR A 97 -84.98 -51.59 17.73
CA TYR A 97 -84.29 -51.67 16.45
C TYR A 97 -85.30 -52.09 15.39
N SER A 98 -85.57 -51.20 14.43
CA SER A 98 -86.51 -51.52 13.36
C SER A 98 -86.14 -50.71 12.14
N GLY A 99 -86.18 -51.36 10.98
CA GLY A 99 -85.87 -50.69 9.72
C GLY A 99 -84.45 -50.18 9.62
N GLY A 100 -83.49 -50.95 10.11
CA GLY A 100 -82.09 -50.54 10.05
C GLY A 100 -81.79 -49.23 10.71
N ARG A 101 -82.43 -48.96 11.85
CA ARG A 101 -82.26 -47.69 12.54
C ARG A 101 -82.47 -47.90 14.02
N PHE A 102 -81.85 -47.02 14.82
CA PHE A 102 -81.94 -47.06 16.27
C PHE A 102 -82.74 -45.86 16.74
N THR A 103 -83.84 -46.11 17.45
CA THR A 103 -84.73 -45.04 17.88
C THR A 103 -84.91 -45.10 19.39
N ILE A 104 -84.94 -43.92 20.02
CA ILE A 104 -85.18 -43.79 21.46
C ILE A 104 -86.39 -42.89 21.64
N PRO A 105 -87.09 -42.93 22.78
CA PRO A 105 -88.31 -42.13 22.94
C PRO A 105 -87.99 -40.67 23.20
N THR A 106 -88.21 -39.83 22.18
CA THR A 106 -88.09 -38.38 22.26
C THR A 106 -86.79 -37.93 22.92
N GLY A 107 -86.86 -37.58 24.20
CA GLY A 107 -85.68 -37.16 24.92
C GLY A 107 -85.38 -38.05 26.11
N ALA A 108 -84.24 -38.75 26.06
CA ALA A 108 -83.79 -39.58 27.14
C ALA A 108 -82.33 -39.35 27.48
N GLY A 109 -81.60 -38.64 26.63
CA GLY A 109 -80.19 -38.40 26.87
C GLY A 109 -79.86 -36.93 26.74
N LYS A 110 -78.65 -36.60 27.17
CA LYS A 110 -78.11 -35.25 27.22
C LYS A 110 -76.70 -35.25 26.67
N PRO A 111 -76.19 -34.11 26.21
CA PRO A 111 -74.87 -34.11 25.61
C PRO A 111 -73.69 -34.20 26.59
N GLY A 112 -72.65 -34.91 26.14
CA GLY A 112 -71.61 -35.42 27.01
C GLY A 112 -71.79 -36.85 27.44
N ASP A 113 -72.86 -37.52 26.98
CA ASP A 113 -73.15 -38.92 27.30
C ASP A 113 -72.60 -39.87 26.24
N SER A 114 -71.83 -39.35 25.29
CA SER A 114 -71.33 -40.18 24.20
C SER A 114 -70.33 -41.21 24.72
N GLY A 115 -70.41 -42.42 24.18
CA GLY A 115 -69.52 -43.50 24.56
C GLY A 115 -70.18 -44.65 25.28
N ARG A 116 -71.43 -44.52 25.72
CA ARG A 116 -72.11 -45.59 26.42
C ARG A 116 -72.51 -46.68 25.43
N PRO A 117 -72.18 -47.95 25.69
CA PRO A 117 -72.48 -49.00 24.70
C PRO A 117 -73.96 -49.31 24.62
N ILE A 118 -74.33 -50.20 23.68
CA ILE A 118 -75.70 -50.65 23.51
C ILE A 118 -75.69 -52.17 23.59
N PHE A 119 -76.48 -52.72 24.52
CA PHE A 119 -76.47 -54.16 24.80
C PHE A 119 -77.68 -54.83 24.17
N ASP A 120 -77.56 -56.15 24.01
CA ASP A 120 -78.67 -56.97 23.54
C ASP A 120 -79.31 -57.70 24.70
N ASN A 121 -80.25 -58.62 24.40
CA ASN A 121 -80.91 -59.39 25.45
C ASN A 121 -79.95 -60.25 26.25
N LYS A 122 -78.79 -60.60 25.68
CA LYS A 122 -77.79 -61.40 26.37
C LYS A 122 -76.68 -60.54 26.97
N GLY A 123 -76.86 -59.24 27.01
CA GLY A 123 -75.86 -58.34 27.58
C GLY A 123 -74.56 -58.27 26.80
N ARG A 124 -74.64 -58.30 25.48
CA ARG A 124 -73.46 -58.18 24.63
C ARG A 124 -73.50 -56.88 23.85
N VAL A 125 -72.36 -56.20 23.79
CA VAL A 125 -72.30 -54.90 23.12
C VAL A 125 -72.48 -55.08 21.63
N VAL A 126 -73.29 -54.21 21.02
CA VAL A 126 -73.57 -54.30 19.60
C VAL A 126 -73.15 -53.01 18.91
N ALA A 127 -73.20 -51.90 19.64
CA ALA A 127 -72.83 -50.62 19.04
C ALA A 127 -72.38 -49.66 20.13
N ILE A 128 -71.80 -48.55 19.69
CA ILE A 128 -71.38 -47.46 20.56
C ILE A 128 -72.11 -46.20 20.10
N VAL A 129 -72.73 -45.49 21.05
CA VAL A 129 -73.57 -44.35 20.73
C VAL A 129 -72.70 -43.11 20.54
N LEU A 130 -73.05 -42.29 19.55
CA LEU A 130 -72.39 -41.02 19.29
C LEU A 130 -73.33 -39.84 19.38
N GLY A 131 -74.46 -39.89 18.67
CA GLY A 131 -75.38 -38.77 18.66
C GLY A 131 -76.79 -39.21 18.34
N GLY A 132 -77.68 -38.24 18.28
CA GLY A 132 -79.08 -38.52 18.03
C GLY A 132 -79.77 -37.39 17.29
N ALA A 133 -80.90 -37.73 16.68
CA ALA A 133 -81.71 -36.76 15.95
C ALA A 133 -83.17 -37.03 16.24
N ASN A 134 -83.91 -35.97 16.56
CA ASN A 134 -85.31 -36.11 16.94
C ASN A 134 -86.23 -35.96 15.74
N GLU A 135 -87.32 -36.73 15.76
CA GLU A 135 -88.41 -36.56 14.80
C GLU A 135 -89.70 -36.89 15.54
N GLY A 136 -90.41 -35.86 15.98
CA GLY A 136 -91.61 -36.05 16.78
C GLY A 136 -91.32 -36.63 18.14
N SER A 137 -91.99 -37.74 18.46
CA SER A 137 -91.89 -38.35 19.78
C SER A 137 -90.76 -39.38 19.88
N ARG A 138 -89.99 -39.58 18.82
CA ARG A 138 -88.89 -40.53 18.83
C ARG A 138 -87.62 -39.85 18.33
N THR A 139 -86.48 -40.30 18.84
CA THR A 139 -85.17 -39.77 18.46
C THR A 139 -84.34 -40.89 17.85
N ALA A 140 -83.81 -40.64 16.66
CA ALA A 140 -82.98 -41.61 15.95
C ALA A 140 -81.52 -41.41 16.34
N LEU A 141 -80.86 -42.50 16.72
CA LEU A 141 -79.49 -42.43 17.20
C LEU A 141 -78.49 -42.48 16.04
N SER A 142 -77.23 -42.21 16.37
CA SER A 142 -76.11 -42.31 15.44
C SER A 142 -75.04 -43.17 16.10
N VAL A 143 -74.86 -44.39 15.59
CA VAL A 143 -74.00 -45.39 16.21
C VAL A 143 -73.04 -45.93 15.18
N VAL A 144 -72.08 -46.72 15.66
CA VAL A 144 -71.18 -47.50 14.81
C VAL A 144 -71.38 -48.98 15.14
N THR A 145 -71.38 -49.81 14.10
CA THR A 145 -71.54 -51.24 14.26
C THR A 145 -70.32 -51.96 13.70
N TRP A 146 -70.35 -53.29 13.73
CA TRP A 146 -69.25 -54.14 13.31
C TRP A 146 -69.76 -55.26 12.41
N ASN A 147 -70.52 -54.89 11.38
CA ASN A 147 -71.07 -55.87 10.44
C ASN A 147 -69.89 -56.66 9.88
N LYS A 148 -69.79 -57.93 10.29
CA LYS A 148 -68.65 -58.77 10.00
C LYS A 148 -67.34 -58.05 10.33
N ASP A 149 -66.50 -57.81 9.32
CA ASP A 149 -65.24 -57.12 9.52
C ASP A 149 -65.36 -55.60 9.49
N MET A 150 -66.14 -55.05 8.57
CA MET A 150 -66.21 -53.60 8.38
C MET A 150 -66.86 -52.93 9.58
N VAL A 151 -66.28 -51.81 10.01
CA VAL A 151 -66.90 -50.94 11.02
C VAL A 151 -67.65 -49.86 10.25
N THR A 152 -68.96 -50.06 10.08
CA THR A 152 -69.79 -49.14 9.33
C THR A 152 -70.46 -48.16 10.28
N ARG A 153 -70.57 -46.91 9.84
CA ARG A 153 -71.28 -45.88 10.59
C ARG A 153 -72.58 -45.55 9.89
N VAL A 154 -73.64 -45.41 10.67
CA VAL A 154 -74.93 -44.92 10.18
C VAL A 154 -75.30 -43.69 10.98
N THR A 155 -75.90 -42.71 10.32
CA THR A 155 -76.28 -41.46 10.99
C THR A 155 -77.40 -40.78 10.21
N PRO A 156 -78.55 -40.55 10.83
CA PRO A 156 -79.62 -39.83 10.14
C PRO A 156 -79.27 -38.36 10.00
N GLU A 157 -79.86 -37.74 8.98
CA GLU A 157 -79.58 -36.34 8.68
C GLU A 157 -80.01 -35.45 9.83
N GLY A 158 -79.23 -34.40 10.08
CA GLY A 158 -79.53 -33.43 11.11
C GLY A 158 -79.20 -33.87 12.52
N SER A 159 -78.46 -34.96 12.69
CA SER A 159 -78.11 -35.45 14.02
C SER A 159 -76.94 -34.65 14.56
N GLU A 160 -77.19 -33.89 15.62
CA GLU A 160 -76.11 -33.13 16.25
C GLU A 160 -75.28 -34.03 17.15
N GLU A 161 -74.04 -33.61 17.38
CA GLU A 161 -73.06 -34.40 18.10
C GLU A 161 -73.23 -34.23 19.61
N TRP A 162 -73.16 -35.33 20.33
CA TRP A 162 -73.26 -35.30 21.79
C TRP A 162 -71.89 -35.13 22.42
N SER B 1 14.24 38.36 -55.18
CA SER B 1 15.54 37.71 -55.13
C SER B 1 16.03 37.56 -53.69
N VAL B 2 17.07 36.75 -53.51
CA VAL B 2 17.64 36.57 -52.17
C VAL B 2 18.19 37.88 -51.64
N SER B 3 18.94 38.60 -52.48
CA SER B 3 19.40 39.93 -52.10
C SER B 3 18.23 40.89 -51.91
N GLN B 4 17.21 40.78 -52.76
CA GLN B 4 16.02 41.61 -52.62
C GLN B 4 15.20 41.24 -51.39
N HIS B 5 15.41 40.04 -50.83
CA HIS B 5 14.71 39.65 -49.62
C HIS B 5 15.23 40.36 -48.38
N PHE B 6 16.36 41.04 -48.48
CA PHE B 6 16.94 41.79 -47.37
C PHE B 6 16.68 43.29 -47.50
N ASN B 7 15.77 43.69 -48.39
CA ASN B 7 15.44 45.10 -48.54
C ASN B 7 14.90 45.69 -47.24
N VAL B 8 14.22 44.87 -46.45
CA VAL B 8 13.59 45.36 -45.22
C VAL B 8 14.66 45.76 -44.20
N TYR B 9 15.81 45.08 -44.22
CA TYR B 9 16.81 45.28 -43.19
C TYR B 9 17.67 46.51 -43.42
N LYS B 10 17.41 47.30 -44.46
CA LYS B 10 18.15 48.54 -44.66
C LYS B 10 17.83 49.56 -43.58
N ALA B 11 16.60 49.54 -43.08
CA ALA B 11 16.14 50.54 -42.13
C ALA B 11 16.29 50.10 -40.67
N THR B 12 16.83 48.92 -40.41
CA THR B 12 16.95 48.39 -39.07
C THR B 12 18.41 48.40 -38.63
N ARG B 13 18.62 48.29 -37.32
CA ARG B 13 19.95 48.34 -36.74
C ARG B 13 19.97 47.43 -35.51
N PRO B 14 21.13 46.88 -35.16
CA PRO B 14 21.23 46.11 -33.92
C PRO B 14 21.15 47.02 -32.70
N TYR B 15 20.81 46.42 -31.57
CA TYR B 15 20.56 47.19 -30.35
C TYR B 15 21.17 46.50 -29.15
N ILE B 16 21.36 47.27 -28.09
CA ILE B 16 21.85 46.78 -26.81
C ILE B 16 20.65 46.40 -25.95
N ALA B 17 20.89 45.55 -24.96
CA ALA B 17 19.83 45.09 -24.07
C ALA B 17 20.46 44.61 -22.78
N TYR B 18 19.64 44.03 -21.90
CA TYR B 18 20.06 43.62 -20.57
C TYR B 18 19.95 42.09 -20.50
N CYS B 19 21.09 41.43 -20.37
CA CYS B 19 21.13 39.99 -20.12
C CYS B 19 21.28 39.75 -18.63
N ALA B 20 20.34 39.01 -18.05
CA ALA B 20 20.33 38.83 -16.60
C ALA B 20 21.58 38.11 -16.12
N ASP B 21 21.98 37.06 -16.83
CA ASP B 21 23.18 36.30 -16.49
C ASP B 21 23.98 36.12 -17.77
N CYS B 22 25.19 36.67 -17.79
CA CYS B 22 25.93 36.78 -19.04
C CYS B 22 27.28 36.07 -19.00
N GLY B 23 27.32 34.91 -18.36
CA GLY B 23 28.48 34.05 -18.45
C GLY B 23 29.08 33.58 -17.15
N ALA B 24 29.19 34.48 -16.17
CA ALA B 24 29.86 34.17 -14.90
C ALA B 24 29.02 34.66 -13.73
N GLY B 25 27.70 34.56 -13.85
CA GLY B 25 26.81 34.97 -12.79
C GLY B 25 26.85 36.45 -12.47
N HIS B 26 26.93 37.28 -13.51
CA HIS B 26 26.96 38.73 -13.33
C HIS B 26 26.10 39.39 -14.40
N SER B 27 25.28 40.36 -13.99
CA SER B 27 24.49 41.11 -14.94
C SER B 27 25.37 42.04 -15.75
N CYS B 28 25.15 42.05 -17.07
CA CYS B 28 25.94 42.91 -17.95
C CYS B 28 25.10 43.26 -19.16
N HIS B 29 25.28 44.49 -19.64
CA HIS B 29 24.57 44.97 -20.83
C HIS B 29 25.20 44.32 -22.05
N SER B 30 24.48 43.39 -22.66
CA SER B 30 25.08 42.53 -23.67
C SER B 30 24.45 42.76 -25.05
N PRO B 31 25.23 42.59 -26.11
CA PRO B 31 24.68 42.70 -27.47
C PRO B 31 24.07 41.42 -28.01
N VAL B 32 23.97 40.36 -27.21
CA VAL B 32 23.42 39.09 -27.68
C VAL B 32 22.28 38.66 -26.77
N ALA B 33 21.60 39.61 -26.16
CA ALA B 33 20.52 39.29 -25.23
C ALA B 33 19.37 38.60 -25.95
N ILE B 34 18.78 37.61 -25.28
CA ILE B 34 17.71 36.80 -25.85
C ILE B 34 16.37 37.38 -25.44
N GLU B 35 15.39 37.30 -26.34
CA GLU B 35 14.05 37.81 -26.09
C GLU B 35 13.01 36.70 -25.97
N ALA B 36 13.05 35.71 -26.85
CA ALA B 36 12.06 34.64 -26.81
C ALA B 36 12.60 33.42 -27.53
N VAL B 37 12.04 32.27 -27.17
CA VAL B 37 12.33 31.00 -27.83
C VAL B 37 11.00 30.35 -28.21
N ARG B 38 10.87 29.97 -29.48
CA ARG B 38 9.64 29.39 -30.00
C ARG B 38 9.88 27.94 -30.37
N SER B 39 9.01 27.06 -29.88
CA SER B 39 9.15 25.62 -30.10
C SER B 39 7.82 25.00 -30.51
N GLU B 40 7.12 25.63 -31.45
CA GLU B 40 5.85 25.07 -31.91
C GLU B 40 6.03 23.95 -32.93
N ALA B 41 7.27 23.66 -33.34
CA ALA B 41 7.52 22.54 -34.24
C ALA B 41 7.60 21.24 -33.45
N THR B 42 6.83 20.24 -33.88
CA THR B 42 6.79 18.97 -33.15
C THR B 42 8.02 18.10 -33.43
N ASP B 43 8.87 18.51 -34.37
CA ASP B 43 10.13 17.82 -34.60
C ASP B 43 11.14 18.04 -33.49
N GLY B 44 11.07 19.19 -32.80
CA GLY B 44 12.08 19.53 -31.82
C GLY B 44 13.00 20.63 -32.28
N MET B 45 12.48 21.62 -32.99
CA MET B 45 13.29 22.57 -33.75
C MET B 45 13.07 23.96 -33.16
N LEU B 46 14.05 24.45 -32.40
CA LEU B 46 13.92 25.74 -31.74
C LEU B 46 14.17 26.89 -32.70
N LYS B 47 13.56 28.04 -32.40
CA LYS B 47 13.82 29.28 -33.12
C LYS B 47 14.10 30.38 -32.10
N ILE B 48 15.34 30.84 -32.08
CA ILE B 48 15.80 31.81 -31.09
C ILE B 48 15.76 33.20 -31.70
N GLN B 49 15.49 34.21 -30.87
CA GLN B 49 15.51 35.60 -31.27
C GLN B 49 16.45 36.36 -30.37
N PHE B 50 17.35 37.15 -30.96
CA PHE B 50 18.36 37.86 -30.20
C PHE B 50 18.73 39.14 -30.93
N SER B 51 19.34 40.06 -30.19
CA SER B 51 19.46 41.46 -30.65
C SER B 51 20.31 41.57 -31.91
N ALA B 52 21.45 40.89 -31.94
CA ALA B 52 22.38 41.04 -33.05
C ALA B 52 21.81 40.42 -34.32
N GLN B 53 21.93 41.12 -35.43
CA GLN B 53 21.48 40.57 -36.71
C GLN B 53 22.60 39.83 -37.40
N ILE B 54 22.26 38.72 -38.06
CA ILE B 54 23.24 37.87 -38.74
C ILE B 54 22.90 37.82 -40.22
N GLY B 55 23.88 38.12 -41.06
CA GLY B 55 23.70 38.17 -42.50
C GLY B 55 23.88 39.53 -43.11
N ILE B 56 23.90 40.61 -42.33
CA ILE B 56 24.11 41.97 -42.82
C ILE B 56 25.43 42.47 -42.27
N ASP B 57 26.21 43.15 -43.11
CA ASP B 57 27.43 43.79 -42.67
C ASP B 57 27.12 45.22 -42.19
N LYS B 58 28.16 45.91 -41.71
CA LYS B 58 27.96 47.26 -41.19
C LYS B 58 27.63 48.27 -42.28
N SER B 59 27.99 47.98 -43.53
CA SER B 59 27.70 48.86 -44.65
C SER B 59 26.31 48.62 -45.22
N ASP B 60 25.45 47.92 -44.49
CA ASP B 60 24.07 47.65 -44.91
C ASP B 60 24.04 46.89 -46.22
N ASN B 61 24.84 45.83 -46.32
CA ASN B 61 24.94 45.02 -47.51
C ASN B 61 24.85 43.55 -47.14
N HIS B 62 24.36 42.74 -48.09
CA HIS B 62 24.18 41.32 -47.83
C HIS B 62 25.52 40.60 -47.87
N ASP B 63 25.76 39.77 -46.85
CA ASP B 63 26.96 38.93 -46.78
C ASP B 63 26.71 37.88 -45.70
N TYR B 64 26.93 36.61 -46.03
CA TYR B 64 26.56 35.51 -45.15
C TYR B 64 27.68 35.07 -44.22
N THR B 65 28.78 35.83 -44.15
CA THR B 65 29.89 35.49 -43.27
C THR B 65 30.15 36.55 -42.20
N LYS B 66 29.21 37.47 -41.96
CA LYS B 66 29.41 38.53 -40.99
C LYS B 66 28.17 38.72 -40.13
N ILE B 67 28.40 39.07 -38.87
CA ILE B 67 27.33 39.42 -37.93
C ILE B 67 27.58 40.85 -37.46
N ARG B 68 26.59 41.72 -37.63
CA ARG B 68 26.70 43.09 -37.18
C ARG B 68 25.95 43.26 -35.87
N TYR B 69 26.62 43.87 -34.89
CA TYR B 69 26.10 43.98 -33.54
C TYR B 69 26.36 45.38 -33.01
N ALA B 70 25.45 45.85 -32.17
CA ALA B 70 25.61 47.17 -31.55
C ALA B 70 26.76 47.14 -30.54
N ASP B 71 27.55 48.21 -30.55
CA ASP B 71 28.64 48.37 -29.60
C ASP B 71 28.85 49.87 -29.44
N GLY B 72 28.57 50.39 -28.25
CA GLY B 72 28.59 51.83 -28.07
C GLY B 72 27.53 52.48 -28.92
N HIS B 73 27.91 53.52 -29.65
CA HIS B 73 27.01 54.20 -30.57
C HIS B 73 27.19 53.74 -32.01
N ALA B 74 28.15 52.87 -32.28
CA ALA B 74 28.48 52.47 -33.64
C ALA B 74 28.05 51.03 -33.88
N ILE B 75 28.26 50.57 -35.11
CA ILE B 75 27.93 49.21 -35.52
C ILE B 75 29.19 48.58 -36.09
N GLU B 76 29.64 47.50 -35.47
CA GLU B 76 30.80 46.73 -35.94
C GLU B 76 30.31 45.42 -36.57
N ASN B 77 31.25 44.58 -36.97
CA ASN B 77 30.93 43.29 -37.56
C ASN B 77 31.79 42.19 -36.95
N ALA B 78 31.27 40.97 -36.98
CA ALA B 78 31.93 39.81 -36.40
C ALA B 78 31.77 38.61 -37.33
N VAL B 79 32.69 37.68 -37.21
CA VAL B 79 32.70 36.51 -38.10
C VAL B 79 31.60 35.54 -37.70
N ARG B 80 31.04 34.85 -38.68
CA ARG B 80 29.98 33.88 -38.42
C ARG B 80 30.52 32.55 -37.94
N SER B 81 31.80 32.26 -38.14
CA SER B 81 32.34 30.99 -37.68
C SER B 81 32.59 30.96 -36.19
N SER B 82 32.09 31.95 -35.46
CA SER B 82 32.29 32.08 -34.02
C SER B 82 30.96 32.16 -33.29
N LEU B 83 29.94 31.50 -33.83
CA LEU B 83 28.61 31.47 -33.23
C LEU B 83 28.40 30.11 -32.56
N LYS B 84 28.01 30.15 -31.29
CA LYS B 84 27.78 28.93 -30.53
C LYS B 84 26.45 29.00 -29.80
N VAL B 85 25.69 27.92 -29.91
CA VAL B 85 24.49 27.70 -29.10
C VAL B 85 24.69 26.39 -28.36
N ALA B 86 24.27 26.35 -27.10
CA ALA B 86 24.51 25.17 -26.27
C ALA B 86 23.46 25.08 -25.18
N THR B 87 22.91 23.88 -24.99
CA THR B 87 21.97 23.61 -23.91
C THR B 87 22.66 22.89 -22.76
N SER B 88 23.19 21.70 -23.01
CA SER B 88 24.03 20.98 -22.07
C SER B 88 25.32 20.47 -22.71
N GLY B 89 25.31 20.26 -24.02
CA GLY B 89 26.52 19.93 -24.74
C GLY B 89 26.84 20.96 -25.80
N ASP B 90 26.73 20.57 -27.08
CA ASP B 90 26.90 21.47 -28.20
C ASP B 90 25.74 21.26 -29.17
N CYS B 91 25.27 22.35 -29.76
CA CYS B 91 24.01 22.34 -30.47
C CYS B 91 24.31 22.25 -31.97
N PHE B 92 23.30 22.33 -32.83
CA PHE B 92 23.56 22.36 -34.26
C PHE B 92 22.72 23.43 -34.92
N VAL B 93 23.36 24.29 -35.71
CA VAL B 93 22.70 25.42 -36.34
C VAL B 93 22.29 25.04 -37.77
N HIS B 94 20.98 25.06 -38.02
CA HIS B 94 20.46 24.66 -39.33
C HIS B 94 20.24 25.84 -40.27
N GLY B 95 20.13 27.06 -39.76
CA GLY B 95 19.91 28.22 -40.60
C GLY B 95 19.69 29.51 -39.84
N THR B 96 20.19 30.61 -40.38
CA THR B 96 20.03 31.92 -39.75
C THR B 96 19.69 32.97 -40.80
N MET B 97 18.95 34.00 -40.37
CA MET B 97 18.80 35.19 -41.19
C MET B 97 18.38 36.31 -40.25
N GLY B 98 19.21 37.35 -40.14
CA GLY B 98 18.87 38.51 -39.35
C GLY B 98 18.79 38.27 -37.85
N HIS B 99 17.60 38.40 -37.30
CA HIS B 99 17.40 38.38 -35.86
C HIS B 99 17.24 36.98 -35.29
N PHE B 100 17.14 35.95 -36.13
CA PHE B 100 16.71 34.64 -35.66
C PHE B 100 17.72 33.56 -35.98
N ILE B 101 17.96 32.69 -35.00
CA ILE B 101 18.80 31.50 -35.15
C ILE B 101 17.89 30.29 -35.08
N LEU B 102 18.19 29.28 -35.88
CA LEU B 102 17.37 28.08 -36.01
C LEU B 102 18.27 26.87 -35.71
N ALA B 103 18.16 26.35 -34.49
CA ALA B 103 19.05 25.28 -34.03
C ALA B 103 18.24 24.05 -33.61
N LYS B 104 18.96 22.95 -33.38
CA LYS B 104 18.41 21.71 -32.84
C LYS B 104 19.34 21.21 -31.76
N CYS B 105 18.79 20.80 -30.62
CA CYS B 105 19.59 20.75 -29.40
C CYS B 105 19.27 19.58 -28.50
N PRO B 106 20.22 19.17 -27.67
CA PRO B 106 20.01 18.07 -26.74
C PRO B 106 19.20 18.54 -25.53
N PRO B 107 18.67 17.61 -24.73
CA PRO B 107 17.90 18.01 -23.54
C PRO B 107 18.78 18.73 -22.54
N GLY B 108 18.17 19.69 -21.84
CA GLY B 108 18.89 20.47 -20.86
C GLY B 108 17.97 21.48 -20.21
N GLU B 109 18.52 22.23 -19.26
CA GLU B 109 17.75 23.20 -18.50
C GLU B 109 17.98 24.64 -18.94
N PHE B 110 19.14 24.96 -19.51
CA PHE B 110 19.46 26.34 -19.85
C PHE B 110 20.02 26.42 -21.27
N LEU B 111 19.89 27.61 -21.85
CA LEU B 111 20.29 27.88 -23.23
C LEU B 111 21.30 29.01 -23.25
N GLN B 112 22.30 28.91 -24.13
CA GLN B 112 23.37 29.89 -24.21
C GLN B 112 23.62 30.29 -25.66
N VAL B 113 23.90 31.57 -25.88
CA VAL B 113 24.25 32.11 -27.18
C VAL B 113 25.49 32.96 -27.03
N SER B 114 26.50 32.71 -27.87
CA SER B 114 27.77 33.42 -27.76
C SER B 114 28.34 33.71 -29.15
N ILE B 115 28.88 34.92 -29.30
CA ILE B 115 29.64 35.31 -30.48
C ILE B 115 30.99 35.85 -30.01
N GLN B 116 31.80 36.29 -30.97
CA GLN B 116 33.14 36.78 -30.69
C GLN B 116 33.27 38.23 -31.14
N ASP B 117 33.89 39.05 -30.30
CA ASP B 117 34.04 40.48 -30.55
C ASP B 117 35.10 40.75 -31.61
N THR B 118 35.23 42.02 -31.98
CA THR B 118 36.32 42.43 -32.86
C THR B 118 37.66 42.30 -32.16
N ARG B 119 37.70 42.58 -30.86
CA ARG B 119 38.88 42.42 -30.02
C ARG B 119 39.12 40.98 -29.60
N ASN B 120 38.41 40.05 -30.23
CA ASN B 120 38.50 38.62 -29.91
C ASN B 120 38.08 38.33 -28.47
N ALA B 121 37.08 39.06 -27.97
CA ALA B 121 36.46 38.74 -26.71
C ALA B 121 35.24 37.86 -26.93
N VAL B 122 34.66 37.39 -25.83
CA VAL B 122 33.49 36.51 -25.88
C VAL B 122 32.33 37.19 -25.18
N ARG B 123 31.20 37.30 -25.87
CA ARG B 123 29.98 37.87 -25.33
C ARG B 123 28.90 36.79 -25.33
N ALA B 124 28.21 36.64 -24.20
CA ALA B 124 27.27 35.54 -24.07
C ALA B 124 26.05 35.98 -23.27
N CYS B 125 24.94 35.28 -23.51
CA CYS B 125 23.71 35.42 -22.75
C CYS B 125 23.21 34.04 -22.38
N ARG B 126 22.57 33.94 -21.23
CA ARG B 126 22.25 32.62 -20.66
C ARG B 126 20.92 32.72 -19.93
N ILE B 127 19.89 32.06 -20.46
CA ILE B 127 18.56 32.07 -19.88
C ILE B 127 18.13 30.64 -19.60
N GLN B 128 17.11 30.50 -18.75
CA GLN B 128 16.58 29.21 -18.36
C GLN B 128 15.48 28.82 -19.34
N TYR B 129 15.55 27.59 -19.86
CA TYR B 129 14.56 27.10 -20.81
C TYR B 129 14.51 25.58 -20.70
N HIS B 130 13.41 25.07 -20.17
CA HIS B 130 13.25 23.62 -19.99
C HIS B 130 12.97 22.93 -21.31
N HIS B 131 14.00 22.33 -21.91
CA HIS B 131 13.89 21.69 -23.21
C HIS B 131 13.94 20.18 -23.04
N ASP B 132 12.92 19.49 -23.55
CA ASP B 132 12.85 18.03 -23.51
C ASP B 132 11.91 17.55 -24.62
N PRO B 133 12.42 17.25 -25.80
CA PRO B 133 11.54 16.90 -26.92
C PRO B 133 11.07 15.46 -26.87
N GLN B 134 9.84 15.26 -27.34
CA GLN B 134 9.24 13.93 -27.45
C GLN B 134 8.97 13.70 -28.93
N PRO B 135 9.59 12.71 -29.57
CA PRO B 135 9.33 12.48 -30.99
C PRO B 135 7.88 12.11 -31.25
N VAL B 136 7.40 12.47 -32.44
CA VAL B 136 6.01 12.22 -32.79
C VAL B 136 5.74 10.72 -32.87
N GLY B 137 4.51 10.35 -32.55
CA GLY B 137 4.13 8.95 -32.54
C GLY B 137 3.92 8.45 -31.12
N ARG B 138 4.24 7.18 -30.89
CA ARG B 138 4.14 6.60 -29.55
C ARG B 138 5.34 5.74 -29.20
N GLU B 139 6.53 6.10 -29.68
CA GLU B 139 7.78 5.47 -29.29
C GLU B 139 8.80 6.57 -29.01
N LYS B 140 9.49 6.46 -27.88
CA LYS B 140 10.44 7.49 -27.47
C LYS B 140 11.85 7.09 -27.88
N PHE B 141 12.10 7.19 -29.18
CA PHE B 141 13.39 6.82 -29.76
C PHE B 141 14.33 8.03 -29.72
N THR B 142 15.54 7.86 -30.24
CA THR B 142 16.52 8.95 -30.23
C THR B 142 17.01 9.29 -31.64
N ILE B 143 17.36 8.25 -32.41
CA ILE B 143 17.94 8.42 -33.74
C ILE B 143 17.04 7.70 -34.73
N ARG B 144 16.83 8.32 -35.89
CA ARG B 144 15.94 7.77 -36.90
C ARG B 144 16.45 6.40 -37.36
N PRO B 145 15.55 5.46 -37.63
CA PRO B 145 15.98 4.13 -38.06
C PRO B 145 16.11 4.04 -39.57
N HIS B 146 16.72 2.93 -40.01
CA HIS B 146 16.87 2.63 -41.42
C HIS B 146 15.74 1.74 -41.95
N TYR B 147 14.73 1.46 -41.13
CA TYR B 147 13.54 0.73 -41.58
C TYR B 147 12.40 1.09 -40.65
N GLY B 148 11.35 1.71 -41.19
CA GLY B 148 10.25 2.12 -40.36
C GLY B 148 9.09 2.77 -41.10
N LYS B 149 8.23 3.44 -40.35
CA LYS B 149 7.00 4.04 -40.88
C LYS B 149 7.22 5.52 -41.18
N GLU B 150 6.17 6.14 -41.71
CA GLU B 150 6.13 7.57 -42.00
C GLU B 150 4.91 8.18 -41.33
N ILE B 151 5.15 9.15 -40.46
CA ILE B 151 4.06 9.85 -39.75
C ILE B 151 4.17 11.34 -40.03
N PRO B 152 3.07 12.03 -40.31
CA PRO B 152 3.15 13.48 -40.51
C PRO B 152 3.56 14.18 -39.23
N CYS B 153 4.47 15.13 -39.40
CA CYS B 153 5.03 15.89 -38.28
C CYS B 153 5.56 17.20 -38.86
N THR B 154 5.68 18.23 -38.01
CA THR B 154 5.82 19.59 -38.46
C THR B 154 7.18 20.17 -38.11
N THR B 155 7.76 20.95 -39.03
CA THR B 155 9.10 21.51 -38.85
C THR B 155 9.11 22.92 -39.41
N TYR B 156 10.26 23.56 -39.31
CA TYR B 156 10.49 24.91 -39.79
C TYR B 156 11.25 24.83 -41.11
N GLN B 157 10.68 25.41 -42.16
CA GLN B 157 11.37 25.45 -43.44
C GLN B 157 12.47 26.49 -43.42
N GLN B 158 13.21 26.55 -44.52
CA GLN B 158 14.28 27.53 -44.68
C GLN B 158 13.97 28.60 -45.72
N THR B 159 12.73 28.63 -46.20
CA THR B 159 12.31 29.71 -47.11
C THR B 159 12.26 31.03 -46.37
N THR B 160 12.78 32.08 -47.00
CA THR B 160 12.86 33.41 -46.40
C THR B 160 11.80 34.36 -46.99
N ALA B 161 10.89 33.83 -47.81
CA ALA B 161 9.90 34.66 -48.48
C ALA B 161 8.92 35.26 -47.47
N LYS B 162 8.01 36.10 -47.97
CA LYS B 162 7.06 36.78 -47.11
C LYS B 162 6.13 35.80 -46.44
N THR B 163 5.92 35.99 -45.13
CA THR B 163 5.03 35.17 -44.33
C THR B 163 3.99 36.06 -43.68
N VAL B 164 2.89 35.44 -43.23
CA VAL B 164 1.80 36.18 -42.62
C VAL B 164 2.24 36.83 -41.32
N GLU B 165 3.00 36.09 -40.50
CA GLU B 165 3.40 36.60 -39.20
C GLU B 165 4.39 37.74 -39.34
N GLU B 166 4.48 38.56 -38.29
CA GLU B 166 5.06 39.89 -38.37
C GLU B 166 5.64 40.26 -37.02
N ILE B 167 6.45 41.32 -36.99
CA ILE B 167 7.12 41.79 -35.79
C ILE B 167 7.10 43.31 -35.76
N ASP B 168 6.80 43.88 -34.59
CA ASP B 168 6.66 45.32 -34.47
C ASP B 168 8.02 46.02 -34.45
N MET B 169 8.02 47.30 -34.80
CA MET B 169 9.24 48.08 -34.92
C MET B 169 8.93 49.54 -34.61
N HIS B 170 9.86 50.23 -33.95
CA HIS B 170 9.64 51.63 -33.61
C HIS B 170 10.98 52.34 -33.45
N MET B 171 10.91 53.68 -33.43
CA MET B 171 12.05 54.58 -33.38
C MET B 171 12.81 54.42 -32.07
N PRO B 172 14.15 54.41 -32.10
CA PRO B 172 14.91 54.28 -30.87
C PRO B 172 14.81 55.54 -30.02
N PRO B 173 15.05 55.43 -28.72
CA PRO B 173 15.00 56.61 -27.85
C PRO B 173 16.38 57.25 -27.70
N ASP B 174 16.38 58.43 -27.10
CA ASP B 174 17.64 59.13 -26.86
C ASP B 174 18.49 58.35 -25.86
N THR B 175 19.70 57.98 -26.28
CA THR B 175 20.58 57.15 -25.48
C THR B 175 21.48 58.03 -24.63
N PRO B 176 21.36 57.99 -23.31
CA PRO B 176 22.23 58.83 -22.47
C PRO B 176 23.68 58.37 -22.54
N ASP B 177 24.59 59.34 -22.41
CA ASP B 177 26.02 59.07 -22.47
C ASP B 177 26.70 60.12 -21.61
N ARG B 178 27.76 59.72 -20.93
CA ARG B 178 28.47 60.61 -20.01
C ARG B 178 29.94 60.79 -20.36
N THR B 179 30.39 60.23 -21.48
CA THR B 179 31.78 60.36 -21.90
C THR B 179 32.01 61.53 -22.85
N LEU B 180 30.97 62.32 -23.13
CA LEU B 180 31.08 63.48 -24.01
C LEU B 180 31.14 64.78 -23.19
N LEU B 181 31.54 64.68 -21.93
CA LEU B 181 31.70 65.83 -21.06
C LEU B 181 33.15 65.97 -20.65
N SER B 182 33.59 67.19 -20.42
CA SER B 182 34.96 67.46 -20.00
C SER B 182 34.96 68.73 -19.15
N GLN B 183 36.01 68.88 -18.36
CA GLN B 183 36.17 70.02 -17.45
C GLN B 183 37.33 70.89 -17.91
N GLN B 184 37.07 72.18 -18.06
CA GLN B 184 38.10 73.17 -18.41
C GLN B 184 38.02 74.30 -17.40
N SER B 185 38.86 74.24 -16.36
CA SER B 185 38.87 75.23 -15.30
C SER B 185 37.50 75.35 -14.64
N GLY B 186 36.71 76.33 -15.09
CA GLY B 186 35.38 76.52 -14.54
C GLY B 186 34.31 76.48 -15.61
N ASN B 187 34.64 75.94 -16.77
CA ASN B 187 33.69 75.83 -17.88
C ASN B 187 33.71 74.41 -18.42
N VAL B 188 32.54 73.94 -18.86
CA VAL B 188 32.37 72.58 -19.34
C VAL B 188 32.29 72.61 -20.86
N LYS B 189 32.81 71.56 -21.50
CA LYS B 189 32.85 71.44 -22.94
C LYS B 189 32.22 70.12 -23.36
N ILE B 190 31.41 70.17 -24.41
CA ILE B 190 30.74 68.98 -24.94
C ILE B 190 31.26 68.70 -26.34
N THR B 191 31.61 67.45 -26.59
CA THR B 191 32.13 67.01 -27.88
C THR B 191 31.01 66.35 -28.68
N VAL B 192 30.72 66.91 -29.86
CA VAL B 192 29.61 66.42 -30.66
C VAL B 192 29.93 65.04 -31.23
N GLY B 193 31.18 64.81 -31.63
CA GLY B 193 31.58 63.52 -32.16
C GLY B 193 30.94 63.15 -33.49
N GLY B 194 29.98 63.93 -33.98
CA GLY B 194 29.33 63.63 -35.24
C GLY B 194 27.85 63.30 -35.15
N LYS B 195 27.24 63.43 -33.98
CA LYS B 195 25.82 63.13 -33.80
C LYS B 195 25.14 64.24 -33.02
N LYS B 196 23.87 64.49 -33.37
CA LYS B 196 23.10 65.52 -32.67
C LYS B 196 22.94 65.17 -31.21
N VAL B 197 23.13 66.17 -30.35
CA VAL B 197 23.07 65.98 -28.90
C VAL B 197 22.19 67.06 -28.30
N LYS B 198 21.26 66.65 -27.44
CA LYS B 198 20.47 67.58 -26.63
C LYS B 198 21.08 67.67 -25.25
N TYR B 199 20.85 68.79 -24.57
CA TYR B 199 21.41 69.00 -23.24
C TYR B 199 20.40 69.71 -22.35
N ASN B 200 20.66 69.63 -21.05
CA ASN B 200 19.90 70.35 -20.02
C ASN B 200 20.86 70.64 -18.89
N CYS B 201 20.99 71.92 -18.52
CA CYS B 201 21.96 72.33 -17.52
C CYS B 201 21.37 73.46 -16.70
N THR B 202 21.59 73.41 -15.39
CA THR B 202 20.88 74.28 -14.45
C THR B 202 21.65 75.55 -14.09
N CYS B 203 22.79 75.78 -14.72
CA CYS B 203 23.59 76.97 -14.45
C CYS B 203 23.15 78.12 -15.35
N GLY B 204 22.87 79.27 -14.75
CA GLY B 204 22.41 80.39 -15.54
C GLY B 204 20.98 80.19 -16.00
N THR B 205 20.64 80.84 -17.11
CA THR B 205 19.31 80.76 -17.69
C THR B 205 19.42 80.57 -19.19
N GLY B 206 18.40 79.96 -19.77
CA GLY B 206 18.38 79.71 -21.20
C GLY B 206 19.49 78.81 -21.68
N ASN B 207 19.73 77.71 -20.96
CA ASN B 207 20.83 76.80 -21.25
C ASN B 207 20.35 75.40 -21.60
N VAL B 208 19.18 75.30 -22.22
CA VAL B 208 18.60 74.04 -22.66
C VAL B 208 18.35 74.10 -24.15
N GLY B 209 18.83 73.10 -24.88
CA GLY B 209 18.67 73.09 -26.32
C GLY B 209 19.47 71.95 -26.94
N THR B 210 19.54 71.98 -28.26
CA THR B 210 20.25 70.97 -29.04
C THR B 210 21.23 71.64 -29.99
N THR B 211 22.43 71.04 -30.10
CA THR B 211 23.46 71.52 -31.02
C THR B 211 23.99 70.37 -31.84
N ASN B 212 24.88 70.69 -32.77
CA ASN B 212 25.43 69.71 -33.70
C ASN B 212 26.94 69.96 -33.81
N SER B 213 27.49 70.77 -32.92
CA SER B 213 28.93 71.07 -32.91
C SER B 213 29.41 71.10 -31.47
N ASP B 214 30.66 71.53 -31.29
CA ASP B 214 31.28 71.50 -29.97
C ASP B 214 31.10 72.84 -29.28
N MET B 215 30.12 72.93 -28.39
CA MET B 215 29.87 74.14 -27.61
C MET B 215 30.70 74.11 -26.33
N THR B 216 30.71 75.25 -25.63
CA THR B 216 31.35 75.37 -24.33
C THR B 216 30.45 76.24 -23.45
N ILE B 217 30.20 75.77 -22.23
CA ILE B 217 29.32 76.46 -21.29
C ILE B 217 30.14 76.84 -20.07
N ASN B 218 30.07 78.11 -19.67
CA ASN B 218 30.92 78.65 -18.62
C ASN B 218 30.18 78.68 -17.29
N THR B 219 30.98 78.68 -16.21
CA THR B 219 30.46 78.71 -14.83
C THR B 219 29.52 77.53 -14.55
N CYS B 220 29.93 76.36 -15.04
CA CYS B 220 29.16 75.13 -14.81
C CYS B 220 30.12 73.99 -14.50
N LEU B 221 29.60 73.02 -13.75
CA LEU B 221 30.35 71.84 -13.33
C LEU B 221 29.92 70.64 -14.16
N ILE B 222 30.63 69.53 -13.97
CA ILE B 222 30.32 68.30 -14.70
C ILE B 222 29.01 67.71 -14.22
N GLU B 223 28.80 67.66 -12.89
CA GLU B 223 27.60 67.07 -12.33
C GLU B 223 26.39 67.98 -12.43
N GLN B 224 26.47 69.05 -13.20
CA GLN B 224 25.36 69.96 -13.40
C GLN B 224 24.85 69.95 -14.84
N CYS B 225 25.25 68.98 -15.65
CA CYS B 225 24.91 68.95 -17.07
C CYS B 225 24.57 67.52 -17.48
N HIS B 226 23.74 67.39 -18.51
CA HIS B 226 23.28 66.09 -18.96
C HIS B 226 23.10 66.12 -20.48
N VAL B 227 23.66 65.13 -21.16
CA VAL B 227 23.62 65.05 -22.63
C VAL B 227 23.14 63.66 -23.05
N SER B 228 22.63 63.59 -24.27
CA SER B 228 22.16 62.35 -24.85
C SER B 228 22.02 62.53 -26.36
N VAL B 229 22.26 61.44 -27.11
CA VAL B 229 22.19 61.49 -28.57
C VAL B 229 20.74 61.51 -29.02
N THR B 230 20.48 62.09 -30.20
CA THR B 230 19.11 62.38 -30.59
C THR B 230 18.74 62.01 -32.03
N ASP B 231 19.68 61.94 -32.98
CA ASP B 231 19.33 61.83 -34.39
C ASP B 231 18.48 60.60 -34.69
N HIS B 232 19.06 59.40 -34.54
CA HIS B 232 18.31 58.15 -34.59
C HIS B 232 17.39 58.03 -35.79
N LYS B 233 17.95 57.99 -36.99
CA LYS B 233 17.17 57.86 -38.21
C LYS B 233 16.91 56.41 -38.61
N LYS B 234 17.32 55.45 -37.79
CA LYS B 234 17.09 54.04 -38.06
C LYS B 234 15.95 53.51 -37.20
N TRP B 235 15.73 52.20 -37.22
CA TRP B 235 14.64 51.56 -36.50
C TRP B 235 15.19 50.53 -35.53
N GLN B 236 14.44 50.28 -34.46
CA GLN B 236 14.84 49.34 -33.41
C GLN B 236 13.66 48.45 -33.04
N PHE B 237 13.95 47.22 -32.65
CA PHE B 237 12.89 46.30 -32.24
C PHE B 237 12.23 46.76 -30.95
N ASN B 238 10.91 46.59 -30.88
CA ASN B 238 10.14 46.91 -29.69
C ASN B 238 10.46 45.88 -28.61
N SER B 239 11.37 46.23 -27.71
CA SER B 239 11.81 45.31 -26.67
C SER B 239 11.36 45.81 -25.30
N PRO B 240 11.04 44.90 -24.38
CA PRO B 240 10.64 45.32 -23.03
C PRO B 240 11.79 45.81 -22.17
N PHE B 241 13.03 45.76 -22.66
CA PHE B 241 14.19 46.16 -21.89
C PHE B 241 14.76 47.50 -22.30
N VAL B 242 14.14 48.19 -23.26
CA VAL B 242 14.60 49.51 -23.70
C VAL B 242 13.42 50.46 -23.64
N PRO B 243 13.61 51.70 -23.19
CA PRO B 243 12.47 52.62 -23.08
C PRO B 243 11.91 53.01 -24.43
N ARG B 244 10.62 53.37 -24.43
CA ARG B 244 9.92 53.80 -25.62
C ARG B 244 10.01 55.31 -25.75
N ALA B 245 10.16 55.77 -27.00
CA ALA B 245 10.25 57.20 -27.28
C ALA B 245 8.94 57.89 -26.94
N ASP B 246 8.93 59.22 -27.12
CA ASP B 246 7.73 60.00 -26.78
C ASP B 246 6.53 59.58 -27.62
N GLU B 247 6.74 59.26 -28.89
CA GLU B 247 5.63 58.88 -29.77
C GLU B 247 5.08 57.52 -29.36
N PRO B 248 3.79 57.41 -29.06
CA PRO B 248 3.23 56.09 -28.74
C PRO B 248 2.74 55.35 -29.97
N ALA B 249 3.15 55.83 -31.15
CA ALA B 249 2.62 55.34 -32.41
C ALA B 249 3.59 54.33 -33.04
N ARG B 250 3.02 53.25 -33.58
CA ARG B 250 3.79 52.31 -34.38
C ARG B 250 4.43 53.04 -35.56
N LYS B 251 5.68 52.72 -35.83
CA LYS B 251 6.38 53.32 -36.96
C LYS B 251 6.54 52.39 -38.15
N GLY B 252 6.58 51.09 -37.93
CA GLY B 252 6.69 50.18 -39.05
C GLY B 252 6.52 48.74 -38.63
N LYS B 253 6.68 47.84 -39.61
CA LYS B 253 6.49 46.42 -39.41
C LYS B 253 7.54 45.67 -40.23
N VAL B 254 7.88 44.46 -39.79
CA VAL B 254 8.92 43.65 -40.40
C VAL B 254 8.44 42.20 -40.45
N HIS B 255 8.76 41.50 -41.54
CA HIS B 255 8.35 40.11 -41.66
C HIS B 255 9.32 39.18 -40.92
N ILE B 256 8.78 38.12 -40.33
CA ILE B 256 9.53 37.13 -39.57
C ILE B 256 9.69 35.87 -40.41
N PRO B 257 10.88 35.31 -40.52
CA PRO B 257 11.14 34.22 -41.45
C PRO B 257 10.75 32.87 -40.88
N PHE B 258 11.08 31.82 -41.65
CA PHE B 258 11.04 30.41 -41.26
C PHE B 258 9.64 29.95 -40.86
N PRO B 259 8.71 29.84 -41.80
CA PRO B 259 7.34 29.44 -41.45
C PRO B 259 7.23 27.97 -41.05
N LEU B 260 6.02 27.56 -40.69
CA LEU B 260 5.73 26.19 -40.27
C LEU B 260 5.16 25.42 -41.45
N ASP B 261 5.68 24.22 -41.69
CA ASP B 261 5.33 23.44 -42.86
C ASP B 261 5.02 22.01 -42.44
N ASN B 262 4.18 21.35 -43.23
CA ASN B 262 3.74 19.99 -42.96
C ASN B 262 4.58 19.01 -43.79
N ILE B 263 5.43 18.23 -43.12
CA ILE B 263 6.35 17.30 -43.75
C ILE B 263 6.12 15.90 -43.17
N THR B 264 6.90 14.93 -43.66
CA THR B 264 6.76 13.53 -43.26
C THR B 264 8.05 13.04 -42.63
N CYS B 265 7.95 12.58 -41.40
CA CYS B 265 9.12 12.20 -40.63
C CYS B 265 8.93 10.81 -40.00
N ARG B 266 10.04 10.21 -39.55
CA ARG B 266 10.25 8.79 -39.55
C ARG B 266 10.28 8.21 -38.15
N VAL B 267 9.74 7.01 -38.02
CA VAL B 267 9.65 6.33 -36.72
C VAL B 267 10.01 4.87 -36.89
N PRO B 268 10.49 4.23 -35.83
CA PRO B 268 10.74 2.79 -35.86
C PRO B 268 9.55 1.97 -35.35
N MET B 269 9.39 0.78 -35.95
CA MET B 269 8.36 -0.15 -35.50
C MET B 269 8.92 -1.07 -34.43
N ALA B 270 8.21 -1.20 -33.31
CA ALA B 270 8.69 -1.99 -32.19
C ALA B 270 8.69 -3.48 -32.55
N ARG B 271 9.42 -4.24 -31.73
CA ARG B 271 9.49 -5.69 -31.91
C ARG B 271 8.13 -6.32 -31.67
N GLU B 272 7.83 -7.37 -32.41
CA GLU B 272 6.63 -8.14 -32.14
C GLU B 272 6.83 -8.95 -30.87
N PRO B 273 5.78 -9.09 -30.05
CA PRO B 273 5.93 -9.78 -28.76
C PRO B 273 5.68 -11.28 -28.88
N THR B 274 6.05 -11.99 -27.82
CA THR B 274 5.88 -13.43 -27.73
C THR B 274 4.50 -13.74 -27.15
N VAL B 275 3.74 -14.57 -27.86
CA VAL B 275 2.37 -14.90 -27.48
C VAL B 275 2.36 -16.31 -26.91
N ILE B 276 1.79 -16.45 -25.71
CA ILE B 276 1.59 -17.76 -25.08
C ILE B 276 0.11 -17.91 -24.81
N HIS B 277 -0.47 -19.00 -25.32
CA HIS B 277 -1.91 -19.21 -25.21
C HIS B 277 -2.28 -19.75 -23.84
N GLY B 278 -3.58 -19.84 -23.58
CA GLY B 278 -4.08 -20.34 -22.33
C GLY B 278 -5.58 -20.44 -22.36
N LYS B 279 -6.15 -20.92 -21.26
CA LYS B 279 -7.60 -21.07 -21.16
C LYS B 279 -8.22 -19.69 -20.99
N ARG B 280 -8.66 -19.12 -22.11
CA ARG B 280 -9.25 -17.78 -22.13
C ARG B 280 -8.32 -16.75 -21.50
N GLU B 281 -7.05 -16.81 -21.88
CA GLU B 281 -6.05 -15.88 -21.36
C GLU B 281 -4.81 -15.93 -22.24
N VAL B 282 -4.17 -14.77 -22.38
CA VAL B 282 -2.93 -14.64 -23.14
C VAL B 282 -1.90 -13.97 -22.24
N THR B 283 -0.72 -14.57 -22.14
CA THR B 283 0.41 -13.99 -21.43
C THR B 283 1.46 -13.52 -22.44
N LEU B 284 1.75 -12.23 -22.44
CA LEU B 284 2.65 -11.63 -23.42
C LEU B 284 4.01 -11.38 -22.79
N HIS B 285 5.06 -11.55 -23.59
CA HIS B 285 6.41 -11.13 -23.22
C HIS B 285 6.74 -9.87 -24.02
N LEU B 286 7.15 -8.82 -23.32
CA LEU B 286 7.49 -7.55 -23.94
C LEU B 286 8.98 -7.30 -23.82
N HIS B 287 9.62 -6.95 -24.93
CA HIS B 287 11.06 -6.70 -24.98
C HIS B 287 11.30 -5.34 -25.62
N PRO B 288 11.09 -4.27 -24.86
CA PRO B 288 11.24 -2.93 -25.43
C PRO B 288 12.70 -2.49 -25.52
N ASP B 289 13.00 -1.77 -26.60
CA ASP B 289 14.27 -1.09 -26.75
C ASP B 289 14.19 0.38 -26.35
N HIS B 290 13.01 0.96 -26.40
CA HIS B 290 12.71 2.30 -25.95
C HIS B 290 11.55 2.23 -24.98
N PRO B 291 11.19 3.35 -24.35
CA PRO B 291 9.85 3.45 -23.78
C PRO B 291 8.79 3.38 -24.87
N THR B 292 7.92 2.37 -24.80
CA THR B 292 6.83 2.23 -25.76
C THR B 292 5.51 2.18 -25.01
N LEU B 293 4.42 2.39 -25.76
CA LEU B 293 3.09 2.45 -25.16
C LEU B 293 2.33 1.17 -25.50
N PHE B 294 1.78 0.53 -24.47
CA PHE B 294 1.08 -0.74 -24.60
C PHE B 294 -0.34 -0.58 -24.07
N SER B 295 -1.32 -0.94 -24.89
CA SER B 295 -2.72 -0.75 -24.54
C SER B 295 -3.54 -1.91 -25.08
N TYR B 296 -4.68 -2.16 -24.43
CA TYR B 296 -5.57 -3.23 -24.87
C TYR B 296 -7.00 -2.87 -24.49
N ARG B 297 -7.95 -3.56 -25.12
CA ARG B 297 -9.35 -3.45 -24.75
C ARG B 297 -10.09 -4.70 -25.20
N THR B 298 -11.27 -4.90 -24.62
CA THR B 298 -12.15 -5.99 -25.00
C THR B 298 -13.35 -5.44 -25.76
N LEU B 299 -13.89 -6.24 -26.67
CA LEU B 299 -14.90 -5.80 -27.61
C LEU B 299 -16.32 -6.17 -27.18
N GLY B 300 -16.60 -6.15 -25.88
CA GLY B 300 -17.92 -6.47 -25.36
C GLY B 300 -18.75 -5.25 -25.06
N GLU B 301 -19.80 -5.46 -24.26
CA GLU B 301 -20.68 -4.36 -23.85
C GLU B 301 -19.93 -3.34 -22.99
N ASP B 302 -19.27 -3.83 -21.94
CA ASP B 302 -18.52 -2.96 -21.05
C ASP B 302 -17.05 -3.35 -21.13
N PRO B 303 -16.19 -2.57 -21.80
CA PRO B 303 -14.81 -3.00 -22.00
C PRO B 303 -13.94 -2.75 -20.78
N GLN B 304 -12.81 -3.43 -20.76
CA GLN B 304 -11.79 -3.30 -19.72
C GLN B 304 -10.53 -2.73 -20.37
N TYR B 305 -10.45 -1.41 -20.43
CA TYR B 305 -9.33 -0.74 -21.06
C TYR B 305 -8.13 -0.68 -20.12
N HIS B 306 -6.96 -0.43 -20.71
CA HIS B 306 -5.72 -0.30 -19.96
C HIS B 306 -4.65 0.25 -20.90
N GLU B 307 -3.74 1.06 -20.34
CA GLU B 307 -2.63 1.61 -21.10
C GLU B 307 -1.54 2.03 -20.12
N GLU B 308 -0.29 1.89 -20.55
CA GLU B 308 0.84 2.15 -19.68
C GLU B 308 2.09 2.35 -20.52
N TRP B 309 3.13 2.87 -19.87
CA TRP B 309 4.40 3.19 -20.53
C TRP B 309 5.42 2.15 -20.08
N VAL B 310 5.66 1.15 -20.94
CA VAL B 310 6.60 0.09 -20.60
C VAL B 310 8.02 0.59 -20.87
N THR B 311 8.93 0.27 -19.95
CA THR B 311 10.32 0.70 -20.04
C THR B 311 11.29 -0.47 -20.12
N ALA B 312 11.10 -1.49 -19.28
CA ALA B 312 11.96 -2.67 -19.27
C ALA B 312 11.16 -3.89 -19.67
N ALA B 313 11.83 -5.05 -19.63
CA ALA B 313 11.19 -6.30 -20.04
C ALA B 313 10.24 -6.79 -18.96
N VAL B 314 8.96 -6.88 -19.30
CA VAL B 314 7.91 -7.31 -18.39
C VAL B 314 7.05 -8.35 -19.09
N GLU B 315 6.19 -9.01 -18.32
CA GLU B 315 5.20 -9.93 -18.85
C GLU B 315 3.83 -9.54 -18.34
N ARG B 316 2.83 -9.59 -19.23
CA ARG B 316 1.48 -9.19 -18.90
C ARG B 316 0.49 -10.26 -19.36
N THR B 317 -0.58 -10.42 -18.58
CA THR B 317 -1.64 -11.36 -18.89
C THR B 317 -2.92 -10.58 -19.21
N ILE B 318 -3.52 -10.89 -20.36
CA ILE B 318 -4.70 -10.20 -20.85
C ILE B 318 -5.82 -11.22 -20.99
N PRO B 319 -7.01 -10.96 -20.45
CA PRO B 319 -8.12 -11.89 -20.68
C PRO B 319 -8.67 -11.75 -22.10
N VAL B 320 -9.14 -12.87 -22.63
CA VAL B 320 -9.70 -12.91 -23.98
C VAL B 320 -11.08 -13.56 -23.94
N PRO B 321 -12.15 -12.83 -23.62
CA PRO B 321 -13.49 -13.44 -23.63
C PRO B 321 -13.88 -13.90 -25.03
N VAL B 322 -15.04 -14.58 -25.12
CA VAL B 322 -15.51 -15.08 -26.41
C VAL B 322 -15.78 -13.96 -27.40
N ASP B 323 -16.08 -12.75 -26.92
CA ASP B 323 -16.34 -11.61 -27.79
C ASP B 323 -15.08 -11.13 -28.52
N GLY B 324 -13.94 -11.14 -27.85
CA GLY B 324 -12.69 -10.78 -28.51
C GLY B 324 -11.82 -9.79 -27.77
N MET B 325 -10.57 -9.66 -28.22
CA MET B 325 -9.58 -8.78 -27.63
C MET B 325 -8.86 -8.03 -28.73
N GLU B 326 -8.39 -6.82 -28.42
CA GLU B 326 -7.52 -6.06 -29.30
C GLU B 326 -6.44 -5.39 -28.45
N TYR B 327 -5.19 -5.54 -28.87
CA TYR B 327 -4.05 -4.99 -28.13
C TYR B 327 -3.14 -4.24 -29.08
N HIS B 328 -2.71 -3.04 -28.66
CA HIS B 328 -1.92 -2.14 -29.49
C HIS B 328 -0.53 -2.02 -28.89
N TRP B 329 0.46 -2.61 -29.54
CA TRP B 329 1.83 -2.65 -29.05
C TRP B 329 2.69 -1.76 -29.91
N GLY B 330 3.34 -0.78 -29.30
CA GLY B 330 4.26 0.09 -30.00
C GLY B 330 3.64 0.85 -31.16
N ASN B 331 4.31 0.79 -32.32
CA ASN B 331 3.89 1.54 -33.50
C ASN B 331 3.29 0.65 -34.58
N ASN B 332 3.02 -0.62 -34.28
CA ASN B 332 2.43 -1.51 -35.27
C ASN B 332 0.90 -1.38 -35.25
N ASP B 333 0.26 -1.98 -36.26
CA ASP B 333 -1.19 -2.00 -36.30
C ASP B 333 -1.73 -2.91 -35.19
N PRO B 334 -2.92 -2.60 -34.66
CA PRO B 334 -3.49 -3.43 -33.60
C PRO B 334 -3.82 -4.83 -34.10
N VAL B 335 -3.74 -5.80 -33.18
CA VAL B 335 -4.01 -7.20 -33.48
C VAL B 335 -5.18 -7.66 -32.62
N ARG B 336 -6.09 -8.41 -33.24
CA ARG B 336 -7.28 -8.90 -32.57
C ARG B 336 -7.22 -10.42 -32.44
N LEU B 337 -7.72 -10.94 -31.33
CA LEU B 337 -7.79 -12.37 -31.07
C LEU B 337 -9.16 -12.74 -30.52
N TRP B 338 -9.55 -13.99 -30.73
CA TRP B 338 -10.81 -14.51 -30.25
C TRP B 338 -10.57 -15.88 -29.61
N SER B 339 -11.46 -16.25 -28.70
CA SER B 339 -11.34 -17.51 -27.95
C SER B 339 -12.43 -18.47 -28.38
N GLN B 340 -12.06 -19.73 -28.57
CA GLN B 340 -13.01 -20.76 -28.97
C GLN B 340 -13.67 -21.38 -27.74
N LEU B 341 -14.73 -22.14 -28.00
CA LEU B 341 -15.48 -22.84 -26.95
C LEU B 341 -14.77 -24.14 -26.64
N THR B 342 -13.78 -24.08 -25.75
CA THR B 342 -13.02 -25.26 -25.36
C THR B 342 -13.09 -25.45 -23.86
N THR B 343 -13.15 -26.72 -23.45
CA THR B 343 -13.19 -27.10 -22.04
C THR B 343 -12.92 -28.60 -21.95
N GLU B 344 -12.92 -29.11 -20.73
CA GLU B 344 -12.59 -30.50 -20.44
C GLU B 344 -13.87 -31.34 -20.39
N GLY B 345 -13.68 -32.64 -20.20
CA GLY B 345 -14.78 -33.58 -20.18
C GLY B 345 -15.16 -34.04 -21.58
N LYS B 346 -16.11 -34.98 -21.60
CA LYS B 346 -16.61 -35.52 -22.86
C LYS B 346 -18.09 -35.23 -22.96
N PRO B 347 -18.57 -34.73 -24.09
CA PRO B 347 -19.99 -34.36 -24.24
C PRO B 347 -20.91 -35.52 -24.60
N HIS B 348 -20.41 -36.76 -24.67
CA HIS B 348 -21.27 -37.88 -25.03
C HIS B 348 -20.95 -39.13 -24.20
N GLY B 349 -20.47 -38.97 -22.97
CA GLY B 349 -20.14 -40.08 -22.10
C GLY B 349 -21.16 -40.28 -21.00
N TRP B 350 -20.66 -40.71 -19.84
CA TRP B 350 -21.51 -40.92 -18.68
C TRP B 350 -21.97 -39.57 -18.12
N PRO B 351 -23.10 -39.55 -17.39
CA PRO B 351 -23.71 -38.25 -17.03
C PRO B 351 -22.77 -37.27 -16.37
N HIS B 352 -21.86 -37.74 -15.51
CA HIS B 352 -20.90 -36.84 -14.89
C HIS B 352 -19.97 -36.22 -15.92
N GLN B 353 -19.72 -36.92 -17.03
CA GLN B 353 -18.87 -36.36 -18.08
C GLN B 353 -19.52 -35.15 -18.74
N ILE B 354 -20.78 -35.26 -19.15
CA ILE B 354 -21.46 -34.11 -19.76
C ILE B 354 -21.65 -33.01 -18.73
N VAL B 355 -21.90 -33.38 -17.46
CA VAL B 355 -21.98 -32.38 -16.41
C VAL B 355 -20.69 -31.59 -16.33
N GLN B 356 -19.55 -32.28 -16.35
CA GLN B 356 -18.25 -31.61 -16.30
C GLN B 356 -18.02 -30.75 -17.53
N TYR B 357 -18.41 -31.24 -18.71
CA TYR B 357 -18.23 -30.47 -19.94
C TYR B 357 -19.00 -29.16 -19.89
N TYR B 358 -20.30 -29.24 -19.61
CA TYR B 358 -21.11 -28.02 -19.57
C TYR B 358 -20.71 -27.11 -18.42
N TYR B 359 -20.24 -27.68 -17.30
CA TYR B 359 -19.73 -26.85 -16.23
C TYR B 359 -18.48 -26.10 -16.66
N GLY B 360 -17.58 -26.76 -17.39
CA GLY B 360 -16.40 -26.09 -17.89
C GLY B 360 -16.74 -24.99 -18.88
N LEU B 361 -17.79 -25.18 -19.67
CA LEU B 361 -18.23 -24.10 -20.56
C LEU B 361 -18.84 -22.95 -19.77
N TYR B 362 -19.93 -23.21 -19.05
CA TYR B 362 -20.61 -22.19 -18.25
C TYR B 362 -20.84 -22.73 -16.83
N PRO B 363 -20.02 -22.32 -15.86
CA PRO B 363 -20.10 -22.92 -14.52
C PRO B 363 -21.39 -22.69 -13.75
N ALA B 364 -21.74 -21.41 -13.56
CA ALA B 364 -22.81 -21.05 -12.63
C ALA B 364 -24.16 -21.59 -13.09
N ALA B 365 -24.45 -21.45 -14.39
CA ALA B 365 -25.73 -21.94 -14.91
C ALA B 365 -25.84 -23.45 -14.73
N THR B 366 -24.74 -24.17 -14.98
CA THR B 366 -24.79 -25.62 -14.82
C THR B 366 -24.98 -26.03 -13.37
N VAL B 367 -24.30 -25.34 -12.44
CA VAL B 367 -24.47 -25.65 -11.02
C VAL B 367 -25.93 -25.42 -10.61
N SER B 368 -26.49 -24.28 -11.02
CA SER B 368 -27.87 -23.97 -10.68
C SER B 368 -28.84 -24.99 -11.27
N ALA B 369 -28.63 -25.37 -12.53
CA ALA B 369 -29.51 -26.33 -13.18
C ALA B 369 -29.42 -27.69 -12.50
N VAL B 370 -28.22 -28.13 -12.15
CA VAL B 370 -28.06 -29.43 -11.50
C VAL B 370 -28.78 -29.44 -10.16
N VAL B 371 -28.61 -28.37 -9.38
CA VAL B 371 -29.30 -28.28 -8.10
C VAL B 371 -30.82 -28.30 -8.30
N GLY B 372 -31.30 -27.60 -9.32
CA GLY B 372 -32.73 -27.56 -9.58
C GLY B 372 -33.31 -28.91 -9.90
N MET B 373 -32.67 -29.65 -10.82
CA MET B 373 -33.17 -30.97 -11.17
C MET B 373 -33.10 -31.93 -9.98
N SER B 374 -32.01 -31.85 -9.20
CA SER B 374 -31.91 -32.73 -8.03
C SER B 374 -33.03 -32.47 -7.04
N LEU B 375 -33.30 -31.18 -6.76
CA LEU B 375 -34.37 -30.85 -5.82
C LEU B 375 -35.73 -31.29 -6.34
N LEU B 376 -35.97 -31.09 -7.65
CA LEU B 376 -37.26 -31.49 -8.21
C LEU B 376 -37.45 -33.00 -8.10
N ALA B 377 -36.42 -33.78 -8.42
CA ALA B 377 -36.51 -35.23 -8.32
C ALA B 377 -36.75 -35.67 -6.88
N LEU B 378 -36.03 -35.05 -5.93
CA LEU B 378 -36.22 -35.41 -4.53
C LEU B 378 -37.63 -35.09 -4.05
N ILE B 379 -38.16 -33.93 -4.44
CA ILE B 379 -39.52 -33.57 -4.07
C ILE B 379 -40.50 -34.58 -4.64
N SER B 380 -40.32 -34.95 -5.90
CA SER B 380 -41.23 -35.91 -6.54
C SER B 380 -41.23 -37.24 -5.81
N ILE B 381 -40.04 -37.78 -5.53
CA ILE B 381 -39.97 -39.11 -4.92
C ILE B 381 -40.52 -39.08 -3.50
N PHE B 382 -40.21 -38.01 -2.75
CA PHE B 382 -40.72 -37.90 -1.39
C PHE B 382 -42.24 -37.82 -1.38
N ALA B 383 -42.82 -37.01 -2.25
CA ALA B 383 -44.27 -36.88 -2.29
C ALA B 383 -44.93 -38.19 -2.68
N SER B 384 -44.36 -38.89 -3.68
CA SER B 384 -44.95 -40.16 -4.11
C SER B 384 -44.89 -41.19 -2.99
N CYS B 385 -43.76 -41.29 -2.29
CA CYS B 385 -43.65 -42.25 -1.20
C CYS B 385 -44.61 -41.92 -0.07
N TYR B 386 -44.74 -40.63 0.28
CA TYR B 386 -45.65 -40.22 1.34
C TYR B 386 -47.08 -40.58 0.98
N MET B 387 -47.49 -40.33 -0.26
CA MET B 387 -48.86 -40.61 -0.64
C MET B 387 -49.13 -42.11 -0.73
N LEU B 388 -48.13 -42.90 -1.14
CA LEU B 388 -48.29 -44.36 -1.09
C LEU B 388 -48.44 -44.86 0.34
N VAL B 389 -47.65 -44.30 1.26
CA VAL B 389 -47.76 -44.70 2.67
C VAL B 389 -49.14 -44.34 3.21
N ALA B 390 -49.64 -43.16 2.86
CA ALA B 390 -50.98 -42.76 3.27
C ALA B 390 -52.03 -43.72 2.71
N ALA B 391 -51.86 -44.14 1.45
CA ALA B 391 -52.79 -45.09 0.86
C ALA B 391 -52.81 -46.40 1.63
N ARG B 392 -51.63 -46.92 1.97
CA ARG B 392 -51.58 -48.15 2.76
C ARG B 392 -52.26 -47.96 4.11
N SER B 393 -51.93 -46.87 4.80
CA SER B 393 -52.48 -46.65 6.14
C SER B 393 -54.00 -46.55 6.10
N LYS B 394 -54.54 -45.85 5.10
CA LYS B 394 -55.99 -45.64 5.06
C LYS B 394 -56.72 -46.85 4.50
N CYS B 395 -56.04 -47.71 3.74
CA CYS B 395 -56.65 -48.96 3.32
C CYS B 395 -56.67 -49.97 4.46
N LEU B 396 -55.67 -49.94 5.33
CA LEU B 396 -55.57 -50.92 6.41
C LEU B 396 -56.19 -50.44 7.71
N THR B 397 -56.52 -49.15 7.83
CA THR B 397 -57.03 -48.63 9.10
C THR B 397 -58.37 -49.24 9.57
N PRO B 398 -59.37 -49.51 8.71
CA PRO B 398 -60.63 -50.02 9.26
C PRO B 398 -60.51 -51.39 9.90
N TYR B 399 -59.55 -52.21 9.46
CA TYR B 399 -59.39 -53.54 10.00
C TYR B 399 -58.67 -53.53 11.35
N ALA B 400 -58.20 -52.38 11.80
CA ALA B 400 -57.60 -52.26 13.12
C ALA B 400 -58.55 -51.65 14.14
N LEU B 401 -59.75 -51.26 13.73
CA LEU B 401 -60.77 -50.75 14.65
C LEU B 401 -61.86 -51.76 14.92
N THR B 402 -62.03 -52.77 14.07
CA THR B 402 -62.98 -53.84 14.33
C THR B 402 -62.54 -54.62 15.58
N PRO B 403 -63.42 -54.79 16.56
CA PRO B 403 -63.04 -55.61 17.73
C PRO B 403 -62.81 -57.05 17.30
N GLY B 404 -61.66 -57.59 17.70
CA GLY B 404 -61.30 -58.91 17.21
C GLY B 404 -61.08 -58.89 15.71
N ALA B 405 -61.43 -60.00 15.06
CA ALA B 405 -61.27 -60.18 13.62
C ALA B 405 -59.81 -60.09 13.19
N ALA B 406 -59.55 -60.35 11.91
CA ALA B 406 -58.18 -60.35 11.41
C ALA B 406 -58.18 -60.01 9.94
N VAL B 407 -57.08 -59.42 9.49
CA VAL B 407 -56.91 -59.04 8.09
C VAL B 407 -56.75 -60.30 7.26
N PRO B 408 -57.29 -60.34 6.04
CA PRO B 408 -57.04 -61.50 5.17
C PRO B 408 -55.56 -61.62 4.85
N TRP B 409 -55.11 -62.87 4.68
CA TRP B 409 -53.68 -63.09 4.45
C TRP B 409 -53.21 -62.49 3.14
N THR B 410 -54.08 -62.39 2.13
CA THR B 410 -53.68 -61.80 0.86
C THR B 410 -53.37 -60.32 1.02
N LEU B 411 -54.29 -59.57 1.62
CA LEU B 411 -54.04 -58.16 1.87
C LEU B 411 -52.96 -57.93 2.93
N GLY B 412 -52.76 -58.89 3.83
CA GLY B 412 -51.69 -58.80 4.79
C GLY B 412 -50.32 -59.18 4.25
N ILE B 413 -50.28 -59.82 3.09
CA ILE B 413 -49.03 -60.10 2.41
C ILE B 413 -48.69 -59.02 1.38
N LEU B 414 -49.69 -58.54 0.65
CA LEU B 414 -49.45 -57.45 -0.29
C LEU B 414 -48.93 -56.21 0.42
N CYS B 415 -49.55 -55.86 1.55
CA CYS B 415 -49.07 -54.79 2.41
C CYS B 415 -48.72 -55.37 3.77
N CYS B 416 -47.59 -54.94 4.33
CA CYS B 416 -47.13 -55.46 5.62
C CYS B 416 -48.14 -55.10 6.69
N ALA B 417 -48.92 -56.08 7.13
CA ALA B 417 -49.99 -55.86 8.10
C ALA B 417 -49.60 -56.45 9.44
N PRO B 418 -49.58 -55.66 10.53
CA PRO B 418 -49.24 -56.12 11.87
C PRO B 418 -50.16 -57.24 12.37
N TYR C 1 -42.39 -9.57 -57.22
CA TYR C 1 -42.42 -10.24 -55.92
C TYR C 1 -41.74 -9.39 -54.86
N GLU C 2 -42.33 -9.37 -53.66
CA GLU C 2 -41.81 -8.58 -52.56
C GLU C 2 -41.45 -9.50 -51.40
N HIS C 3 -40.35 -9.17 -50.72
CA HIS C 3 -39.84 -10.00 -49.64
C HIS C 3 -39.30 -9.09 -48.55
N SER C 4 -39.28 -9.62 -47.32
CA SER C 4 -38.77 -8.90 -46.18
C SER C 4 -38.00 -9.86 -45.30
N THR C 5 -36.91 -9.36 -44.71
CA THR C 5 -36.04 -10.19 -43.89
C THR C 5 -35.25 -9.30 -42.95
N VAL C 6 -34.52 -9.93 -42.03
CA VAL C 6 -33.65 -9.23 -41.10
C VAL C 6 -32.28 -9.90 -41.13
N MET C 7 -31.24 -9.10 -40.97
CA MET C 7 -29.87 -9.57 -41.07
C MET C 7 -29.04 -9.01 -39.93
N PRO C 8 -28.00 -9.72 -39.50
CA PRO C 8 -27.19 -9.25 -38.36
C PRO C 8 -26.13 -8.27 -38.82
N ASN C 9 -25.93 -7.21 -38.04
CA ASN C 9 -24.95 -6.18 -38.36
C ASN C 9 -23.62 -6.55 -37.70
N VAL C 10 -22.93 -7.48 -38.35
CA VAL C 10 -21.59 -7.92 -37.95
C VAL C 10 -20.77 -8.02 -39.23
N VAL C 11 -19.62 -7.34 -39.25
CA VAL C 11 -18.83 -7.25 -40.46
C VAL C 11 -18.19 -8.60 -40.77
N GLY C 12 -18.36 -9.06 -42.01
CA GLY C 12 -17.76 -10.30 -42.45
C GLY C 12 -18.61 -11.53 -42.29
N PHE C 13 -19.80 -11.42 -41.70
CA PHE C 13 -20.65 -12.57 -41.48
C PHE C 13 -21.48 -12.83 -42.74
N PRO C 14 -21.31 -13.96 -43.42
CA PRO C 14 -22.17 -14.26 -44.56
C PRO C 14 -23.59 -14.56 -44.11
N TYR C 15 -24.54 -14.17 -44.95
CA TYR C 15 -25.95 -14.33 -44.66
C TYR C 15 -26.67 -14.89 -45.88
N LYS C 16 -27.45 -15.95 -45.67
CA LYS C 16 -28.24 -16.57 -46.71
C LYS C 16 -29.70 -16.21 -46.51
N ALA C 17 -30.34 -15.70 -47.57
CA ALA C 17 -31.76 -15.36 -47.55
C ALA C 17 -32.48 -16.30 -48.51
N HIS C 18 -33.53 -16.95 -48.02
CA HIS C 18 -34.26 -17.94 -48.79
C HIS C 18 -35.59 -17.37 -49.24
N ILE C 19 -35.87 -17.50 -50.54
CA ILE C 19 -37.07 -16.94 -51.16
C ILE C 19 -37.75 -18.02 -51.99
N GLU C 20 -39.01 -18.28 -51.68
CA GLU C 20 -39.78 -19.32 -52.34
C GLU C 20 -41.13 -18.77 -52.74
N ARG C 21 -41.52 -18.97 -54.00
CA ARG C 21 -42.85 -18.62 -54.45
C ARG C 21 -43.45 -19.77 -55.25
N PRO C 22 -44.77 -19.92 -55.23
CA PRO C 22 -45.41 -20.96 -56.03
C PRO C 22 -45.06 -20.83 -57.50
N GLY C 23 -44.85 -21.98 -58.14
CA GLY C 23 -44.57 -22.02 -59.55
C GLY C 23 -43.16 -21.65 -59.96
N TYR C 24 -42.23 -21.58 -59.01
CA TYR C 24 -40.86 -21.24 -59.33
C TYR C 24 -39.92 -21.99 -58.39
N SER C 25 -38.71 -22.25 -58.87
CA SER C 25 -37.72 -22.94 -58.05
C SER C 25 -37.20 -22.01 -56.97
N PRO C 26 -36.84 -22.55 -55.81
CA PRO C 26 -36.26 -21.71 -54.76
C PRO C 26 -34.97 -21.06 -55.22
N LEU C 27 -34.78 -19.82 -54.79
CA LEU C 27 -33.56 -19.07 -55.05
C LEU C 27 -32.92 -18.68 -53.73
N THR C 28 -31.61 -18.58 -53.72
CA THR C 28 -30.86 -18.24 -52.52
C THR C 28 -30.15 -16.91 -52.72
N LEU C 29 -29.94 -16.19 -51.62
CA LEU C 29 -29.46 -14.82 -51.65
C LEU C 29 -28.28 -14.68 -50.70
N GLN C 30 -27.23 -14.01 -51.17
CA GLN C 30 -26.04 -13.77 -50.36
C GLN C 30 -25.86 -12.26 -50.18
N MET C 31 -25.95 -11.80 -48.95
CA MET C 31 -25.73 -10.41 -48.60
C MET C 31 -24.68 -10.33 -47.51
N GLN C 32 -23.64 -9.56 -47.74
CA GLN C 32 -22.54 -9.39 -46.80
C GLN C 32 -22.26 -7.92 -46.59
N VAL C 33 -21.97 -7.55 -45.34
CA VAL C 33 -21.66 -6.17 -44.99
C VAL C 33 -20.15 -6.03 -44.94
N VAL C 34 -19.63 -5.02 -45.62
CA VAL C 34 -18.19 -4.85 -45.76
C VAL C 34 -17.65 -3.78 -44.81
N GLU C 35 -18.33 -2.64 -44.71
CA GLU C 35 -17.86 -1.55 -43.87
C GLU C 35 -19.05 -0.69 -43.48
N THR C 36 -19.09 -0.28 -42.22
CA THR C 36 -20.15 0.56 -41.69
C THR C 36 -19.55 1.84 -41.12
N SER C 37 -20.25 2.95 -41.30
CA SER C 37 -19.81 4.26 -40.81
C SER C 37 -20.96 4.91 -40.06
N LEU C 38 -20.65 5.51 -38.91
CA LEU C 38 -21.62 6.17 -38.06
C LEU C 38 -21.14 7.60 -37.80
N GLU C 39 -21.88 8.57 -38.34
CA GLU C 39 -21.49 9.97 -38.27
C GLU C 39 -22.51 10.76 -37.48
N PRO C 40 -22.12 11.49 -36.43
CA PRO C 40 -23.04 12.38 -35.74
C PRO C 40 -23.01 13.78 -36.30
N THR C 41 -24.16 14.45 -36.21
CA THR C 41 -24.25 15.85 -36.64
C THR C 41 -23.71 16.75 -35.54
N LEU C 42 -22.77 17.61 -35.90
CA LEU C 42 -22.03 18.41 -34.93
C LEU C 42 -22.30 19.89 -35.15
N ASN C 43 -22.32 20.65 -34.05
CA ASN C 43 -22.34 22.11 -34.10
C ASN C 43 -21.25 22.63 -33.19
N LEU C 44 -20.44 23.55 -33.70
CA LEU C 44 -19.28 24.02 -32.97
C LEU C 44 -19.69 25.02 -31.89
N GLU C 45 -18.94 25.01 -30.79
CA GLU C 45 -19.16 25.94 -29.68
C GLU C 45 -18.02 26.95 -29.57
N TYR C 46 -16.79 26.49 -29.41
CA TYR C 46 -15.63 27.38 -29.42
C TYR C 46 -14.38 26.54 -29.63
N ILE C 47 -13.30 27.23 -30.01
CA ILE C 47 -11.99 26.61 -30.19
C ILE C 47 -11.01 27.25 -29.23
N THR C 48 -9.91 26.54 -28.97
CA THR C 48 -8.90 26.99 -28.04
C THR C 48 -7.52 26.69 -28.58
N CYS C 49 -6.54 27.47 -28.12
CA CYS C 49 -5.15 27.30 -28.54
C CYS C 49 -4.26 28.11 -27.62
N GLU C 50 -2.96 27.84 -27.70
CA GLU C 50 -1.99 28.56 -26.90
C GLU C 50 -1.95 30.03 -27.30
N TYR C 51 -1.32 30.84 -26.47
CA TYR C 51 -1.31 32.28 -26.64
C TYR C 51 0.10 32.86 -26.54
N LYS C 52 0.17 34.17 -26.71
CA LYS C 52 1.36 34.98 -26.52
C LYS C 52 0.96 36.25 -25.80
N THR C 53 1.86 36.77 -24.97
CA THR C 53 1.61 37.98 -24.20
C THR C 53 2.38 39.12 -24.82
N VAL C 54 1.67 40.03 -25.49
CA VAL C 54 2.30 41.15 -26.17
C VAL C 54 2.54 42.24 -25.14
N VAL C 55 3.81 42.44 -24.79
CA VAL C 55 4.18 43.49 -23.84
C VAL C 55 5.07 44.50 -24.55
N PRO C 56 4.65 45.76 -24.66
CA PRO C 56 5.44 46.75 -25.39
C PRO C 56 6.42 47.45 -24.46
N SER C 57 7.27 48.27 -25.07
CA SER C 57 8.30 48.96 -24.32
C SER C 57 7.67 49.97 -23.36
N PRO C 58 8.24 50.12 -22.16
CA PRO C 58 7.68 51.05 -21.19
C PRO C 58 7.87 52.49 -21.61
N TYR C 59 6.98 53.35 -21.12
CA TYR C 59 7.06 54.79 -21.36
C TYR C 59 7.58 55.47 -20.10
N VAL C 60 8.72 56.13 -20.22
CA VAL C 60 9.37 56.81 -19.12
C VAL C 60 9.38 58.30 -19.40
N LYS C 61 8.84 59.09 -18.49
CA LYS C 61 8.77 60.53 -18.61
C LYS C 61 9.62 61.20 -17.54
N CYS C 62 10.50 62.10 -17.96
CA CYS C 62 11.40 62.80 -17.06
C CYS C 62 10.71 64.06 -16.56
N CYS C 63 10.57 64.17 -15.23
CA CYS C 63 9.95 65.32 -14.59
C CYS C 63 8.52 65.54 -15.10
N GLY C 64 7.68 64.55 -14.84
CA GLY C 64 6.29 64.62 -15.26
C GLY C 64 5.52 63.42 -14.76
N ALA C 65 4.24 63.37 -15.13
CA ALA C 65 3.34 62.31 -14.74
C ALA C 65 2.47 61.91 -15.91
N SER C 66 1.98 60.68 -15.89
CA SER C 66 1.13 60.16 -16.95
C SER C 66 -0.03 59.38 -16.35
N GLU C 67 -1.14 59.32 -17.09
CA GLU C 67 -2.26 58.46 -16.76
C GLU C 67 -2.70 57.74 -18.01
N CYS C 68 -3.11 56.49 -17.85
CA CYS C 68 -3.49 55.65 -18.97
C CYS C 68 -4.98 55.35 -18.93
N SER C 69 -5.58 55.21 -20.11
CA SER C 69 -7.00 54.96 -20.26
C SER C 69 -7.24 53.49 -20.61
N THR C 70 -8.42 53.02 -20.25
CA THR C 70 -8.81 51.65 -20.56
C THR C 70 -8.94 51.46 -22.07
N LYS C 71 -8.68 50.23 -22.51
CA LYS C 71 -8.77 49.88 -23.92
C LYS C 71 -9.57 48.59 -24.06
N GLU C 72 -10.25 48.46 -25.19
CA GLU C 72 -11.08 47.27 -25.46
C GLU C 72 -10.20 46.18 -26.07
N LYS C 73 -9.30 45.66 -25.24
CA LYS C 73 -8.35 44.65 -25.65
C LYS C 73 -8.40 43.48 -24.67
N PRO C 74 -8.09 42.27 -25.13
CA PRO C 74 -8.26 41.09 -24.27
C PRO C 74 -7.37 41.12 -23.05
N ASP C 75 -7.99 41.18 -21.87
CA ASP C 75 -7.30 41.18 -20.59
C ASP C 75 -6.23 42.28 -20.52
N TYR C 76 -6.62 43.49 -20.90
CA TYR C 76 -5.70 44.62 -20.82
C TYR C 76 -5.50 44.99 -19.36
N GLN C 77 -4.25 45.26 -19.00
CA GLN C 77 -3.91 45.66 -17.63
C GLN C 77 -2.79 46.70 -17.70
N CYS C 78 -3.10 47.93 -17.35
CA CYS C 78 -2.15 49.01 -17.31
C CYS C 78 -1.99 49.50 -15.87
N LYS C 79 -0.81 50.03 -15.58
CA LYS C 79 -0.53 50.57 -14.25
C LYS C 79 0.61 51.57 -14.35
N VAL C 80 0.44 52.68 -13.64
CA VAL C 80 1.39 53.79 -13.66
C VAL C 80 2.11 53.83 -12.32
N TYR C 81 3.41 54.04 -12.36
CA TYR C 81 4.27 53.96 -11.18
C TYR C 81 4.99 55.28 -10.98
N THR C 82 5.16 55.68 -9.71
CA THR C 82 5.76 56.95 -9.36
C THR C 82 7.04 56.74 -8.57
N GLY C 83 7.98 57.66 -8.73
CA GLY C 83 9.24 57.60 -8.01
C GLY C 83 10.16 56.52 -8.52
N VAL C 84 10.64 56.65 -9.75
CA VAL C 84 11.54 55.68 -10.36
C VAL C 84 12.74 56.42 -10.94
N TYR C 85 13.88 55.74 -10.98
CA TYR C 85 15.13 56.32 -11.46
C TYR C 85 15.81 55.35 -12.43
N PRO C 86 15.37 55.29 -13.68
CA PRO C 86 16.00 54.43 -14.67
C PRO C 86 17.52 54.55 -14.72
N PHE C 87 18.14 53.50 -15.25
CA PHE C 87 19.56 53.47 -15.58
C PHE C 87 19.73 52.81 -16.94
N MET C 88 20.69 53.31 -17.70
CA MET C 88 21.01 52.75 -19.01
C MET C 88 22.51 52.57 -19.09
N TRP C 89 22.99 52.09 -20.26
CA TRP C 89 24.37 51.67 -20.37
C TRP C 89 25.34 52.83 -20.32
N GLY C 90 24.87 54.06 -20.45
CA GLY C 90 25.75 55.21 -20.37
C GLY C 90 25.66 55.91 -19.03
N GLY C 91 24.46 56.06 -18.51
CA GLY C 91 24.26 56.75 -17.24
C GLY C 91 22.80 56.82 -16.88
N ALA C 92 22.46 57.83 -16.09
CA ALA C 92 21.07 58.05 -15.73
C ALA C 92 20.26 58.45 -16.96
N TYR C 93 18.93 58.39 -16.82
CA TYR C 93 18.05 58.70 -17.93
C TYR C 93 17.38 60.07 -17.79
N CYS C 94 17.17 60.55 -16.56
CA CYS C 94 16.53 61.84 -16.35
C CYS C 94 17.18 62.56 -15.19
N PHE C 95 17.07 63.90 -15.21
CA PHE C 95 17.59 64.71 -14.12
C PHE C 95 16.84 64.46 -12.82
N CYS C 96 15.51 64.50 -12.87
CA CYS C 96 14.68 64.46 -11.67
C CYS C 96 14.90 63.17 -10.89
N ASP C 97 15.29 63.30 -9.62
CA ASP C 97 15.58 62.12 -8.81
C ASP C 97 14.32 61.36 -8.46
N SER C 98 13.25 62.07 -8.09
CA SER C 98 12.02 61.43 -7.63
C SER C 98 10.77 61.99 -8.30
N GLU C 99 10.91 62.73 -9.39
CA GLU C 99 9.76 63.28 -10.12
C GLU C 99 9.50 62.53 -11.42
N ASN C 100 9.88 61.26 -11.50
CA ASN C 100 9.73 60.49 -12.73
C ASN C 100 8.53 59.54 -12.63
N THR C 101 8.28 58.83 -13.73
CA THR C 101 7.11 57.98 -13.83
C THR C 101 7.30 57.01 -15.00
N GLN C 102 7.01 55.73 -14.78
CA GLN C 102 7.08 54.70 -15.80
C GLN C 102 5.69 54.13 -16.03
N LEU C 103 5.33 53.94 -17.30
CA LEU C 103 4.02 53.45 -17.69
C LEU C 103 4.17 52.06 -18.31
N SER C 104 3.42 51.09 -17.76
CA SER C 104 3.51 49.71 -18.20
C SER C 104 2.13 49.19 -18.61
N GLU C 105 2.12 48.32 -19.61
CA GLU C 105 0.89 47.67 -20.04
C GLU C 105 1.23 46.36 -20.71
N ALA C 106 0.24 45.47 -20.78
CA ALA C 106 0.37 44.19 -21.47
C ALA C 106 -1.03 43.63 -21.73
N TYR C 107 -1.11 42.76 -22.72
CA TYR C 107 -2.37 42.09 -23.05
C TYR C 107 -2.06 40.74 -23.70
N VAL C 108 -3.09 39.96 -23.95
CA VAL C 108 -2.95 38.59 -24.43
C VAL C 108 -3.70 38.44 -25.75
N ASP C 109 -3.06 37.81 -26.72
CA ASP C 109 -3.64 37.56 -28.03
C ASP C 109 -3.29 36.14 -28.44
N ARG C 110 -4.11 35.58 -29.32
CA ARG C 110 -3.91 34.19 -29.74
C ARG C 110 -2.61 34.03 -30.50
N SER C 111 -2.04 32.83 -30.42
CA SER C 111 -0.73 32.56 -30.98
C SER C 111 -0.78 32.59 -32.51
N ASP C 112 0.41 32.77 -33.10
CA ASP C 112 0.53 32.84 -34.55
C ASP C 112 0.34 31.50 -35.24
N VAL C 113 0.30 30.40 -34.48
CA VAL C 113 0.07 29.07 -35.04
C VAL C 113 -1.26 28.49 -34.56
N CYS C 114 -2.19 29.36 -34.14
CA CYS C 114 -3.50 28.90 -33.70
C CYS C 114 -4.29 28.25 -34.84
N ARG C 115 -4.05 28.68 -36.07
CA ARG C 115 -4.75 28.11 -37.22
C ARG C 115 -4.32 26.70 -37.53
N HIS C 116 -3.13 26.29 -37.11
CA HIS C 116 -2.61 24.95 -37.38
C HIS C 116 -2.73 23.99 -36.20
N ASP C 117 -2.77 24.49 -34.98
CA ASP C 117 -2.83 23.67 -33.78
C ASP C 117 -3.93 24.27 -32.91
N HIS C 118 -5.07 23.58 -32.84
CA HIS C 118 -6.17 24.03 -32.00
C HIS C 118 -7.04 22.83 -31.64
N ALA C 119 -7.80 22.96 -30.57
CA ALA C 119 -8.72 21.94 -30.10
C ALA C 119 -10.13 22.48 -30.18
N SER C 120 -11.03 21.69 -30.74
CA SER C 120 -12.40 22.11 -30.98
C SER C 120 -13.36 21.46 -29.98
N ALA C 121 -14.37 22.23 -29.58
CA ALA C 121 -15.42 21.75 -28.69
C ALA C 121 -16.72 21.65 -29.47
N TYR C 122 -17.32 20.47 -29.46
CA TYR C 122 -18.53 20.20 -30.23
C TYR C 122 -19.64 19.71 -29.30
N LYS C 123 -20.82 19.53 -29.90
CA LYS C 123 -21.97 18.94 -29.23
C LYS C 123 -22.56 17.88 -30.16
N ALA C 124 -22.76 16.68 -29.63
CA ALA C 124 -23.23 15.55 -30.42
C ALA C 124 -24.74 15.48 -30.42
N HIS C 125 -25.32 15.25 -31.59
CA HIS C 125 -26.76 15.12 -31.79
C HIS C 125 -27.06 13.72 -32.32
N THR C 126 -28.30 13.52 -32.77
CA THR C 126 -28.68 12.26 -33.38
C THR C 126 -27.76 11.92 -34.54
N ALA C 127 -27.33 10.67 -34.59
CA ALA C 127 -26.28 10.24 -35.50
C ALA C 127 -26.84 9.35 -36.59
N SER C 128 -26.30 9.49 -37.80
CA SER C 128 -26.73 8.74 -38.96
C SER C 128 -25.75 7.60 -39.26
N LEU C 129 -26.25 6.60 -39.98
CA LEU C 129 -25.48 5.42 -40.31
C LEU C 129 -25.48 5.20 -41.81
N LYS C 130 -24.29 4.95 -42.36
CA LYS C 130 -24.14 4.58 -43.76
C LYS C 130 -23.22 3.37 -43.85
N ALA C 131 -23.44 2.53 -44.86
CA ALA C 131 -22.77 1.25 -44.94
C ALA C 131 -22.48 0.91 -46.39
N LYS C 132 -21.60 -0.07 -46.58
CA LYS C 132 -21.25 -0.61 -47.88
C LYS C 132 -21.54 -2.10 -47.87
N VAL C 133 -22.56 -2.52 -48.63
CA VAL C 133 -23.08 -3.88 -48.58
C VAL C 133 -22.95 -4.50 -49.96
N ARG C 134 -22.59 -5.78 -50.00
CA ARG C 134 -22.44 -6.52 -51.24
C ARG C 134 -23.60 -7.51 -51.39
N VAL C 135 -23.97 -7.79 -52.64
CA VAL C 135 -25.10 -8.64 -52.96
C VAL C 135 -24.65 -9.66 -53.98
N MET C 136 -24.97 -10.94 -53.75
CA MET C 136 -24.57 -12.02 -54.63
C MET C 136 -25.73 -12.98 -54.83
N TYR C 137 -26.17 -13.11 -56.08
CA TYR C 137 -27.11 -14.16 -56.48
C TYR C 137 -27.02 -14.32 -57.99
N GLY C 138 -27.22 -15.54 -58.45
CA GLY C 138 -27.17 -15.79 -59.88
C GLY C 138 -25.80 -15.49 -60.44
N ASN C 139 -25.76 -14.61 -61.45
CA ASN C 139 -24.52 -14.25 -62.14
C ASN C 139 -24.16 -12.77 -61.95
N VAL C 140 -24.70 -12.13 -60.91
CA VAL C 140 -24.41 -10.74 -60.62
C VAL C 140 -23.78 -10.66 -59.24
N ASN C 141 -22.70 -9.88 -59.12
CA ASN C 141 -21.87 -9.80 -57.91
C ASN C 141 -21.37 -8.36 -57.83
N GLN C 142 -22.07 -7.55 -57.03
CA GLN C 142 -21.80 -6.12 -56.96
C GLN C 142 -21.80 -5.66 -55.51
N THR C 143 -21.09 -4.56 -55.26
CA THR C 143 -21.06 -3.90 -53.96
C THR C 143 -21.62 -2.49 -54.11
N VAL C 144 -22.49 -2.10 -53.19
CA VAL C 144 -23.18 -0.82 -53.27
C VAL C 144 -23.07 -0.08 -51.95
N ASP C 145 -23.05 1.25 -52.03
CA ASP C 145 -23.06 2.12 -50.85
C ASP C 145 -24.50 2.55 -50.57
N VAL C 146 -24.95 2.34 -49.34
CA VAL C 146 -26.34 2.58 -48.98
C VAL C 146 -26.42 3.37 -47.69
N TYR C 147 -27.35 4.32 -47.64
CA TYR C 147 -27.71 4.99 -46.40
C TYR C 147 -28.68 4.10 -45.63
N VAL C 148 -28.36 3.82 -44.37
CA VAL C 148 -29.24 3.00 -43.52
C VAL C 148 -30.17 3.97 -42.80
N ASN C 149 -31.25 4.33 -43.49
CA ASN C 149 -32.22 5.26 -42.94
C ASN C 149 -33.67 4.84 -43.18
N GLY C 150 -33.89 3.76 -43.93
CA GLY C 150 -35.24 3.43 -44.36
C GLY C 150 -35.73 4.26 -45.53
N ASP C 151 -34.87 5.07 -46.13
CA ASP C 151 -35.24 5.97 -47.22
C ASP C 151 -34.49 5.66 -48.50
N HIS C 152 -33.21 5.32 -48.41
CA HIS C 152 -32.43 5.01 -49.60
C HIS C 152 -32.96 3.76 -50.28
N ALA C 153 -32.90 3.75 -51.61
CA ALA C 153 -33.36 2.63 -52.42
C ALA C 153 -32.40 2.47 -53.59
N VAL C 154 -31.63 1.38 -53.58
CA VAL C 154 -30.65 1.12 -54.62
C VAL C 154 -31.20 0.06 -55.55
N THR C 155 -30.61 -0.03 -56.74
CA THR C 155 -31.03 -0.97 -57.77
C THR C 155 -29.84 -1.81 -58.20
N ILE C 156 -30.00 -3.13 -58.12
CA ILE C 156 -28.96 -4.08 -58.51
C ILE C 156 -29.63 -5.11 -59.42
N GLY C 157 -29.24 -5.13 -60.69
CA GLY C 157 -29.83 -6.05 -61.65
C GLY C 157 -31.33 -5.89 -61.77
N GLY C 158 -31.80 -4.66 -61.83
CA GLY C 158 -33.22 -4.41 -61.89
C GLY C 158 -33.99 -4.84 -60.65
N THR C 159 -33.37 -4.73 -59.48
CA THR C 159 -34.00 -5.10 -58.22
C THR C 159 -33.87 -3.97 -57.21
N GLN C 160 -34.98 -3.60 -56.59
CA GLN C 160 -34.99 -2.53 -55.61
C GLN C 160 -34.62 -3.06 -54.24
N PHE C 161 -33.66 -2.42 -53.58
CA PHE C 161 -33.22 -2.78 -52.24
C PHE C 161 -33.44 -1.58 -51.32
N ILE C 162 -34.13 -1.81 -50.21
CA ILE C 162 -34.35 -0.78 -49.20
C ILE C 162 -33.86 -1.32 -47.87
N PHE C 163 -32.98 -0.57 -47.21
CA PHE C 163 -32.33 -1.01 -45.99
C PHE C 163 -32.86 -0.24 -44.78
N GLY C 164 -32.53 -0.77 -43.60
CA GLY C 164 -32.81 -0.08 -42.36
C GLY C 164 -34.28 0.01 -42.01
N PRO C 165 -34.59 0.72 -40.92
CA PRO C 165 -33.68 1.41 -40.01
C PRO C 165 -33.05 0.50 -38.94
N LEU C 166 -31.95 0.93 -38.33
CA LEU C 166 -31.26 0.09 -37.36
C LEU C 166 -32.11 -0.11 -36.12
N SER C 167 -32.08 -1.33 -35.57
CA SER C 167 -32.96 -1.67 -34.46
C SER C 167 -32.59 -0.89 -33.20
N SER C 168 -31.31 -0.81 -32.87
CA SER C 168 -30.85 -0.17 -31.64
C SER C 168 -30.29 1.21 -31.95
N ALA C 169 -30.81 2.22 -31.26
CA ALA C 169 -30.36 3.60 -31.40
C ALA C 169 -29.33 3.86 -30.30
N TRP C 170 -28.10 3.45 -30.55
CA TRP C 170 -27.02 3.56 -29.58
C TRP C 170 -25.84 4.27 -30.22
N THR C 171 -25.29 5.26 -29.52
CA THR C 171 -24.15 6.02 -30.03
C THR C 171 -23.07 6.10 -28.97
N PRO C 172 -21.80 5.97 -29.36
CA PRO C 172 -20.71 5.99 -28.38
C PRO C 172 -20.26 7.39 -27.96
N PHE C 173 -20.73 8.44 -28.63
CA PHE C 173 -20.37 9.80 -28.28
C PHE C 173 -21.34 10.34 -27.23
N ASP C 174 -20.79 11.00 -26.22
CA ASP C 174 -21.61 11.67 -25.22
C ASP C 174 -22.13 12.98 -25.81
N ASN C 175 -22.81 13.78 -24.98
CA ASN C 175 -23.42 15.00 -25.48
C ASN C 175 -22.37 16.04 -25.86
N LYS C 176 -21.29 16.12 -25.09
CA LYS C 176 -20.24 17.11 -25.30
C LYS C 176 -18.91 16.41 -25.48
N ILE C 177 -18.23 16.70 -26.60
CA ILE C 177 -16.95 16.06 -26.92
C ILE C 177 -15.96 17.12 -27.37
N VAL C 178 -14.69 16.74 -27.32
CA VAL C 178 -13.57 17.59 -27.74
C VAL C 178 -12.71 16.81 -28.72
N VAL C 179 -12.37 17.44 -29.85
CA VAL C 179 -11.64 16.79 -30.94
C VAL C 179 -10.30 17.48 -31.11
N TYR C 180 -9.23 16.69 -31.13
CA TYR C 180 -7.88 17.21 -31.32
C TYR C 180 -7.12 16.27 -32.23
N LYS C 181 -6.56 16.82 -33.33
CA LYS C 181 -5.81 16.05 -34.31
C LYS C 181 -6.63 14.86 -34.82
N ASP C 182 -6.38 13.68 -34.25
CA ASP C 182 -7.12 12.48 -34.62
C ASP C 182 -7.57 11.70 -33.39
N GLU C 183 -8.00 12.39 -32.34
CA GLU C 183 -8.55 11.76 -31.15
C GLU C 183 -9.81 12.50 -30.73
N VAL C 184 -10.73 11.75 -30.14
CA VAL C 184 -11.96 12.30 -29.60
C VAL C 184 -12.05 11.95 -28.11
N PHE C 185 -12.65 12.85 -27.34
CA PHE C 185 -12.71 12.71 -25.89
C PHE C 185 -14.13 12.99 -25.41
N ASN C 186 -14.61 12.16 -24.50
CA ASN C 186 -15.91 12.40 -23.85
C ASN C 186 -15.75 13.25 -22.61
N GLN C 187 -15.37 14.52 -22.81
CA GLN C 187 -15.06 15.43 -21.72
C GLN C 187 -15.90 16.68 -21.87
N ASP C 188 -16.54 17.10 -20.78
CA ASP C 188 -17.30 18.33 -20.78
C ASP C 188 -16.37 19.53 -20.66
N PHE C 189 -16.85 20.68 -21.12
CA PHE C 189 -16.02 21.88 -21.18
C PHE C 189 -16.78 23.06 -20.58
N PRO C 190 -16.06 24.04 -20.05
CA PRO C 190 -16.73 25.21 -19.51
C PRO C 190 -17.44 25.98 -20.60
N PRO C 191 -18.54 26.66 -20.26
CA PRO C 191 -19.28 27.41 -21.27
C PRO C 191 -18.50 28.63 -21.74
N TYR C 192 -18.88 29.11 -22.91
CA TYR C 192 -18.23 30.28 -23.50
C TYR C 192 -18.39 31.49 -22.59
N GLY C 193 -17.31 32.27 -22.47
CA GLY C 193 -17.32 33.44 -21.64
C GLY C 193 -17.14 33.19 -20.16
N SER C 194 -16.96 31.94 -19.74
CA SER C 194 -16.80 31.61 -18.33
C SER C 194 -15.63 30.65 -18.14
N GLY C 195 -14.55 30.88 -18.85
CA GLY C 195 -13.35 30.07 -18.65
C GLY C 195 -12.64 30.40 -17.37
N GLN C 196 -11.81 29.46 -16.91
CA GLN C 196 -11.07 29.64 -15.68
C GLN C 196 -9.58 29.50 -15.94
N PRO C 197 -8.72 30.26 -15.26
CA PRO C 197 -7.30 30.22 -15.57
C PRO C 197 -6.66 28.89 -15.21
N GLY C 198 -5.66 28.50 -16.00
CA GLY C 198 -4.87 27.33 -15.71
C GLY C 198 -5.43 26.02 -16.23
N ARG C 199 -6.64 26.01 -16.76
CA ARG C 199 -7.23 24.77 -17.25
C ARG C 199 -7.71 24.91 -18.68
N PHE C 200 -8.39 23.89 -19.19
CA PHE C 200 -8.94 23.94 -20.53
C PHE C 200 -9.95 25.07 -20.65
N GLY C 201 -9.81 25.87 -21.71
CA GLY C 201 -10.76 26.91 -21.99
C GLY C 201 -10.42 28.28 -21.44
N ASP C 202 -9.16 28.53 -21.07
CA ASP C 202 -8.77 29.88 -20.66
C ASP C 202 -8.88 30.88 -21.81
N ILE C 203 -8.80 30.41 -23.05
CA ILE C 203 -9.00 31.25 -24.22
C ILE C 203 -10.05 30.60 -25.10
N GLN C 204 -11.05 31.38 -25.52
CA GLN C 204 -12.13 30.88 -26.33
C GLN C 204 -12.34 31.82 -27.52
N SER C 205 -12.81 31.24 -28.62
CA SER C 205 -13.11 32.00 -29.82
C SER C 205 -14.19 31.26 -30.60
N ARG C 206 -15.19 32.01 -31.08
CA ARG C 206 -16.34 31.39 -31.72
C ARG C 206 -15.94 30.62 -32.97
N THR C 207 -14.89 31.04 -33.65
CA THR C 207 -14.38 30.32 -34.82
C THR C 207 -12.91 30.67 -34.99
N VAL C 208 -12.28 30.03 -35.97
CA VAL C 208 -10.83 30.16 -36.15
C VAL C 208 -10.47 31.58 -36.57
N GLU C 209 -11.30 32.21 -37.40
CA GLU C 209 -11.01 33.54 -37.94
C GLU C 209 -11.79 34.64 -37.23
N SER C 210 -12.41 34.34 -36.10
CA SER C 210 -13.20 35.33 -35.39
C SER C 210 -12.32 36.46 -34.87
N ASN C 211 -12.82 37.69 -34.99
CA ASN C 211 -12.07 38.86 -34.56
C ASN C 211 -12.19 39.15 -33.07
N ASP C 212 -13.13 38.52 -32.37
CA ASP C 212 -13.31 38.71 -30.94
C ASP C 212 -12.74 37.52 -30.17
N LEU C 213 -12.27 37.80 -28.97
CA LEU C 213 -11.60 36.78 -28.17
C LEU C 213 -11.90 37.04 -26.70
N TYR C 214 -11.96 35.96 -25.92
CA TYR C 214 -12.20 36.03 -24.48
C TYR C 214 -11.06 35.31 -23.78
N ALA C 215 -10.32 36.04 -22.96
CA ALA C 215 -9.15 35.51 -22.26
C ALA C 215 -9.21 35.87 -20.79
N ASN C 216 -8.91 34.88 -19.94
CA ASN C 216 -8.87 35.08 -18.49
C ASN C 216 -7.69 34.25 -17.98
N THR C 217 -6.54 34.91 -17.86
CA THR C 217 -5.30 34.24 -17.49
C THR C 217 -4.64 34.83 -16.24
N ALA C 218 -5.29 35.79 -15.58
CA ALA C 218 -4.82 36.37 -14.32
C ALA C 218 -3.46 37.05 -14.48
N LEU C 219 -3.41 37.99 -15.40
CA LEU C 219 -2.22 38.82 -15.60
C LEU C 219 -2.18 39.91 -14.54
N LYS C 220 -1.06 40.02 -13.84
CA LYS C 220 -0.82 41.10 -12.89
C LYS C 220 0.60 41.63 -13.09
N LEU C 221 0.75 42.94 -13.02
CA LEU C 221 2.05 43.58 -13.16
C LEU C 221 2.71 43.73 -11.79
N ALA C 222 3.93 44.24 -11.79
CA ALA C 222 4.70 44.40 -10.57
C ALA C 222 5.57 45.64 -10.71
N ARG C 223 5.99 46.18 -9.57
CA ARG C 223 6.76 47.41 -9.57
C ARG C 223 8.19 47.12 -10.04
N PRO C 224 8.73 47.90 -10.96
CA PRO C 224 10.09 47.64 -11.46
C PRO C 224 11.13 47.77 -10.35
N SER C 225 12.15 46.91 -10.45
CA SER C 225 13.23 46.92 -9.49
C SER C 225 14.02 48.23 -9.59
N PRO C 226 14.58 48.72 -8.48
CA PRO C 226 15.30 49.99 -8.52
C PRO C 226 16.50 49.94 -9.46
N GLY C 227 16.70 51.04 -10.19
CA GLY C 227 17.82 51.18 -11.09
C GLY C 227 17.82 50.21 -12.25
N MET C 228 16.65 49.96 -12.84
CA MET C 228 16.55 49.04 -13.95
C MET C 228 15.38 49.44 -14.83
N VAL C 229 15.42 49.02 -16.09
CA VAL C 229 14.37 49.33 -17.06
C VAL C 229 13.80 47.99 -17.52
N HIS C 230 12.70 47.57 -16.89
CA HIS C 230 12.04 46.33 -17.25
C HIS C 230 10.59 46.39 -16.79
N VAL C 231 9.77 45.54 -17.39
CA VAL C 231 8.36 45.43 -17.03
C VAL C 231 8.08 44.01 -16.57
N PRO C 232 7.99 43.77 -15.27
CA PRO C 232 7.74 42.41 -14.77
C PRO C 232 6.26 42.08 -14.71
N TYR C 233 5.97 40.79 -14.84
CA TYR C 233 4.59 40.32 -14.81
C TYR C 233 4.57 38.86 -14.38
N THR C 234 3.57 38.52 -13.56
CA THR C 234 3.35 37.15 -13.11
C THR C 234 2.00 36.68 -13.64
N GLN C 235 1.99 35.49 -14.24
CA GLN C 235 0.79 35.01 -14.94
C GLN C 235 0.74 33.49 -14.90
N THR C 236 -0.47 32.97 -14.73
CA THR C 236 -0.67 31.53 -14.73
C THR C 236 -0.38 30.96 -16.12
N PRO C 237 0.32 29.83 -16.21
CA PRO C 237 0.69 29.29 -17.52
C PRO C 237 -0.52 28.89 -18.36
N SER C 238 -0.26 28.58 -19.62
CA SER C 238 -1.32 28.26 -20.56
C SER C 238 -2.05 26.99 -20.14
N GLY C 239 -3.39 27.03 -20.20
CA GLY C 239 -4.17 25.86 -19.86
C GLY C 239 -4.19 24.81 -20.96
N PHE C 240 -3.96 25.24 -22.21
CA PHE C 240 -3.99 24.28 -23.31
C PHE C 240 -2.87 23.26 -23.19
N LYS C 241 -1.68 23.70 -22.80
CA LYS C 241 -0.58 22.75 -22.61
C LYS C 241 -0.86 21.81 -21.44
N TYR C 242 -1.46 22.33 -20.36
CA TYR C 242 -1.82 21.48 -19.24
C TYR C 242 -2.83 20.41 -19.67
N TRP C 243 -3.82 20.79 -20.46
CA TRP C 243 -4.76 19.80 -20.98
C TRP C 243 -4.06 18.85 -21.94
N LEU C 244 -3.03 19.32 -22.63
CA LEU C 244 -2.28 18.47 -23.54
C LEU C 244 -1.41 17.48 -22.78
N LYS C 245 -1.15 17.74 -21.50
CA LYS C 245 -0.27 16.86 -20.74
C LYS C 245 -1.00 15.75 -19.99
N GLU C 246 -2.13 16.04 -19.34
CA GLU C 246 -2.92 15.00 -18.66
C GLU C 246 -4.37 15.04 -19.12
N LYS C 247 -4.59 15.05 -20.44
CA LYS C 247 -5.94 15.05 -20.97
C LYS C 247 -6.72 13.82 -20.48
N GLY C 248 -6.06 12.66 -20.46
CA GLY C 248 -6.68 11.44 -19.98
C GLY C 248 -6.49 10.31 -20.98
N THR C 249 -7.51 9.46 -21.08
CA THR C 249 -7.51 8.36 -22.02
C THR C 249 -8.45 8.68 -23.16
N ALA C 250 -7.94 8.62 -24.39
CA ALA C 250 -8.75 8.92 -25.56
C ALA C 250 -9.81 7.86 -25.76
N LEU C 251 -10.92 8.27 -26.37
CA LEU C 251 -12.00 7.34 -26.67
C LEU C 251 -11.59 6.32 -27.73
N ASN C 252 -10.48 6.56 -28.44
CA ASN C 252 -10.00 5.59 -29.42
C ASN C 252 -9.63 4.27 -28.76
N THR C 253 -9.24 4.31 -27.48
CA THR C 253 -8.89 3.11 -26.72
C THR C 253 -9.90 2.82 -25.62
N LYS C 254 -11.13 3.31 -25.78
CA LYS C 254 -12.19 3.04 -24.81
C LYS C 254 -13.52 2.64 -25.44
N ALA C 255 -13.69 2.77 -26.75
CA ALA C 255 -15.00 2.57 -27.36
C ALA C 255 -15.43 1.12 -27.24
N PRO C 256 -16.65 0.86 -26.77
CA PRO C 256 -17.17 -0.52 -26.73
C PRO C 256 -17.55 -1.00 -28.13
N PHE C 257 -17.81 -2.30 -28.21
CA PHE C 257 -18.19 -2.98 -29.44
C PHE C 257 -17.11 -2.94 -30.51
N GLY C 258 -15.86 -2.67 -30.12
CA GLY C 258 -14.78 -2.65 -31.09
C GLY C 258 -14.92 -1.61 -32.17
N CYS C 259 -15.32 -0.39 -31.80
CA CYS C 259 -15.59 0.66 -32.77
C CYS C 259 -14.32 1.46 -33.02
N GLN C 260 -13.80 1.37 -34.24
CA GLN C 260 -12.66 2.20 -34.63
C GLN C 260 -13.12 3.63 -34.86
N ILE C 261 -12.41 4.58 -34.26
CA ILE C 261 -12.81 5.99 -34.29
C ILE C 261 -11.82 6.76 -35.14
N LYS C 262 -12.33 7.44 -36.16
CA LYS C 262 -11.56 8.30 -37.03
C LYS C 262 -12.11 9.72 -36.95
N THR C 263 -11.37 10.66 -37.50
CA THR C 263 -11.79 12.05 -37.57
C THR C 263 -11.73 12.54 -39.00
N ASN C 264 -12.24 13.74 -39.22
CA ASN C 264 -12.27 14.41 -40.53
C ASN C 264 -13.00 13.56 -41.57
N PRO C 265 -14.33 13.40 -41.47
CA PRO C 265 -15.23 13.88 -40.41
C PRO C 265 -15.23 12.94 -39.22
N VAL C 266 -15.76 13.37 -38.07
CA VAL C 266 -15.81 12.52 -36.90
C VAL C 266 -16.79 11.39 -37.14
N ARG C 267 -16.29 10.15 -37.09
CA ARG C 267 -17.13 8.99 -37.35
C ARG C 267 -16.58 7.79 -36.60
N ALA C 268 -17.47 6.85 -36.31
CA ALA C 268 -17.11 5.57 -35.70
C ALA C 268 -17.43 4.45 -36.69
N MET C 269 -16.46 3.60 -36.95
CA MET C 269 -16.57 2.59 -38.00
C MET C 269 -16.54 1.19 -37.40
N ASN C 270 -17.23 0.27 -38.09
CA ASN C 270 -17.24 -1.15 -37.73
C ASN C 270 -17.78 -1.38 -36.33
N CYS C 271 -18.95 -0.80 -36.04
CA CYS C 271 -19.63 -1.05 -34.78
C CYS C 271 -20.58 -2.23 -34.93
N ALA C 272 -20.49 -3.19 -34.02
CA ALA C 272 -21.27 -4.42 -34.09
C ALA C 272 -22.41 -4.35 -33.08
N VAL C 273 -23.61 -3.98 -33.53
CA VAL C 273 -24.78 -3.91 -32.68
C VAL C 273 -26.05 -3.87 -33.54
N GLY C 274 -27.09 -4.57 -33.11
CA GLY C 274 -28.39 -4.48 -33.75
C GLY C 274 -28.50 -5.30 -35.03
N ASN C 275 -29.67 -5.16 -35.66
CA ASN C 275 -29.97 -5.86 -36.90
C ASN C 275 -30.52 -4.87 -37.91
N ILE C 276 -30.30 -5.16 -39.19
CA ILE C 276 -30.74 -4.31 -40.29
C ILE C 276 -31.86 -5.02 -41.03
N PRO C 277 -33.10 -4.52 -40.97
CA PRO C 277 -34.15 -5.07 -41.83
C PRO C 277 -33.85 -4.78 -43.30
N VAL C 278 -34.27 -5.70 -44.16
CA VAL C 278 -34.06 -5.58 -45.60
C VAL C 278 -35.39 -5.82 -46.31
N SER C 279 -35.77 -4.90 -47.19
CA SER C 279 -36.97 -5.01 -48.00
C SER C 279 -36.60 -4.93 -49.46
N MET C 280 -37.17 -5.81 -50.28
CA MET C 280 -36.76 -5.96 -51.66
C MET C 280 -37.96 -6.20 -52.56
N ASN C 281 -37.72 -6.08 -53.87
CA ASN C 281 -38.76 -6.30 -54.88
C ASN C 281 -38.03 -6.90 -56.09
N LEU C 282 -38.05 -8.23 -56.16
CA LEU C 282 -37.37 -8.95 -57.23
C LEU C 282 -38.17 -8.92 -58.52
N PRO C 283 -37.50 -8.99 -59.67
CA PRO C 283 -38.20 -9.20 -60.93
C PRO C 283 -38.48 -10.67 -61.15
N ASP C 284 -39.33 -10.94 -62.14
CA ASP C 284 -39.70 -12.32 -62.47
C ASP C 284 -38.66 -13.03 -63.33
N SER C 285 -37.64 -12.31 -63.80
CA SER C 285 -36.61 -12.91 -64.65
C SER C 285 -35.42 -13.44 -63.86
N ALA C 286 -35.46 -13.38 -62.53
CA ALA C 286 -34.37 -13.88 -61.70
C ALA C 286 -34.66 -15.27 -61.13
N PHE C 287 -35.81 -15.84 -61.43
CA PHE C 287 -36.16 -17.17 -60.96
C PHE C 287 -36.06 -18.19 -62.10
N THR C 288 -36.40 -19.44 -61.78
CA THR C 288 -36.48 -20.51 -62.77
C THR C 288 -37.76 -21.30 -62.53
N ARG C 289 -38.46 -21.63 -63.60
CA ARG C 289 -39.71 -22.35 -63.48
C ARG C 289 -39.46 -23.80 -63.05
N ILE C 290 -40.50 -24.43 -62.51
CA ILE C 290 -40.40 -25.81 -62.05
C ILE C 290 -40.14 -26.76 -63.21
N VAL C 291 -40.76 -26.49 -64.38
CA VAL C 291 -40.72 -27.43 -65.49
C VAL C 291 -39.28 -27.68 -65.94
N GLU C 292 -38.47 -26.62 -66.02
CA GLU C 292 -37.06 -26.76 -66.37
C GLU C 292 -36.15 -26.85 -65.16
N ALA C 293 -36.71 -26.99 -63.97
CA ALA C 293 -35.88 -27.23 -62.80
C ALA C 293 -35.86 -28.71 -62.45
N PRO C 294 -34.75 -29.19 -61.90
CA PRO C 294 -34.67 -30.62 -61.54
C PRO C 294 -35.63 -30.97 -60.42
N THR C 295 -36.02 -32.24 -60.37
CA THR C 295 -36.83 -32.77 -59.28
C THR C 295 -36.00 -33.75 -58.48
N ILE C 296 -36.01 -33.57 -57.15
CA ILE C 296 -35.26 -34.41 -56.23
C ILE C 296 -36.25 -35.20 -55.39
N ILE C 297 -36.13 -36.53 -55.40
CA ILE C 297 -37.02 -37.40 -54.65
C ILE C 297 -36.19 -38.36 -53.82
N ASP C 298 -36.74 -38.77 -52.68
CA ASP C 298 -36.14 -39.75 -51.78
C ASP C 298 -34.73 -39.29 -51.34
N LEU C 299 -34.72 -38.17 -50.64
CA LEU C 299 -33.49 -37.55 -50.17
C LEU C 299 -33.35 -37.79 -48.68
N THR C 300 -32.23 -38.40 -48.28
CA THR C 300 -31.92 -38.63 -46.87
C THR C 300 -30.51 -38.11 -46.60
N CYS C 301 -30.28 -37.72 -45.35
CA CYS C 301 -29.09 -36.97 -44.99
C CYS C 301 -28.29 -37.70 -43.92
N THR C 302 -26.99 -37.42 -43.89
CA THR C 302 -26.09 -38.00 -42.90
C THR C 302 -24.90 -37.06 -42.72
N VAL C 303 -24.23 -37.19 -41.58
CA VAL C 303 -23.09 -36.36 -41.23
C VAL C 303 -21.89 -37.26 -40.99
N ALA C 304 -20.76 -36.91 -41.61
CA ALA C 304 -19.55 -37.71 -41.44
C ALA C 304 -18.78 -37.30 -40.19
N THR C 305 -18.31 -36.05 -40.14
CA THR C 305 -17.55 -35.57 -39.00
C THR C 305 -18.10 -34.21 -38.60
N CYS C 306 -17.94 -33.88 -37.32
CA CYS C 306 -18.36 -32.59 -36.79
C CYS C 306 -17.46 -32.17 -35.64
N THR C 307 -17.13 -30.89 -35.62
CA THR C 307 -16.31 -30.32 -34.55
C THR C 307 -16.66 -28.85 -34.45
N HIS C 308 -17.36 -28.46 -33.38
CA HIS C 308 -17.88 -27.11 -33.29
C HIS C 308 -16.73 -26.13 -33.02
N SER C 309 -16.21 -25.55 -34.10
CA SER C 309 -15.13 -24.58 -34.01
C SER C 309 -15.54 -23.34 -34.81
N SER C 310 -14.67 -22.34 -34.83
CA SER C 310 -15.00 -21.09 -35.52
C SER C 310 -14.98 -21.24 -37.02
N ASP C 311 -14.23 -22.21 -37.56
CA ASP C 311 -14.22 -22.46 -38.98
C ASP C 311 -15.42 -23.31 -39.38
N PHE C 312 -15.43 -23.78 -40.62
CA PHE C 312 -16.49 -24.68 -41.09
C PHE C 312 -16.09 -26.11 -40.78
N GLY C 313 -16.14 -26.42 -39.48
CA GLY C 313 -15.73 -27.72 -38.99
C GLY C 313 -16.83 -28.76 -39.02
N GLY C 314 -17.20 -29.21 -40.21
CA GLY C 314 -18.19 -30.25 -40.35
C GLY C 314 -18.60 -30.49 -41.80
N VAL C 315 -18.74 -31.75 -42.18
CA VAL C 315 -19.14 -32.13 -43.52
C VAL C 315 -20.36 -33.04 -43.44
N LEU C 316 -21.28 -32.87 -44.38
CA LEU C 316 -22.46 -33.72 -44.48
C LEU C 316 -22.68 -34.09 -45.94
N THR C 317 -23.18 -35.29 -46.17
CA THR C 317 -23.39 -35.81 -47.52
C THR C 317 -24.86 -36.09 -47.73
N LEU C 318 -25.35 -35.74 -48.93
CA LEU C 318 -26.75 -35.91 -49.29
C LEU C 318 -26.88 -36.93 -50.41
N THR C 319 -27.82 -37.85 -50.25
CA THR C 319 -28.11 -38.87 -51.25
C THR C 319 -29.52 -38.65 -51.80
N TYR C 320 -29.68 -38.90 -53.09
CA TYR C 320 -30.91 -38.52 -53.78
C TYR C 320 -31.03 -39.30 -55.08
N LYS C 321 -32.19 -39.15 -55.73
CA LYS C 321 -32.42 -39.65 -57.07
C LYS C 321 -33.05 -38.54 -57.90
N THR C 322 -32.46 -38.27 -59.05
CA THR C 322 -32.92 -37.18 -59.91
C THR C 322 -33.24 -37.68 -61.32
N ASP C 323 -33.71 -36.80 -62.19
CA ASP C 323 -33.98 -37.14 -63.57
C ASP C 323 -33.00 -36.53 -64.57
N LYS C 324 -32.52 -35.32 -64.30
CA LYS C 324 -31.60 -34.65 -65.20
C LYS C 324 -30.62 -33.81 -64.39
N ASN C 325 -29.47 -33.54 -64.99
CA ASN C 325 -28.46 -32.73 -64.33
C ASN C 325 -28.88 -31.27 -64.29
N GLY C 326 -28.31 -30.53 -63.34
CA GLY C 326 -28.63 -29.14 -63.18
C GLY C 326 -27.99 -28.57 -61.93
N ASP C 327 -28.38 -27.34 -61.61
CA ASP C 327 -27.88 -26.64 -60.44
C ASP C 327 -29.05 -26.29 -59.53
N CYS C 328 -28.89 -26.55 -58.24
CA CYS C 328 -29.94 -26.33 -57.26
C CYS C 328 -29.46 -25.38 -56.17
N SER C 329 -30.39 -24.71 -55.52
CA SER C 329 -30.11 -23.80 -54.42
C SER C 329 -30.27 -24.56 -53.12
N VAL C 330 -29.29 -24.44 -52.23
CA VAL C 330 -29.24 -25.20 -50.99
C VAL C 330 -29.16 -24.23 -49.82
N HIS C 331 -29.96 -24.50 -48.79
CA HIS C 331 -30.06 -23.61 -47.64
C HIS C 331 -30.45 -24.41 -46.41
N SER C 332 -30.02 -23.93 -45.25
CA SER C 332 -30.38 -24.52 -43.97
C SER C 332 -31.53 -23.73 -43.35
N HIS C 333 -32.62 -24.43 -43.05
CA HIS C 333 -33.84 -23.79 -42.58
C HIS C 333 -33.81 -23.46 -41.09
N SER C 334 -32.70 -23.70 -40.41
CA SER C 334 -32.59 -23.42 -38.98
C SER C 334 -31.49 -22.40 -38.76
N ASN C 335 -31.20 -22.15 -37.48
CA ASN C 335 -30.25 -21.13 -37.08
C ASN C 335 -29.01 -21.72 -36.44
N VAL C 336 -29.13 -22.93 -35.88
CA VAL C 336 -28.03 -23.54 -35.13
C VAL C 336 -26.79 -23.69 -36.00
N ALA C 337 -26.96 -24.08 -37.25
CA ALA C 337 -25.85 -24.32 -38.16
C ALA C 337 -25.99 -23.46 -39.39
N THR C 338 -24.88 -22.90 -39.86
CA THR C 338 -24.83 -22.09 -41.07
C THR C 338 -23.99 -22.81 -42.12
N LEU C 339 -24.52 -22.89 -43.33
CA LEU C 339 -23.84 -23.54 -44.43
C LEU C 339 -22.75 -22.64 -44.99
N GLN C 340 -22.01 -23.13 -45.97
CA GLN C 340 -20.98 -22.35 -46.65
C GLN C 340 -21.33 -22.03 -48.09
N GLU C 341 -21.68 -23.03 -48.89
CA GLU C 341 -22.04 -22.83 -50.28
C GLU C 341 -23.53 -22.49 -50.38
N ALA C 342 -23.86 -21.64 -51.35
CA ALA C 342 -25.25 -21.26 -51.58
C ALA C 342 -25.87 -22.02 -52.74
N THR C 343 -25.08 -22.49 -53.69
CA THR C 343 -25.56 -23.31 -54.79
C THR C 343 -24.71 -24.58 -54.87
N ALA C 344 -25.31 -25.63 -55.42
CA ALA C 344 -24.61 -26.91 -55.57
C ALA C 344 -24.99 -27.51 -56.91
N LYS C 345 -24.09 -28.36 -57.42
CA LYS C 345 -24.31 -29.07 -58.68
C LYS C 345 -24.80 -30.47 -58.38
N VAL C 346 -25.91 -30.85 -59.00
CA VAL C 346 -26.47 -32.19 -58.83
C VAL C 346 -26.22 -32.99 -60.10
N LYS C 347 -25.97 -34.28 -59.94
CA LYS C 347 -25.70 -35.18 -61.04
C LYS C 347 -26.51 -36.46 -60.89
N THR C 348 -26.46 -37.30 -61.91
CA THR C 348 -27.16 -38.58 -61.87
C THR C 348 -26.50 -39.57 -60.92
N ALA C 349 -25.25 -39.30 -60.50
CA ALA C 349 -24.57 -40.21 -59.58
C ALA C 349 -25.32 -40.32 -58.26
N GLY C 350 -25.78 -39.20 -57.72
CA GLY C 350 -26.60 -39.22 -56.53
C GLY C 350 -25.88 -38.97 -55.22
N LYS C 351 -24.92 -38.04 -55.19
CA LYS C 351 -24.22 -37.71 -53.96
C LYS C 351 -23.59 -36.33 -54.09
N VAL C 352 -23.88 -35.45 -53.12
CA VAL C 352 -23.27 -34.14 -53.03
C VAL C 352 -22.77 -33.94 -51.61
N THR C 353 -21.72 -33.13 -51.48
CA THR C 353 -21.07 -32.90 -50.20
C THR C 353 -21.12 -31.43 -49.85
N LEU C 354 -21.38 -31.14 -48.57
CA LEU C 354 -21.62 -29.80 -48.08
C LEU C 354 -20.78 -29.54 -46.84
N HIS C 355 -20.40 -28.27 -46.66
CA HIS C 355 -19.67 -27.83 -45.49
C HIS C 355 -20.55 -26.94 -44.63
N PHE C 356 -20.33 -26.99 -43.31
CA PHE C 356 -21.17 -26.24 -42.39
C PHE C 356 -20.42 -26.02 -41.09
N SER C 357 -20.91 -25.06 -40.31
CA SER C 357 -20.32 -24.73 -39.02
C SER C 357 -21.43 -24.63 -37.98
N THR C 358 -21.08 -24.96 -36.74
CA THR C 358 -22.05 -24.96 -35.65
C THR C 358 -21.31 -24.69 -34.34
N ALA C 359 -22.08 -24.55 -33.27
CA ALA C 359 -21.50 -24.30 -31.95
C ALA C 359 -22.15 -25.13 -30.85
N SER C 360 -23.12 -25.98 -31.17
CA SER C 360 -23.81 -26.78 -30.18
C SER C 360 -23.22 -28.18 -30.11
N ALA C 361 -23.46 -28.85 -28.97
CA ALA C 361 -22.98 -30.21 -28.80
C ALA C 361 -23.66 -31.17 -29.77
N SER C 362 -24.96 -30.96 -30.01
CA SER C 362 -25.73 -31.83 -30.90
C SER C 362 -26.72 -30.98 -31.69
N PRO C 363 -26.42 -30.65 -32.93
CA PRO C 363 -27.34 -29.84 -33.74
C PRO C 363 -28.32 -30.67 -34.54
N SER C 364 -29.49 -30.07 -34.77
CA SER C 364 -30.51 -30.63 -35.66
C SER C 364 -31.06 -29.50 -36.52
N PHE C 365 -31.19 -29.77 -37.82
CA PHE C 365 -31.70 -28.77 -38.73
C PHE C 365 -32.27 -29.45 -39.96
N VAL C 366 -32.96 -28.66 -40.78
CA VAL C 366 -33.57 -29.14 -42.02
C VAL C 366 -32.78 -28.52 -43.18
N VAL C 367 -32.22 -29.37 -44.02
CA VAL C 367 -31.43 -28.92 -45.16
C VAL C 367 -32.23 -29.19 -46.42
N SER C 368 -32.38 -28.16 -47.26
CA SER C 368 -33.21 -28.23 -48.45
C SER C 368 -32.33 -28.16 -49.70
N LEU C 369 -32.54 -29.10 -50.61
CA LEU C 369 -31.90 -29.10 -51.92
C LEU C 369 -33.01 -28.94 -52.95
N CYS C 370 -33.01 -27.79 -53.64
CA CYS C 370 -34.11 -27.41 -54.52
C CYS C 370 -35.45 -27.50 -53.78
N SER C 371 -36.40 -28.23 -54.35
CA SER C 371 -37.72 -28.35 -53.75
C SER C 371 -37.81 -29.47 -52.72
N ALA C 372 -36.78 -30.31 -52.59
CA ALA C 372 -36.77 -31.40 -51.63
C ALA C 372 -36.39 -30.89 -50.24
N ARG C 373 -36.69 -31.71 -49.24
CA ARG C 373 -36.46 -31.34 -47.85
C ARG C 373 -36.21 -32.59 -47.03
N ALA C 374 -35.16 -32.52 -46.21
CA ALA C 374 -34.77 -33.65 -45.37
C ALA C 374 -34.14 -33.11 -44.10
N THR C 375 -34.04 -33.98 -43.10
CA THR C 375 -33.58 -33.61 -41.77
C THR C 375 -32.20 -34.19 -41.49
N CYS C 376 -31.41 -33.44 -40.73
CA CYS C 376 -30.08 -33.85 -40.32
C CYS C 376 -29.91 -33.68 -38.83
N SER C 377 -29.12 -34.57 -38.22
CA SER C 377 -28.82 -34.52 -36.80
C SER C 377 -27.51 -35.26 -36.57
N ALA C 378 -26.68 -34.75 -35.68
CA ALA C 378 -25.34 -35.29 -35.51
C ALA C 378 -24.84 -34.98 -34.10
N SER C 379 -23.68 -35.55 -33.79
CA SER C 379 -22.98 -35.30 -32.53
C SER C 379 -21.60 -34.75 -32.83
N CYS C 380 -21.23 -33.68 -32.14
CA CYS C 380 -19.98 -32.97 -32.41
C CYS C 380 -19.10 -32.97 -31.17
N GLU C 381 -17.79 -32.86 -31.38
CA GLU C 381 -16.79 -32.89 -30.32
C GLU C 381 -16.10 -31.53 -30.20
N PRO C 382 -15.63 -31.18 -29.00
CA PRO C 382 -15.01 -29.87 -28.81
C PRO C 382 -13.66 -29.81 -29.49
N PRO C 383 -13.15 -28.62 -29.78
CA PRO C 383 -11.83 -28.49 -30.39
C PRO C 383 -10.72 -28.39 -29.35
N LYS C 384 -9.48 -28.36 -29.85
CA LYS C 384 -8.31 -28.36 -28.99
C LYS C 384 -7.58 -27.03 -28.95
N ASP C 385 -7.55 -26.30 -30.06
CA ASP C 385 -6.90 -25.00 -30.10
C ASP C 385 -7.64 -24.02 -29.19
N HIS C 386 -6.89 -23.21 -28.46
CA HIS C 386 -7.50 -22.29 -27.49
C HIS C 386 -7.94 -21.00 -28.14
N ILE C 387 -7.03 -20.32 -28.85
CA ILE C 387 -7.24 -18.96 -29.31
C ILE C 387 -6.94 -18.88 -30.81
N VAL C 388 -7.83 -18.20 -31.54
CA VAL C 388 -7.72 -18.11 -32.99
C VAL C 388 -7.81 -16.66 -33.42
N PRO C 389 -7.18 -16.27 -34.53
CA PRO C 389 -7.16 -14.85 -34.94
C PRO C 389 -8.32 -14.40 -35.82
N TYR C 390 -9.39 -15.19 -35.96
CA TYR C 390 -10.53 -14.80 -36.78
C TYR C 390 -11.81 -14.88 -35.96
N ALA C 391 -12.79 -14.06 -36.34
CA ALA C 391 -14.08 -14.04 -35.67
C ALA C 391 -14.87 -15.30 -35.99
N ALA C 392 -15.84 -15.60 -35.12
CA ALA C 392 -16.67 -16.77 -35.31
C ALA C 392 -17.55 -16.62 -36.56
N SER C 393 -17.73 -17.73 -37.28
CA SER C 393 -18.55 -17.75 -38.48
C SER C 393 -19.87 -18.49 -38.26
N HIS C 394 -20.31 -18.58 -37.00
CA HIS C 394 -21.55 -19.27 -36.65
C HIS C 394 -22.37 -18.39 -35.71
N SER C 395 -23.67 -18.39 -35.90
CA SER C 395 -24.55 -17.71 -34.96
C SER C 395 -24.48 -18.43 -33.61
N ASN C 396 -24.21 -17.67 -32.56
CA ASN C 396 -23.89 -18.24 -31.25
C ASN C 396 -25.14 -18.90 -30.67
N VAL C 397 -25.17 -20.23 -30.69
CA VAL C 397 -26.24 -21.00 -30.06
C VAL C 397 -25.59 -22.21 -29.38
N VAL C 398 -26.12 -22.59 -28.22
CA VAL C 398 -25.53 -23.68 -27.45
C VAL C 398 -26.55 -24.75 -27.06
N PHE C 399 -27.83 -24.46 -26.99
CA PHE C 399 -28.80 -25.43 -26.49
C PHE C 399 -28.86 -26.65 -27.40
N PRO C 400 -28.77 -27.87 -26.86
CA PRO C 400 -28.80 -29.07 -27.68
C PRO C 400 -30.22 -29.39 -28.15
N ASP C 401 -30.29 -30.37 -29.04
CA ASP C 401 -31.54 -30.82 -29.61
C ASP C 401 -32.32 -31.61 -28.55
N MET C 402 -33.64 -31.65 -28.73
CA MET C 402 -34.49 -32.43 -27.83
C MET C 402 -34.07 -33.88 -27.76
N SER C 403 -33.50 -34.41 -28.84
CA SER C 403 -33.11 -35.81 -28.92
C SER C 403 -31.61 -36.04 -28.67
N GLY C 404 -30.91 -35.03 -28.16
CA GLY C 404 -29.50 -35.21 -27.83
C GLY C 404 -29.32 -36.11 -26.63
N THR C 405 -28.06 -36.50 -26.40
CA THR C 405 -27.76 -37.51 -25.39
C THR C 405 -28.12 -37.03 -23.98
N ALA C 406 -27.68 -35.84 -23.61
CA ALA C 406 -27.97 -35.34 -22.26
C ALA C 406 -29.46 -35.11 -22.07
N LEU C 407 -30.11 -34.48 -23.05
CA LEU C 407 -31.55 -34.31 -22.98
C LEU C 407 -32.26 -35.66 -23.04
N SER C 408 -31.68 -36.65 -23.70
CA SER C 408 -32.26 -38.00 -23.67
C SER C 408 -32.21 -38.59 -22.27
N TRP C 409 -31.09 -38.43 -21.57
CA TRP C 409 -30.99 -38.92 -20.20
C TRP C 409 -32.02 -38.21 -19.32
N VAL C 410 -32.14 -36.90 -19.45
CA VAL C 410 -33.12 -36.16 -18.67
C VAL C 410 -34.52 -36.66 -18.98
N GLN C 411 -34.81 -36.88 -20.27
CA GLN C 411 -36.12 -37.35 -20.70
C GLN C 411 -36.45 -38.70 -20.09
N LYS C 412 -35.50 -39.64 -20.12
CA LYS C 412 -35.79 -40.98 -19.65
C LYS C 412 -35.94 -41.03 -18.14
N ILE C 413 -35.11 -40.27 -17.41
CA ILE C 413 -35.25 -40.20 -15.96
C ILE C 413 -36.59 -39.58 -15.59
N SER C 414 -36.95 -38.47 -16.24
CA SER C 414 -38.22 -37.82 -15.96
C SER C 414 -39.40 -38.73 -16.31
N GLY C 415 -39.29 -39.48 -17.40
CA GLY C 415 -40.36 -40.40 -17.76
C GLY C 415 -40.54 -41.50 -16.75
N GLY C 416 -39.43 -42.07 -16.26
CA GLY C 416 -39.55 -43.07 -15.21
C GLY C 416 -40.20 -42.53 -13.95
N LEU C 417 -39.75 -41.35 -13.51
CA LEU C 417 -40.34 -40.76 -12.32
C LEU C 417 -41.83 -40.45 -12.53
N GLY C 418 -42.18 -39.94 -13.70
CA GLY C 418 -43.57 -39.61 -13.96
C GLY C 418 -44.46 -40.83 -14.02
N ALA C 419 -43.97 -41.91 -14.63
CA ALA C 419 -44.75 -43.14 -14.66
C ALA C 419 -44.96 -43.70 -13.24
N PHE C 420 -43.91 -43.65 -12.41
CA PHE C 420 -44.03 -44.12 -11.04
C PHE C 420 -45.05 -43.30 -10.26
N ALA C 421 -44.99 -41.97 -10.42
CA ALA C 421 -45.95 -41.10 -9.73
C ALA C 421 -47.37 -41.32 -10.23
N ILE C 422 -47.52 -41.57 -11.54
CA ILE C 422 -48.85 -41.83 -12.11
C ILE C 422 -49.42 -43.12 -11.54
N GLY C 423 -48.59 -44.15 -11.41
CA GLY C 423 -49.04 -45.38 -10.79
C GLY C 423 -49.47 -45.19 -9.35
N ALA C 424 -48.71 -44.40 -8.60
CA ALA C 424 -49.10 -44.10 -7.22
C ALA C 424 -50.43 -43.36 -7.15
N ILE C 425 -50.61 -42.38 -8.05
CA ILE C 425 -51.88 -41.65 -8.11
C ILE C 425 -53.03 -42.60 -8.42
N LEU C 426 -52.81 -43.52 -9.35
CA LEU C 426 -53.85 -44.48 -9.70
C LEU C 426 -54.21 -45.38 -8.53
N VAL C 427 -53.20 -45.82 -7.77
CA VAL C 427 -53.51 -46.70 -6.65
C VAL C 427 -54.25 -45.93 -5.56
N LEU C 428 -53.90 -44.66 -5.33
CA LEU C 428 -54.66 -43.85 -4.39
C LEU C 428 -56.11 -43.69 -4.84
N VAL C 429 -56.31 -43.43 -6.14
CA VAL C 429 -57.67 -43.22 -6.64
C VAL C 429 -58.49 -44.49 -6.49
N VAL C 430 -57.91 -45.65 -6.82
CA VAL C 430 -58.68 -46.89 -6.74
C VAL C 430 -59.00 -47.23 -5.29
N VAL C 431 -58.05 -46.99 -4.37
CA VAL C 431 -58.31 -47.24 -2.96
C VAL C 431 -59.41 -46.32 -2.44
N THR C 432 -59.37 -45.05 -2.85
CA THR C 432 -60.43 -44.12 -2.45
C THR C 432 -61.78 -44.55 -2.97
N CYS C 433 -61.83 -45.03 -4.22
CA CYS C 433 -63.10 -45.46 -4.79
C CYS C 433 -63.67 -46.65 -4.02
N ILE C 434 -62.84 -47.67 -3.75
CA ILE C 434 -63.37 -48.85 -3.07
C ILE C 434 -63.76 -48.50 -1.64
N GLY C 435 -63.00 -47.60 -0.98
CA GLY C 435 -63.38 -47.19 0.35
C GLY C 435 -64.69 -46.41 0.38
N LEU C 436 -64.92 -45.57 -0.63
CA LEU C 436 -66.13 -44.75 -0.65
C LEU C 436 -67.37 -45.57 -1.01
N ARG C 437 -67.24 -46.57 -1.88
CA ARG C 437 -68.42 -47.32 -2.28
C ARG C 437 -69.04 -48.05 -1.09
N ARG C 438 -68.22 -48.51 -0.16
CA ARG C 438 -68.72 -49.16 1.06
C ARG C 438 -69.55 -48.19 1.88
N GLY D 1 -58.05 -58.32 68.93
CA GLY D 1 -58.87 -57.75 69.99
C GLY D 1 -58.47 -56.33 70.36
N LYS D 2 -58.33 -56.08 71.66
CA LYS D 2 -57.93 -54.76 72.12
C LYS D 2 -56.52 -54.42 71.67
N ARG D 3 -55.62 -55.41 71.70
CA ARG D 3 -54.25 -55.18 71.24
C ARG D 3 -54.21 -54.84 69.76
N GLU D 4 -55.02 -55.53 68.96
CA GLU D 4 -55.12 -55.21 67.54
C GLU D 4 -55.65 -53.79 67.34
N ARG D 5 -56.65 -53.41 68.13
CA ARG D 5 -57.24 -52.08 68.02
C ARG D 5 -56.21 -51.00 68.35
N MET D 6 -55.43 -51.19 69.42
CA MET D 6 -54.40 -50.24 69.80
C MET D 6 -53.24 -50.20 68.82
N CYS D 7 -52.87 -51.35 68.23
CA CYS D 7 -51.88 -51.34 67.16
C CYS D 7 -52.36 -50.51 65.98
N MET D 8 -53.61 -50.72 65.57
CA MET D 8 -54.20 -49.90 64.51
C MET D 8 -54.24 -48.43 64.90
N LYS D 9 -54.49 -48.15 66.18
CA LYS D 9 -54.58 -46.77 66.63
C LYS D 9 -53.24 -46.06 66.47
N ILE D 10 -52.15 -46.74 66.82
CA ILE D 10 -50.83 -46.14 66.58
C ILE D 10 -50.56 -46.04 65.08
N GLU D 11 -50.84 -47.10 64.32
CA GLU D 11 -50.49 -47.11 62.91
C GLU D 11 -51.25 -46.05 62.11
N ASN D 12 -52.41 -45.62 62.60
CA ASN D 12 -53.14 -44.55 61.92
C ASN D 12 -52.46 -43.19 62.07
N ASP D 13 -51.43 -43.08 62.91
CA ASP D 13 -50.79 -41.79 63.17
C ASP D 13 -49.28 -41.79 63.06
N CYS D 14 -48.61 -42.93 63.23
CA CYS D 14 -47.15 -42.97 63.27
C CYS D 14 -46.53 -43.30 61.92
N ILE D 15 -46.98 -44.38 61.28
CA ILE D 15 -46.42 -44.83 60.01
C ILE D 15 -47.09 -44.09 58.87
N PHE D 16 -46.29 -43.54 57.96
CA PHE D 16 -46.77 -42.86 56.77
C PHE D 16 -46.55 -43.75 55.55
N GLU D 17 -46.95 -43.23 54.39
CA GLU D 17 -46.87 -43.97 53.14
C GLU D 17 -46.27 -43.11 52.04
N VAL D 18 -45.55 -43.73 51.12
CA VAL D 18 -45.04 -43.05 49.94
C VAL D 18 -45.81 -43.59 48.73
N LYS D 19 -45.94 -42.75 47.71
CA LYS D 19 -46.76 -43.08 46.55
C LYS D 19 -46.00 -42.76 45.27
N HIS D 20 -46.31 -43.50 44.21
CA HIS D 20 -45.70 -43.29 42.91
C HIS D 20 -46.67 -43.79 41.84
N GLU D 21 -46.88 -42.97 40.81
CA GLU D 21 -47.77 -43.30 39.70
C GLU D 21 -49.18 -43.63 40.19
N GLY D 22 -49.63 -42.92 41.22
CA GLY D 22 -50.93 -43.19 41.80
C GLY D 22 -51.01 -44.47 42.59
N LYS D 23 -49.87 -45.05 42.96
CA LYS D 23 -49.83 -46.29 43.71
C LYS D 23 -48.86 -46.16 44.88
N VAL D 24 -49.28 -46.64 46.04
CA VAL D 24 -48.44 -46.64 47.23
C VAL D 24 -47.41 -47.75 47.11
N THR D 25 -46.15 -47.42 47.38
CA THR D 25 -45.05 -48.35 47.18
C THR D 25 -44.05 -48.42 48.32
N GLY D 26 -44.23 -47.66 49.39
CA GLY D 26 -43.32 -47.75 50.52
C GLY D 26 -43.88 -47.00 51.72
N TYR D 27 -43.46 -47.45 52.90
CA TYR D 27 -43.91 -46.88 54.15
C TYR D 27 -42.72 -46.31 54.92
N ALA D 28 -42.90 -45.10 55.45
CA ALA D 28 -41.89 -44.42 56.24
C ALA D 28 -42.40 -44.24 57.66
N CYS D 29 -41.47 -44.29 58.63
CA CYS D 29 -41.83 -44.30 60.03
C CYS D 29 -41.06 -43.22 60.79
N LEU D 30 -41.63 -42.80 61.92
CA LEU D 30 -41.04 -41.80 62.80
C LEU D 30 -40.68 -42.50 64.10
N VAL D 31 -39.38 -42.67 64.36
CA VAL D 31 -38.89 -43.35 65.55
C VAL D 31 -37.98 -42.40 66.31
N GLY D 32 -38.22 -42.26 67.61
CA GLY D 32 -37.43 -41.39 68.45
C GLY D 32 -37.59 -39.93 68.09
N ASP D 33 -36.51 -39.31 67.62
CA ASP D 33 -36.53 -37.92 67.16
C ASP D 33 -36.07 -37.80 65.71
N LYS D 34 -36.03 -38.92 65.00
CA LYS D 34 -35.58 -38.98 63.61
C LYS D 34 -36.69 -39.58 62.75
N VAL D 35 -36.38 -39.81 61.48
CA VAL D 35 -37.28 -40.47 60.54
C VAL D 35 -36.51 -41.61 59.89
N MET D 36 -37.19 -42.73 59.65
CA MET D 36 -36.59 -43.84 58.94
C MET D 36 -37.31 -44.05 57.62
N LYS D 37 -36.55 -44.31 56.56
CA LYS D 37 -37.18 -44.46 55.26
C LYS D 37 -36.22 -45.34 54.45
N PRO D 38 -36.54 -46.62 54.24
CA PRO D 38 -35.66 -47.48 53.46
C PRO D 38 -35.38 -46.89 52.09
N ALA D 39 -34.12 -46.98 51.65
CA ALA D 39 -33.68 -46.18 50.51
C ALA D 39 -33.93 -46.84 49.16
N HIS D 40 -34.41 -48.08 49.11
CA HIS D 40 -34.68 -48.68 47.81
C HIS D 40 -35.96 -48.16 47.18
N VAL D 41 -36.89 -47.64 47.98
CA VAL D 41 -38.20 -47.20 47.49
C VAL D 41 -38.11 -45.72 47.19
N LYS D 42 -38.65 -45.32 46.04
CA LYS D 42 -38.66 -43.94 45.60
C LYS D 42 -40.09 -43.45 45.43
N GLY D 43 -40.30 -42.17 45.68
CA GLY D 43 -41.62 -41.59 45.54
C GLY D 43 -41.74 -40.30 46.34
N VAL D 44 -42.97 -39.80 46.40
CA VAL D 44 -43.30 -38.59 47.13
C VAL D 44 -44.11 -38.97 48.36
N ILE D 45 -43.63 -38.56 49.54
CA ILE D 45 -44.35 -38.84 50.78
C ILE D 45 -45.69 -38.11 50.76
N ASP D 46 -46.74 -38.81 51.16
CA ASP D 46 -48.10 -38.24 51.16
C ASP D 46 -48.27 -37.31 52.36
N ASN D 47 -47.44 -36.27 52.39
CA ASN D 47 -47.49 -35.26 53.43
C ASN D 47 -46.74 -34.04 52.94
N ALA D 48 -47.42 -32.89 52.92
CA ALA D 48 -46.80 -31.67 52.39
C ALA D 48 -45.63 -31.21 53.24
N ASP D 49 -45.76 -31.30 54.56
CA ASP D 49 -44.72 -30.75 55.44
C ASP D 49 -43.44 -31.58 55.40
N LEU D 50 -43.56 -32.91 55.43
CA LEU D 50 -42.37 -33.74 55.46
C LEU D 50 -41.64 -33.74 54.11
N ALA D 51 -42.39 -33.66 53.01
CA ALA D 51 -41.76 -33.68 51.69
C ALA D 51 -40.82 -32.51 51.50
N LYS D 52 -41.20 -31.32 51.97
CA LYS D 52 -40.36 -30.14 51.83
C LYS D 52 -39.07 -30.27 52.64
N LEU D 53 -39.08 -31.11 53.68
CA LEU D 53 -37.90 -31.29 54.51
C LEU D 53 -36.78 -31.95 53.73
N ALA D 54 -35.55 -31.50 53.98
CA ALA D 54 -34.37 -32.04 53.34
C ALA D 54 -33.95 -33.34 54.01
N PHE D 55 -33.51 -34.31 53.19
CA PHE D 55 -33.22 -35.65 53.67
C PHE D 55 -31.72 -35.89 53.75
N LYS D 56 -31.35 -37.12 54.14
CA LYS D 56 -29.99 -37.62 54.06
C LYS D 56 -30.04 -39.05 53.55
N LYS D 57 -28.94 -39.52 52.98
CA LYS D 57 -28.91 -40.79 52.29
C LYS D 57 -27.65 -41.57 52.62
N SER D 58 -27.76 -42.90 52.65
CA SER D 58 -26.61 -43.78 52.82
C SER D 58 -26.97 -45.12 52.17
N SER D 59 -26.42 -45.38 50.98
CA SER D 59 -26.72 -46.61 50.27
C SER D 59 -26.08 -47.84 50.92
N LYS D 60 -25.16 -47.65 51.86
CA LYS D 60 -24.60 -48.79 52.59
C LYS D 60 -25.65 -49.47 53.45
N TYR D 61 -26.50 -48.68 54.11
CA TYR D 61 -27.52 -49.19 55.01
C TYR D 61 -28.93 -49.14 54.40
N ASP D 62 -29.07 -48.62 53.19
CA ASP D 62 -30.34 -48.64 52.46
C ASP D 62 -31.45 -47.97 53.26
N LEU D 63 -31.12 -46.82 53.86
CA LEU D 63 -32.11 -46.04 54.59
C LEU D 63 -31.82 -44.56 54.40
N GLU D 64 -32.86 -43.74 54.59
CA GLU D 64 -32.76 -42.29 54.53
C GLU D 64 -33.26 -41.73 55.85
N CYS D 65 -32.49 -40.85 56.47
CA CYS D 65 -32.82 -40.29 57.76
C CYS D 65 -32.96 -38.77 57.70
N ALA D 66 -33.47 -38.21 58.78
CA ALA D 66 -33.67 -36.76 58.90
C ALA D 66 -33.95 -36.43 60.35
N GLN D 67 -34.34 -35.18 60.60
CA GLN D 67 -34.72 -34.71 61.92
C GLN D 67 -36.15 -34.19 61.85
N ILE D 68 -36.99 -34.62 62.78
CA ILE D 68 -38.40 -34.24 62.76
C ILE D 68 -38.54 -32.78 63.18
N PRO D 69 -39.49 -32.03 62.62
CA PRO D 69 -39.80 -30.70 63.17
C PRO D 69 -40.53 -30.83 64.50
N VAL D 70 -40.93 -29.70 65.08
CA VAL D 70 -41.38 -29.69 66.47
C VAL D 70 -42.89 -29.80 66.57
N HIS D 71 -43.57 -30.05 65.44
CA HIS D 71 -45.01 -30.22 65.45
C HIS D 71 -45.46 -31.66 65.22
N MET D 72 -44.52 -32.61 65.24
CA MET D 72 -44.84 -34.02 65.51
C MET D 72 -43.91 -34.58 66.58
N ARG D 73 -43.43 -33.70 67.46
CA ARG D 73 -42.57 -34.14 68.55
C ARG D 73 -43.29 -35.11 69.48
N SER D 74 -44.58 -34.89 69.71
CA SER D 74 -45.34 -35.78 70.60
C SER D 74 -45.64 -37.12 69.93
N ASP D 75 -45.66 -37.14 68.60
CA ASP D 75 -46.01 -38.35 67.85
C ASP D 75 -44.75 -39.21 67.65
N ALA D 76 -44.20 -39.64 68.78
CA ALA D 76 -43.00 -40.47 68.80
C ALA D 76 -43.38 -41.95 68.85
N SER D 77 -42.37 -42.80 68.73
CA SER D 77 -42.57 -44.25 68.71
C SER D 77 -41.85 -44.97 69.84
N LYS D 78 -41.32 -44.24 70.82
CA LYS D 78 -40.80 -44.82 72.06
C LYS D 78 -39.76 -45.90 71.78
N TYR D 79 -38.61 -45.46 71.27
CA TYR D 79 -37.55 -46.37 70.88
C TYR D 79 -37.00 -47.14 72.09
N THR D 80 -36.29 -48.22 71.79
CA THR D 80 -35.66 -49.07 72.80
C THR D 80 -34.56 -49.87 72.12
N HIS D 81 -33.72 -50.51 72.94
CA HIS D 81 -32.54 -51.19 72.41
C HIS D 81 -32.34 -52.60 72.93
N GLU D 82 -33.13 -53.06 73.91
CA GLU D 82 -32.98 -54.41 74.43
C GLU D 82 -33.59 -55.43 73.46
N LYS D 83 -32.94 -56.60 73.36
CA LYS D 83 -33.44 -57.70 72.54
C LYS D 83 -33.46 -59.02 73.32
N PRO D 84 -34.38 -59.18 74.26
CA PRO D 84 -34.65 -60.52 74.77
C PRO D 84 -35.34 -61.37 73.71
N GLU D 85 -35.21 -62.68 73.85
CA GLU D 85 -35.87 -63.60 72.93
C GLU D 85 -37.36 -63.72 73.26
N GLY D 86 -38.15 -64.02 72.25
CA GLY D 86 -39.59 -64.20 72.44
C GLY D 86 -40.35 -63.96 71.15
N HIS D 87 -41.59 -63.49 71.31
CA HIS D 87 -42.46 -63.14 70.19
C HIS D 87 -42.59 -61.62 70.11
N TYR D 88 -42.74 -61.11 68.89
CA TYR D 88 -42.84 -59.67 68.66
C TYR D 88 -43.95 -59.38 67.66
N ASN D 89 -44.65 -58.27 67.90
CA ASN D 89 -45.83 -57.90 67.13
C ASN D 89 -45.44 -57.25 65.81
N TRP D 90 -46.36 -57.32 64.85
CA TRP D 90 -46.19 -56.63 63.58
C TRP D 90 -47.59 -56.50 62.97
N HIS D 91 -47.73 -55.55 62.04
CA HIS D 91 -48.98 -55.35 61.32
C HIS D 91 -49.46 -56.61 60.61
N HIS D 92 -48.54 -57.49 60.20
CA HIS D 92 -48.88 -58.71 59.47
C HIS D 92 -48.67 -59.96 60.32
N GLY D 93 -49.02 -59.89 61.59
CA GLY D 93 -48.96 -61.04 62.48
C GLY D 93 -47.89 -60.88 63.53
N ALA D 94 -47.71 -61.93 64.32
CA ALA D 94 -46.73 -61.98 65.39
C ALA D 94 -45.47 -62.65 64.87
N VAL D 95 -44.33 -62.00 65.05
CA VAL D 95 -43.04 -62.50 64.60
C VAL D 95 -42.22 -62.90 65.81
N GLN D 96 -41.59 -64.06 65.74
CA GLN D 96 -40.75 -64.54 66.83
C GLN D 96 -39.28 -64.47 66.43
N TYR D 97 -38.43 -64.26 67.43
CA TYR D 97 -37.02 -63.98 67.23
C TYR D 97 -36.20 -64.93 68.10
N SER D 98 -35.24 -65.63 67.49
CA SER D 98 -34.43 -66.60 68.20
C SER D 98 -33.13 -66.80 67.44
N GLY D 99 -32.04 -66.95 68.19
CA GLY D 99 -30.73 -67.17 67.58
C GLY D 99 -30.23 -66.02 66.74
N GLY D 100 -30.52 -64.78 67.15
CA GLY D 100 -30.09 -63.63 66.39
C GLY D 100 -30.75 -63.49 65.04
N ARG D 101 -31.86 -64.17 64.79
CA ARG D 101 -32.54 -64.14 63.51
C ARG D 101 -34.03 -63.88 63.72
N PHE D 102 -34.65 -63.30 62.70
CA PHE D 102 -36.09 -63.03 62.71
C PHE D 102 -36.77 -64.00 61.75
N THR D 103 -37.83 -64.64 62.23
CA THR D 103 -38.54 -65.64 61.43
C THR D 103 -40.01 -65.27 61.30
N ILE D 104 -40.55 -65.47 60.10
CA ILE D 104 -41.95 -65.22 59.81
C ILE D 104 -42.56 -66.46 59.19
N PRO D 105 -43.86 -66.68 59.41
CA PRO D 105 -44.54 -67.78 58.72
C PRO D 105 -44.73 -67.52 57.23
N THR D 106 -43.97 -68.23 56.41
CA THR D 106 -44.08 -68.28 54.96
C THR D 106 -44.42 -66.93 54.31
N GLY D 107 -45.56 -66.86 53.63
CA GLY D 107 -45.90 -65.70 52.82
C GLY D 107 -46.80 -64.68 53.49
N ALA D 108 -46.52 -64.34 54.74
CA ALA D 108 -47.21 -63.26 55.41
C ALA D 108 -46.63 -61.89 55.09
N GLY D 109 -45.36 -61.84 54.69
CA GLY D 109 -44.76 -60.60 54.22
C GLY D 109 -44.97 -60.47 52.72
N LYS D 110 -45.46 -59.31 52.30
CA LYS D 110 -45.83 -59.10 50.92
C LYS D 110 -44.84 -58.18 50.22
N PRO D 111 -44.72 -58.28 48.89
CA PRO D 111 -43.90 -57.32 48.16
C PRO D 111 -44.41 -55.90 48.36
N GLY D 112 -43.48 -54.96 48.46
CA GLY D 112 -43.82 -53.56 48.65
C GLY D 112 -44.25 -53.18 50.05
N ASP D 113 -44.08 -54.06 51.03
CA ASP D 113 -44.46 -53.78 52.41
C ASP D 113 -43.28 -53.33 53.26
N SER D 114 -42.16 -53.00 52.64
CA SER D 114 -40.97 -52.60 53.39
C SER D 114 -41.20 -51.28 54.12
N GLY D 115 -40.46 -51.09 55.20
CA GLY D 115 -40.55 -49.87 56.00
C GLY D 115 -41.46 -49.95 57.19
N ARG D 116 -42.24 -51.03 57.34
CA ARG D 116 -43.06 -51.10 58.53
C ARG D 116 -42.23 -51.54 59.73
N PRO D 117 -42.27 -50.79 60.83
CA PRO D 117 -41.48 -51.15 62.00
C PRO D 117 -42.05 -52.38 62.69
N ILE D 118 -41.21 -53.00 63.52
CA ILE D 118 -41.62 -54.09 64.38
C ILE D 118 -41.85 -53.50 65.77
N PHE D 119 -42.75 -54.13 66.52
CA PHE D 119 -43.03 -53.72 67.89
C PHE D 119 -42.73 -54.85 68.85
N ASP D 120 -42.21 -54.53 70.02
CA ASP D 120 -41.99 -55.52 71.05
C ASP D 120 -43.28 -55.71 71.85
N ASN D 121 -43.20 -56.45 72.95
CA ASN D 121 -44.39 -56.68 73.76
C ASN D 121 -44.84 -55.40 74.46
N LYS D 122 -43.89 -54.57 74.91
CA LYS D 122 -44.25 -53.30 75.50
C LYS D 122 -44.61 -52.23 74.47
N GLY D 123 -44.67 -52.59 73.19
CA GLY D 123 -45.04 -51.66 72.14
C GLY D 123 -43.92 -50.78 71.61
N ARG D 124 -42.71 -50.91 72.14
CA ARG D 124 -41.59 -50.14 71.63
C ARG D 124 -41.11 -50.71 70.30
N VAL D 125 -40.42 -49.88 69.53
CA VAL D 125 -39.99 -50.26 68.19
C VAL D 125 -38.54 -50.73 68.26
N VAL D 126 -38.26 -51.84 67.58
CA VAL D 126 -36.96 -52.50 67.71
C VAL D 126 -36.20 -52.59 66.39
N ALA D 127 -36.88 -52.64 65.25
CA ALA D 127 -36.19 -52.76 63.96
C ALA D 127 -37.15 -52.31 62.86
N ILE D 128 -36.60 -52.15 61.66
CA ILE D 128 -37.37 -51.81 60.47
C ILE D 128 -37.17 -52.94 59.45
N VAL D 129 -38.27 -53.42 58.89
CA VAL D 129 -38.20 -54.52 57.93
C VAL D 129 -37.71 -53.98 56.59
N LEU D 130 -36.79 -54.71 55.97
CA LEU D 130 -36.23 -54.33 54.68
C LEU D 130 -36.52 -55.34 53.59
N GLY D 131 -36.30 -56.63 53.86
CA GLY D 131 -36.57 -57.67 52.89
C GLY D 131 -36.60 -59.02 53.58
N GLY D 132 -36.88 -60.05 52.79
CA GLY D 132 -37.03 -61.39 53.34
C GLY D 132 -36.49 -62.44 52.40
N ALA D 133 -36.15 -63.59 53.00
CA ALA D 133 -35.73 -64.78 52.27
C ALA D 133 -36.39 -65.99 52.92
N ASN D 134 -36.83 -66.93 52.09
CA ASN D 134 -37.64 -68.05 52.56
C ASN D 134 -36.86 -69.35 52.58
N GLU D 135 -37.26 -70.24 53.48
CA GLU D 135 -36.73 -71.60 53.52
C GLU D 135 -37.80 -72.48 54.17
N GLY D 136 -38.40 -73.37 53.38
CA GLY D 136 -39.46 -74.21 53.89
C GLY D 136 -40.71 -73.39 54.17
N SER D 137 -41.37 -73.69 55.29
CA SER D 137 -42.59 -73.01 55.69
C SER D 137 -42.33 -71.70 56.40
N ARG D 138 -41.07 -71.35 56.64
CA ARG D 138 -40.69 -70.11 57.30
C ARG D 138 -39.88 -69.26 56.34
N THR D 139 -39.93 -67.94 56.57
CA THR D 139 -39.18 -66.98 55.77
C THR D 139 -38.35 -66.12 56.71
N ALA D 140 -37.05 -66.02 56.41
CA ALA D 140 -36.16 -65.20 57.21
C ALA D 140 -36.36 -63.72 56.88
N LEU D 141 -35.96 -62.86 57.81
CA LEU D 141 -36.15 -61.42 57.68
C LEU D 141 -34.80 -60.72 57.62
N SER D 142 -34.72 -59.68 56.79
CA SER D 142 -33.55 -58.82 56.70
C SER D 142 -33.95 -57.46 57.29
N VAL D 143 -33.48 -57.18 58.50
CA VAL D 143 -33.89 -56.00 59.24
C VAL D 143 -32.64 -55.29 59.74
N VAL D 144 -32.82 -54.02 60.12
CA VAL D 144 -31.75 -53.21 60.68
C VAL D 144 -32.05 -52.94 62.14
N THR D 145 -31.04 -53.15 62.98
CA THR D 145 -31.18 -53.05 64.43
C THR D 145 -30.66 -51.69 64.89
N TRP D 146 -30.82 -51.43 66.19
CA TRP D 146 -30.34 -50.21 66.83
C TRP D 146 -29.47 -50.55 68.04
N ASN D 147 -28.54 -51.48 67.86
CA ASN D 147 -27.64 -51.87 68.93
C ASN D 147 -26.81 -50.68 69.41
N LYS D 148 -27.06 -50.26 70.65
CA LYS D 148 -26.37 -49.11 71.25
C LYS D 148 -26.48 -47.87 70.38
N ASP D 149 -25.35 -47.41 69.85
CA ASP D 149 -25.28 -46.17 69.10
C ASP D 149 -25.09 -46.37 67.60
N MET D 150 -24.70 -47.55 67.16
CA MET D 150 -24.44 -47.81 65.74
C MET D 150 -25.51 -48.77 65.21
N VAL D 151 -26.20 -48.34 64.15
CA VAL D 151 -27.14 -49.25 63.50
C VAL D 151 -26.37 -50.35 62.79
N THR D 152 -26.95 -51.54 62.77
CA THR D 152 -26.32 -52.71 62.16
C THR D 152 -27.36 -53.42 61.30
N ARG D 153 -26.97 -53.83 60.10
CA ARG D 153 -27.83 -54.57 59.21
C ARG D 153 -27.47 -56.05 59.29
N VAL D 154 -28.49 -56.90 59.28
CA VAL D 154 -28.31 -58.35 59.21
C VAL D 154 -29.19 -58.86 58.09
N THR D 155 -28.59 -59.60 57.16
CA THR D 155 -29.31 -60.05 55.99
C THR D 155 -29.08 -61.53 55.76
N PRO D 156 -30.15 -62.31 55.58
CA PRO D 156 -29.97 -63.73 55.23
C PRO D 156 -29.58 -63.90 53.78
N GLU D 157 -29.23 -65.12 53.39
CA GLU D 157 -28.79 -65.38 52.03
C GLU D 157 -29.97 -65.36 51.07
N GLY D 158 -29.73 -64.81 49.87
CA GLY D 158 -30.77 -64.74 48.87
C GLY D 158 -31.98 -63.92 49.26
N SER D 159 -31.77 -62.83 50.00
CA SER D 159 -32.89 -62.02 50.47
C SER D 159 -33.57 -61.30 49.32
N GLU D 160 -34.90 -61.32 49.34
CA GLU D 160 -35.70 -60.64 48.33
C GLU D 160 -36.06 -59.25 48.85
N GLU D 161 -35.69 -58.23 48.09
CA GLU D 161 -35.87 -56.84 48.51
C GLU D 161 -37.32 -56.45 48.29
N TRP D 162 -38.07 -56.31 49.38
CA TRP D 162 -39.47 -55.93 49.29
C TRP D 162 -39.62 -54.44 48.97
N SER E 1 55.96 -8.45 -37.94
CA SER E 1 56.28 -7.05 -37.72
C SER E 1 55.02 -6.18 -37.76
N VAL E 2 55.11 -4.98 -37.20
CA VAL E 2 53.98 -4.05 -37.25
C VAL E 2 53.67 -3.67 -38.70
N SER E 3 54.71 -3.38 -39.48
CA SER E 3 54.51 -3.14 -40.90
C SER E 3 54.03 -4.39 -41.62
N GLN E 4 54.50 -5.56 -41.20
CA GLN E 4 54.06 -6.81 -41.80
C GLN E 4 52.66 -7.19 -41.37
N HIS E 5 52.15 -6.62 -40.27
CA HIS E 5 50.80 -6.92 -39.82
C HIS E 5 49.74 -6.36 -40.75
N PHE E 6 50.12 -5.45 -41.65
CA PHE E 6 49.21 -4.88 -42.63
C PHE E 6 49.19 -5.66 -43.94
N ASN E 7 49.85 -6.82 -43.98
CA ASN E 7 49.92 -7.58 -45.23
C ASN E 7 48.52 -7.91 -45.75
N VAL E 8 47.59 -8.22 -44.86
CA VAL E 8 46.24 -8.57 -45.30
C VAL E 8 45.52 -7.35 -45.85
N TYR E 9 46.00 -6.15 -45.54
CA TYR E 9 45.31 -4.94 -45.94
C TYR E 9 45.77 -4.38 -47.28
N LYS E 10 46.67 -5.08 -47.98
CA LYS E 10 47.03 -4.67 -49.33
C LYS E 10 45.91 -4.94 -50.32
N ALA E 11 45.05 -5.93 -50.06
CA ALA E 11 44.03 -6.34 -51.00
C ALA E 11 42.66 -5.75 -50.73
N THR E 12 42.51 -4.92 -49.70
CA THR E 12 41.22 -4.38 -49.32
C THR E 12 41.19 -2.86 -49.50
N ARG E 13 40.00 -2.34 -49.77
CA ARG E 13 39.76 -0.91 -49.92
C ARG E 13 38.55 -0.53 -49.10
N PRO E 14 38.46 0.73 -48.67
CA PRO E 14 37.25 1.18 -47.96
C PRO E 14 36.04 1.27 -48.89
N TYR E 15 34.90 1.71 -48.35
CA TYR E 15 33.68 1.76 -49.14
C TYR E 15 32.75 2.80 -48.54
N ILE E 16 31.64 3.05 -49.24
CA ILE E 16 30.63 4.01 -48.83
C ILE E 16 29.32 3.26 -48.61
N ALA E 17 28.69 3.48 -47.46
CA ALA E 17 27.46 2.80 -47.13
C ALA E 17 26.37 3.79 -46.70
N TYR E 18 25.24 3.28 -46.21
CA TYR E 18 24.09 4.08 -45.86
C TYR E 18 23.81 3.96 -44.36
N CYS E 19 23.92 5.07 -43.64
CA CYS E 19 23.47 5.14 -42.26
C CYS E 19 22.50 6.31 -42.11
N ALA E 20 21.42 6.09 -41.35
CA ALA E 20 20.24 6.95 -41.43
C ALA E 20 20.54 8.38 -41.01
N ASP E 21 21.32 8.59 -39.96
CA ASP E 21 21.55 9.94 -39.45
C ASP E 21 22.98 10.33 -39.79
N CYS E 22 23.15 11.34 -40.65
CA CYS E 22 24.46 11.76 -41.13
C CYS E 22 24.94 13.00 -40.40
N GLY E 23 24.27 13.34 -39.30
CA GLY E 23 24.70 14.46 -38.48
C GLY E 23 23.60 15.46 -38.16
N ALA E 24 22.67 15.66 -39.09
CA ALA E 24 21.62 16.65 -38.93
C ALA E 24 20.26 16.05 -39.22
N GLY E 25 20.08 14.77 -38.91
CA GLY E 25 18.82 14.10 -39.15
C GLY E 25 18.46 13.99 -40.61
N HIS E 26 19.46 13.85 -41.47
CA HIS E 26 19.23 13.68 -42.90
C HIS E 26 20.07 12.52 -43.39
N SER E 27 19.47 11.63 -44.18
CA SER E 27 20.18 10.46 -44.66
C SER E 27 21.23 10.85 -45.69
N CYS E 28 22.38 10.21 -45.63
CA CYS E 28 23.48 10.49 -46.54
C CYS E 28 24.26 9.22 -46.80
N HIS E 29 24.86 9.14 -47.99
CA HIS E 29 25.82 8.10 -48.28
C HIS E 29 27.19 8.54 -47.76
N SER E 30 27.69 7.85 -46.75
CA SER E 30 28.82 8.34 -45.98
C SER E 30 29.96 7.33 -45.99
N PRO E 31 31.19 7.81 -45.92
CA PRO E 31 32.36 6.92 -45.83
C PRO E 31 32.74 6.49 -44.42
N VAL E 32 31.95 6.85 -43.41
CA VAL E 32 32.26 6.48 -42.03
C VAL E 32 31.07 5.75 -41.42
N ALA E 33 30.28 5.08 -42.26
CA ALA E 33 29.10 4.37 -41.78
C ALA E 33 29.50 3.26 -40.81
N ILE E 34 28.78 3.19 -39.70
CA ILE E 34 29.04 2.20 -38.66
C ILE E 34 28.33 0.90 -39.02
N GLU E 35 28.97 -0.23 -38.72
CA GLU E 35 28.41 -1.55 -38.99
C GLU E 35 28.01 -2.30 -37.73
N ALA E 36 28.91 -2.40 -36.75
CA ALA E 36 28.59 -3.12 -35.52
C ALA E 36 29.49 -2.60 -34.40
N VAL E 37 28.92 -2.62 -33.19
CA VAL E 37 29.63 -2.22 -31.98
C VAL E 37 29.59 -3.38 -30.99
N ARG E 38 30.74 -3.73 -30.44
CA ARG E 38 30.86 -4.88 -29.55
C ARG E 38 31.41 -4.44 -28.20
N SER E 39 30.78 -4.93 -27.13
CA SER E 39 31.12 -4.53 -25.76
C SER E 39 31.21 -5.77 -24.86
N GLU E 40 31.92 -6.80 -25.34
CA GLU E 40 32.02 -8.03 -24.57
C GLU E 40 32.93 -7.87 -23.35
N ALA E 41 33.81 -6.86 -23.36
CA ALA E 41 34.75 -6.70 -22.26
C ALA E 41 34.05 -6.22 -21.00
N THR E 42 34.59 -6.62 -19.84
CA THR E 42 34.01 -6.24 -18.56
C THR E 42 34.46 -4.85 -18.13
N ASP E 43 35.54 -4.32 -18.69
CA ASP E 43 36.02 -2.99 -18.38
C ASP E 43 35.24 -1.90 -19.10
N GLY E 44 34.26 -2.28 -19.92
CA GLY E 44 33.48 -1.30 -20.67
C GLY E 44 34.25 -0.57 -21.74
N MET E 45 35.06 -1.28 -22.51
CA MET E 45 35.81 -0.70 -23.63
C MET E 45 35.12 -1.14 -24.92
N LEU E 46 34.43 -0.22 -25.57
CA LEU E 46 33.73 -0.54 -26.81
C LEU E 46 34.72 -0.65 -27.96
N LYS E 47 34.43 -1.58 -28.88
CA LYS E 47 35.18 -1.74 -30.12
C LYS E 47 34.22 -1.48 -31.27
N ILE E 48 34.53 -0.47 -32.09
CA ILE E 48 33.63 0.00 -33.13
C ILE E 48 34.24 -0.31 -34.49
N GLN E 49 33.42 -0.77 -35.42
CA GLN E 49 33.85 -1.09 -36.77
C GLN E 49 33.13 -0.18 -37.75
N PHE E 50 33.90 0.46 -38.63
CA PHE E 50 33.33 1.42 -39.59
C PHE E 50 34.05 1.30 -40.92
N SER E 51 33.47 1.96 -41.93
CA SER E 51 33.86 1.71 -43.31
C SER E 51 35.32 2.10 -43.58
N ALA E 52 35.72 3.30 -43.17
CA ALA E 52 37.03 3.81 -43.52
C ALA E 52 38.12 3.05 -42.74
N GLN E 53 39.18 2.65 -43.44
CA GLN E 53 40.31 2.01 -42.80
C GLN E 53 41.29 3.06 -42.28
N ILE E 54 41.86 2.81 -41.11
CA ILE E 54 42.78 3.74 -40.47
C ILE E 54 44.10 3.03 -40.23
N GLY E 55 45.20 3.64 -40.69
CA GLY E 55 46.52 3.07 -40.54
C GLY E 55 47.21 2.82 -41.86
N ILE E 56 46.57 3.25 -42.96
CA ILE E 56 47.08 3.03 -44.31
C ILE E 56 46.96 4.32 -45.09
N ASP E 57 47.89 4.54 -46.02
CA ASP E 57 47.77 5.64 -46.96
C ASP E 57 47.18 5.15 -48.28
N LYS E 58 46.82 6.09 -49.15
CA LYS E 58 46.15 5.73 -50.40
C LYS E 58 47.06 4.97 -51.36
N SER E 59 48.37 5.06 -51.19
CA SER E 59 49.33 4.34 -52.02
C SER E 59 49.58 2.93 -51.53
N ASP E 60 48.68 2.41 -50.68
CA ASP E 60 48.79 1.05 -50.15
C ASP E 60 50.12 0.88 -49.42
N ASN E 61 50.29 1.61 -48.32
CA ASN E 61 51.52 1.62 -47.56
C ASN E 61 51.22 1.88 -46.09
N HIS E 62 52.17 1.53 -45.23
CA HIS E 62 51.96 1.64 -43.79
C HIS E 62 52.29 3.05 -43.31
N ASP E 63 51.38 3.63 -42.53
CA ASP E 63 51.57 4.94 -41.90
C ASP E 63 50.53 5.10 -40.81
N TYR E 64 50.96 5.61 -39.66
CA TYR E 64 50.11 5.74 -38.49
C TYR E 64 49.45 7.11 -38.37
N THR E 65 49.62 7.99 -39.37
CA THR E 65 49.04 9.31 -39.33
C THR E 65 48.11 9.57 -40.51
N LYS E 66 47.57 8.53 -41.14
CA LYS E 66 46.71 8.69 -42.30
C LYS E 66 45.51 7.77 -42.23
N ILE E 67 44.37 8.28 -42.68
CA ILE E 67 43.14 7.51 -42.82
C ILE E 67 42.72 7.55 -44.28
N ARG E 68 42.51 6.38 -44.88
CA ARG E 68 42.07 6.30 -46.26
C ARG E 68 40.60 5.90 -46.32
N TYR E 69 39.82 6.67 -47.06
CA TYR E 69 38.38 6.49 -47.13
C TYR E 69 37.94 6.56 -48.59
N ALA E 70 36.83 5.89 -48.89
CA ALA E 70 36.29 5.94 -50.23
C ALA E 70 35.65 7.30 -50.51
N ASP E 71 35.89 7.79 -51.73
CA ASP E 71 35.29 9.06 -52.17
C ASP E 71 35.12 8.95 -53.67
N GLY E 72 33.88 8.77 -54.13
CA GLY E 72 33.66 8.48 -55.53
C GLY E 72 34.24 7.13 -55.88
N HIS E 73 35.00 7.07 -56.97
CA HIS E 73 35.63 5.83 -57.41
C HIS E 73 37.06 5.70 -56.93
N ALA E 74 37.61 6.69 -56.24
CA ALA E 74 39.01 6.71 -55.85
C ALA E 74 39.14 6.61 -54.33
N ILE E 75 40.38 6.66 -53.85
CA ILE E 75 40.69 6.60 -52.43
C ILE E 75 41.52 7.82 -52.07
N GLU E 76 41.09 8.54 -51.04
CA GLU E 76 41.76 9.75 -50.59
C GLU E 76 42.43 9.50 -49.23
N ASN E 77 42.99 10.56 -48.66
CA ASN E 77 43.67 10.49 -47.37
C ASN E 77 43.09 11.54 -46.43
N ALA E 78 43.08 11.20 -45.13
CA ALA E 78 42.64 12.12 -44.09
C ALA E 78 43.61 12.03 -42.93
N VAL E 79 43.80 13.16 -42.25
CA VAL E 79 44.74 13.25 -41.14
C VAL E 79 44.12 12.61 -39.90
N ARG E 80 44.91 11.79 -39.19
CA ARG E 80 44.41 11.05 -38.04
C ARG E 80 44.08 11.93 -36.84
N SER E 81 44.61 13.14 -36.78
CA SER E 81 44.33 14.02 -35.64
C SER E 81 42.97 14.67 -35.71
N SER E 82 42.09 14.20 -36.60
CA SER E 82 40.75 14.72 -36.77
C SER E 82 39.72 13.59 -36.61
N LEU E 83 39.96 12.73 -35.62
CA LEU E 83 39.08 11.61 -35.33
C LEU E 83 38.44 11.84 -33.97
N LYS E 84 37.11 11.91 -33.93
CA LYS E 84 36.38 12.12 -32.70
C LYS E 84 35.30 11.07 -32.54
N VAL E 85 35.20 10.51 -31.35
CA VAL E 85 34.10 9.65 -30.94
C VAL E 85 33.46 10.26 -29.70
N ALA E 86 32.13 10.22 -29.63
CA ALA E 86 31.42 10.85 -28.52
C ALA E 86 30.04 10.24 -28.38
N THR E 87 29.66 9.94 -27.14
CA THR E 87 28.32 9.47 -26.82
C THR E 87 27.44 10.58 -26.24
N SER E 88 27.85 11.14 -25.11
CA SER E 88 27.17 12.29 -24.54
C SER E 88 28.21 13.38 -24.25
N GLY E 89 29.45 12.96 -24.05
CA GLY E 89 30.58 13.86 -23.94
C GLY E 89 31.72 13.37 -24.80
N ASP E 90 32.83 14.09 -24.83
CA ASP E 90 33.98 13.69 -25.63
C ASP E 90 34.56 12.42 -25.05
N CYS E 91 34.87 11.46 -25.93
CA CYS E 91 35.36 10.16 -25.48
C CYS E 91 36.88 10.13 -25.57
N PHE E 92 37.45 8.95 -25.29
CA PHE E 92 38.89 8.77 -25.34
C PHE E 92 39.21 7.57 -26.22
N VAL E 93 40.10 7.77 -27.19
CA VAL E 93 40.48 6.71 -28.13
C VAL E 93 41.77 6.07 -27.65
N HIS E 94 41.73 4.76 -27.40
CA HIS E 94 42.86 4.04 -26.85
C HIS E 94 43.79 3.52 -27.94
N GLY E 95 43.26 2.69 -28.83
CA GLY E 95 44.07 2.14 -29.90
C GLY E 95 43.22 1.93 -31.14
N THR E 96 43.84 2.14 -32.30
CA THR E 96 43.16 2.01 -33.58
C THR E 96 43.96 1.09 -34.50
N MET E 97 43.24 0.34 -35.32
CA MET E 97 43.87 -0.59 -36.25
C MET E 97 42.92 -0.99 -37.36
N GLY E 98 43.27 -0.68 -38.61
CA GLY E 98 42.49 -1.10 -39.75
C GLY E 98 41.06 -0.60 -39.74
N HIS E 99 40.11 -1.52 -39.54
CA HIS E 99 38.69 -1.19 -39.59
C HIS E 99 38.10 -0.84 -38.23
N PHE E 100 38.86 -0.94 -37.15
CA PHE E 100 38.31 -0.95 -35.81
C PHE E 100 38.90 0.18 -34.97
N ILE E 101 38.03 0.92 -34.29
CA ILE E 101 38.41 1.90 -33.29
C ILE E 101 38.03 1.36 -31.92
N LEU E 102 38.94 1.48 -30.96
CA LEU E 102 38.75 0.93 -29.62
C LEU E 102 38.82 2.09 -28.64
N ALA E 103 37.70 2.38 -27.98
CA ALA E 103 37.57 3.58 -27.16
C ALA E 103 36.79 3.29 -25.89
N LYS E 104 36.74 4.29 -25.00
CA LYS E 104 35.96 4.27 -23.78
C LYS E 104 35.10 5.51 -23.74
N CYS E 105 33.91 5.40 -23.15
CA CYS E 105 32.95 6.48 -23.26
C CYS E 105 32.10 6.64 -22.01
N PRO E 106 31.61 7.84 -21.75
CA PRO E 106 30.64 8.05 -20.66
C PRO E 106 29.27 7.53 -21.05
N PRO E 107 28.36 7.39 -20.09
CA PRO E 107 27.03 6.85 -20.41
C PRO E 107 26.26 7.75 -21.38
N GLY E 108 25.44 7.13 -22.20
CA GLY E 108 24.65 7.87 -23.18
C GLY E 108 23.78 6.92 -23.97
N GLU E 109 23.02 7.50 -24.89
CA GLU E 109 22.08 6.75 -25.72
C GLU E 109 22.52 6.60 -27.17
N PHE E 110 23.40 7.46 -27.65
CA PHE E 110 23.82 7.47 -29.06
C PHE E 110 25.33 7.61 -29.16
N LEU E 111 25.87 7.18 -30.29
CA LEU E 111 27.31 7.16 -30.53
C LEU E 111 27.59 7.74 -31.91
N GLN E 112 28.68 8.51 -32.01
CA GLN E 112 29.00 9.25 -33.23
C GLN E 112 30.50 9.17 -33.52
N VAL E 113 30.83 8.95 -34.78
CA VAL E 113 32.22 8.90 -35.25
C VAL E 113 32.36 9.88 -36.42
N SER E 114 33.39 10.71 -36.38
CA SER E 114 33.56 11.75 -37.39
C SER E 114 35.03 11.91 -37.75
N ILE E 115 35.29 12.13 -39.04
CA ILE E 115 36.60 12.47 -39.55
C ILE E 115 36.45 13.70 -40.44
N GLN E 116 37.59 14.21 -40.91
CA GLN E 116 37.60 15.42 -41.72
C GLN E 116 38.01 15.09 -43.15
N ASP E 117 37.25 15.64 -44.10
CA ASP E 117 37.46 15.41 -45.52
C ASP E 117 38.73 16.10 -46.01
N THR E 118 39.09 15.83 -47.26
CA THR E 118 40.19 16.54 -47.89
C THR E 118 39.89 18.03 -48.01
N ARG E 119 38.65 18.37 -48.36
CA ARG E 119 38.18 19.75 -48.45
C ARG E 119 37.90 20.37 -47.09
N ASN E 120 38.39 19.74 -46.01
CA ASN E 120 38.19 20.22 -44.65
C ASN E 120 36.71 20.21 -44.26
N ALA E 121 35.93 19.34 -44.88
CA ALA E 121 34.55 19.14 -44.45
C ALA E 121 34.51 18.15 -43.29
N VAL E 122 33.36 18.08 -42.63
CA VAL E 122 33.16 17.18 -41.50
C VAL E 122 32.22 16.07 -41.94
N ARG E 123 32.73 14.84 -41.98
CA ARG E 123 31.94 13.67 -42.30
C ARG E 123 31.67 12.86 -41.04
N ALA E 124 30.39 12.77 -40.66
CA ALA E 124 30.01 12.11 -39.42
C ALA E 124 28.84 11.17 -39.69
N CYS E 125 28.77 10.11 -38.91
CA CYS E 125 27.68 9.14 -38.99
C CYS E 125 27.37 8.67 -37.58
N ARG E 126 26.09 8.72 -37.22
CA ARG E 126 25.65 8.53 -35.84
C ARG E 126 24.57 7.45 -35.80
N ILE E 127 24.65 6.57 -34.81
CA ILE E 127 23.67 5.52 -34.59
C ILE E 127 23.21 5.60 -33.15
N GLN E 128 22.20 4.79 -32.82
CA GLN E 128 21.73 4.67 -31.44
C GLN E 128 22.42 3.49 -30.79
N TYR E 129 22.87 3.67 -29.55
CA TYR E 129 23.48 2.59 -28.79
C TYR E 129 23.37 2.91 -27.31
N HIS E 130 22.53 2.15 -26.60
CA HIS E 130 22.36 2.33 -25.16
C HIS E 130 23.59 1.82 -24.43
N HIS E 131 24.44 2.75 -23.98
CA HIS E 131 25.68 2.41 -23.30
C HIS E 131 25.57 2.86 -21.84
N ASP E 132 25.80 1.93 -20.93
CA ASP E 132 25.74 2.21 -19.49
C ASP E 132 26.64 1.17 -18.83
N PRO E 133 27.89 1.52 -18.55
CA PRO E 133 28.82 0.55 -17.98
C PRO E 133 28.53 0.26 -16.51
N GLN E 134 28.95 -0.93 -16.08
CA GLN E 134 28.77 -1.39 -14.71
C GLN E 134 30.10 -1.94 -14.22
N PRO E 135 30.74 -1.30 -13.24
CA PRO E 135 32.05 -1.80 -12.78
C PRO E 135 31.93 -3.15 -12.11
N VAL E 136 33.00 -3.94 -12.21
CA VAL E 136 33.01 -5.28 -11.62
C VAL E 136 33.10 -5.17 -10.11
N GLY E 137 32.47 -6.12 -9.43
CA GLY E 137 32.46 -6.15 -7.97
C GLY E 137 31.09 -5.95 -7.39
N ARG E 138 31.01 -5.27 -6.24
CA ARG E 138 29.73 -4.99 -5.60
C ARG E 138 29.51 -3.50 -5.32
N GLU E 139 30.28 -2.63 -5.96
CA GLU E 139 30.12 -1.19 -5.80
C GLU E 139 30.12 -0.51 -7.16
N LYS E 140 29.31 0.55 -7.28
CA LYS E 140 29.19 1.30 -8.53
C LYS E 140 30.00 2.59 -8.39
N PHE E 141 31.30 2.48 -8.66
CA PHE E 141 32.19 3.63 -8.57
C PHE E 141 32.43 4.19 -9.97
N THR E 142 33.12 5.33 -10.04
CA THR E 142 33.31 6.02 -11.31
C THR E 142 34.78 6.24 -11.63
N ILE E 143 35.61 6.40 -10.59
CA ILE E 143 37.03 6.67 -10.75
C ILE E 143 37.79 5.71 -9.85
N ARG E 144 38.89 5.16 -10.36
CA ARG E 144 39.63 4.15 -9.63
C ARG E 144 40.20 4.72 -8.34
N PRO E 145 40.29 3.93 -7.28
CA PRO E 145 40.85 4.42 -6.02
C PRO E 145 42.34 4.14 -5.89
N HIS E 146 42.94 4.78 -4.89
CA HIS E 146 44.36 4.60 -4.58
C HIS E 146 44.59 3.61 -3.46
N TYR E 147 43.55 2.92 -3.00
CA TYR E 147 43.69 1.87 -1.99
C TYR E 147 42.50 0.94 -2.10
N GLY E 148 42.75 -0.32 -2.46
CA GLY E 148 41.66 -1.26 -2.60
C GLY E 148 42.13 -2.65 -2.93
N LYS E 149 41.19 -3.45 -3.41
CA LYS E 149 41.40 -4.86 -3.72
C LYS E 149 41.65 -5.04 -5.22
N GLU E 150 41.84 -6.28 -5.64
CA GLU E 150 42.05 -6.62 -7.04
C GLU E 150 41.15 -7.77 -7.43
N ILE E 151 40.25 -7.52 -8.39
CA ILE E 151 39.31 -8.52 -8.89
C ILE E 151 39.70 -8.90 -10.32
N PRO E 152 39.66 -10.18 -10.68
CA PRO E 152 39.88 -10.56 -12.08
C PRO E 152 38.85 -9.92 -12.99
N CYS E 153 39.29 -9.57 -14.20
CA CYS E 153 38.53 -8.67 -15.05
C CYS E 153 39.09 -8.72 -16.48
N THR E 154 38.18 -8.68 -17.44
CA THR E 154 38.51 -8.93 -18.85
C THR E 154 38.55 -7.61 -19.61
N THR E 155 39.52 -7.49 -20.52
CA THR E 155 39.74 -6.27 -21.29
C THR E 155 40.24 -6.63 -22.68
N TYR E 156 40.21 -5.65 -23.57
CA TYR E 156 40.68 -5.81 -24.94
C TYR E 156 42.14 -5.36 -25.01
N GLN E 157 43.02 -6.24 -25.46
CA GLN E 157 44.42 -5.89 -25.57
C GLN E 157 44.69 -5.04 -26.80
N GLN E 158 45.87 -4.43 -26.82
CA GLN E 158 46.31 -3.60 -27.93
C GLN E 158 47.28 -4.33 -28.86
N THR E 159 47.51 -5.62 -28.63
CA THR E 159 48.32 -6.42 -29.54
C THR E 159 47.59 -6.62 -30.85
N THR E 160 48.32 -6.47 -31.96
CA THR E 160 47.74 -6.59 -33.30
C THR E 160 48.15 -7.88 -34.00
N ALA E 161 48.37 -8.95 -33.25
CA ALA E 161 48.73 -10.23 -33.84
C ALA E 161 47.50 -10.94 -34.38
N LYS E 162 47.70 -12.13 -34.93
CA LYS E 162 46.61 -12.90 -35.50
C LYS E 162 45.80 -13.58 -34.39
N THR E 163 44.49 -13.44 -34.46
CA THR E 163 43.55 -14.07 -33.54
C THR E 163 42.75 -15.13 -34.28
N VAL E 164 41.78 -15.73 -33.58
CA VAL E 164 40.97 -16.78 -34.20
C VAL E 164 39.81 -16.18 -34.99
N GLU E 165 39.20 -15.11 -34.48
CA GLU E 165 38.05 -14.51 -35.15
C GLU E 165 38.46 -13.87 -36.47
N GLU E 166 37.46 -13.69 -37.35
CA GLU E 166 37.71 -13.38 -38.75
C GLU E 166 36.59 -12.52 -39.30
N ILE E 167 36.80 -11.99 -40.50
CA ILE E 167 35.81 -11.21 -41.23
C ILE E 167 35.77 -11.69 -42.68
N ASP E 168 34.56 -11.86 -43.21
CA ASP E 168 34.39 -12.29 -44.59
C ASP E 168 34.69 -11.16 -45.55
N MET E 169 35.20 -11.51 -46.73
CA MET E 169 35.54 -10.55 -47.77
C MET E 169 34.88 -10.95 -49.08
N HIS E 170 34.63 -9.95 -49.93
CA HIS E 170 33.92 -10.19 -51.19
C HIS E 170 34.49 -9.28 -52.27
N MET E 171 34.14 -9.62 -53.52
CA MET E 171 34.46 -8.76 -54.65
C MET E 171 33.38 -7.70 -54.80
N PRO E 172 33.73 -6.43 -54.93
CA PRO E 172 32.70 -5.38 -54.98
C PRO E 172 31.86 -5.51 -56.23
N PRO E 173 30.59 -5.10 -56.17
CA PRO E 173 29.74 -5.15 -57.36
C PRO E 173 29.95 -3.93 -58.24
N ASP E 174 29.42 -4.02 -59.46
CA ASP E 174 29.52 -2.92 -60.39
C ASP E 174 28.79 -1.70 -59.85
N THR E 175 29.52 -0.59 -59.73
CA THR E 175 28.95 0.64 -59.18
C THR E 175 28.37 1.47 -60.30
N PRO E 176 27.06 1.74 -60.29
CA PRO E 176 26.47 2.53 -61.37
C PRO E 176 26.74 4.02 -61.21
N ASP E 177 26.99 4.68 -62.34
CA ASP E 177 27.30 6.10 -62.35
C ASP E 177 26.59 6.70 -63.56
N ARG E 178 26.25 7.98 -63.46
CA ARG E 178 25.59 8.69 -64.56
C ARG E 178 26.34 9.93 -65.01
N THR E 179 27.51 10.21 -64.44
CA THR E 179 28.31 11.36 -64.84
C THR E 179 29.25 11.04 -66.00
N LEU E 180 29.25 9.80 -66.48
CA LEU E 180 30.09 9.39 -67.60
C LEU E 180 29.32 9.41 -68.92
N LEU E 181 28.26 10.19 -68.99
CA LEU E 181 27.45 10.33 -70.20
C LEU E 181 27.43 11.78 -70.65
N SER E 182 27.56 11.98 -71.96
CA SER E 182 27.50 13.30 -72.55
C SER E 182 26.59 13.26 -73.78
N GLN E 183 25.91 14.37 -74.03
CA GLN E 183 25.00 14.49 -75.16
C GLN E 183 25.57 15.46 -76.18
N GLN E 184 25.60 15.05 -77.45
CA GLN E 184 26.12 15.88 -78.53
C GLN E 184 25.16 15.74 -79.71
N SER E 185 24.35 16.78 -79.94
CA SER E 185 23.36 16.79 -81.02
C SER E 185 22.42 15.59 -80.91
N GLY E 186 22.73 14.51 -81.62
CA GLY E 186 21.88 13.34 -81.60
C GLY E 186 22.63 12.05 -81.32
N ASN E 187 23.74 12.15 -80.59
CA ASN E 187 24.52 10.97 -80.23
C ASN E 187 25.05 11.13 -78.80
N VAL E 188 25.30 10.00 -78.16
CA VAL E 188 25.79 9.97 -76.78
C VAL E 188 27.25 9.53 -76.79
N LYS E 189 28.05 10.16 -75.93
CA LYS E 189 29.47 9.86 -75.80
C LYS E 189 29.77 9.52 -74.35
N ILE E 190 30.44 8.40 -74.13
CA ILE E 190 30.81 7.96 -72.78
C ILE E 190 32.31 8.15 -72.60
N THR E 191 32.69 8.50 -71.38
CA THR E 191 34.08 8.75 -71.02
C THR E 191 34.59 7.61 -70.17
N VAL E 192 35.66 6.94 -70.64
CA VAL E 192 36.16 5.78 -69.92
C VAL E 192 36.83 6.18 -68.62
N GLY E 193 37.49 7.33 -68.58
CA GLY E 193 38.14 7.81 -67.38
C GLY E 193 39.28 6.97 -66.84
N GLY E 194 39.58 5.84 -67.47
CA GLY E 194 40.62 4.95 -67.00
C GLY E 194 40.17 3.68 -66.33
N LYS E 195 38.88 3.37 -66.37
CA LYS E 195 38.34 2.15 -65.77
C LYS E 195 37.37 1.49 -66.74
N LYS E 196 37.26 0.17 -66.65
CA LYS E 196 36.34 -0.56 -67.50
C LYS E 196 34.90 -0.20 -67.17
N VAL E 197 34.07 -0.16 -68.21
CA VAL E 197 32.65 0.14 -68.07
C VAL E 197 31.85 -0.89 -68.86
N LYS E 198 30.60 -1.07 -68.49
CA LYS E 198 29.64 -1.85 -69.26
C LYS E 198 28.49 -0.96 -69.69
N TYR E 199 27.86 -1.29 -70.81
CA TYR E 199 26.68 -0.56 -71.26
C TYR E 199 25.60 -1.53 -71.73
N ASN E 200 24.36 -1.09 -71.61
CA ASN E 200 23.20 -1.78 -72.13
C ASN E 200 22.20 -0.75 -72.59
N CYS E 201 22.08 -0.58 -73.91
CA CYS E 201 21.36 0.57 -74.41
C CYS E 201 20.44 0.12 -75.55
N THR E 202 19.14 0.40 -75.38
CA THR E 202 18.06 -0.19 -76.15
C THR E 202 17.79 0.48 -77.49
N CYS E 203 18.47 1.58 -77.80
CA CYS E 203 18.34 2.21 -79.10
C CYS E 203 19.33 1.54 -80.05
N GLY E 204 18.82 1.02 -81.17
CA GLY E 204 19.65 0.28 -82.08
C GLY E 204 19.62 -1.22 -81.80
N THR E 205 20.57 -1.91 -82.41
CA THR E 205 20.70 -3.35 -82.27
C THR E 205 22.15 -3.71 -81.99
N GLY E 206 22.37 -4.59 -81.01
CA GLY E 206 23.71 -5.03 -80.68
C GLY E 206 24.62 -3.96 -80.11
N ASN E 207 24.12 -3.17 -79.17
CA ASN E 207 24.89 -2.12 -78.52
C ASN E 207 25.21 -2.47 -77.07
N VAL E 208 25.51 -3.75 -76.83
CA VAL E 208 25.72 -4.28 -75.48
C VAL E 208 27.13 -4.84 -75.40
N GLY E 209 27.81 -4.55 -74.30
CA GLY E 209 29.16 -5.06 -74.11
C GLY E 209 29.95 -4.19 -73.16
N THR E 210 31.27 -4.35 -73.21
CA THR E 210 32.18 -3.62 -72.35
C THR E 210 33.29 -3.02 -73.20
N THR E 211 33.80 -1.87 -72.78
CA THR E 211 34.87 -1.17 -73.49
C THR E 211 35.88 -0.60 -72.52
N ASN E 212 37.04 -0.25 -73.04
CA ASN E 212 38.11 0.36 -72.26
C ASN E 212 38.57 1.68 -72.87
N SER E 213 37.69 2.36 -73.60
CA SER E 213 38.03 3.62 -74.25
C SER E 213 36.76 4.45 -74.38
N ASP E 214 36.84 5.53 -75.16
CA ASP E 214 35.72 6.46 -75.32
C ASP E 214 35.00 6.17 -76.64
N MET E 215 33.88 5.48 -76.56
CA MET E 215 33.05 5.18 -77.72
C MET E 215 32.03 6.29 -77.97
N THR E 216 31.26 6.11 -79.03
CA THR E 216 30.14 7.00 -79.35
C THR E 216 29.04 6.17 -79.98
N ILE E 217 27.79 6.45 -79.58
CA ILE E 217 26.62 5.76 -80.09
C ILE E 217 25.70 6.79 -80.75
N ASN E 218 25.36 6.57 -82.01
CA ASN E 218 24.59 7.52 -82.79
C ASN E 218 23.10 7.19 -82.73
N THR E 219 22.28 8.22 -82.94
CA THR E 219 20.83 8.13 -82.91
C THR E 219 20.35 7.52 -81.58
N CYS E 220 20.92 8.03 -80.49
CA CYS E 220 20.56 7.59 -79.15
C CYS E 220 20.46 8.79 -78.22
N LEU E 221 19.41 8.82 -77.41
CA LEU E 221 19.26 9.83 -76.38
C LEU E 221 20.00 9.41 -75.12
N ILE E 222 20.24 10.39 -74.24
CA ILE E 222 21.07 10.14 -73.06
C ILE E 222 20.38 9.16 -72.10
N GLU E 223 19.08 9.35 -71.87
CA GLU E 223 18.34 8.53 -70.93
C GLU E 223 18.02 7.14 -71.46
N GLN E 224 18.56 6.78 -72.63
CA GLN E 224 18.30 5.49 -73.26
C GLN E 224 19.45 4.52 -73.04
N CYS E 225 20.39 4.86 -72.16
CA CYS E 225 21.70 4.22 -72.14
C CYS E 225 22.12 3.96 -70.69
N HIS E 226 23.08 3.06 -70.51
CA HIS E 226 23.54 2.72 -69.16
C HIS E 226 25.06 2.61 -69.12
N VAL E 227 25.61 2.68 -67.91
CA VAL E 227 27.04 2.55 -67.67
C VAL E 227 27.30 2.23 -66.20
N SER E 228 28.31 1.38 -65.97
CA SER E 228 28.71 0.98 -64.62
C SER E 228 30.16 0.51 -64.59
N VAL E 229 30.94 1.01 -63.63
CA VAL E 229 32.34 0.59 -63.49
C VAL E 229 32.40 -0.88 -63.07
N THR E 230 33.35 -1.62 -63.64
CA THR E 230 33.35 -3.07 -63.54
C THR E 230 34.71 -3.68 -63.18
N ASP E 231 35.80 -2.91 -63.24
CA ASP E 231 37.14 -3.46 -63.06
C ASP E 231 37.27 -4.21 -61.73
N HIS E 232 37.20 -3.48 -60.62
CA HIS E 232 36.98 -4.03 -59.29
C HIS E 232 37.91 -5.22 -59.00
N LYS E 233 39.21 -4.94 -58.96
CA LYS E 233 40.19 -5.95 -58.66
C LYS E 233 40.54 -6.05 -57.18
N LYS E 234 39.99 -5.18 -56.34
CA LYS E 234 40.26 -5.19 -54.91
C LYS E 234 39.16 -5.96 -54.17
N TRP E 235 39.17 -5.89 -52.84
CA TRP E 235 38.25 -6.66 -52.01
C TRP E 235 37.39 -5.72 -51.18
N GLN E 236 36.25 -6.24 -50.72
CA GLN E 236 35.25 -5.46 -50.00
C GLN E 236 34.73 -6.27 -48.82
N PHE E 237 34.35 -5.58 -47.75
CA PHE E 237 33.75 -6.25 -46.61
C PHE E 237 32.34 -6.66 -47.00
N ASN E 238 31.93 -7.85 -46.57
CA ASN E 238 30.57 -8.32 -46.77
C ASN E 238 29.64 -7.56 -45.85
N SER E 239 29.15 -6.41 -46.32
CA SER E 239 28.23 -5.59 -45.55
C SER E 239 26.82 -5.69 -46.11
N PRO E 240 25.80 -5.70 -45.25
CA PRO E 240 24.42 -5.83 -45.76
C PRO E 240 23.89 -4.59 -46.46
N PHE E 241 24.65 -3.50 -46.52
CA PHE E 241 24.19 -2.27 -47.15
C PHE E 241 24.72 -2.09 -48.56
N VAL E 242 25.43 -3.07 -49.10
CA VAL E 242 25.94 -3.00 -50.47
C VAL E 242 25.54 -4.29 -51.17
N PRO E 243 25.16 -4.23 -52.45
CA PRO E 243 24.72 -5.45 -53.15
C PRO E 243 25.86 -6.45 -53.33
N ARG E 244 25.47 -7.70 -53.48
CA ARG E 244 26.41 -8.81 -53.65
C ARG E 244 26.56 -9.12 -55.14
N ALA E 245 27.81 -9.39 -55.54
CA ALA E 245 28.11 -9.66 -56.94
C ALA E 245 27.43 -10.94 -57.40
N ASP E 246 27.62 -11.26 -58.69
CA ASP E 246 26.93 -12.41 -59.27
C ASP E 246 27.36 -13.71 -58.60
N GLU E 247 28.64 -13.85 -58.30
CA GLU E 247 29.14 -15.08 -57.68
C GLU E 247 28.68 -15.16 -56.24
N PRO E 248 28.00 -16.23 -55.83
CA PRO E 248 27.56 -16.35 -54.42
C PRO E 248 28.61 -16.97 -53.52
N ALA E 249 29.85 -17.03 -54.00
CA ALA E 249 30.91 -17.75 -53.32
C ALA E 249 31.82 -16.78 -52.58
N ARG E 250 32.16 -17.13 -51.34
CA ARG E 250 33.11 -16.36 -50.56
C ARG E 250 34.47 -16.37 -51.25
N LYS E 251 35.21 -15.27 -51.09
CA LYS E 251 36.51 -15.13 -51.74
C LYS E 251 37.67 -15.03 -50.76
N GLY E 252 37.45 -14.64 -49.51
CA GLY E 252 38.56 -14.53 -48.60
C GLY E 252 38.13 -14.42 -47.15
N LYS E 253 39.12 -14.26 -46.28
CA LYS E 253 38.96 -14.21 -44.85
C LYS E 253 40.11 -13.41 -44.25
N VAL E 254 39.78 -12.44 -43.40
CA VAL E 254 40.77 -11.54 -42.82
C VAL E 254 40.58 -11.49 -41.31
N HIS E 255 41.68 -11.57 -40.56
CA HIS E 255 41.62 -11.56 -39.11
C HIS E 255 41.25 -10.17 -38.58
N ILE E 256 40.80 -10.13 -37.34
CA ILE E 256 40.47 -8.87 -36.67
C ILE E 256 41.40 -8.71 -35.47
N PRO E 257 41.82 -7.50 -35.14
CA PRO E 257 42.76 -7.29 -34.04
C PRO E 257 42.05 -7.18 -32.70
N PHE E 258 42.83 -6.83 -31.67
CA PHE E 258 42.34 -6.56 -30.32
C PHE E 258 41.59 -7.75 -29.74
N PRO E 259 42.28 -8.84 -29.39
CA PRO E 259 41.59 -9.99 -28.79
C PRO E 259 41.16 -9.71 -27.35
N LEU E 260 40.52 -10.69 -26.72
CA LEU E 260 40.05 -10.57 -25.35
C LEU E 260 41.04 -11.26 -24.41
N ASP E 261 41.46 -10.55 -23.36
CA ASP E 261 42.41 -11.08 -22.39
C ASP E 261 41.88 -10.81 -20.99
N ASN E 262 42.46 -11.49 -20.02
CA ASN E 262 42.08 -11.36 -18.62
C ASN E 262 43.14 -10.57 -17.85
N ILE E 263 42.68 -9.59 -17.09
CA ILE E 263 43.53 -8.71 -16.29
C ILE E 263 42.85 -8.49 -14.94
N THR E 264 43.44 -7.62 -14.14
CA THR E 264 42.91 -7.27 -12.82
C THR E 264 42.62 -5.78 -12.75
N CYS E 265 41.34 -5.41 -12.82
CA CYS E 265 40.96 -4.05 -12.49
C CYS E 265 40.94 -3.90 -10.96
N ARG E 266 40.66 -2.70 -10.48
CA ARG E 266 40.80 -2.36 -9.07
C ARG E 266 39.45 -1.89 -8.53
N VAL E 267 39.21 -2.18 -7.26
CA VAL E 267 37.95 -1.78 -6.61
C VAL E 267 38.25 -1.20 -5.25
N PRO E 268 37.41 -0.27 -4.80
CA PRO E 268 37.55 0.27 -3.45
C PRO E 268 36.93 -0.66 -2.41
N MET E 269 37.22 -0.36 -1.15
CA MET E 269 36.61 -1.06 -0.02
C MET E 269 35.71 -0.09 0.73
N ALA E 270 34.47 -0.51 0.96
CA ALA E 270 33.49 0.36 1.58
C ALA E 270 33.82 0.61 3.05
N ARG E 271 33.29 1.71 3.57
CA ARG E 271 33.50 2.05 4.97
C ARG E 271 32.84 1.03 5.88
N GLU E 272 33.52 0.69 6.97
CA GLU E 272 32.97 -0.25 7.93
C GLU E 272 31.77 0.36 8.65
N PRO E 273 30.73 -0.42 8.89
CA PRO E 273 29.53 0.12 9.54
C PRO E 273 29.70 0.25 11.04
N THR E 274 28.74 0.94 11.65
CA THR E 274 28.71 1.15 13.10
C THR E 274 27.73 0.17 13.72
N VAL E 275 28.20 -0.58 14.73
CA VAL E 275 27.41 -1.63 15.36
C VAL E 275 26.88 -1.09 16.69
N ILE E 276 25.58 -1.30 16.92
CA ILE E 276 24.95 -1.05 18.22
C ILE E 276 24.29 -2.35 18.66
N HIS E 277 24.66 -2.83 19.84
CA HIS E 277 24.22 -4.14 20.30
C HIS E 277 22.82 -4.06 20.91
N GLY E 278 22.27 -5.23 21.21
CA GLY E 278 20.95 -5.33 21.78
C GLY E 278 20.61 -6.76 22.09
N LYS E 279 19.40 -6.97 22.60
CA LYS E 279 18.92 -8.29 22.99
C LYS E 279 18.49 -9.02 21.73
N ARG E 280 19.32 -9.98 21.29
CA ARG E 280 19.05 -10.77 20.09
C ARG E 280 18.90 -9.90 18.85
N GLU E 281 19.50 -8.71 18.85
CA GLU E 281 19.35 -7.78 17.75
C GLU E 281 20.55 -6.85 17.70
N VAL E 282 20.93 -6.47 16.48
CA VAL E 282 21.97 -5.47 16.26
C VAL E 282 21.46 -4.47 15.23
N THR E 283 21.76 -3.20 15.44
CA THR E 283 21.36 -2.13 14.53
C THR E 283 22.60 -1.53 13.88
N LEU E 284 22.62 -1.49 12.56
CA LEU E 284 23.76 -1.02 11.80
C LEU E 284 23.49 0.37 11.23
N HIS E 285 24.52 1.21 11.22
CA HIS E 285 24.47 2.49 10.53
C HIS E 285 25.39 2.43 9.32
N LEU E 286 24.82 2.58 8.13
CA LEU E 286 25.55 2.45 6.88
C LEU E 286 25.75 3.83 6.27
N HIS E 287 26.97 4.12 5.82
CA HIS E 287 27.33 5.39 5.21
C HIS E 287 28.03 5.13 3.89
N PRO E 288 27.29 5.02 2.80
CA PRO E 288 27.91 4.73 1.50
C PRO E 288 28.26 6.00 0.74
N ASP E 289 29.23 5.85 -0.18
CA ASP E 289 29.54 6.88 -1.15
C ASP E 289 29.13 6.49 -2.56
N HIS E 290 28.85 5.22 -2.79
CA HIS E 290 28.39 4.67 -4.06
C HIS E 290 27.16 3.84 -3.78
N PRO E 291 26.45 3.39 -4.83
CA PRO E 291 25.45 2.33 -4.60
C PRO E 291 26.12 1.00 -4.28
N THR E 292 26.06 0.59 -3.02
CA THR E 292 26.67 -0.65 -2.57
C THR E 292 25.61 -1.73 -2.42
N LEU E 293 26.07 -2.95 -2.18
CA LEU E 293 25.19 -4.10 -2.02
C LEU E 293 25.37 -4.66 -0.61
N PHE E 294 24.25 -4.84 0.09
CA PHE E 294 24.26 -5.28 1.47
C PHE E 294 23.39 -6.53 1.60
N SER E 295 23.98 -7.62 2.09
CA SER E 295 23.28 -8.88 2.22
C SER E 295 23.66 -9.54 3.54
N TYR E 296 22.68 -10.20 4.14
CA TYR E 296 22.88 -10.89 5.41
C TYR E 296 22.02 -12.15 5.43
N ARG E 297 22.41 -13.10 6.28
CA ARG E 297 21.71 -14.36 6.39
C ARG E 297 21.89 -14.93 7.79
N THR E 298 21.02 -15.86 8.17
CA THR E 298 21.05 -16.51 9.46
C THR E 298 21.54 -17.94 9.29
N LEU E 299 22.38 -18.38 10.23
CA LEU E 299 23.08 -19.66 10.11
C LEU E 299 22.30 -20.83 10.72
N GLY E 300 20.97 -20.78 10.70
CA GLY E 300 20.16 -21.85 11.25
C GLY E 300 19.70 -22.84 10.20
N GLU E 301 18.68 -23.61 10.58
CA GLU E 301 18.10 -24.58 9.65
C GLU E 301 17.34 -23.89 8.52
N ASP E 302 16.48 -22.93 8.87
CA ASP E 302 15.73 -22.17 7.89
C ASP E 302 16.20 -20.72 7.92
N PRO E 303 17.08 -20.31 7.02
CA PRO E 303 17.63 -18.96 7.07
C PRO E 303 16.67 -17.92 6.54
N GLN E 304 16.90 -16.67 6.97
CA GLN E 304 16.15 -15.51 6.48
C GLN E 304 17.15 -14.60 5.77
N TYR E 305 17.31 -14.82 4.47
CA TYR E 305 18.19 -14.02 3.63
C TYR E 305 17.52 -12.69 3.28
N HIS E 306 18.36 -11.73 2.90
CA HIS E 306 17.89 -10.43 2.43
C HIS E 306 19.04 -9.69 1.79
N GLU E 307 18.77 -9.03 0.66
CA GLU E 307 19.80 -8.27 -0.05
C GLU E 307 19.14 -7.07 -0.72
N GLU E 308 19.89 -5.97 -0.79
CA GLU E 308 19.36 -4.75 -1.39
C GLU E 308 20.52 -3.83 -1.76
N TRP E 309 20.22 -2.85 -2.60
CA TRP E 309 21.17 -1.82 -2.99
C TRP E 309 20.97 -0.61 -2.08
N VAL E 310 22.06 -0.10 -1.51
CA VAL E 310 22.00 1.04 -0.61
C VAL E 310 22.58 2.25 -1.33
N THR E 311 21.80 3.32 -1.43
CA THR E 311 22.19 4.52 -2.15
C THR E 311 22.47 5.69 -1.21
N ALA E 312 21.69 5.83 -0.14
CA ALA E 312 21.87 6.89 0.84
C ALA E 312 22.13 6.30 2.22
N ALA E 313 22.36 7.18 3.19
CA ALA E 313 22.62 6.74 4.55
C ALA E 313 21.33 6.22 5.19
N VAL E 314 21.36 4.96 5.63
CA VAL E 314 20.22 4.28 6.21
C VAL E 314 20.66 3.57 7.48
N GLU E 315 19.68 3.08 8.24
CA GLU E 315 19.92 2.21 9.38
C GLU E 315 19.05 0.97 9.25
N ARG E 316 19.63 -0.18 9.54
CA ARG E 316 18.92 -1.46 9.42
C ARG E 316 19.17 -2.31 10.65
N THR E 317 18.11 -2.97 11.10
CA THR E 317 18.18 -3.87 12.26
C THR E 317 18.18 -5.31 11.77
N ILE E 318 19.08 -6.11 12.32
CA ILE E 318 19.29 -7.49 11.88
C ILE E 318 19.01 -8.42 13.05
N PRO E 319 18.18 -9.46 12.86
CA PRO E 319 17.92 -10.39 13.96
C PRO E 319 19.01 -11.44 14.06
N VAL E 320 19.74 -11.42 15.18
CA VAL E 320 20.83 -12.35 15.42
C VAL E 320 20.38 -13.39 16.44
N PRO E 321 20.19 -14.66 16.04
CA PRO E 321 19.82 -15.69 17.00
C PRO E 321 21.05 -16.33 17.63
N VAL E 322 20.83 -17.34 18.48
CA VAL E 322 21.95 -18.06 19.07
C VAL E 322 22.77 -18.81 18.03
N ASP E 323 22.18 -19.11 16.87
CA ASP E 323 22.91 -19.82 15.83
C ASP E 323 23.98 -18.94 15.21
N GLY E 324 23.65 -17.71 14.87
CA GLY E 324 24.63 -16.76 14.36
C GLY E 324 24.11 -15.96 13.17
N MET E 325 24.87 -14.93 12.80
CA MET E 325 24.56 -14.07 11.67
C MET E 325 25.82 -13.89 10.84
N GLU E 326 25.64 -13.75 9.52
CA GLU E 326 26.72 -13.31 8.64
C GLU E 326 26.17 -12.25 7.71
N TYR E 327 26.86 -11.11 7.64
CA TYR E 327 26.40 -9.99 6.81
C TYR E 327 27.53 -9.55 5.89
N HIS E 328 27.16 -9.21 4.66
CA HIS E 328 28.10 -8.75 3.64
C HIS E 328 27.82 -7.29 3.35
N TRP E 329 28.83 -6.44 3.50
CA TRP E 329 28.69 -5.01 3.26
C TRP E 329 29.75 -4.59 2.24
N GLY E 330 29.30 -4.08 1.10
CA GLY E 330 30.21 -3.59 0.09
C GLY E 330 31.13 -4.65 -0.48
N ASN E 331 32.44 -4.38 -0.43
CA ASN E 331 33.43 -5.27 -1.00
C ASN E 331 34.29 -5.98 0.04
N ASN E 332 34.01 -5.81 1.33
CA ASN E 332 34.82 -6.42 2.35
C ASN E 332 34.46 -7.90 2.52
N ASP E 333 35.24 -8.58 3.36
CA ASP E 333 34.96 -9.97 3.68
C ASP E 333 33.77 -10.07 4.62
N PRO E 334 33.06 -11.19 4.60
CA PRO E 334 31.92 -11.35 5.51
C PRO E 334 32.36 -11.38 6.96
N VAL E 335 31.47 -10.87 7.83
CA VAL E 335 31.69 -10.84 9.27
C VAL E 335 30.56 -11.62 9.93
N ARG E 336 30.90 -12.40 10.95
CA ARG E 336 29.95 -13.25 11.65
C ARG E 336 29.87 -12.86 13.12
N LEU E 337 28.66 -12.91 13.67
CA LEU E 337 28.40 -12.55 15.05
C LEU E 337 27.53 -13.62 15.70
N TRP E 338 27.64 -13.73 17.02
CA TRP E 338 26.92 -14.73 17.78
C TRP E 338 26.31 -14.10 19.02
N SER E 339 25.18 -14.65 19.45
CA SER E 339 24.43 -14.13 20.58
C SER E 339 24.65 -15.01 21.80
N GLN E 340 24.98 -14.39 22.92
CA GLN E 340 25.20 -15.11 24.16
C GLN E 340 23.87 -15.37 24.88
N LEU E 341 23.95 -16.10 25.98
CA LEU E 341 22.77 -16.44 26.79
C LEU E 341 22.69 -15.45 27.94
N THR E 342 22.10 -14.29 27.67
CA THR E 342 21.91 -13.26 28.68
C THR E 342 20.43 -12.94 28.80
N THR E 343 20.01 -12.60 30.01
CA THR E 343 18.61 -12.30 30.30
C THR E 343 18.55 -11.60 31.65
N GLU E 344 17.38 -11.04 31.96
CA GLU E 344 17.11 -10.36 33.21
C GLU E 344 16.69 -11.36 34.27
N GLY E 345 16.74 -10.93 35.53
CA GLY E 345 16.39 -11.77 36.65
C GLY E 345 17.60 -12.38 37.32
N LYS E 346 17.35 -13.04 38.44
CA LYS E 346 18.38 -13.68 39.24
C LYS E 346 18.11 -15.17 39.31
N PRO E 347 19.10 -16.02 39.08
CA PRO E 347 18.86 -17.47 39.02
C PRO E 347 19.00 -18.21 40.34
N HIS E 348 19.24 -17.51 41.45
CA HIS E 348 19.40 -18.19 42.74
C HIS E 348 18.71 -17.43 43.86
N GLY E 349 17.60 -16.75 43.55
CA GLY E 349 16.86 -16.03 44.57
C GLY E 349 15.52 -16.66 44.85
N TRP E 350 14.49 -15.82 45.03
CA TRP E 350 13.15 -16.32 45.27
C TRP E 350 12.61 -16.97 43.99
N PRO E 351 11.60 -17.85 44.13
CA PRO E 351 11.12 -18.58 42.95
C PRO E 351 10.62 -17.69 41.83
N HIS E 352 10.03 -16.54 42.14
CA HIS E 352 9.55 -15.65 41.09
C HIS E 352 10.69 -15.09 40.27
N GLN E 353 11.82 -14.79 40.92
CA GLN E 353 12.98 -14.31 40.17
C GLN E 353 13.51 -15.36 39.21
N ILE E 354 13.56 -16.62 39.66
CA ILE E 354 13.99 -17.71 38.78
C ILE E 354 13.02 -17.88 37.62
N VAL E 355 11.72 -17.79 37.91
CA VAL E 355 10.71 -17.94 36.87
C VAL E 355 10.86 -16.85 35.82
N GLN E 356 11.06 -15.60 36.25
CA GLN E 356 11.21 -14.52 35.28
C GLN E 356 12.52 -14.63 34.52
N TYR E 357 13.59 -15.13 35.17
CA TYR E 357 14.85 -15.35 34.46
C TYR E 357 14.69 -16.37 33.35
N TYR E 358 14.09 -17.51 33.66
CA TYR E 358 13.89 -18.53 32.64
C TYR E 358 12.89 -18.10 31.58
N TYR E 359 11.90 -17.28 31.93
CA TYR E 359 11.01 -16.71 30.93
C TYR E 359 11.78 -15.81 29.97
N GLY E 360 12.67 -14.98 30.51
CA GLY E 360 13.50 -14.15 29.66
C GLY E 360 14.41 -14.96 28.77
N LEU E 361 14.80 -16.16 29.23
CA LEU E 361 15.56 -17.05 28.36
C LEU E 361 14.67 -17.78 27.36
N TYR E 362 13.61 -18.45 27.84
CA TYR E 362 12.67 -19.15 26.98
C TYR E 362 11.24 -18.86 27.43
N PRO E 363 10.49 -18.00 26.72
CA PRO E 363 9.16 -17.61 27.19
C PRO E 363 8.13 -18.74 27.22
N ALA E 364 7.91 -19.36 26.06
CA ALA E 364 6.77 -20.28 25.91
C ALA E 364 6.92 -21.52 26.79
N ALA E 365 8.12 -22.11 26.79
CA ALA E 365 8.32 -23.33 27.57
C ALA E 365 8.13 -23.07 29.06
N THR E 366 8.66 -21.94 29.55
CA THR E 366 8.50 -21.62 30.97
C THR E 366 7.05 -21.34 31.32
N VAL E 367 6.33 -20.62 30.46
CA VAL E 367 4.93 -20.35 30.73
C VAL E 367 4.14 -21.66 30.81
N SER E 368 4.38 -22.56 29.85
CA SER E 368 3.67 -23.83 29.83
C SER E 368 4.01 -24.66 31.07
N ALA E 369 5.30 -24.71 31.44
CA ALA E 369 5.70 -25.50 32.60
C ALA E 369 5.08 -24.96 33.88
N VAL E 370 5.08 -23.64 34.05
CA VAL E 370 4.48 -23.05 35.25
C VAL E 370 2.99 -23.34 35.31
N VAL E 371 2.30 -23.20 34.17
CA VAL E 371 0.86 -23.48 34.14
C VAL E 371 0.60 -24.94 34.53
N GLY E 372 1.37 -25.87 33.95
CA GLY E 372 1.15 -27.28 34.25
C GLY E 372 1.43 -27.61 35.70
N MET E 373 2.51 -27.06 36.26
CA MET E 373 2.84 -27.33 37.65
C MET E 373 1.77 -26.80 38.58
N SER E 374 1.28 -25.58 38.32
CA SER E 374 0.22 -25.02 39.15
C SER E 374 -1.04 -25.85 39.08
N LEU E 375 -1.40 -26.29 37.87
CA LEU E 375 -2.61 -27.11 37.71
C LEU E 375 -2.47 -28.43 38.47
N LEU E 376 -1.30 -29.07 38.38
CA LEU E 376 -1.10 -30.35 39.06
C LEU E 376 -1.17 -30.17 40.57
N ALA E 377 -0.56 -29.11 41.09
CA ALA E 377 -0.66 -28.84 42.52
C ALA E 377 -2.09 -28.61 42.95
N LEU E 378 -2.85 -27.85 42.16
CA LEU E 378 -4.24 -27.57 42.51
C LEU E 378 -5.08 -28.84 42.53
N ILE E 379 -4.91 -29.70 41.53
CA ILE E 379 -5.74 -30.91 41.49
C ILE E 379 -5.35 -31.85 42.62
N SER E 380 -4.06 -31.93 42.95
CA SER E 380 -3.64 -32.76 44.08
C SER E 380 -4.26 -32.27 45.38
N ILE E 381 -4.21 -30.96 45.62
CA ILE E 381 -4.78 -30.41 46.85
C ILE E 381 -6.28 -30.68 46.91
N PHE E 382 -6.98 -30.45 45.80
CA PHE E 382 -8.42 -30.67 45.77
C PHE E 382 -8.78 -32.12 46.03
N ALA E 383 -8.05 -33.04 45.40
CA ALA E 383 -8.34 -34.46 45.60
C ALA E 383 -8.12 -34.87 47.06
N SER E 384 -7.02 -34.41 47.65
CA SER E 384 -6.75 -34.76 49.04
C SER E 384 -7.84 -34.22 49.97
N CYS E 385 -8.22 -32.95 49.77
CA CYS E 385 -9.24 -32.35 50.63
C CYS E 385 -10.58 -33.06 50.47
N TYR E 386 -10.97 -33.36 49.24
CA TYR E 386 -12.25 -34.03 49.01
C TYR E 386 -12.27 -35.42 49.62
N MET E 387 -11.17 -36.16 49.50
CA MET E 387 -11.17 -37.52 50.04
C MET E 387 -11.14 -37.49 51.56
N LEU E 388 -10.48 -36.50 52.16
CA LEU E 388 -10.53 -36.37 53.62
C LEU E 388 -11.94 -36.02 54.08
N VAL E 389 -12.63 -35.14 53.36
CA VAL E 389 -14.01 -34.82 53.69
C VAL E 389 -14.88 -36.06 53.58
N ALA E 390 -14.65 -36.87 52.55
CA ALA E 390 -15.40 -38.12 52.41
C ALA E 390 -15.13 -39.07 53.57
N ALA E 391 -13.88 -39.15 54.02
CA ALA E 391 -13.56 -40.00 55.16
C ALA E 391 -14.29 -39.54 56.41
N ARG E 392 -14.31 -38.22 56.64
CA ARG E 392 -15.09 -37.68 57.76
C ARG E 392 -16.57 -38.07 57.64
N SER E 393 -17.16 -37.84 56.47
CA SER E 393 -18.59 -38.06 56.29
C SER E 393 -18.93 -39.55 56.40
N LYS E 394 -17.99 -40.43 56.09
CA LYS E 394 -18.28 -41.86 56.17
C LYS E 394 -18.02 -42.37 57.58
N CYS E 395 -17.13 -41.70 58.33
CA CYS E 395 -16.93 -42.08 59.73
C CYS E 395 -18.12 -41.65 60.59
N LEU E 396 -18.68 -40.47 60.32
CA LEU E 396 -19.75 -39.93 61.15
C LEU E 396 -21.14 -40.13 60.56
N THR E 397 -21.28 -40.97 59.54
CA THR E 397 -22.60 -41.20 58.96
C THR E 397 -23.55 -42.06 59.82
N PRO E 398 -23.09 -43.08 60.55
CA PRO E 398 -24.07 -43.93 61.26
C PRO E 398 -24.71 -43.25 62.45
N TYR E 399 -24.01 -42.30 63.09
CA TYR E 399 -24.54 -41.65 64.27
C TYR E 399 -25.75 -40.77 63.98
N ALA E 400 -25.86 -40.27 62.75
CA ALA E 400 -27.03 -39.50 62.34
C ALA E 400 -28.22 -40.38 62.01
N LEU E 401 -28.01 -41.69 61.83
CA LEU E 401 -29.10 -42.61 61.54
C LEU E 401 -29.66 -43.30 62.77
N THR E 402 -28.85 -43.45 63.82
CA THR E 402 -29.31 -44.07 65.06
C THR E 402 -30.31 -43.16 65.75
N PRO E 403 -31.52 -43.64 66.06
CA PRO E 403 -32.47 -42.80 66.80
C PRO E 403 -31.93 -42.51 68.20
N GLY E 404 -32.12 -41.28 68.65
CA GLY E 404 -31.54 -40.94 69.93
C GLY E 404 -30.02 -40.98 69.87
N ALA E 405 -29.43 -41.29 71.04
CA ALA E 405 -27.99 -41.39 71.20
C ALA E 405 -27.27 -40.10 70.86
N ALA E 406 -25.94 -40.10 70.98
CA ALA E 406 -25.16 -38.90 70.73
C ALA E 406 -23.73 -39.30 70.40
N VAL E 407 -23.10 -38.49 69.54
CA VAL E 407 -21.70 -38.73 69.17
C VAL E 407 -20.82 -38.49 70.39
N PRO E 408 -19.76 -39.28 70.61
CA PRO E 408 -18.85 -39.01 71.72
C PRO E 408 -18.22 -37.63 71.58
N TRP E 409 -17.94 -37.01 72.73
CA TRP E 409 -17.39 -35.67 72.74
C TRP E 409 -16.01 -35.62 72.07
N THR E 410 -15.22 -36.69 72.21
CA THR E 410 -13.89 -36.69 71.59
C THR E 410 -14.00 -36.70 70.07
N LEU E 411 -14.82 -37.60 69.51
CA LEU E 411 -15.04 -37.61 68.08
C LEU E 411 -15.79 -36.37 67.62
N GLY E 412 -16.64 -35.82 68.48
CA GLY E 412 -17.31 -34.56 68.17
C GLY E 412 -16.42 -33.34 68.30
N ILE E 413 -15.21 -33.51 68.81
CA ILE E 413 -14.24 -32.43 68.84
C ILE E 413 -13.23 -32.56 67.71
N LEU E 414 -12.74 -33.78 67.46
CA LEU E 414 -11.76 -33.96 66.39
C LEU E 414 -12.43 -33.84 65.02
N CYS E 415 -13.75 -33.96 64.98
CA CYS E 415 -14.56 -33.56 63.83
C CYS E 415 -15.74 -32.74 64.31
N CYS E 416 -16.10 -31.71 63.54
CA CYS E 416 -17.23 -30.87 63.91
C CYS E 416 -18.53 -31.65 63.76
N ALA E 417 -19.16 -32.00 64.88
CA ALA E 417 -20.38 -32.80 64.85
C ALA E 417 -21.57 -31.92 65.21
N PRO E 418 -22.53 -31.71 64.30
CA PRO E 418 -23.73 -30.90 64.55
C PRO E 418 -24.61 -31.49 65.65
N TYR F 1 44.38 -52.35 20.53
CA TYR F 1 43.18 -51.92 21.24
C TYR F 1 42.27 -51.09 20.34
N GLU F 2 41.05 -51.54 20.16
CA GLU F 2 40.07 -50.85 19.34
C GLU F 2 39.21 -49.92 20.20
N HIS F 3 38.67 -48.90 19.55
CA HIS F 3 37.84 -47.92 20.23
C HIS F 3 36.88 -47.30 19.23
N SER F 4 35.81 -46.70 19.75
CA SER F 4 34.83 -46.05 18.91
C SER F 4 34.25 -44.85 19.65
N THR F 5 34.00 -43.78 18.90
CA THR F 5 33.44 -42.55 19.46
C THR F 5 32.81 -41.76 18.32
N VAL F 6 32.01 -40.77 18.67
CA VAL F 6 31.38 -39.87 17.71
C VAL F 6 31.82 -38.45 18.02
N MET F 7 31.94 -37.63 16.98
CA MET F 7 32.31 -36.23 17.13
C MET F 7 31.28 -35.35 16.44
N PRO F 8 31.06 -34.13 16.94
CA PRO F 8 30.15 -33.20 16.26
C PRO F 8 30.83 -32.58 15.05
N ASN F 9 30.12 -32.54 13.93
CA ASN F 9 30.66 -31.99 12.69
C ASN F 9 30.52 -30.46 12.71
N VAL F 10 31.27 -29.85 13.62
CA VAL F 10 31.35 -28.39 13.74
C VAL F 10 32.82 -28.01 13.74
N VAL F 11 33.17 -27.02 12.92
CA VAL F 11 34.57 -26.70 12.68
C VAL F 11 35.13 -25.89 13.84
N GLY F 12 36.28 -26.34 14.36
CA GLY F 12 36.98 -25.61 15.39
C GLY F 12 36.65 -26.01 16.82
N PHE F 13 35.66 -26.86 17.02
CA PHE F 13 35.25 -27.24 18.36
C PHE F 13 36.18 -28.32 18.88
N PRO F 14 36.92 -28.08 19.96
CA PRO F 14 37.84 -29.11 20.48
C PRO F 14 37.07 -30.27 21.10
N TYR F 15 37.57 -31.47 20.85
CA TYR F 15 36.89 -32.68 21.29
C TYR F 15 37.89 -33.57 22.01
N LYS F 16 37.60 -33.91 23.25
CA LYS F 16 38.47 -34.75 24.06
C LYS F 16 37.91 -36.16 24.07
N ALA F 17 38.74 -37.14 23.71
CA ALA F 17 38.34 -38.54 23.69
C ALA F 17 39.07 -39.27 24.78
N HIS F 18 38.32 -39.94 25.65
CA HIS F 18 38.87 -40.65 26.79
C HIS F 18 38.88 -42.15 26.51
N ILE F 19 40.06 -42.75 26.64
CA ILE F 19 40.22 -44.20 26.50
C ILE F 19 40.76 -44.73 27.83
N GLU F 20 40.40 -45.97 28.12
CA GLU F 20 40.75 -46.56 29.42
C GLU F 20 40.74 -48.07 29.27
N ARG F 21 41.87 -48.71 29.56
CA ARG F 21 41.97 -50.16 29.50
C ARG F 21 42.58 -50.70 30.77
N PRO F 22 42.22 -51.92 31.16
CA PRO F 22 42.84 -52.53 32.35
C PRO F 22 44.36 -52.61 32.20
N GLY F 23 45.06 -52.30 33.28
CA GLY F 23 46.50 -52.41 33.31
C GLY F 23 47.26 -51.22 32.77
N TYR F 24 46.60 -50.11 32.49
CA TYR F 24 47.27 -48.91 31.99
C TYR F 24 46.56 -47.67 32.48
N SER F 25 47.30 -46.56 32.49
CA SER F 25 46.70 -45.28 32.85
C SER F 25 45.83 -44.77 31.69
N PRO F 26 44.80 -44.00 32.00
CA PRO F 26 43.94 -43.47 30.94
C PRO F 26 44.70 -42.50 30.04
N LEU F 27 44.24 -42.41 28.78
CA LEU F 27 44.84 -41.55 27.77
C LEU F 27 43.75 -40.69 27.13
N THR F 28 44.08 -39.44 26.86
CA THR F 28 43.13 -38.48 26.32
C THR F 28 43.51 -38.09 24.91
N LEU F 29 42.56 -38.20 23.98
CA LEU F 29 42.76 -37.86 22.58
C LEU F 29 42.13 -36.50 22.32
N GLN F 30 42.76 -35.69 21.47
CA GLN F 30 42.17 -34.45 20.99
C GLN F 30 42.15 -34.48 19.47
N MET F 31 40.96 -34.38 18.88
CA MET F 31 40.80 -34.25 17.44
C MET F 31 39.97 -33.01 17.15
N GLN F 32 40.41 -32.22 16.17
CA GLN F 32 39.72 -31.02 15.76
C GLN F 32 39.57 -31.02 14.25
N VAL F 33 38.44 -30.51 13.77
CA VAL F 33 38.12 -30.45 12.36
C VAL F 33 38.48 -29.06 11.86
N VAL F 34 39.40 -29.00 10.89
CA VAL F 34 39.88 -27.72 10.37
C VAL F 34 38.99 -27.22 9.24
N GLU F 35 38.71 -28.07 8.25
CA GLU F 35 37.82 -27.70 7.17
C GLU F 35 37.20 -28.94 6.57
N THR F 36 36.00 -28.78 6.01
CA THR F 36 35.27 -29.86 5.37
C THR F 36 34.81 -29.41 3.99
N SER F 37 34.61 -30.39 3.11
CA SER F 37 34.18 -30.13 1.74
C SER F 37 33.09 -31.13 1.36
N LEU F 38 32.06 -30.64 0.68
CA LEU F 38 30.99 -31.48 0.15
C LEU F 38 30.91 -31.25 -1.36
N GLU F 39 31.18 -32.31 -2.13
CA GLU F 39 31.28 -32.21 -3.58
C GLU F 39 30.25 -33.13 -4.22
N PRO F 40 29.32 -32.61 -5.02
CA PRO F 40 28.41 -33.46 -5.77
C PRO F 40 28.99 -33.89 -7.10
N THR F 41 28.54 -35.04 -7.57
CA THR F 41 28.93 -35.57 -8.87
C THR F 41 27.99 -35.00 -9.94
N LEU F 42 28.57 -34.34 -10.94
CA LEU F 42 27.82 -33.59 -11.93
C LEU F 42 27.99 -34.22 -13.31
N ASN F 43 26.91 -34.24 -14.08
CA ASN F 43 26.95 -34.61 -15.48
C ASN F 43 26.41 -33.43 -16.28
N LEU F 44 27.19 -32.95 -17.24
CA LEU F 44 26.80 -31.77 -18.01
C LEU F 44 25.60 -32.09 -18.91
N GLU F 45 24.72 -31.09 -19.06
CA GLU F 45 23.57 -31.21 -19.93
C GLU F 45 23.68 -30.32 -21.15
N TYR F 46 23.85 -29.01 -20.97
CA TYR F 46 24.09 -28.09 -22.08
C TYR F 46 24.64 -26.79 -21.51
N ILE F 47 25.14 -25.95 -22.42
CA ILE F 47 25.69 -24.64 -22.07
C ILE F 47 25.00 -23.59 -22.94
N THR F 48 25.12 -22.34 -22.51
CA THR F 48 24.48 -21.22 -23.19
C THR F 48 25.44 -20.04 -23.27
N CYS F 49 25.26 -19.22 -24.30
CA CYS F 49 26.00 -17.97 -24.42
C CYS F 49 25.20 -17.02 -25.27
N GLU F 50 25.68 -15.79 -25.37
CA GLU F 50 25.08 -14.83 -26.29
C GLU F 50 25.32 -15.29 -27.72
N TYR F 51 24.35 -14.99 -28.59
CA TYR F 51 24.41 -15.38 -29.99
C TYR F 51 24.70 -14.16 -30.86
N LYS F 52 25.02 -14.45 -32.12
CA LYS F 52 25.19 -13.43 -33.14
C LYS F 52 24.47 -13.86 -34.40
N THR F 53 24.02 -12.89 -35.18
CA THR F 53 23.31 -13.14 -36.42
C THR F 53 24.16 -12.67 -37.59
N VAL F 54 24.37 -13.55 -38.55
CA VAL F 54 25.19 -13.27 -39.71
C VAL F 54 24.26 -12.95 -40.88
N VAL F 55 24.26 -11.69 -41.31
CA VAL F 55 23.46 -11.29 -42.47
C VAL F 55 24.41 -10.98 -43.62
N PRO F 56 24.44 -11.81 -44.65
CA PRO F 56 25.29 -11.54 -45.81
C PRO F 56 24.65 -10.52 -46.74
N SER F 57 25.46 -10.04 -47.68
CA SER F 57 24.97 -9.02 -48.60
C SER F 57 23.85 -9.59 -49.47
N PRO F 58 22.79 -8.83 -49.69
CA PRO F 58 21.69 -9.33 -50.51
C PRO F 58 22.08 -9.45 -51.98
N TYR F 59 21.39 -10.37 -52.66
CA TYR F 59 21.58 -10.60 -54.09
C TYR F 59 20.45 -9.93 -54.84
N VAL F 60 20.79 -8.98 -55.70
CA VAL F 60 19.83 -8.28 -56.55
C VAL F 60 20.13 -8.63 -58.00
N LYS F 61 19.11 -9.10 -58.72
CA LYS F 61 19.24 -9.52 -60.10
C LYS F 61 18.42 -8.59 -60.98
N CYS F 62 19.07 -8.01 -61.99
CA CYS F 62 18.40 -7.16 -62.96
C CYS F 62 17.84 -7.97 -64.11
N CYS F 63 16.55 -7.77 -64.37
CA CYS F 63 15.86 -8.40 -65.50
C CYS F 63 15.96 -9.92 -65.41
N GLY F 64 15.43 -10.45 -64.32
CA GLY F 64 15.42 -11.88 -64.08
C GLY F 64 14.76 -12.17 -62.74
N ALA F 65 14.67 -13.45 -62.45
CA ALA F 65 14.09 -13.91 -61.19
C ALA F 65 14.96 -15.01 -60.59
N SER F 66 14.94 -15.09 -59.27
CA SER F 66 15.74 -16.07 -58.55
C SER F 66 14.88 -16.76 -57.50
N GLU F 67 15.18 -18.04 -57.28
CA GLU F 67 14.57 -18.80 -56.21
C GLU F 67 15.67 -19.36 -55.33
N CYS F 68 15.39 -19.49 -54.04
CA CYS F 68 16.39 -19.89 -53.06
C CYS F 68 15.96 -21.19 -52.39
N SER F 69 16.95 -22.03 -52.08
CA SER F 69 16.74 -23.36 -51.54
C SER F 69 17.18 -23.42 -50.09
N THR F 70 16.54 -24.32 -49.33
CA THR F 70 16.81 -24.44 -47.92
C THR F 70 18.20 -25.02 -47.68
N LYS F 71 18.76 -24.68 -46.51
CA LYS F 71 20.06 -25.18 -46.08
C LYS F 71 19.96 -25.63 -44.63
N GLU F 72 20.87 -26.52 -44.24
CA GLU F 72 20.87 -27.06 -42.88
C GLU F 72 21.73 -26.19 -41.98
N LYS F 73 21.14 -25.09 -41.54
CA LYS F 73 21.78 -24.10 -40.68
C LYS F 73 20.82 -23.68 -39.59
N PRO F 74 21.32 -23.21 -38.44
CA PRO F 74 20.42 -22.83 -37.35
C PRO F 74 19.56 -21.62 -37.68
N ASP F 75 18.23 -21.82 -37.67
CA ASP F 75 17.26 -20.77 -37.94
C ASP F 75 17.54 -20.07 -39.27
N TYR F 76 17.76 -20.86 -40.31
CA TYR F 76 17.95 -20.31 -41.64
C TYR F 76 16.60 -19.82 -42.18
N GLN F 77 16.54 -18.54 -42.55
CA GLN F 77 15.34 -17.93 -43.09
C GLN F 77 15.70 -17.19 -44.36
N CYS F 78 15.13 -17.62 -45.48
CA CYS F 78 15.37 -16.98 -46.77
C CYS F 78 14.04 -16.68 -47.44
N LYS F 79 13.96 -15.48 -48.01
CA LYS F 79 12.78 -15.05 -48.74
C LYS F 79 13.24 -14.37 -50.02
N VAL F 80 12.37 -14.41 -51.04
CA VAL F 80 12.60 -13.75 -52.31
C VAL F 80 11.51 -12.72 -52.51
N TYR F 81 11.90 -11.48 -52.74
CA TYR F 81 10.98 -10.36 -52.91
C TYR F 81 11.02 -9.89 -54.35
N THR F 82 9.86 -9.68 -54.94
CA THR F 82 9.73 -9.31 -56.34
C THR F 82 9.31 -7.86 -56.47
N GLY F 83 9.71 -7.25 -57.58
CA GLY F 83 9.37 -5.87 -57.85
C GLY F 83 10.11 -4.88 -56.97
N VAL F 84 11.43 -4.84 -57.09
CA VAL F 84 12.27 -3.95 -56.29
C VAL F 84 13.12 -3.12 -57.23
N TYR F 85 13.32 -1.85 -56.87
CA TYR F 85 14.07 -0.91 -57.68
C TYR F 85 15.16 -0.29 -56.81
N PRO F 86 16.29 -0.96 -56.68
CA PRO F 86 17.34 -0.45 -55.78
C PRO F 86 17.96 0.84 -56.30
N PHE F 87 18.49 1.61 -55.36
CA PHE F 87 19.19 2.85 -55.65
C PHE F 87 20.56 2.83 -55.00
N MET F 88 21.51 3.48 -55.65
CA MET F 88 22.88 3.57 -55.15
C MET F 88 23.32 5.02 -55.24
N TRP F 89 24.55 5.29 -54.81
CA TRP F 89 25.00 6.69 -54.73
C TRP F 89 25.17 7.30 -56.10
N GLY F 90 25.37 6.50 -57.14
CA GLY F 90 25.47 7.01 -58.49
C GLY F 90 24.13 7.18 -59.16
N GLY F 91 23.29 6.16 -59.07
CA GLY F 91 21.97 6.21 -59.67
C GLY F 91 21.24 4.89 -59.56
N ALA F 92 20.42 4.57 -60.56
CA ALA F 92 19.71 3.30 -60.55
C ALA F 92 20.68 2.14 -60.74
N TYR F 93 20.24 0.95 -60.33
CA TYR F 93 21.08 -0.24 -60.40
C TYR F 93 20.75 -1.12 -61.60
N CYS F 94 19.51 -1.11 -62.07
CA CYS F 94 19.11 -1.94 -63.20
C CYS F 94 18.12 -1.19 -64.07
N PHE F 95 18.10 -1.54 -65.37
CA PHE F 95 17.13 -0.98 -66.30
C PHE F 95 15.70 -1.36 -65.95
N CYS F 96 15.42 -2.65 -65.78
CA CYS F 96 14.06 -3.12 -65.61
C CYS F 96 13.35 -2.42 -64.46
N ASP F 97 12.30 -1.67 -64.78
CA ASP F 97 11.61 -0.85 -63.80
C ASP F 97 10.97 -1.71 -62.71
N SER F 98 10.32 -2.80 -63.10
CA SER F 98 9.61 -3.64 -62.13
C SER F 98 9.80 -5.13 -62.40
N GLU F 99 10.81 -5.51 -63.17
CA GLU F 99 11.11 -6.91 -63.46
C GLU F 99 12.33 -7.41 -62.69
N ASN F 100 12.61 -6.82 -61.53
CA ASN F 100 13.77 -7.18 -60.74
C ASN F 100 13.37 -8.15 -59.63
N THR F 101 14.35 -8.58 -58.85
CA THR F 101 14.10 -9.43 -57.69
C THR F 101 15.29 -9.31 -56.74
N GLN F 102 15.07 -9.64 -55.47
CA GLN F 102 16.10 -9.61 -54.45
C GLN F 102 16.00 -10.85 -53.58
N LEU F 103 17.14 -11.42 -53.22
CA LEU F 103 17.22 -12.56 -52.33
C LEU F 103 17.94 -12.15 -51.05
N SER F 104 17.27 -12.33 -49.91
CA SER F 104 17.83 -12.00 -48.62
C SER F 104 17.73 -13.21 -47.70
N GLU F 105 18.81 -13.47 -46.96
CA GLU F 105 18.85 -14.60 -46.06
C GLU F 105 19.70 -14.26 -44.85
N ALA F 106 19.45 -14.96 -43.75
CA ALA F 106 20.18 -14.75 -42.51
C ALA F 106 20.04 -16.00 -41.65
N TYR F 107 20.98 -16.15 -40.71
CA TYR F 107 20.97 -17.27 -39.78
C TYR F 107 21.68 -16.84 -38.51
N VAL F 108 21.66 -17.73 -37.50
CA VAL F 108 22.19 -17.44 -36.18
C VAL F 108 23.28 -18.44 -35.85
N ASP F 109 24.41 -17.95 -35.33
CA ASP F 109 25.52 -18.80 -34.94
C ASP F 109 26.05 -18.25 -33.61
N ARG F 110 26.71 -19.13 -32.86
CA ARG F 110 27.16 -18.77 -31.51
C ARG F 110 28.24 -17.70 -31.56
N SER F 111 28.35 -16.93 -30.47
CA SER F 111 29.29 -15.83 -30.42
C SER F 111 30.73 -16.34 -30.37
N ASP F 112 31.66 -15.46 -30.70
CA ASP F 112 33.08 -15.76 -30.60
C ASP F 112 33.62 -15.67 -29.18
N VAL F 113 32.73 -15.64 -28.18
CA VAL F 113 33.12 -15.47 -26.79
C VAL F 113 32.62 -16.63 -25.93
N CYS F 114 31.73 -17.46 -26.49
CA CYS F 114 31.20 -18.64 -25.79
C CYS F 114 32.28 -19.44 -25.07
N ARG F 115 33.51 -19.45 -25.60
CA ARG F 115 34.61 -20.13 -24.94
C ARG F 115 35.02 -19.44 -23.64
N HIS F 116 34.65 -18.19 -23.43
CA HIS F 116 35.05 -17.42 -22.26
C HIS F 116 33.90 -17.03 -21.35
N ASP F 117 32.68 -16.88 -21.89
CA ASP F 117 31.53 -16.42 -21.12
C ASP F 117 30.39 -17.37 -21.46
N HIS F 118 30.18 -18.38 -20.60
CA HIS F 118 29.07 -19.31 -20.80
C HIS F 118 28.59 -19.78 -19.44
N ALA F 119 27.33 -20.19 -19.39
CA ALA F 119 26.72 -20.72 -18.17
C ALA F 119 26.38 -22.19 -18.40
N SER F 120 26.74 -23.03 -17.44
CA SER F 120 26.55 -24.46 -17.58
C SER F 120 25.29 -24.93 -16.87
N ALA F 121 24.69 -25.98 -17.42
CA ALA F 121 23.54 -26.64 -16.80
C ALA F 121 23.96 -28.03 -16.36
N TYR F 122 23.72 -28.36 -15.09
CA TYR F 122 24.20 -29.58 -14.50
C TYR F 122 23.03 -30.35 -13.89
N LYS F 123 23.33 -31.54 -13.38
CA LYS F 123 22.34 -32.36 -12.69
C LYS F 123 23.03 -33.04 -11.51
N ALA F 124 22.71 -32.60 -10.30
CA ALA F 124 23.43 -33.04 -9.11
C ALA F 124 22.96 -34.40 -8.64
N HIS F 125 23.93 -35.23 -8.25
CA HIS F 125 23.71 -36.58 -7.76
C HIS F 125 24.23 -36.69 -6.33
N THR F 126 24.30 -37.93 -5.83
CA THR F 126 24.80 -38.18 -4.48
C THR F 126 26.20 -37.60 -4.31
N ALA F 127 26.42 -36.95 -3.18
CA ALA F 127 27.63 -36.16 -2.94
C ALA F 127 28.51 -36.83 -1.90
N SER F 128 29.82 -36.66 -2.06
CA SER F 128 30.81 -37.19 -1.14
C SER F 128 31.39 -36.07 -0.27
N LEU F 129 32.06 -36.47 0.80
CA LEU F 129 32.61 -35.54 1.77
C LEU F 129 34.09 -35.80 1.96
N LYS F 130 34.85 -34.70 2.06
CA LYS F 130 36.27 -34.75 2.36
C LYS F 130 36.53 -33.85 3.55
N ALA F 131 37.49 -34.22 4.39
CA ALA F 131 37.74 -33.52 5.63
C ALA F 131 39.23 -33.39 5.85
N LYS F 132 39.59 -32.47 6.75
CA LYS F 132 40.98 -32.20 7.11
C LYS F 132 41.04 -32.08 8.64
N VAL F 133 41.42 -33.18 9.29
CA VAL F 133 41.31 -33.29 10.74
C VAL F 133 42.69 -33.35 11.36
N ARG F 134 42.85 -32.64 12.47
CA ARG F 134 44.10 -32.61 13.24
C ARG F 134 43.93 -33.49 14.46
N VAL F 135 44.89 -34.39 14.68
CA VAL F 135 44.91 -35.27 15.85
C VAL F 135 46.09 -34.86 16.72
N MET F 136 45.96 -35.06 18.03
CA MET F 136 46.93 -34.59 19.01
C MET F 136 46.87 -35.45 20.26
N TYR F 137 47.99 -36.06 20.62
CA TYR F 137 48.07 -36.90 21.80
C TYR F 137 49.53 -37.20 22.12
N GLY F 138 49.84 -37.27 23.41
CA GLY F 138 51.19 -37.59 23.84
C GLY F 138 52.17 -36.55 23.35
N ASN F 139 53.01 -36.94 22.39
CA ASN F 139 53.90 -36.02 21.69
C ASN F 139 53.70 -36.23 20.18
N VAL F 140 52.45 -36.10 19.73
CA VAL F 140 52.10 -36.14 18.32
C VAL F 140 51.18 -34.97 18.03
N ASN F 141 51.48 -34.22 16.97
CA ASN F 141 50.66 -33.07 16.55
C ASN F 141 50.79 -32.95 15.02
N GLN F 142 49.84 -33.55 14.31
CA GLN F 142 49.84 -33.53 12.85
C GLN F 142 48.41 -33.41 12.34
N THR F 143 48.28 -32.95 11.10
CA THR F 143 46.98 -32.84 10.43
C THR F 143 46.98 -33.71 9.19
N VAL F 144 45.85 -34.36 8.91
CA VAL F 144 45.74 -35.28 7.79
C VAL F 144 44.46 -34.97 7.01
N ASP F 145 44.47 -35.35 5.73
CA ASP F 145 43.33 -35.22 4.85
C ASP F 145 42.69 -36.59 4.66
N VAL F 146 41.42 -36.71 5.01
CA VAL F 146 40.74 -38.00 5.04
C VAL F 146 39.43 -37.91 4.27
N TYR F 147 38.95 -39.06 3.81
CA TYR F 147 37.65 -39.20 3.18
C TYR F 147 36.66 -39.73 4.21
N VAL F 148 35.57 -39.00 4.43
CA VAL F 148 34.56 -39.39 5.41
C VAL F 148 33.55 -40.25 4.65
N ASN F 149 33.92 -41.51 4.41
CA ASN F 149 33.03 -42.46 3.78
C ASN F 149 33.09 -43.86 4.38
N GLY F 150 33.86 -44.09 5.43
CA GLY F 150 34.00 -45.42 5.99
C GLY F 150 34.95 -46.33 5.26
N ASP F 151 35.62 -45.84 4.21
CA ASP F 151 36.53 -46.64 3.40
C ASP F 151 37.99 -46.26 3.63
N HIS F 152 38.29 -44.98 3.74
CA HIS F 152 39.66 -44.54 3.96
C HIS F 152 40.15 -45.00 5.33
N ALA F 153 41.46 -45.25 5.41
CA ALA F 153 42.08 -45.66 6.66
C ALA F 153 43.49 -45.07 6.67
N VAL F 154 43.69 -44.03 7.46
CA VAL F 154 44.94 -43.32 7.51
C VAL F 154 45.68 -43.69 8.78
N THR F 155 47.01 -43.69 8.72
CA THR F 155 47.84 -44.00 9.87
C THR F 155 48.52 -42.72 10.33
N ILE F 156 48.55 -42.50 11.64
CA ILE F 156 49.14 -41.31 12.24
C ILE F 156 49.93 -41.74 13.47
N GLY F 157 51.25 -41.78 13.33
CA GLY F 157 52.09 -42.22 14.43
C GLY F 157 51.84 -43.64 14.87
N GLY F 158 51.55 -44.52 13.92
CA GLY F 158 51.30 -45.92 14.24
C GLY F 158 49.89 -46.26 14.66
N THR F 159 48.93 -45.39 14.41
CA THR F 159 47.54 -45.62 14.79
C THR F 159 46.64 -45.50 13.57
N GLN F 160 45.75 -46.48 13.39
CA GLN F 160 44.81 -46.49 12.27
C GLN F 160 43.57 -45.69 12.64
N PHE F 161 43.11 -44.85 11.71
CA PHE F 161 41.89 -44.07 11.87
C PHE F 161 40.97 -44.32 10.70
N ILE F 162 39.70 -44.59 10.99
CA ILE F 162 38.66 -44.74 9.97
C ILE F 162 37.52 -43.79 10.34
N PHE F 163 37.17 -42.90 9.44
CA PHE F 163 36.15 -41.89 9.66
C PHE F 163 34.86 -42.23 8.94
N GLY F 164 33.76 -41.70 9.45
CA GLY F 164 32.49 -41.75 8.77
C GLY F 164 31.80 -43.10 8.85
N PRO F 165 30.69 -43.25 8.14
CA PRO F 165 30.05 -42.25 7.26
C PRO F 165 29.22 -41.24 8.04
N LEU F 166 28.88 -40.11 7.44
CA LEU F 166 28.13 -39.07 8.13
C LEU F 166 26.75 -39.58 8.51
N SER F 167 26.22 -39.07 9.62
CA SER F 167 24.95 -39.51 10.15
C SER F 167 23.74 -39.01 9.36
N SER F 168 23.91 -37.96 8.56
CA SER F 168 22.81 -37.39 7.80
C SER F 168 23.26 -37.16 6.36
N ALA F 169 22.37 -37.49 5.41
CA ALA F 169 22.63 -37.27 3.99
C ALA F 169 21.82 -36.06 3.55
N TRP F 170 22.40 -34.88 3.75
CA TRP F 170 21.76 -33.62 3.41
C TRP F 170 22.66 -32.84 2.47
N THR F 171 22.08 -32.35 1.37
CA THR F 171 22.83 -31.61 0.37
C THR F 171 22.05 -30.37 -0.04
N PRO F 172 22.71 -29.21 -0.08
CA PRO F 172 21.99 -27.98 -0.41
C PRO F 172 21.60 -27.88 -1.88
N PHE F 173 22.26 -28.66 -2.72
CA PHE F 173 21.96 -28.63 -4.15
C PHE F 173 20.70 -29.41 -4.47
N ASP F 174 19.88 -28.85 -5.37
CA ASP F 174 18.67 -29.50 -5.82
C ASP F 174 19.10 -30.45 -6.95
N ASN F 175 18.14 -31.09 -7.62
CA ASN F 175 18.49 -32.02 -8.69
C ASN F 175 19.17 -31.31 -9.85
N LYS F 176 18.68 -30.13 -10.23
CA LYS F 176 19.22 -29.38 -11.35
C LYS F 176 19.77 -28.05 -10.84
N ILE F 177 21.00 -27.74 -11.22
CA ILE F 177 21.64 -26.48 -10.86
C ILE F 177 22.28 -25.88 -12.10
N VAL F 178 22.51 -24.57 -12.04
CA VAL F 178 23.17 -23.81 -13.09
C VAL F 178 24.36 -23.09 -12.48
N VAL F 179 25.52 -23.23 -13.11
CA VAL F 179 26.77 -22.68 -12.59
C VAL F 179 27.27 -21.63 -13.57
N TYR F 180 27.56 -20.43 -13.05
CA TYR F 180 28.08 -19.33 -13.85
C TYR F 180 29.12 -18.58 -13.04
N LYS F 181 30.34 -18.51 -13.58
CA LYS F 181 31.43 -17.76 -12.96
C LYS F 181 31.71 -18.24 -11.55
N ASP F 182 31.13 -17.57 -10.55
CA ASP F 182 31.41 -17.87 -9.15
C ASP F 182 30.16 -18.23 -8.35
N GLU F 183 29.00 -18.35 -8.98
CA GLU F 183 27.75 -18.56 -8.26
C GLU F 183 27.03 -19.80 -8.79
N VAL F 184 26.16 -20.35 -7.95
CA VAL F 184 25.32 -21.49 -8.31
C VAL F 184 23.88 -21.15 -7.99
N PHE F 185 22.95 -21.78 -8.70
CA PHE F 185 21.53 -21.52 -8.55
C PHE F 185 20.74 -22.82 -8.58
N ASN F 186 19.70 -22.90 -7.76
CA ASN F 186 18.77 -24.02 -7.80
C ASN F 186 17.54 -23.66 -8.63
N GLN F 187 17.75 -23.59 -9.95
CA GLN F 187 16.68 -23.31 -10.89
C GLN F 187 16.58 -24.44 -11.91
N ASP F 188 15.36 -24.80 -12.27
CA ASP F 188 15.16 -25.74 -13.35
C ASP F 188 15.36 -25.04 -14.70
N PHE F 189 15.74 -25.82 -15.69
CA PHE F 189 16.01 -25.29 -17.01
C PHE F 189 15.25 -26.10 -18.06
N PRO F 190 14.93 -25.50 -19.20
CA PRO F 190 14.21 -26.23 -20.22
C PRO F 190 15.02 -27.41 -20.72
N PRO F 191 14.37 -28.53 -21.05
CA PRO F 191 15.09 -29.68 -21.57
C PRO F 191 15.67 -29.40 -22.95
N TYR F 192 16.71 -30.15 -23.29
CA TYR F 192 17.43 -29.92 -24.53
C TYR F 192 16.50 -30.07 -25.73
N GLY F 193 16.62 -29.14 -26.68
CA GLY F 193 15.81 -29.17 -27.88
C GLY F 193 14.44 -28.54 -27.74
N SER F 194 14.12 -27.96 -26.59
CA SER F 194 12.82 -27.31 -26.40
C SER F 194 12.98 -25.98 -25.68
N GLY F 195 13.95 -25.18 -26.10
CA GLY F 195 14.10 -23.84 -25.56
C GLY F 195 13.02 -22.91 -26.06
N GLN F 196 12.89 -21.77 -25.38
CA GLN F 196 11.89 -20.78 -25.71
C GLN F 196 12.56 -19.42 -25.92
N PRO F 197 12.12 -18.63 -26.90
CA PRO F 197 12.85 -17.40 -27.23
C PRO F 197 12.72 -16.35 -26.14
N GLY F 198 13.77 -15.56 -25.96
CA GLY F 198 13.78 -14.46 -25.02
C GLY F 198 14.03 -14.86 -23.58
N ARG F 199 14.17 -16.14 -23.29
CA ARG F 199 14.39 -16.64 -21.95
C ARG F 199 15.71 -17.42 -21.93
N PHE F 200 16.01 -18.01 -20.77
CA PHE F 200 17.23 -18.79 -20.65
C PHE F 200 17.15 -20.04 -21.52
N GLY F 201 18.26 -20.34 -22.18
CA GLY F 201 18.34 -21.55 -22.98
C GLY F 201 17.73 -21.45 -24.36
N ASP F 202 17.70 -20.25 -24.95
CA ASP F 202 17.25 -20.14 -26.33
C ASP F 202 18.30 -20.62 -27.33
N ILE F 203 19.57 -20.64 -26.95
CA ILE F 203 20.63 -21.22 -27.76
C ILE F 203 21.35 -22.28 -26.93
N GLN F 204 21.28 -23.53 -27.37
CA GLN F 204 21.81 -24.64 -26.59
C GLN F 204 22.84 -25.40 -27.40
N SER F 205 23.95 -25.73 -26.74
CA SER F 205 24.99 -26.55 -27.35
C SER F 205 25.36 -27.65 -26.36
N ARG F 206 25.55 -28.86 -26.89
CA ARG F 206 25.79 -30.02 -26.02
C ARG F 206 27.09 -29.86 -25.25
N THR F 207 28.08 -29.20 -25.83
CA THR F 207 29.33 -28.89 -25.14
C THR F 207 29.96 -27.68 -25.82
N VAL F 208 31.09 -27.23 -25.27
CA VAL F 208 31.71 -26.01 -25.77
C VAL F 208 32.18 -26.18 -27.22
N GLU F 209 32.78 -27.32 -27.53
CA GLU F 209 33.37 -27.55 -28.85
C GLU F 209 32.46 -28.28 -29.82
N SER F 210 31.21 -28.55 -29.44
CA SER F 210 30.31 -29.30 -30.31
C SER F 210 29.99 -28.50 -31.57
N ASN F 211 29.79 -29.23 -32.67
CA ASN F 211 29.50 -28.62 -33.97
C ASN F 211 28.02 -28.44 -34.23
N ASP F 212 27.15 -28.92 -33.34
CA ASP F 212 25.71 -28.77 -33.50
C ASP F 212 25.18 -27.68 -32.57
N LEU F 213 24.03 -27.14 -32.94
CA LEU F 213 23.46 -26.00 -32.22
C LEU F 213 21.95 -26.04 -32.36
N TYR F 214 21.26 -25.62 -31.30
CA TYR F 214 19.81 -25.48 -31.32
C TYR F 214 19.50 -24.03 -30.99
N ALA F 215 18.92 -23.32 -31.95
CA ALA F 215 18.55 -21.92 -31.76
C ALA F 215 17.10 -21.72 -32.15
N ASN F 216 16.36 -21.01 -31.30
CA ASN F 216 14.95 -20.70 -31.55
C ASN F 216 14.74 -19.25 -31.08
N THR F 217 14.91 -18.31 -31.99
CA THR F 217 14.95 -16.90 -31.66
C THR F 217 13.90 -16.07 -32.40
N ALA F 218 13.00 -16.70 -33.16
CA ALA F 218 11.94 -16.00 -33.88
C ALA F 218 12.52 -14.96 -34.84
N LEU F 219 13.30 -15.44 -35.80
CA LEU F 219 13.90 -14.58 -36.82
C LEU F 219 12.93 -14.44 -37.97
N LYS F 220 12.43 -13.22 -38.19
CA LYS F 220 11.49 -12.91 -39.25
C LYS F 220 12.08 -11.82 -40.13
N LEU F 221 11.97 -12.00 -41.45
CA LEU F 221 12.45 -11.01 -42.40
C LEU F 221 11.34 -10.01 -42.72
N ALA F 222 11.72 -8.95 -43.44
CA ALA F 222 10.76 -7.93 -43.85
C ALA F 222 11.12 -7.45 -45.25
N ARG F 223 10.13 -6.94 -45.94
CA ARG F 223 10.36 -6.44 -47.30
C ARG F 223 11.08 -5.09 -47.23
N PRO F 224 12.12 -4.88 -48.02
CA PRO F 224 12.84 -3.60 -47.98
C PRO F 224 11.95 -2.44 -48.40
N SER F 225 12.23 -1.28 -47.82
CA SER F 225 11.53 -0.07 -48.21
C SER F 225 11.92 0.31 -49.63
N PRO F 226 11.03 0.97 -50.37
CA PRO F 226 11.33 1.28 -51.78
C PRO F 226 12.54 2.19 -51.92
N GLY F 227 13.33 1.95 -52.97
CA GLY F 227 14.47 2.78 -53.27
C GLY F 227 15.58 2.72 -52.25
N MET F 228 15.92 1.52 -51.77
CA MET F 228 16.97 1.36 -50.79
C MET F 228 17.43 -0.09 -50.80
N VAL F 229 18.71 -0.30 -50.50
CA VAL F 229 19.31 -1.62 -50.44
C VAL F 229 19.67 -1.90 -48.99
N HIS F 230 19.00 -2.89 -48.40
CA HIS F 230 19.19 -3.25 -47.00
C HIS F 230 18.38 -4.51 -46.72
N VAL F 231 18.80 -5.25 -45.70
CA VAL F 231 18.04 -6.40 -45.23
C VAL F 231 17.46 -6.09 -43.85
N PRO F 232 16.14 -6.00 -43.73
CA PRO F 232 15.52 -5.79 -42.42
C PRO F 232 15.07 -7.09 -41.79
N TYR F 233 15.15 -7.14 -40.46
CA TYR F 233 14.78 -8.33 -39.72
C TYR F 233 14.44 -7.95 -38.28
N THR F 234 13.43 -8.62 -37.73
CA THR F 234 13.01 -8.43 -36.35
C THR F 234 13.27 -9.72 -35.58
N GLN F 235 13.94 -9.59 -34.44
CA GLN F 235 14.44 -10.75 -33.70
C GLN F 235 14.35 -10.51 -32.21
N THR F 236 13.83 -11.50 -31.49
CA THR F 236 13.69 -11.39 -30.05
C THR F 236 15.07 -11.32 -29.41
N PRO F 237 15.30 -10.41 -28.46
CA PRO F 237 16.64 -10.24 -27.89
C PRO F 237 17.17 -11.51 -27.24
N SER F 238 18.46 -11.49 -26.94
CA SER F 238 19.12 -12.65 -26.39
C SER F 238 18.57 -12.99 -25.01
N GLY F 239 18.23 -14.26 -24.82
CA GLY F 239 17.73 -14.69 -23.52
C GLY F 239 18.80 -14.77 -22.46
N PHE F 240 20.06 -14.90 -22.86
CA PHE F 240 21.13 -15.00 -21.88
C PHE F 240 21.33 -13.68 -21.13
N LYS F 241 21.29 -12.55 -21.85
CA LYS F 241 21.34 -11.25 -21.18
C LYS F 241 20.13 -11.05 -20.29
N TYR F 242 18.94 -11.44 -20.77
CA TYR F 242 17.74 -11.33 -19.96
C TYR F 242 17.89 -12.09 -18.66
N TRP F 243 18.38 -13.32 -18.73
CA TRP F 243 18.61 -14.09 -17.51
C TRP F 243 19.68 -13.42 -16.65
N LEU F 244 20.71 -12.87 -17.27
CA LEU F 244 21.78 -12.24 -16.51
C LEU F 244 21.30 -10.99 -15.78
N LYS F 245 20.19 -10.39 -16.22
CA LYS F 245 19.75 -9.15 -15.59
C LYS F 245 19.03 -9.40 -14.26
N GLU F 246 18.04 -10.28 -14.24
CA GLU F 246 17.32 -10.58 -13.01
C GLU F 246 17.26 -12.09 -12.77
N LYS F 247 18.44 -12.73 -12.83
CA LYS F 247 18.53 -14.17 -12.58
C LYS F 247 17.94 -14.53 -11.23
N GLY F 248 17.97 -13.61 -10.29
CA GLY F 248 17.38 -13.85 -8.98
C GLY F 248 18.40 -13.66 -7.87
N THR F 249 18.28 -14.45 -6.83
CA THR F 249 19.25 -14.44 -5.73
C THR F 249 20.05 -15.72 -5.80
N ALA F 250 21.35 -15.62 -5.51
CA ALA F 250 22.24 -16.77 -5.66
C ALA F 250 22.19 -17.65 -4.43
N LEU F 251 22.63 -18.90 -4.60
CA LEU F 251 22.71 -19.83 -3.49
C LEU F 251 23.79 -19.42 -2.50
N ASN F 252 24.76 -18.62 -2.94
CA ASN F 252 25.85 -18.19 -2.07
C ASN F 252 25.34 -17.38 -0.89
N THR F 253 24.27 -16.62 -1.09
CA THR F 253 23.68 -15.79 -0.03
C THR F 253 22.39 -16.41 0.51
N LYS F 254 22.14 -17.69 0.25
CA LYS F 254 20.93 -18.36 0.71
C LYS F 254 21.21 -19.69 1.39
N ALA F 255 22.37 -20.31 1.17
CA ALA F 255 22.60 -21.66 1.64
C ALA F 255 22.43 -21.76 3.16
N PRO F 256 21.68 -22.73 3.64
CA PRO F 256 21.47 -22.89 5.08
C PRO F 256 22.70 -23.49 5.74
N PHE F 257 22.70 -23.47 7.07
CA PHE F 257 23.73 -24.06 7.91
C PHE F 257 25.09 -23.40 7.75
N GLY F 258 25.12 -22.16 7.29
CA GLY F 258 26.38 -21.43 7.19
C GLY F 258 27.39 -22.06 6.26
N CYS F 259 26.94 -22.49 5.08
CA CYS F 259 27.80 -23.20 4.15
C CYS F 259 28.36 -22.25 3.10
N GLN F 260 29.68 -22.21 2.99
CA GLN F 260 30.36 -21.38 2.00
C GLN F 260 30.44 -22.16 0.69
N ILE F 261 29.94 -21.55 -0.39
CA ILE F 261 29.87 -22.22 -1.68
C ILE F 261 30.92 -21.64 -2.60
N LYS F 262 31.77 -22.52 -3.14
CA LYS F 262 32.78 -22.18 -4.12
C LYS F 262 32.57 -23.03 -5.36
N THR F 263 33.16 -22.61 -6.47
CA THR F 263 33.05 -23.32 -7.73
C THR F 263 34.43 -23.70 -8.25
N ASN F 264 34.43 -24.52 -9.30
CA ASN F 264 35.64 -25.00 -9.98
C ASN F 264 36.49 -25.71 -8.94
N PRO F 265 36.07 -26.90 -8.46
CA PRO F 265 34.82 -27.62 -8.74
C PRO F 265 33.67 -27.13 -7.88
N VAL F 266 32.43 -27.47 -8.24
CA VAL F 266 31.28 -27.10 -7.42
C VAL F 266 31.34 -27.86 -6.10
N ARG F 267 31.36 -27.11 -4.99
CA ARG F 267 31.52 -27.71 -3.69
C ARG F 267 30.99 -26.76 -2.61
N ALA F 268 30.60 -27.34 -1.48
CA ALA F 268 30.14 -26.60 -0.33
C ALA F 268 31.09 -26.87 0.83
N MET F 269 31.52 -25.81 1.51
CA MET F 269 32.52 -25.92 2.57
C MET F 269 31.92 -25.58 3.92
N ASN F 270 32.46 -26.22 4.95
CA ASN F 270 32.16 -25.91 6.35
C ASN F 270 30.67 -25.99 6.66
N CYS F 271 30.00 -27.01 6.11
CA CYS F 271 28.61 -27.27 6.44
C CYS F 271 28.53 -27.90 7.83
N ALA F 272 27.82 -27.25 8.74
CA ALA F 272 27.71 -27.72 10.12
C ALA F 272 26.45 -28.57 10.25
N VAL F 273 26.59 -29.87 10.07
CA VAL F 273 25.43 -30.77 10.13
C VAL F 273 25.87 -32.16 10.59
N GLY F 274 25.09 -32.76 11.49
CA GLY F 274 25.31 -34.14 11.88
C GLY F 274 26.55 -34.34 12.74
N ASN F 275 26.83 -35.62 13.00
CA ASN F 275 28.00 -36.01 13.79
C ASN F 275 28.66 -37.19 13.11
N ILE F 276 29.99 -37.18 13.11
CA ILE F 276 30.79 -38.18 12.40
C ILE F 276 31.24 -39.24 13.41
N PRO F 277 31.22 -40.51 13.05
CA PRO F 277 31.77 -41.54 13.95
C PRO F 277 33.22 -41.82 13.61
N VAL F 278 34.00 -42.13 14.64
CA VAL F 278 35.44 -42.38 14.49
C VAL F 278 35.78 -43.74 15.08
N SER F 279 36.46 -44.57 14.30
CA SER F 279 36.94 -45.87 14.74
C SER F 279 38.45 -45.88 14.68
N MET F 280 39.09 -46.44 15.69
CA MET F 280 40.53 -46.34 15.86
C MET F 280 41.10 -47.63 16.43
N ASN F 281 42.40 -47.82 16.21
CA ASN F 281 43.11 -49.01 16.70
C ASN F 281 44.51 -48.53 17.08
N LEU F 282 44.70 -48.24 18.37
CA LEU F 282 45.88 -47.67 19.00
C LEU F 282 46.83 -48.78 19.44
N PRO F 283 48.14 -48.58 19.29
CA PRO F 283 49.09 -49.61 19.71
C PRO F 283 49.43 -49.49 21.19
N ASP F 284 50.13 -50.52 21.69
CA ASP F 284 50.45 -50.59 23.11
C ASP F 284 51.62 -49.70 23.50
N SER F 285 52.27 -49.05 22.55
CA SER F 285 53.41 -48.18 22.86
C SER F 285 53.00 -46.78 23.26
N ALA F 286 51.74 -46.41 23.06
CA ALA F 286 51.28 -45.06 23.39
C ALA F 286 50.74 -44.94 24.81
N PHE F 287 50.60 -46.05 25.53
CA PHE F 287 50.09 -46.04 26.89
C PHE F 287 51.24 -46.05 27.89
N THR F 288 50.89 -45.87 29.17
CA THR F 288 51.83 -46.00 30.28
C THR F 288 51.25 -46.93 31.31
N ARG F 289 52.08 -47.79 31.87
CA ARG F 289 51.60 -48.79 32.81
C ARG F 289 51.28 -48.16 34.16
N ILE F 290 50.46 -48.87 34.94
CA ILE F 290 49.97 -48.33 36.20
C ILE F 290 51.09 -48.19 37.23
N VAL F 291 52.18 -48.93 37.06
CA VAL F 291 53.26 -48.90 38.04
C VAL F 291 54.00 -47.57 37.97
N GLU F 292 54.31 -47.10 36.76
CA GLU F 292 55.05 -45.87 36.57
C GLU F 292 54.14 -44.64 36.48
N ALA F 293 52.92 -44.73 37.01
CA ALA F 293 52.03 -43.59 37.03
C ALA F 293 51.73 -43.17 38.47
N PRO F 294 51.65 -41.86 38.74
CA PRO F 294 51.39 -41.41 40.10
C PRO F 294 50.03 -41.88 40.61
N THR F 295 49.97 -42.20 41.89
CA THR F 295 48.75 -42.64 42.55
C THR F 295 48.11 -41.45 43.25
N ILE F 296 46.82 -41.23 43.00
CA ILE F 296 46.09 -40.11 43.56
C ILE F 296 44.98 -40.65 44.47
N ILE F 297 44.96 -40.18 45.71
CA ILE F 297 43.97 -40.60 46.69
C ILE F 297 43.38 -39.36 47.36
N ASP F 298 42.13 -39.49 47.80
CA ASP F 298 41.41 -38.42 48.50
C ASP F 298 41.37 -37.17 47.61
N LEU F 299 40.59 -37.29 46.53
CA LEU F 299 40.44 -36.21 45.56
C LEU F 299 39.08 -35.56 45.72
N THR F 300 39.08 -34.25 45.96
CA THR F 300 37.86 -33.47 46.12
C THR F 300 37.93 -32.25 45.22
N CYS F 301 36.76 -31.76 44.80
CA CYS F 301 36.68 -30.70 43.81
C CYS F 301 35.89 -29.52 44.36
N THR F 302 36.30 -28.31 43.95
CA THR F 302 35.61 -27.09 44.31
C THR F 302 35.67 -26.13 43.13
N VAL F 303 34.68 -25.26 43.05
CA VAL F 303 34.56 -24.30 41.95
C VAL F 303 34.63 -22.89 42.54
N ALA F 304 35.53 -22.07 41.99
CA ALA F 304 35.73 -20.71 42.47
C ALA F 304 34.73 -19.74 41.84
N THR F 305 34.74 -19.64 40.52
CA THR F 305 33.84 -18.74 39.79
C THR F 305 33.23 -19.47 38.62
N CYS F 306 32.03 -19.03 38.23
CA CYS F 306 31.33 -19.64 37.11
C CYS F 306 30.43 -18.61 36.45
N THR F 307 30.65 -18.39 35.16
CA THR F 307 29.79 -17.54 34.34
C THR F 307 29.57 -18.25 33.02
N HIS F 308 28.36 -18.75 32.79
CA HIS F 308 28.09 -19.54 31.60
C HIS F 308 28.09 -18.64 30.38
N SER F 309 29.21 -18.62 29.66
CA SER F 309 29.37 -17.83 28.46
C SER F 309 30.02 -18.68 27.39
N SER F 310 30.07 -18.15 26.17
CA SER F 310 30.68 -18.87 25.06
C SER F 310 32.19 -19.06 25.25
N ASP F 311 32.81 -18.23 26.08
CA ASP F 311 34.23 -18.38 26.37
C ASP F 311 34.43 -19.44 27.46
N PHE F 312 35.66 -19.52 27.95
CA PHE F 312 36.00 -20.44 29.05
C PHE F 312 35.77 -19.76 30.40
N GLY F 313 34.51 -19.50 30.69
CA GLY F 313 34.13 -18.82 31.91
C GLY F 313 33.94 -19.74 33.09
N GLY F 314 35.03 -20.31 33.59
CA GLY F 314 34.96 -21.18 34.75
C GLY F 314 36.32 -21.65 35.22
N VAL F 315 36.57 -21.57 36.52
CA VAL F 315 37.83 -22.01 37.11
C VAL F 315 37.51 -22.98 38.25
N LEU F 316 38.14 -24.14 38.24
CA LEU F 316 37.91 -25.17 39.25
C LEU F 316 39.26 -25.66 39.77
N THR F 317 39.30 -25.97 41.06
CA THR F 317 40.51 -26.35 41.75
C THR F 317 40.34 -27.73 42.38
N LEU F 318 41.32 -28.60 42.15
CA LEU F 318 41.33 -29.95 42.70
C LEU F 318 42.42 -30.08 43.74
N THR F 319 42.09 -30.68 44.87
CA THR F 319 43.04 -31.00 45.93
C THR F 319 43.18 -32.51 46.03
N TYR F 320 44.38 -32.97 46.34
CA TYR F 320 44.68 -34.40 46.30
C TYR F 320 45.88 -34.70 47.17
N LYS F 321 46.22 -35.99 47.24
CA LYS F 321 47.41 -36.46 47.93
C LYS F 321 48.09 -37.49 47.03
N THR F 322 49.34 -37.22 46.67
CA THR F 322 50.05 -38.09 45.73
C THR F 322 51.33 -38.65 46.33
N ASP F 323 52.07 -39.43 45.56
CA ASP F 323 53.29 -40.07 46.03
C ASP F 323 54.53 -39.81 45.18
N LYS F 324 54.37 -39.33 43.95
CA LYS F 324 55.52 -38.92 43.14
C LYS F 324 55.05 -37.93 42.08
N ASN F 325 55.99 -37.14 41.58
CA ASN F 325 55.68 -36.16 40.55
C ASN F 325 55.51 -36.83 39.19
N GLY F 326 54.65 -36.25 38.37
CA GLY F 326 54.39 -36.79 37.05
C GLY F 326 53.28 -36.03 36.38
N ASP F 327 52.79 -36.58 35.28
CA ASP F 327 51.72 -35.99 34.49
C ASP F 327 50.58 -36.99 34.34
N CYS F 328 49.35 -36.48 34.45
CA CYS F 328 48.14 -37.28 34.40
C CYS F 328 47.30 -36.86 33.19
N SER F 329 46.09 -37.42 33.11
CA SER F 329 45.12 -37.07 32.08
C SER F 329 43.80 -36.70 32.75
N VAL F 330 43.22 -35.60 32.32
CA VAL F 330 41.96 -35.10 32.89
C VAL F 330 40.89 -35.20 31.82
N HIS F 331 39.63 -35.29 32.26
CA HIS F 331 38.50 -35.42 31.35
C HIS F 331 37.20 -35.22 32.14
N SER F 332 36.24 -34.56 31.49
CA SER F 332 34.90 -34.40 32.05
C SER F 332 33.99 -35.43 31.43
N HIS F 333 33.25 -36.15 32.27
CA HIS F 333 32.49 -37.31 31.83
C HIS F 333 31.08 -36.98 31.38
N SER F 334 30.69 -35.72 31.39
CA SER F 334 29.38 -35.31 30.91
C SER F 334 29.54 -34.16 29.93
N ASN F 335 28.63 -34.09 28.97
CA ASN F 335 28.66 -33.05 27.95
C ASN F 335 28.18 -31.69 28.46
N VAL F 336 27.82 -31.59 29.75
CA VAL F 336 27.39 -30.33 30.30
C VAL F 336 28.54 -29.33 30.31
N ALA F 337 29.72 -29.77 30.72
CA ALA F 337 30.89 -28.92 30.82
C ALA F 337 32.05 -29.53 30.05
N THR F 338 32.72 -28.71 29.26
CA THR F 338 33.87 -29.14 28.46
C THR F 338 35.12 -28.44 28.96
N LEU F 339 36.14 -29.22 29.28
CA LEU F 339 37.40 -28.69 29.79
C LEU F 339 38.20 -28.04 28.66
N GLN F 340 39.28 -27.37 29.04
CA GLN F 340 40.19 -26.77 28.07
C GLN F 340 41.46 -27.59 27.90
N GLU F 341 42.08 -27.99 29.00
CA GLU F 341 43.31 -28.77 28.94
C GLU F 341 42.98 -30.26 29.03
N ALA F 342 43.89 -31.08 28.50
CA ALA F 342 43.75 -32.52 28.54
C ALA F 342 44.75 -33.20 29.45
N THR F 343 45.97 -32.67 29.58
CA THR F 343 46.97 -33.20 30.48
C THR F 343 47.40 -32.12 31.45
N ALA F 344 47.63 -32.52 32.70
CA ALA F 344 48.02 -31.59 33.74
C ALA F 344 49.17 -32.17 34.52
N LYS F 345 50.00 -31.29 35.10
CA LYS F 345 51.16 -31.68 35.87
C LYS F 345 50.77 -31.73 37.35
N VAL F 346 51.05 -32.85 37.99
CA VAL F 346 50.77 -33.04 39.41
C VAL F 346 52.09 -33.02 40.17
N LYS F 347 52.02 -32.55 41.42
CA LYS F 347 53.20 -32.46 42.27
C LYS F 347 52.77 -32.67 43.72
N THR F 348 53.74 -32.57 44.62
CA THR F 348 53.50 -32.86 46.04
C THR F 348 52.67 -31.78 46.73
N ALA F 349 52.60 -30.58 46.16
CA ALA F 349 51.81 -29.52 46.78
C ALA F 349 50.35 -29.90 46.88
N GLY F 350 49.79 -30.49 45.83
CA GLY F 350 48.45 -31.02 45.89
C GLY F 350 47.35 -30.10 45.42
N LYS F 351 47.64 -29.12 44.56
CA LYS F 351 46.62 -28.22 44.05
C LYS F 351 46.85 -27.96 42.57
N VAL F 352 45.78 -28.11 41.78
CA VAL F 352 45.81 -27.82 40.35
C VAL F 352 44.63 -26.94 40.00
N THR F 353 44.75 -26.22 38.90
CA THR F 353 43.71 -25.32 38.42
C THR F 353 43.30 -25.72 37.01
N LEU F 354 41.99 -25.79 36.78
CA LEU F 354 41.43 -26.20 35.50
C LEU F 354 40.42 -25.16 35.02
N HIS F 355 40.28 -25.07 33.70
CA HIS F 355 39.36 -24.15 33.06
C HIS F 355 38.28 -24.92 32.33
N PHE F 356 37.03 -24.50 32.48
CA PHE F 356 35.92 -25.19 31.87
C PHE F 356 34.86 -24.19 31.44
N SER F 357 34.00 -24.62 30.52
CA SER F 357 32.90 -23.81 30.02
C SER F 357 31.60 -24.59 30.15
N THR F 358 30.51 -23.87 30.35
CA THR F 358 29.21 -24.50 30.56
C THR F 358 28.12 -23.55 30.08
N ALA F 359 26.90 -24.09 29.98
CA ALA F 359 25.76 -23.31 29.52
C ALA F 359 24.52 -23.56 30.38
N SER F 360 24.72 -24.04 31.60
CA SER F 360 23.62 -24.34 32.50
C SER F 360 23.75 -23.51 33.77
N ALA F 361 22.61 -23.25 34.41
CA ALA F 361 22.60 -22.47 35.64
C ALA F 361 23.35 -23.18 36.76
N SER F 362 23.16 -24.49 36.88
CA SER F 362 23.80 -25.28 37.92
C SER F 362 24.33 -26.57 37.30
N PRO F 363 25.62 -26.65 37.00
CA PRO F 363 26.17 -27.87 36.41
C PRO F 363 26.68 -28.85 37.46
N SER F 364 26.55 -30.13 37.14
CA SER F 364 27.06 -31.22 37.96
C SER F 364 27.74 -32.24 37.06
N PHE F 365 29.01 -32.50 37.30
CA PHE F 365 29.78 -33.40 36.45
C PHE F 365 30.89 -34.04 37.27
N VAL F 366 31.43 -35.14 36.75
CA VAL F 366 32.45 -35.93 37.44
C VAL F 366 33.75 -35.83 36.65
N VAL F 367 34.76 -35.24 37.28
CA VAL F 367 36.09 -35.12 36.68
C VAL F 367 36.92 -36.32 37.05
N SER F 368 38.02 -36.56 36.32
CA SER F 368 38.85 -37.73 36.56
C SER F 368 40.31 -37.33 36.33
N LEU F 369 41.09 -37.32 37.42
CA LEU F 369 42.53 -37.07 37.36
C LEU F 369 43.23 -38.41 37.49
N CYS F 370 43.85 -38.86 36.40
CA CYS F 370 44.34 -40.24 36.28
C CYS F 370 43.25 -41.24 36.65
N SER F 371 43.52 -42.08 37.64
CA SER F 371 42.59 -43.15 38.00
C SER F 371 41.56 -42.74 39.04
N ALA F 372 41.63 -41.53 39.58
CA ALA F 372 40.72 -41.09 40.62
C ALA F 372 39.61 -40.24 40.02
N ARG F 373 38.46 -40.23 40.70
CA ARG F 373 37.29 -39.46 40.30
C ARG F 373 36.78 -38.63 41.48
N ALA F 374 36.02 -37.59 41.14
CA ALA F 374 35.38 -36.72 42.13
C ALA F 374 34.19 -36.05 41.45
N THR F 375 33.38 -35.35 42.23
CA THR F 375 32.19 -34.69 41.73
C THR F 375 32.29 -33.19 41.97
N CYS F 376 31.78 -32.43 41.02
CA CYS F 376 31.79 -30.97 41.09
C CYS F 376 30.37 -30.44 40.93
N SER F 377 30.02 -29.47 41.77
CA SER F 377 28.76 -28.76 41.68
C SER F 377 29.02 -27.27 41.86
N ALA F 378 28.32 -26.45 41.08
CA ALA F 378 28.60 -25.01 41.10
C ALA F 378 27.33 -24.24 40.77
N SER F 379 27.34 -22.96 41.15
CA SER F 379 26.29 -22.01 40.80
C SER F 379 26.91 -20.91 39.96
N CYS F 380 26.32 -20.64 38.81
CA CYS F 380 26.86 -19.68 37.85
C CYS F 380 25.86 -18.55 37.62
N GLU F 381 26.39 -17.37 37.29
CA GLU F 381 25.58 -16.21 36.97
C GLU F 381 25.72 -15.84 35.50
N PRO F 382 24.65 -15.34 34.87
CA PRO F 382 24.70 -15.08 33.44
C PRO F 382 25.64 -13.93 33.12
N PRO F 383 26.19 -13.90 31.90
CA PRO F 383 27.04 -12.78 31.49
C PRO F 383 26.19 -11.58 31.07
N LYS F 384 26.89 -10.47 30.84
CA LYS F 384 26.23 -9.21 30.52
C LYS F 384 26.35 -8.80 29.07
N ASP F 385 27.41 -9.23 28.37
CA ASP F 385 27.57 -8.88 26.96
C ASP F 385 26.49 -9.57 26.13
N HIS F 386 25.96 -8.84 25.14
CA HIS F 386 24.85 -9.37 24.34
C HIS F 386 25.35 -10.10 23.10
N ILE F 387 26.39 -9.58 22.45
CA ILE F 387 26.85 -10.10 21.17
C ILE F 387 28.36 -10.32 21.25
N VAL F 388 28.80 -11.48 20.78
CA VAL F 388 30.21 -11.84 20.81
C VAL F 388 30.66 -12.29 19.41
N PRO F 389 31.93 -12.13 19.06
CA PRO F 389 32.38 -12.49 17.71
C PRO F 389 32.83 -13.92 17.51
N TYR F 390 33.06 -14.68 18.57
CA TYR F 390 33.52 -16.06 18.44
C TYR F 390 32.37 -17.04 18.67
N ALA F 391 32.55 -18.25 18.16
CA ALA F 391 31.54 -19.28 18.30
C ALA F 391 31.58 -19.89 19.70
N ALA F 392 30.47 -20.51 20.09
CA ALA F 392 30.37 -21.12 21.40
C ALA F 392 31.29 -22.31 21.51
N SER F 393 31.95 -22.44 22.68
CA SER F 393 32.84 -23.56 22.97
C SER F 393 32.22 -24.51 23.98
N HIS F 394 30.90 -24.65 23.96
CA HIS F 394 30.18 -25.53 24.88
C HIS F 394 29.04 -26.20 24.13
N SER F 395 28.78 -27.46 24.47
CA SER F 395 27.59 -28.12 23.97
C SER F 395 26.34 -27.50 24.59
N ASN F 396 25.31 -27.31 23.80
CA ASN F 396 24.12 -26.57 24.23
C ASN F 396 23.29 -27.44 25.17
N VAL F 397 23.47 -27.24 26.47
CA VAL F 397 22.66 -27.88 27.50
C VAL F 397 22.19 -26.81 28.47
N VAL F 398 20.92 -26.89 28.88
CA VAL F 398 20.35 -25.85 29.71
C VAL F 398 19.61 -26.45 30.91
N PHE F 399 19.38 -27.75 30.87
CA PHE F 399 18.63 -28.41 31.94
C PHE F 399 19.49 -28.46 33.19
N PRO F 400 19.06 -27.87 34.31
CA PRO F 400 19.89 -27.87 35.51
C PRO F 400 19.88 -29.24 36.19
N ASP F 401 20.88 -29.41 37.07
CA ASP F 401 21.01 -30.65 37.82
C ASP F 401 19.91 -30.73 38.88
N MET F 402 19.55 -31.97 39.24
CA MET F 402 18.42 -32.21 40.12
C MET F 402 18.60 -31.58 41.50
N SER F 403 19.83 -31.28 41.90
CA SER F 403 20.09 -30.66 43.20
C SER F 403 20.22 -29.14 43.09
N GLY F 404 19.92 -28.57 41.93
CA GLY F 404 19.94 -27.14 41.77
C GLY F 404 18.80 -26.47 42.51
N THR F 405 18.89 -25.13 42.60
CA THR F 405 17.97 -24.38 43.44
C THR F 405 16.52 -24.53 42.98
N ALA F 406 16.28 -24.41 41.67
CA ALA F 406 14.91 -24.50 41.16
C ALA F 406 14.35 -25.90 41.35
N LEU F 407 15.13 -26.93 41.00
CA LEU F 407 14.69 -28.30 41.21
C LEU F 407 14.62 -28.63 42.70
N SER F 408 15.46 -28.00 43.53
CA SER F 408 15.33 -28.18 44.97
C SER F 408 13.98 -27.67 45.47
N TRP F 409 13.59 -26.47 45.02
CA TRP F 409 12.30 -25.92 45.43
C TRP F 409 11.15 -26.80 44.93
N VAL F 410 11.23 -27.27 43.69
CA VAL F 410 10.16 -28.12 43.18
C VAL F 410 10.11 -29.43 43.96
N GLN F 411 11.28 -29.94 44.39
CA GLN F 411 11.31 -31.16 45.19
C GLN F 411 10.65 -30.95 46.55
N LYS F 412 10.93 -29.81 47.19
CA LYS F 412 10.31 -29.54 48.49
C LYS F 412 8.79 -29.41 48.35
N ILE F 413 8.32 -28.69 47.33
CA ILE F 413 6.89 -28.52 47.15
C ILE F 413 6.22 -29.87 46.87
N SER F 414 6.82 -30.66 46.00
CA SER F 414 6.27 -31.98 45.68
C SER F 414 6.26 -32.87 46.91
N GLY F 415 7.32 -32.81 47.71
CA GLY F 415 7.36 -33.62 48.93
C GLY F 415 6.27 -33.25 49.91
N GLY F 416 6.03 -31.94 50.09
CA GLY F 416 4.97 -31.53 50.98
C GLY F 416 3.60 -31.99 50.51
N LEU F 417 3.31 -31.80 49.21
CA LEU F 417 2.02 -32.22 48.68
C LEU F 417 1.86 -33.74 48.78
N GLY F 418 2.92 -34.48 48.48
CA GLY F 418 2.85 -35.93 48.57
C GLY F 418 2.66 -36.42 49.99
N ALA F 419 3.28 -35.75 50.96
CA ALA F 419 3.08 -36.10 52.37
C ALA F 419 1.63 -35.87 52.77
N PHE F 420 1.04 -34.74 52.34
CA PHE F 420 -0.36 -34.50 52.66
C PHE F 420 -1.26 -35.56 52.04
N ALA F 421 -1.00 -35.92 50.77
CA ALA F 421 -1.81 -36.93 50.10
C ALA F 421 -1.67 -38.29 50.78
N ILE F 422 -0.45 -38.66 51.18
CA ILE F 422 -0.23 -39.95 51.81
C ILE F 422 -0.93 -40.01 53.17
N GLY F 423 -0.85 -38.92 53.94
CA GLY F 423 -1.57 -38.88 55.20
C GLY F 423 -3.07 -39.03 55.01
N ALA F 424 -3.62 -38.34 54.01
CA ALA F 424 -5.06 -38.47 53.73
C ALA F 424 -5.42 -39.90 53.35
N ILE F 425 -4.59 -40.53 52.52
CA ILE F 425 -4.85 -41.90 52.09
C ILE F 425 -4.84 -42.84 53.29
N LEU F 426 -3.85 -42.69 54.18
CA LEU F 426 -3.76 -43.54 55.35
C LEU F 426 -4.97 -43.35 56.27
N VAL F 427 -5.39 -42.10 56.47
CA VAL F 427 -6.55 -41.84 57.31
C VAL F 427 -7.79 -42.51 56.74
N LEU F 428 -8.00 -42.36 55.43
CA LEU F 428 -9.17 -42.97 54.81
C LEU F 428 -9.12 -44.49 54.92
N VAL F 429 -7.95 -45.09 54.71
CA VAL F 429 -7.88 -46.54 54.73
C VAL F 429 -8.11 -47.07 56.15
N VAL F 430 -7.60 -46.37 57.16
CA VAL F 430 -7.85 -46.79 58.54
C VAL F 430 -9.33 -46.68 58.88
N VAL F 431 -9.95 -45.56 58.51
CA VAL F 431 -11.36 -45.36 58.83
C VAL F 431 -12.21 -46.41 58.12
N THR F 432 -11.90 -46.72 56.86
CA THR F 432 -12.71 -47.69 56.14
C THR F 432 -12.47 -49.12 56.64
N CYS F 433 -11.27 -49.45 57.10
CA CYS F 433 -11.08 -50.78 57.69
C CYS F 433 -11.87 -50.92 58.98
N ILE F 434 -11.86 -49.87 59.81
CA ILE F 434 -12.69 -49.91 61.02
C ILE F 434 -14.16 -50.03 60.66
N GLY F 435 -14.61 -49.27 59.66
CA GLY F 435 -16.01 -49.33 59.26
C GLY F 435 -16.42 -50.70 58.74
N LEU F 436 -15.56 -51.32 57.94
CA LEU F 436 -15.86 -52.65 57.42
C LEU F 436 -15.81 -53.71 58.52
N ARG F 437 -15.00 -53.51 59.56
CA ARG F 437 -14.95 -54.49 60.64
C ARG F 437 -16.28 -54.60 61.37
N ARG F 438 -17.02 -53.50 61.48
CA ARG F 438 -18.33 -53.52 62.13
C ARG F 438 -19.26 -54.56 61.53
N GLY G 1 -80.78 -24.36 66.22
CA GLY G 1 -82.14 -24.77 65.90
C GLY G 1 -82.50 -24.57 64.45
N LYS G 2 -83.76 -24.18 64.19
CA LYS G 2 -84.20 -23.94 62.83
C LYS G 2 -83.45 -22.78 62.19
N ARG G 3 -83.24 -21.71 62.96
CA ARG G 3 -82.49 -20.56 62.45
C ARG G 3 -81.05 -20.94 62.13
N GLU G 4 -80.43 -21.73 63.01
CA GLU G 4 -79.08 -22.23 62.72
C GLU G 4 -79.09 -23.14 61.50
N ARG G 5 -80.12 -23.97 61.36
CA ARG G 5 -80.21 -24.86 60.20
C ARG G 5 -80.28 -24.08 58.91
N MET G 6 -81.11 -23.02 58.88
CA MET G 6 -81.23 -22.20 57.68
C MET G 6 -79.97 -21.37 57.42
N CYS G 7 -79.32 -20.88 58.48
CA CYS G 7 -78.04 -20.19 58.29
C CYS G 7 -77.00 -21.12 57.67
N MET G 8 -76.90 -22.35 58.17
CA MET G 8 -75.96 -23.30 57.61
C MET G 8 -76.34 -23.68 56.19
N LYS G 9 -77.63 -23.76 55.89
CA LYS G 9 -78.08 -24.05 54.53
C LYS G 9 -77.66 -22.96 53.57
N ILE G 10 -77.78 -21.70 53.99
CA ILE G 10 -77.31 -20.60 53.14
C ILE G 10 -75.80 -20.64 52.98
N GLU G 11 -75.08 -20.86 54.09
CA GLU G 11 -73.61 -20.87 54.03
C GLU G 11 -73.07 -21.99 53.16
N ASN G 12 -73.77 -23.13 53.11
CA ASN G 12 -73.32 -24.24 52.29
C ASN G 12 -73.34 -23.93 50.81
N ASP G 13 -74.03 -22.86 50.38
CA ASP G 13 -74.11 -22.51 48.98
C ASP G 13 -73.64 -21.09 48.67
N CYS G 14 -73.36 -20.26 49.67
CA CYS G 14 -72.98 -18.87 49.43
C CYS G 14 -71.50 -18.61 49.61
N ILE G 15 -70.93 -18.96 50.76
CA ILE G 15 -69.55 -18.65 51.11
C ILE G 15 -68.65 -19.81 50.71
N PHE G 16 -67.56 -19.50 50.03
CA PHE G 16 -66.57 -20.47 49.60
C PHE G 16 -65.30 -20.32 50.45
N GLU G 17 -64.25 -21.06 50.07
CA GLU G 17 -62.99 -21.04 50.80
C GLU G 17 -61.84 -20.95 49.81
N VAL G 18 -60.71 -20.44 50.29
CA VAL G 18 -59.49 -20.34 49.51
C VAL G 18 -58.59 -21.51 49.88
N LYS G 19 -57.76 -21.93 48.93
CA LYS G 19 -56.91 -23.11 49.09
C LYS G 19 -55.46 -22.71 48.87
N HIS G 20 -54.60 -23.01 49.85
CA HIS G 20 -53.20 -22.64 49.76
C HIS G 20 -52.38 -23.53 50.68
N GLU G 21 -51.43 -24.27 50.10
CA GLU G 21 -50.43 -25.03 50.85
C GLU G 21 -51.08 -25.98 51.85
N GLY G 22 -52.10 -26.70 51.38
CA GLY G 22 -52.72 -27.73 52.18
C GLY G 22 -53.52 -27.23 53.37
N LYS G 23 -53.92 -25.97 53.38
CA LYS G 23 -54.70 -25.44 54.49
C LYS G 23 -55.50 -24.24 54.00
N VAL G 24 -56.82 -24.28 54.23
CA VAL G 24 -57.66 -23.12 53.93
C VAL G 24 -57.24 -21.97 54.82
N THR G 25 -56.93 -20.82 54.22
CA THR G 25 -56.42 -19.68 54.94
C THR G 25 -57.47 -18.60 55.17
N GLY G 26 -58.47 -18.51 54.29
CA GLY G 26 -59.54 -17.54 54.45
C GLY G 26 -60.74 -17.96 53.65
N TYR G 27 -61.81 -17.17 53.77
CA TYR G 27 -63.07 -17.44 53.08
C TYR G 27 -63.42 -16.28 52.16
N ALA G 28 -63.95 -16.60 50.99
CA ALA G 28 -64.40 -15.61 50.02
C ALA G 28 -65.91 -15.61 49.97
N CYS G 29 -66.52 -14.44 50.18
CA CYS G 29 -67.97 -14.34 50.24
C CYS G 29 -68.52 -13.94 48.88
N LEU G 30 -69.85 -13.79 48.81
CA LEU G 30 -70.52 -13.47 47.55
C LEU G 30 -71.82 -12.74 47.90
N VAL G 31 -71.83 -11.42 47.72
CA VAL G 31 -73.00 -10.59 47.99
C VAL G 31 -73.46 -10.00 46.67
N GLY G 32 -74.78 -9.88 46.50
CA GLY G 32 -75.31 -9.22 45.33
C GLY G 32 -74.88 -9.82 44.01
N ASP G 33 -74.04 -9.10 43.29
CA ASP G 33 -73.57 -9.52 41.98
C ASP G 33 -72.05 -9.41 41.85
N LYS G 34 -71.35 -9.19 42.96
CA LYS G 34 -69.90 -9.07 42.93
C LYS G 34 -69.27 -9.79 44.11
N VAL G 35 -68.25 -10.63 43.83
CA VAL G 35 -67.57 -11.39 44.88
C VAL G 35 -66.72 -10.44 45.70
N MET G 36 -66.82 -10.56 47.03
CA MET G 36 -65.93 -9.84 47.93
C MET G 36 -65.04 -10.83 48.67
N LYS G 37 -63.74 -10.57 48.62
CA LYS G 37 -62.68 -11.41 49.12
C LYS G 37 -61.59 -10.46 49.58
N PRO G 38 -61.14 -10.57 50.83
CA PRO G 38 -60.19 -9.60 51.36
C PRO G 38 -58.72 -9.86 51.00
N ALA G 39 -58.05 -8.77 50.63
CA ALA G 39 -56.80 -8.90 49.88
C ALA G 39 -55.61 -9.25 50.76
N HIS G 40 -55.78 -9.31 52.07
CA HIS G 40 -54.67 -9.63 52.96
C HIS G 40 -54.33 -11.11 52.93
N VAL G 41 -55.21 -11.95 52.42
CA VAL G 41 -55.01 -13.39 52.35
C VAL G 41 -54.66 -13.76 50.91
N LYS G 42 -53.67 -14.64 50.76
CA LYS G 42 -53.22 -15.08 49.44
C LYS G 42 -53.54 -16.55 49.25
N GLY G 43 -53.82 -16.93 48.01
CA GLY G 43 -54.13 -18.30 47.70
C GLY G 43 -54.92 -18.38 46.40
N VAL G 44 -55.45 -19.58 46.16
CA VAL G 44 -56.28 -19.85 45.00
C VAL G 44 -57.67 -20.26 45.47
N ILE G 45 -58.69 -19.73 44.79
CA ILE G 45 -60.07 -20.04 45.14
C ILE G 45 -60.37 -21.48 44.74
N ASP G 46 -61.00 -22.23 45.65
CA ASP G 46 -61.29 -23.65 45.42
C ASP G 46 -62.47 -23.82 44.46
N ASN G 47 -62.30 -23.31 43.25
CA ASN G 47 -63.31 -23.44 42.20
C ASN G 47 -62.68 -23.11 40.86
N ALA G 48 -62.85 -24.00 39.89
CA ALA G 48 -62.29 -23.77 38.56
C ALA G 48 -62.95 -22.57 37.88
N ASP G 49 -64.27 -22.44 38.00
CA ASP G 49 -64.97 -21.36 37.32
C ASP G 49 -64.61 -20.00 37.92
N LEU G 50 -64.47 -19.92 39.24
CA LEU G 50 -64.22 -18.64 39.88
C LEU G 50 -62.78 -18.19 39.69
N ALA G 51 -61.84 -19.13 39.58
CA ALA G 51 -60.44 -18.77 39.45
C ALA G 51 -60.15 -18.05 38.14
N LYS G 52 -60.81 -18.44 37.07
CA LYS G 52 -60.59 -17.85 35.76
C LYS G 52 -60.96 -16.38 35.70
N LEU G 53 -61.74 -15.87 36.65
CA LEU G 53 -62.28 -14.53 36.56
C LEU G 53 -61.27 -13.52 37.10
N ALA G 54 -61.05 -12.47 36.31
CA ALA G 54 -60.09 -11.42 36.69
C ALA G 54 -60.61 -10.61 37.85
N PHE G 55 -59.70 -9.99 38.60
CA PHE G 55 -60.03 -9.32 39.84
C PHE G 55 -59.50 -7.89 39.85
N LYS G 56 -60.12 -7.05 40.68
CA LYS G 56 -59.67 -5.69 40.92
C LYS G 56 -59.10 -5.61 42.33
N LYS G 57 -58.08 -4.77 42.52
CA LYS G 57 -57.29 -4.74 43.74
C LYS G 57 -57.25 -3.34 44.31
N SER G 58 -57.40 -3.24 45.63
CA SER G 58 -57.29 -1.96 46.32
C SER G 58 -56.79 -2.26 47.74
N SER G 59 -55.61 -1.74 48.07
CA SER G 59 -55.02 -2.00 49.38
C SER G 59 -55.46 -0.99 50.44
N LYS G 60 -56.17 0.07 50.05
CA LYS G 60 -56.63 1.04 51.03
C LYS G 60 -57.79 0.48 51.84
N TYR G 61 -58.69 -0.25 51.18
CA TYR G 61 -59.80 -0.95 51.85
C TYR G 61 -59.51 -2.43 52.08
N ASP G 62 -58.48 -2.99 51.45
CA ASP G 62 -58.07 -4.38 51.64
C ASP G 62 -59.19 -5.35 51.25
N LEU G 63 -59.56 -5.31 49.98
CA LEU G 63 -60.53 -6.27 49.44
C LEU G 63 -60.37 -6.34 47.93
N GLU G 64 -60.93 -7.40 47.35
CA GLU G 64 -60.94 -7.61 45.90
C GLU G 64 -62.36 -7.91 45.46
N CYS G 65 -62.73 -7.39 44.28
CA CYS G 65 -64.07 -7.58 43.75
C CYS G 65 -64.02 -7.83 42.25
N ALA G 66 -65.06 -8.50 41.76
CA ALA G 66 -65.25 -8.78 40.34
C ALA G 66 -66.74 -8.93 40.11
N GLN G 67 -67.11 -9.32 38.89
CA GLN G 67 -68.51 -9.53 38.54
C GLN G 67 -68.77 -11.03 38.39
N ILE G 68 -69.79 -11.53 39.08
CA ILE G 68 -70.10 -12.96 39.06
C ILE G 68 -70.63 -13.32 37.67
N PRO G 69 -70.35 -14.52 37.17
CA PRO G 69 -70.94 -14.95 35.90
C PRO G 69 -72.45 -15.11 36.03
N VAL G 70 -73.12 -14.99 34.88
CA VAL G 70 -74.58 -14.98 34.87
C VAL G 70 -75.18 -16.31 35.33
N HIS G 71 -74.39 -17.38 35.33
CA HIS G 71 -74.93 -18.67 35.75
C HIS G 71 -74.84 -18.88 37.26
N MET G 72 -74.37 -17.88 37.99
CA MET G 72 -74.42 -17.88 39.45
C MET G 72 -75.25 -16.75 40.04
N ARG G 73 -75.93 -15.97 39.20
CA ARG G 73 -76.79 -14.92 39.73
C ARG G 73 -78.01 -15.48 40.46
N SER G 74 -78.28 -16.78 40.34
CA SER G 74 -79.44 -17.37 41.00
C SER G 74 -79.32 -17.29 42.51
N ASP G 75 -78.13 -17.56 43.04
CA ASP G 75 -77.90 -17.49 44.48
C ASP G 75 -77.07 -16.26 44.83
N ALA G 76 -77.49 -15.59 45.91
CA ALA G 76 -76.86 -14.36 46.36
C ALA G 76 -77.07 -14.25 47.86
N SER G 77 -76.82 -13.06 48.41
CA SER G 77 -76.90 -12.85 49.84
C SER G 77 -77.81 -11.69 50.24
N LYS G 78 -78.52 -11.09 49.28
CA LYS G 78 -79.51 -10.04 49.56
C LYS G 78 -78.91 -8.93 50.42
N TYR G 79 -77.97 -8.21 49.82
CA TYR G 79 -77.33 -7.09 50.50
C TYR G 79 -78.35 -6.03 50.87
N THR G 80 -78.12 -5.36 52.01
CA THR G 80 -78.89 -4.17 52.36
C THR G 80 -78.09 -3.37 53.37
N HIS G 81 -78.27 -2.04 53.33
CA HIS G 81 -77.44 -1.12 54.09
C HIS G 81 -78.03 -0.67 55.41
N GLU G 82 -79.35 -0.74 55.59
CA GLU G 82 -79.98 -0.31 56.84
C GLU G 82 -79.50 -1.21 57.98
N LYS G 83 -78.90 -0.60 59.00
CA LYS G 83 -78.41 -1.32 60.18
C LYS G 83 -78.90 -0.67 61.46
N PRO G 84 -80.12 -0.99 61.89
CA PRO G 84 -80.60 -0.50 63.19
C PRO G 84 -79.80 -1.13 64.32
N GLU G 85 -79.77 -0.42 65.45
CA GLU G 85 -79.09 -0.92 66.65
C GLU G 85 -79.71 -2.23 67.11
N GLY G 86 -78.86 -3.17 67.52
CA GLY G 86 -79.34 -4.43 68.04
C GLY G 86 -78.28 -5.51 67.95
N HIS G 87 -78.73 -6.76 68.04
CA HIS G 87 -77.87 -7.91 67.89
C HIS G 87 -78.02 -8.52 66.51
N TYR G 88 -76.96 -9.15 66.03
CA TYR G 88 -76.93 -9.76 64.71
C TYR G 88 -76.40 -11.18 64.81
N ASN G 89 -76.30 -11.84 63.66
CA ASN G 89 -75.96 -13.26 63.59
C ASN G 89 -74.56 -13.45 63.00
N TRP G 90 -73.92 -14.54 63.42
CA TRP G 90 -72.62 -14.94 62.91
C TRP G 90 -72.51 -16.45 63.06
N HIS G 91 -71.62 -17.06 62.29
CA HIS G 91 -71.45 -18.51 62.37
C HIS G 91 -70.88 -18.96 63.72
N HIS G 92 -70.19 -18.07 64.43
CA HIS G 92 -69.53 -18.43 65.69
C HIS G 92 -70.11 -17.70 66.89
N GLY G 93 -71.39 -17.35 66.85
CA GLY G 93 -72.06 -16.71 67.96
C GLY G 93 -72.84 -15.51 67.50
N ALA G 94 -73.56 -14.90 68.44
CA ALA G 94 -74.36 -13.73 68.16
C ALA G 94 -73.50 -12.48 68.26
N VAL G 95 -73.43 -11.73 67.18
CA VAL G 95 -72.62 -10.52 67.13
C VAL G 95 -73.46 -9.35 67.61
N GLN G 96 -72.90 -8.55 68.51
CA GLN G 96 -73.57 -7.38 69.06
C GLN G 96 -72.88 -6.12 68.55
N TYR G 97 -73.70 -5.11 68.22
CA TYR G 97 -73.21 -3.86 67.65
C TYR G 97 -73.75 -2.71 68.48
N SER G 98 -72.85 -1.83 68.92
CA SER G 98 -73.24 -0.72 69.79
C SER G 98 -72.22 0.40 69.65
N GLY G 99 -72.70 1.64 69.59
CA GLY G 99 -71.81 2.79 69.50
C GLY G 99 -70.94 2.79 68.26
N GLY G 100 -71.50 2.42 67.12
CA GLY G 100 -70.71 2.34 65.90
C GLY G 100 -69.62 1.30 65.91
N ARG G 101 -69.68 0.34 66.83
CA ARG G 101 -68.64 -0.67 66.99
C ARG G 101 -69.27 -2.06 67.01
N PHE G 102 -68.52 -3.04 66.55
CA PHE G 102 -68.92 -4.45 66.59
C PHE G 102 -68.12 -5.15 67.68
N THR G 103 -68.79 -5.98 68.46
CA THR G 103 -68.21 -6.59 69.64
C THR G 103 -68.31 -8.11 69.58
N ILE G 104 -67.26 -8.78 70.05
CA ILE G 104 -67.20 -10.24 70.07
C ILE G 104 -66.85 -10.73 71.48
N PRO G 105 -67.60 -11.69 72.03
CA PRO G 105 -67.28 -12.18 73.37
C PRO G 105 -65.97 -12.97 73.43
N THR G 106 -64.97 -12.42 74.12
CA THR G 106 -63.69 -13.07 74.35
C THR G 106 -63.07 -13.59 73.06
N GLY G 107 -63.10 -14.90 72.86
CA GLY G 107 -62.53 -15.49 71.67
C GLY G 107 -63.49 -16.37 70.90
N ALA G 108 -63.82 -15.96 69.68
CA ALA G 108 -64.66 -16.74 68.79
C ALA G 108 -64.12 -16.83 67.37
N GLY G 109 -63.30 -15.88 66.93
CA GLY G 109 -62.70 -15.94 65.62
C GLY G 109 -61.20 -16.19 65.66
N LYS G 110 -60.78 -17.38 65.26
CA LYS G 110 -59.38 -17.70 65.19
C LYS G 110 -58.75 -17.06 63.96
N PRO G 111 -57.45 -16.77 63.99
CA PRO G 111 -56.77 -16.31 62.77
C PRO G 111 -56.92 -17.34 61.66
N GLY G 112 -57.12 -16.85 60.45
CA GLY G 112 -57.45 -17.70 59.32
C GLY G 112 -58.93 -17.83 59.03
N ASP G 113 -59.79 -17.20 59.82
CA ASP G 113 -61.22 -17.20 59.57
C ASP G 113 -61.69 -15.91 58.91
N SER G 114 -60.77 -15.08 58.42
CA SER G 114 -61.16 -13.83 57.78
C SER G 114 -61.98 -14.10 56.53
N GLY G 115 -62.98 -13.27 56.29
CA GLY G 115 -63.84 -13.39 55.15
C GLY G 115 -65.21 -14.00 55.41
N ARG G 116 -65.62 -14.11 56.68
CA ARG G 116 -66.93 -14.65 56.96
C ARG G 116 -67.93 -13.52 57.19
N PRO G 117 -69.06 -13.53 56.50
CA PRO G 117 -69.97 -12.39 56.56
C PRO G 117 -70.73 -12.33 57.88
N ILE G 118 -71.27 -11.14 58.15
CA ILE G 118 -72.08 -10.90 59.34
C ILE G 118 -73.51 -10.68 58.89
N PHE G 119 -74.40 -11.57 59.30
CA PHE G 119 -75.80 -11.50 58.93
C PHE G 119 -76.61 -10.81 60.02
N ASP G 120 -77.78 -10.31 59.63
CA ASP G 120 -78.69 -9.65 60.55
C ASP G 120 -79.82 -10.59 60.94
N ASN G 121 -80.84 -10.06 61.62
CA ASN G 121 -82.01 -10.85 61.96
C ASN G 121 -82.75 -11.31 60.71
N LYS G 122 -82.88 -10.44 59.72
CA LYS G 122 -83.66 -10.73 58.52
C LYS G 122 -82.97 -11.71 57.58
N GLY G 123 -81.73 -12.09 57.86
CA GLY G 123 -80.99 -12.99 56.99
C GLY G 123 -80.21 -12.30 55.90
N ARG G 124 -80.08 -10.98 55.94
CA ARG G 124 -79.34 -10.21 54.96
C ARG G 124 -77.95 -9.86 55.50
N VAL G 125 -76.99 -9.76 54.59
CA VAL G 125 -75.60 -9.50 54.95
C VAL G 125 -75.43 -8.01 55.25
N VAL G 126 -74.57 -7.70 56.20
CA VAL G 126 -74.36 -6.34 56.67
C VAL G 126 -72.91 -5.89 56.48
N ALA G 127 -71.95 -6.74 56.86
CA ALA G 127 -70.55 -6.39 56.73
C ALA G 127 -69.77 -7.68 56.49
N ILE G 128 -68.46 -7.54 56.29
CA ILE G 128 -67.55 -8.67 56.15
C ILE G 128 -66.36 -8.42 57.06
N VAL G 129 -65.87 -9.48 57.71
CA VAL G 129 -64.92 -9.31 58.80
C VAL G 129 -63.50 -9.43 58.28
N LEU G 130 -62.60 -8.62 58.86
CA LEU G 130 -61.19 -8.61 58.49
C LEU G 130 -60.27 -8.91 59.66
N GLY G 131 -60.42 -8.21 60.78
CA GLY G 131 -59.54 -8.39 61.91
C GLY G 131 -60.27 -8.04 63.21
N GLY G 132 -59.53 -8.15 64.30
CA GLY G 132 -60.11 -7.90 65.61
C GLY G 132 -59.06 -7.48 66.63
N ALA G 133 -59.53 -6.78 67.66
CA ALA G 133 -58.71 -6.35 68.79
C ALA G 133 -59.45 -6.65 70.08
N ASN G 134 -58.71 -6.97 71.14
CA ASN G 134 -59.30 -7.43 72.38
C ASN G 134 -59.17 -6.39 73.49
N GLU G 135 -60.21 -6.31 74.33
CA GLU G 135 -60.17 -5.52 75.54
C GLU G 135 -61.11 -6.17 76.55
N GLY G 136 -60.55 -6.70 77.63
CA GLY G 136 -61.38 -7.36 78.62
C GLY G 136 -61.95 -8.66 78.08
N SER G 137 -63.20 -8.94 78.42
CA SER G 137 -63.87 -10.16 78.02
C SER G 137 -64.55 -10.04 76.66
N ARG G 138 -64.42 -8.90 75.99
CA ARG G 138 -65.01 -8.68 74.69
C ARG G 138 -63.94 -8.28 73.68
N THR G 139 -64.26 -8.45 72.40
CA THR G 139 -63.32 -8.20 71.32
C THR G 139 -63.99 -7.32 70.27
N ALA G 140 -63.30 -6.25 69.87
CA ALA G 140 -63.81 -5.36 68.84
C ALA G 140 -63.47 -5.90 67.46
N LEU G 141 -64.37 -5.67 66.51
CA LEU G 141 -64.24 -6.21 65.16
C LEU G 141 -63.81 -5.11 64.20
N SER G 142 -63.15 -5.52 63.11
CA SER G 142 -62.74 -4.63 62.05
C SER G 142 -63.46 -5.05 60.76
N VAL G 143 -64.61 -4.44 60.51
CA VAL G 143 -65.48 -4.81 59.40
C VAL G 143 -65.57 -3.60 58.47
N VAL G 144 -66.20 -3.81 57.31
CA VAL G 144 -66.39 -2.75 56.32
C VAL G 144 -67.85 -2.72 55.89
N THR G 145 -68.42 -1.53 55.83
CA THR G 145 -69.84 -1.34 55.57
C THR G 145 -70.06 -0.95 54.11
N TRP G 146 -71.33 -0.79 53.75
CA TRP G 146 -71.72 -0.34 52.42
C TRP G 146 -72.84 0.68 52.50
N ASN G 147 -72.67 1.70 53.35
CA ASN G 147 -73.70 2.70 53.50
C ASN G 147 -73.85 3.51 52.21
N LYS G 148 -75.09 3.65 51.74
CA LYS G 148 -75.42 4.34 50.48
C LYS G 148 -74.56 3.72 49.39
N ASP G 149 -73.60 4.44 48.80
CA ASP G 149 -72.71 3.87 47.80
C ASP G 149 -71.28 3.73 48.31
N MET G 150 -70.96 4.37 49.43
CA MET G 150 -69.58 4.46 49.92
C MET G 150 -69.23 3.21 50.71
N VAL G 151 -68.19 2.51 50.26
CA VAL G 151 -67.57 1.47 51.07
C VAL G 151 -66.66 2.13 52.09
N THR G 152 -67.02 2.01 53.36
CA THR G 152 -66.29 2.67 54.44
C THR G 152 -65.72 1.61 55.37
N ARG G 153 -64.48 1.82 55.81
CA ARG G 153 -63.78 0.89 56.67
C ARG G 153 -63.61 1.49 58.06
N VAL G 154 -63.96 0.71 59.08
CA VAL G 154 -63.79 1.10 60.47
C VAL G 154 -62.90 0.06 61.14
N THR G 155 -61.87 0.53 61.83
CA THR G 155 -60.93 -0.39 62.47
C THR G 155 -60.52 0.15 63.84
N PRO G 156 -60.69 -0.63 64.89
CA PRO G 156 -60.32 -0.19 66.23
C PRO G 156 -58.80 -0.20 66.42
N GLU G 157 -58.38 0.46 67.50
CA GLU G 157 -56.95 0.65 67.74
C GLU G 157 -56.26 -0.69 68.02
N GLY G 158 -55.08 -0.85 67.46
CA GLY G 158 -54.28 -2.05 67.68
C GLY G 158 -54.97 -3.33 67.28
N SER G 159 -55.62 -3.33 66.12
CA SER G 159 -56.41 -4.47 65.68
C SER G 159 -55.49 -5.54 65.11
N GLU G 160 -55.49 -6.71 65.74
CA GLU G 160 -54.80 -7.86 65.17
C GLU G 160 -55.53 -8.32 63.91
N GLU G 161 -54.77 -8.68 62.90
CA GLU G 161 -55.32 -8.98 61.58
C GLU G 161 -55.34 -10.49 61.36
N TRP G 162 -56.54 -11.05 61.23
CA TRP G 162 -56.69 -12.48 60.99
C TRP G 162 -56.41 -12.82 59.54
N SER H 1 50.73 45.54 -2.75
CA SER H 1 50.36 45.41 -4.16
C SER H 1 50.22 43.95 -4.55
N VAL H 2 49.74 43.72 -5.78
CA VAL H 2 49.60 42.36 -6.27
C VAL H 2 50.96 41.69 -6.39
N SER H 3 51.95 42.40 -6.92
CA SER H 3 53.30 41.86 -7.01
C SER H 3 53.90 41.64 -5.63
N GLN H 4 53.61 42.53 -4.68
CA GLN H 4 54.13 42.37 -3.33
C GLN H 4 53.50 41.17 -2.62
N HIS H 5 52.28 40.79 -3.03
CA HIS H 5 51.60 39.65 -2.42
C HIS H 5 52.28 38.32 -2.74
N PHE H 6 53.22 38.30 -3.69
CA PHE H 6 53.85 37.06 -4.13
C PHE H 6 55.21 36.86 -3.48
N ASN H 7 55.52 37.61 -2.43
CA ASN H 7 56.80 37.45 -1.74
C ASN H 7 56.94 36.07 -1.12
N VAL H 8 55.84 35.55 -0.56
CA VAL H 8 55.90 34.28 0.15
C VAL H 8 56.26 33.14 -0.79
N TYR H 9 55.73 33.15 -2.02
CA TYR H 9 55.97 32.06 -2.95
C TYR H 9 57.36 32.08 -3.55
N LYS H 10 58.27 32.91 -3.02
CA LYS H 10 59.64 32.95 -3.48
C LYS H 10 60.48 31.79 -2.95
N ALA H 11 60.09 31.19 -1.81
CA ALA H 11 60.84 30.10 -1.21
C ALA H 11 60.11 28.77 -1.31
N THR H 12 59.30 28.58 -2.34
CA THR H 12 58.57 27.34 -2.55
C THR H 12 58.80 26.83 -3.97
N ARG H 13 58.65 25.52 -4.14
CA ARG H 13 58.73 24.88 -5.44
C ARG H 13 57.59 23.89 -5.57
N PRO H 14 57.14 23.60 -6.79
CA PRO H 14 56.12 22.56 -6.97
C PRO H 14 56.68 21.16 -6.78
N TYR H 15 55.83 20.15 -6.91
CA TYR H 15 56.25 18.78 -6.67
C TYR H 15 55.42 17.85 -7.58
N ILE H 16 55.80 16.58 -7.60
CA ILE H 16 55.09 15.55 -8.33
C ILE H 16 54.64 14.48 -7.35
N ALA H 17 53.36 14.12 -7.41
CA ALA H 17 52.76 13.17 -6.49
C ALA H 17 52.02 12.10 -7.27
N TYR H 18 51.66 11.02 -6.57
CA TYR H 18 50.98 9.88 -7.16
C TYR H 18 49.48 10.13 -7.09
N CYS H 19 48.84 10.21 -8.26
CA CYS H 19 47.38 10.31 -8.33
C CYS H 19 46.85 9.14 -9.15
N ALA H 20 45.75 8.56 -8.68
CA ALA H 20 45.39 7.20 -9.09
C ALA H 20 45.09 7.10 -10.58
N ASP H 21 44.26 7.99 -11.11
CA ASP H 21 43.83 7.90 -12.50
C ASP H 21 44.17 9.21 -13.20
N CYS H 22 45.03 9.13 -14.22
CA CYS H 22 45.53 10.33 -14.86
C CYS H 22 45.14 10.42 -16.33
N GLY H 23 43.91 10.02 -16.65
CA GLY H 23 43.37 10.25 -17.97
C GLY H 23 42.80 9.05 -18.69
N ALA H 24 43.44 7.89 -18.58
CA ALA H 24 43.03 6.71 -19.33
C ALA H 24 43.01 5.48 -18.44
N GLY H 25 42.68 5.67 -17.16
CA GLY H 25 42.60 4.57 -16.22
C GLY H 25 43.92 3.86 -16.01
N HIS H 26 45.01 4.62 -15.95
CA HIS H 26 46.33 4.06 -15.71
C HIS H 26 47.05 4.93 -14.69
N SER H 27 47.55 4.30 -13.62
CA SER H 27 48.25 5.05 -12.59
C SER H 27 49.55 5.62 -13.13
N CYS H 28 49.82 6.88 -12.81
CA CYS H 28 50.95 7.59 -13.39
C CYS H 28 51.30 8.78 -12.51
N HIS H 29 52.60 8.97 -12.29
CA HIS H 29 53.07 10.13 -11.53
C HIS H 29 52.82 11.40 -12.34
N SER H 30 52.25 12.41 -11.70
CA SER H 30 51.84 13.61 -12.41
C SER H 30 52.15 14.85 -11.60
N PRO H 31 52.42 15.97 -12.27
CA PRO H 31 52.59 17.25 -11.58
C PRO H 31 51.30 18.04 -11.38
N VAL H 32 50.14 17.45 -11.67
CA VAL H 32 48.87 18.15 -11.53
C VAL H 32 48.01 17.35 -10.57
N ALA H 33 48.65 16.75 -9.57
CA ALA H 33 47.94 15.92 -8.60
C ALA H 33 46.99 16.77 -7.76
N ILE H 34 45.80 16.23 -7.51
CA ILE H 34 44.78 16.91 -6.71
C ILE H 34 44.89 16.44 -5.27
N GLU H 35 44.76 17.38 -4.33
CA GLU H 35 44.88 17.09 -2.91
C GLU H 35 43.54 17.22 -2.19
N ALA H 36 42.89 18.38 -2.29
CA ALA H 36 41.64 18.60 -1.57
C ALA H 36 40.74 19.52 -2.39
N VAL H 37 39.43 19.35 -2.20
CA VAL H 37 38.42 20.21 -2.81
C VAL H 37 37.53 20.74 -1.70
N ARG H 38 37.40 22.06 -1.62
CA ARG H 38 36.62 22.71 -0.58
C ARG H 38 35.36 23.34 -1.18
N SER H 39 34.23 23.13 -0.53
CA SER H 39 32.95 23.62 -1.03
C SER H 39 32.15 24.29 0.08
N GLU H 40 32.82 25.12 0.89
CA GLU H 40 32.09 25.78 1.97
C GLU H 40 31.29 26.98 1.49
N ALA H 41 31.42 27.38 0.23
CA ALA H 41 30.61 28.48 -0.30
C ALA H 41 29.19 28.00 -0.59
N THR H 42 28.20 28.83 -0.22
CA THR H 42 26.80 28.48 -0.41
C THR H 42 26.39 28.55 -1.88
N ASP H 43 26.96 29.46 -2.67
CA ASP H 43 26.59 29.58 -4.08
C ASP H 43 27.18 28.47 -4.95
N GLY H 44 28.20 27.77 -4.46
CA GLY H 44 28.79 26.67 -5.19
C GLY H 44 30.13 26.94 -5.85
N MET H 45 30.94 27.84 -5.29
CA MET H 45 32.26 28.12 -5.84
C MET H 45 33.25 27.10 -5.31
N LEU H 46 33.68 26.19 -6.17
CA LEU H 46 34.65 25.17 -5.78
C LEU H 46 36.04 25.79 -5.63
N LYS H 47 36.80 25.25 -4.68
CA LYS H 47 38.19 25.67 -4.45
C LYS H 47 39.07 24.43 -4.56
N ILE H 48 39.94 24.43 -5.55
CA ILE H 48 40.73 23.26 -5.92
C ILE H 48 42.20 23.51 -5.61
N GLN H 49 42.86 22.51 -5.03
CA GLN H 49 44.27 22.59 -4.70
C GLN H 49 45.03 21.53 -5.47
N PHE H 50 46.15 21.93 -6.09
CA PHE H 50 46.94 21.02 -6.91
C PHE H 50 48.40 21.46 -6.85
N SER H 51 49.27 20.56 -7.32
CA SER H 51 50.70 20.70 -7.08
C SER H 51 51.29 21.90 -7.81
N ALA H 52 50.95 22.06 -9.08
CA ALA H 52 51.52 23.15 -9.87
C ALA H 52 51.06 24.49 -9.34
N GLN H 53 51.94 25.49 -9.45
CA GLN H 53 51.64 26.84 -8.96
C GLN H 53 51.28 27.75 -10.12
N ILE H 54 50.29 28.61 -9.89
CA ILE H 54 49.86 29.61 -10.85
C ILE H 54 50.49 30.94 -10.48
N GLY H 55 50.85 31.74 -11.48
CA GLY H 55 51.30 33.09 -11.26
C GLY H 55 52.79 33.28 -11.10
N ILE H 56 53.56 32.20 -11.00
CA ILE H 56 55.00 32.29 -10.83
C ILE H 56 55.68 31.68 -12.04
N ASP H 57 56.70 32.34 -12.55
CA ASP H 57 57.53 31.83 -13.63
C ASP H 57 58.73 31.09 -13.04
N LYS H 58 59.46 30.39 -13.92
CA LYS H 58 60.57 29.55 -13.48
C LYS H 58 61.66 30.35 -12.77
N SER H 59 61.90 31.59 -13.18
CA SER H 59 62.93 32.43 -12.56
C SER H 59 62.43 33.13 -11.30
N ASP H 60 61.33 32.65 -10.71
CA ASP H 60 60.81 33.17 -9.45
C ASP H 60 60.49 34.66 -9.61
N ASN H 61 59.47 34.94 -10.43
CA ASN H 61 59.03 36.30 -10.70
C ASN H 61 57.53 36.29 -10.99
N HIS H 62 56.87 37.36 -10.55
CA HIS H 62 55.43 37.48 -10.78
C HIS H 62 55.12 37.58 -12.26
N ASP H 63 54.08 36.85 -12.70
CA ASP H 63 53.61 36.92 -14.07
C ASP H 63 52.28 36.19 -14.12
N TYR H 64 51.29 36.80 -14.78
CA TYR H 64 49.92 36.29 -14.75
C TYR H 64 49.57 35.38 -15.92
N THR H 65 50.49 35.12 -16.85
CA THR H 65 50.20 34.26 -17.98
C THR H 65 51.08 33.02 -18.04
N LYS H 66 51.71 32.63 -16.93
CA LYS H 66 52.56 31.45 -16.91
C LYS H 66 52.26 30.59 -15.70
N ILE H 67 52.33 29.28 -15.89
CA ILE H 67 52.14 28.29 -14.85
C ILE H 67 53.44 27.49 -14.75
N ARG H 68 53.98 27.36 -13.54
CA ARG H 68 55.23 26.63 -13.35
C ARG H 68 54.96 25.33 -12.63
N TYR H 69 55.71 24.29 -13.02
CA TYR H 69 55.48 22.94 -12.53
C TYR H 69 56.80 22.21 -12.46
N ALA H 70 56.83 21.16 -11.65
CA ALA H 70 58.02 20.34 -11.50
C ALA H 70 58.02 19.20 -12.53
N ASP H 71 59.18 18.98 -13.14
CA ASP H 71 59.36 17.90 -14.10
C ASP H 71 60.79 17.42 -13.99
N GLY H 72 60.97 16.18 -13.56
CA GLY H 72 62.32 15.72 -13.24
C GLY H 72 62.81 16.42 -11.98
N HIS H 73 63.95 17.08 -12.09
CA HIS H 73 64.50 17.87 -10.99
C HIS H 73 64.38 19.37 -11.20
N ALA H 74 63.98 19.81 -12.38
CA ALA H 74 63.92 21.23 -12.71
C ALA H 74 62.47 21.70 -12.72
N ILE H 75 62.29 22.98 -13.06
CA ILE H 75 60.98 23.61 -13.13
C ILE H 75 60.83 24.23 -14.50
N GLU H 76 59.72 23.92 -15.17
CA GLU H 76 59.44 24.43 -16.50
C GLU H 76 58.27 25.41 -16.43
N ASN H 77 57.86 25.92 -17.59
CA ASN H 77 56.75 26.85 -17.71
C ASN H 77 55.71 26.32 -18.69
N ALA H 78 54.48 26.74 -18.49
CA ALA H 78 53.38 26.42 -19.39
C ALA H 78 52.48 27.64 -19.52
N VAL H 79 51.77 27.71 -20.66
CA VAL H 79 50.89 28.84 -20.89
C VAL H 79 49.63 28.68 -20.05
N ARG H 80 49.12 29.81 -19.55
CA ARG H 80 47.93 29.75 -18.71
C ARG H 80 46.65 29.57 -19.51
N SER H 81 46.69 29.84 -20.82
CA SER H 81 45.52 29.64 -21.67
C SER H 81 45.24 28.17 -21.92
N SER H 82 46.06 27.27 -21.38
CA SER H 82 45.91 25.83 -21.58
C SER H 82 45.49 25.13 -20.29
N LEU H 83 44.62 25.78 -19.50
CA LEU H 83 44.12 25.22 -18.26
C LEU H 83 42.64 24.91 -18.41
N LYS H 84 42.26 23.68 -18.10
CA LYS H 84 40.88 23.24 -18.24
C LYS H 84 40.44 22.49 -16.99
N VAL H 85 39.22 22.77 -16.54
CA VAL H 85 38.58 22.03 -15.46
C VAL H 85 37.22 21.57 -15.97
N ALA H 86 36.90 20.30 -15.76
CA ALA H 86 35.68 19.72 -16.31
C ALA H 86 35.05 18.75 -15.32
N THR H 87 33.72 18.82 -15.19
CA THR H 87 32.93 17.86 -14.42
C THR H 87 31.69 17.56 -15.26
N SER H 88 31.79 16.53 -16.11
CA SER H 88 30.71 16.18 -17.04
C SER H 88 30.31 17.38 -17.90
N GLY H 89 31.30 18.14 -18.32
CA GLY H 89 31.09 19.35 -19.09
C GLY H 89 32.07 20.42 -18.69
N ASP H 90 32.49 21.20 -19.67
CA ASP H 90 33.45 22.27 -19.42
C ASP H 90 32.87 23.29 -18.45
N CYS H 91 33.68 23.76 -17.53
CA CYS H 91 33.21 24.73 -16.55
C CYS H 91 34.17 25.92 -16.45
N PHE H 92 33.71 26.98 -15.78
CA PHE H 92 34.30 28.30 -15.87
C PHE H 92 35.25 28.54 -14.70
N VAL H 93 36.34 29.24 -14.97
CA VAL H 93 37.37 29.54 -13.97
C VAL H 93 37.24 30.99 -13.56
N HIS H 94 36.90 31.22 -12.29
CA HIS H 94 36.63 32.56 -11.79
C HIS H 94 37.87 33.29 -11.28
N GLY H 95 38.91 32.57 -10.90
CA GLY H 95 40.12 33.20 -10.41
C GLY H 95 41.14 32.21 -9.90
N THR H 96 42.40 32.40 -10.26
CA THR H 96 43.48 31.49 -9.90
C THR H 96 44.60 32.27 -9.22
N MET H 97 45.19 31.64 -8.20
CA MET H 97 46.21 32.28 -7.39
C MET H 97 47.05 31.19 -6.74
N GLY H 98 48.31 31.08 -7.15
CA GLY H 98 49.22 30.12 -6.56
C GLY H 98 48.77 28.68 -6.69
N HIS H 99 48.69 27.98 -5.56
CA HIS H 99 48.37 26.56 -5.56
C HIS H 99 46.91 26.29 -5.90
N PHE H 100 46.06 27.31 -5.86
CA PHE H 100 44.62 27.12 -5.77
C PHE H 100 43.90 27.64 -7.01
N ILE H 101 42.83 26.95 -7.38
CA ILE H 101 42.00 27.29 -8.54
C ILE H 101 40.56 27.43 -8.06
N LEU H 102 39.88 28.47 -8.53
CA LEU H 102 38.49 28.75 -8.18
C LEU H 102 37.65 28.52 -9.43
N ALA H 103 36.63 27.67 -9.31
CA ALA H 103 35.80 27.33 -10.46
C ALA H 103 34.35 27.08 -10.01
N LYS H 104 33.43 27.22 -10.96
CA LYS H 104 32.03 26.85 -10.79
C LYS H 104 31.67 25.87 -11.91
N CYS H 105 31.20 24.69 -11.53
CA CYS H 105 31.05 23.63 -12.52
C CYS H 105 29.69 22.96 -12.44
N PRO H 106 29.19 22.44 -13.55
CA PRO H 106 27.86 21.83 -13.57
C PRO H 106 27.84 20.53 -12.79
N PRO H 107 26.66 20.03 -12.42
CA PRO H 107 26.59 18.80 -11.63
C PRO H 107 27.27 17.63 -12.33
N GLY H 108 27.97 16.83 -11.55
CA GLY H 108 28.70 15.70 -12.09
C GLY H 108 29.28 14.87 -10.97
N GLU H 109 29.86 13.73 -11.37
CA GLU H 109 30.38 12.76 -10.41
C GLU H 109 31.90 12.80 -10.29
N PHE H 110 32.61 13.24 -11.32
CA PHE H 110 34.07 13.26 -11.32
C PHE H 110 34.59 14.62 -11.72
N LEU H 111 35.81 14.93 -11.29
CA LEU H 111 36.43 16.23 -11.53
C LEU H 111 37.81 16.02 -12.15
N GLN H 112 38.12 16.82 -13.16
CA GLN H 112 39.36 16.67 -13.92
C GLN H 112 39.99 18.04 -14.17
N VAL H 113 41.31 18.11 -14.03
CA VAL H 113 42.07 19.34 -14.29
C VAL H 113 43.24 18.96 -15.20
N SER H 114 43.49 19.78 -16.22
CA SER H 114 44.52 19.47 -17.20
C SER H 114 45.26 20.73 -17.60
N ILE H 115 46.57 20.58 -17.83
CA ILE H 115 47.42 21.63 -18.37
C ILE H 115 48.23 21.04 -19.51
N GLN H 116 48.76 21.93 -20.35
CA GLN H 116 49.57 21.52 -21.49
C GLN H 116 51.04 21.67 -21.17
N ASP H 117 51.85 20.77 -21.70
CA ASP H 117 53.28 20.71 -21.42
C ASP H 117 54.06 21.58 -22.40
N THR H 118 55.38 21.61 -22.22
CA THR H 118 56.25 22.30 -23.16
C THR H 118 56.22 21.64 -24.52
N ARG H 119 56.16 20.31 -24.55
CA ARG H 119 56.09 19.53 -25.78
C ARG H 119 54.66 19.37 -26.31
N ASN H 120 53.75 20.26 -25.88
CA ASN H 120 52.34 20.20 -26.26
C ASN H 120 51.68 18.89 -25.85
N ALA H 121 52.18 18.26 -24.80
CA ALA H 121 51.52 17.11 -24.22
C ALA H 121 50.43 17.55 -23.25
N VAL H 122 49.55 16.62 -22.91
CA VAL H 122 48.42 16.89 -22.03
C VAL H 122 48.62 16.11 -20.74
N ARG H 123 48.71 16.81 -19.62
CA ARG H 123 48.84 16.21 -18.30
C ARG H 123 47.57 16.50 -17.52
N ALA H 124 46.96 15.45 -16.96
CA ALA H 124 45.69 15.59 -16.27
C ALA H 124 45.56 14.55 -15.18
N CYS H 125 44.71 14.84 -14.21
CA CYS H 125 44.30 13.89 -13.18
C CYS H 125 42.80 14.03 -12.91
N ARG H 126 42.17 12.92 -12.53
CA ARG H 126 40.75 12.87 -12.25
C ARG H 126 40.52 12.17 -10.92
N ILE H 127 39.67 12.77 -10.08
CA ILE H 127 39.24 12.17 -8.83
C ILE H 127 37.72 12.13 -8.82
N GLN H 128 37.17 11.53 -7.77
CA GLN H 128 35.72 11.42 -7.62
C GLN H 128 35.22 12.45 -6.62
N TYR H 129 34.18 13.19 -7.01
CA TYR H 129 33.62 14.24 -6.17
C TYR H 129 32.15 14.38 -6.52
N HIS H 130 31.26 14.07 -5.57
CA HIS H 130 29.82 14.17 -5.79
C HIS H 130 29.43 15.64 -5.67
N HIS H 131 29.30 16.29 -6.83
CA HIS H 131 29.00 17.72 -6.89
C HIS H 131 27.54 17.92 -7.31
N ASP H 132 26.76 18.55 -6.45
CA ASP H 132 25.37 18.88 -6.74
C ASP H 132 24.97 20.07 -5.89
N PRO H 133 25.05 21.30 -6.40
CA PRO H 133 24.76 22.47 -5.58
C PRO H 133 23.28 22.82 -5.59
N GLN H 134 22.72 22.87 -4.37
CA GLN H 134 21.36 23.37 -4.16
C GLN H 134 21.43 24.88 -3.94
N PRO H 135 20.78 25.70 -4.77
CA PRO H 135 20.81 27.15 -4.55
C PRO H 135 20.14 27.51 -3.23
N VAL H 136 20.60 28.63 -2.66
CA VAL H 136 20.05 29.08 -1.39
C VAL H 136 18.60 29.52 -1.57
N GLY H 137 17.82 29.37 -0.50
CA GLY H 137 16.41 29.72 -0.54
C GLY H 137 15.50 28.52 -0.45
N ARG H 138 14.33 28.59 -1.09
CA ARG H 138 13.40 27.47 -1.12
C ARG H 138 13.05 27.05 -2.54
N GLU H 139 13.73 27.57 -3.56
CA GLU H 139 13.49 27.22 -4.94
C GLU H 139 14.79 26.78 -5.59
N LYS H 140 14.73 25.69 -6.36
CA LYS H 140 15.92 25.11 -6.97
C LYS H 140 16.05 25.60 -8.41
N PHE H 141 16.35 26.88 -8.54
CA PHE H 141 16.49 27.49 -9.85
C PHE H 141 17.87 27.16 -10.42
N THR H 142 18.14 27.63 -11.64
CA THR H 142 19.41 27.37 -12.28
C THR H 142 20.10 28.66 -12.73
N ILE H 143 19.33 29.62 -13.20
CA ILE H 143 19.85 30.86 -13.77
C ILE H 143 19.20 32.03 -13.05
N ARG H 144 19.98 33.10 -12.85
CA ARG H 144 19.49 34.25 -12.11
C ARG H 144 18.31 34.90 -12.84
N PRO H 145 17.33 35.42 -12.11
CA PRO H 145 16.21 36.12 -12.74
C PRO H 145 16.47 37.61 -12.85
N HIS H 146 15.65 38.27 -13.66
CA HIS H 146 15.69 39.72 -13.82
C HIS H 146 14.67 40.44 -12.95
N TYR H 147 13.94 39.71 -12.12
CA TYR H 147 13.04 40.30 -11.13
C TYR H 147 12.90 39.32 -9.99
N GLY H 148 13.53 39.63 -8.85
CA GLY H 148 13.51 38.71 -7.74
C GLY H 148 13.88 39.38 -6.44
N LYS H 149 14.10 38.54 -5.43
CA LYS H 149 14.39 38.99 -4.07
C LYS H 149 15.88 38.81 -3.77
N GLU H 150 16.37 39.61 -2.83
CA GLU H 150 17.76 39.56 -2.39
C GLU H 150 17.85 38.83 -1.07
N ILE H 151 18.68 37.80 -1.01
CA ILE H 151 18.75 36.92 0.16
C ILE H 151 20.22 36.72 0.50
N PRO H 152 20.60 36.60 1.78
CA PRO H 152 22.02 36.40 2.10
C PRO H 152 22.52 35.04 1.66
N CYS H 153 23.75 35.02 1.17
CA CYS H 153 24.30 33.89 0.44
C CYS H 153 25.79 34.13 0.26
N THR H 154 26.60 33.21 0.79
CA THR H 154 28.03 33.44 0.98
C THR H 154 28.83 32.91 -0.21
N THR H 155 30.07 33.40 -0.33
CA THR H 155 30.93 33.02 -1.45
C THR H 155 32.39 33.30 -1.09
N TYR H 156 33.28 32.91 -2.00
CA TYR H 156 34.70 33.23 -1.91
C TYR H 156 34.96 34.56 -2.58
N GLN H 157 35.75 35.42 -1.94
CA GLN H 157 36.15 36.66 -2.58
C GLN H 157 37.48 36.48 -3.31
N GLN H 158 37.67 37.30 -4.33
CA GLN H 158 38.86 37.21 -5.18
C GLN H 158 40.04 37.99 -4.62
N THR H 159 39.90 38.60 -3.44
CA THR H 159 41.01 39.32 -2.83
C THR H 159 42.14 38.38 -2.49
N THR H 160 43.38 38.84 -2.71
CA THR H 160 44.57 38.05 -2.48
C THR H 160 45.30 38.41 -1.19
N ALA H 161 44.68 39.22 -0.34
CA ALA H 161 45.34 39.68 0.87
C ALA H 161 45.52 38.52 1.87
N LYS H 162 46.27 38.80 2.92
CA LYS H 162 46.55 37.80 3.94
C LYS H 162 45.28 37.44 4.71
N THR H 163 45.08 36.14 4.93
CA THR H 163 43.95 35.63 5.68
C THR H 163 44.45 34.85 6.89
N VAL H 164 43.55 34.64 7.85
CA VAL H 164 43.93 33.94 9.08
C VAL H 164 44.30 32.49 8.78
N GLU H 165 43.49 31.81 7.98
CA GLU H 165 43.72 30.41 7.67
C GLU H 165 44.98 30.24 6.83
N GLU H 166 45.66 29.12 7.03
CA GLU H 166 46.96 28.88 6.41
C GLU H 166 47.21 27.40 6.31
N ILE H 167 48.17 27.04 5.45
CA ILE H 167 48.69 25.68 5.35
C ILE H 167 50.15 25.70 5.76
N ASP H 168 50.75 24.52 5.83
CA ASP H 168 52.10 24.35 6.32
C ASP H 168 53.00 23.70 5.27
N MET H 169 54.29 23.96 5.39
CA MET H 169 55.30 23.48 4.46
C MET H 169 56.48 22.90 5.22
N HIS H 170 57.23 22.03 4.55
CA HIS H 170 58.33 21.32 5.19
C HIS H 170 59.38 20.98 4.13
N MET H 171 60.59 20.68 4.58
CA MET H 171 61.74 20.47 3.70
C MET H 171 61.54 19.21 2.87
N PRO H 172 61.81 19.27 1.56
CA PRO H 172 61.62 18.08 0.71
C PRO H 172 62.64 17.01 1.03
N PRO H 173 62.33 15.74 0.73
CA PRO H 173 63.27 14.66 1.05
C PRO H 173 64.28 14.43 -0.06
N ASP H 174 65.12 13.41 0.10
CA ASP H 174 66.06 13.03 -0.94
C ASP H 174 65.32 12.23 -2.01
N THR H 175 65.43 12.65 -3.26
CA THR H 175 64.71 11.98 -4.35
C THR H 175 65.64 11.05 -5.11
N PRO H 176 65.43 9.74 -5.06
CA PRO H 176 66.27 8.82 -5.82
C PRO H 176 66.24 9.09 -7.32
N ASP H 177 67.40 8.91 -7.94
CA ASP H 177 67.52 8.93 -9.40
C ASP H 177 68.45 7.83 -9.84
N ARG H 178 67.99 7.02 -10.80
CA ARG H 178 68.77 5.92 -11.33
C ARG H 178 69.49 6.30 -12.62
N THR H 179 69.26 7.49 -13.16
CA THR H 179 69.84 7.90 -14.42
C THR H 179 71.19 8.59 -14.26
N LEU H 180 71.66 8.80 -13.04
CA LEU H 180 72.98 9.37 -12.78
C LEU H 180 74.04 8.30 -12.62
N LEU H 181 73.81 7.12 -13.19
CA LEU H 181 74.72 5.99 -13.08
C LEU H 181 75.08 5.48 -14.47
N SER H 182 76.38 5.27 -14.69
CA SER H 182 76.87 4.76 -15.97
C SER H 182 77.89 3.66 -15.71
N GLN H 183 77.98 2.73 -16.64
CA GLN H 183 78.89 1.60 -16.55
C GLN H 183 80.06 1.79 -17.50
N GLN H 184 81.27 1.59 -16.99
CA GLN H 184 82.50 1.71 -17.77
C GLN H 184 83.32 0.44 -17.52
N SER H 185 83.10 -0.56 -18.37
CA SER H 185 83.75 -1.87 -18.24
C SER H 185 83.49 -2.48 -16.88
N GLY H 186 84.42 -2.28 -15.94
CA GLY H 186 84.26 -2.79 -14.60
C GLY H 186 84.18 -1.70 -13.55
N ASN H 187 83.57 -0.57 -13.90
CA ASN H 187 83.45 0.57 -13.00
C ASN H 187 82.08 1.22 -13.17
N VAL H 188 81.69 1.96 -12.13
CA VAL H 188 80.47 2.77 -12.17
C VAL H 188 80.87 4.23 -11.99
N LYS H 189 80.26 5.11 -12.78
CA LYS H 189 80.54 6.53 -12.78
C LYS H 189 79.27 7.31 -12.49
N ILE H 190 79.35 8.26 -11.57
CA ILE H 190 78.20 9.09 -11.22
C ILE H 190 78.42 10.50 -11.77
N THR H 191 77.35 11.07 -12.31
CA THR H 191 77.38 12.40 -12.90
C THR H 191 76.64 13.35 -11.98
N VAL H 192 77.34 14.39 -11.50
CA VAL H 192 76.73 15.32 -10.56
C VAL H 192 75.64 16.15 -11.24
N GLY H 193 75.94 16.70 -12.42
CA GLY H 193 74.99 17.53 -13.11
C GLY H 193 74.71 18.87 -12.46
N GLY H 194 75.45 19.23 -11.42
CA GLY H 194 75.23 20.48 -10.71
C GLY H 194 74.48 20.37 -9.41
N LYS H 195 74.12 19.16 -8.98
CA LYS H 195 73.36 18.96 -7.76
C LYS H 195 74.10 17.98 -6.85
N LYS H 196 74.13 18.28 -5.55
CA LYS H 196 74.80 17.41 -4.60
C LYS H 196 74.10 16.06 -4.54
N VAL H 197 74.89 14.99 -4.50
CA VAL H 197 74.37 13.63 -4.49
C VAL H 197 74.96 12.88 -3.30
N LYS H 198 74.24 11.85 -2.87
CA LYS H 198 74.63 11.00 -1.77
C LYS H 198 74.55 9.55 -2.21
N TYR H 199 75.54 8.75 -1.83
CA TYR H 199 75.64 7.37 -2.30
C TYR H 199 75.87 6.41 -1.15
N ASN H 200 75.64 5.13 -1.42
CA ASN H 200 75.92 4.03 -0.49
C ASN H 200 76.17 2.78 -1.31
N CYS H 201 77.40 2.27 -1.26
CA CYS H 201 77.79 1.11 -2.06
C CYS H 201 78.40 0.06 -1.16
N THR H 202 77.93 -1.19 -1.33
CA THR H 202 78.42 -2.28 -0.51
C THR H 202 79.64 -2.98 -1.11
N CYS H 203 80.03 -2.63 -2.33
CA CYS H 203 81.25 -3.17 -2.90
C CYS H 203 82.46 -2.45 -2.33
N GLY H 204 83.44 -3.20 -1.84
CA GLY H 204 84.56 -2.60 -1.18
C GLY H 204 84.19 -2.16 0.23
N THR H 205 85.02 -1.26 0.77
CA THR H 205 84.84 -0.73 2.11
C THR H 205 84.97 0.78 2.09
N GLY H 206 84.19 1.45 2.93
CA GLY H 206 84.24 2.89 3.03
C GLY H 206 83.79 3.64 1.80
N ASN H 207 82.69 3.21 1.19
CA ASN H 207 82.16 3.83 -0.03
C ASN H 207 80.86 4.59 0.22
N VAL H 208 80.74 5.26 1.36
CA VAL H 208 79.57 6.06 1.69
C VAL H 208 80.01 7.51 1.91
N GLY H 209 79.11 8.43 1.59
CA GLY H 209 79.39 9.84 1.73
C GLY H 209 78.61 10.63 0.68
N THR H 210 78.74 11.95 0.78
CA THR H 210 78.05 12.87 -0.12
C THR H 210 79.08 13.72 -0.86
N THR H 211 78.97 13.76 -2.18
CA THR H 211 79.87 14.53 -3.02
C THR H 211 79.07 15.36 -4.01
N ASN H 212 79.73 16.34 -4.60
CA ASN H 212 79.13 17.21 -5.61
C ASN H 212 80.07 17.38 -6.79
N SER H 213 80.69 16.29 -7.22
CA SER H 213 81.55 16.29 -8.40
C SER H 213 81.57 14.89 -8.98
N ASP H 214 81.92 14.80 -10.27
CA ASP H 214 81.92 13.52 -10.95
C ASP H 214 83.03 12.63 -10.41
N MET H 215 82.69 11.39 -10.09
CA MET H 215 83.67 10.42 -9.63
C MET H 215 83.36 9.06 -10.22
N THR H 216 84.30 8.13 -10.07
CA THR H 216 84.16 6.77 -10.57
C THR H 216 84.53 5.82 -9.45
N ILE H 217 83.78 4.72 -9.33
CA ILE H 217 84.04 3.68 -8.33
C ILE H 217 84.36 2.39 -9.07
N ASN H 218 85.50 1.78 -8.72
CA ASN H 218 86.00 0.62 -9.43
C ASN H 218 85.55 -0.68 -8.75
N THR H 219 85.57 -1.76 -9.53
CA THR H 219 85.18 -3.09 -9.07
C THR H 219 83.77 -3.10 -8.47
N CYS H 220 82.85 -2.42 -9.14
CA CYS H 220 81.47 -2.36 -8.70
C CYS H 220 80.54 -2.51 -9.91
N LEU H 221 79.50 -3.31 -9.74
CA LEU H 221 78.46 -3.43 -10.74
C LEU H 221 77.47 -2.28 -10.61
N ILE H 222 76.69 -2.08 -11.68
CA ILE H 222 75.79 -0.93 -11.72
C ILE H 222 74.66 -1.08 -10.71
N GLU H 223 74.29 -2.32 -10.40
CA GLU H 223 73.18 -2.60 -9.49
C GLU H 223 73.58 -2.52 -8.03
N GLN H 224 74.86 -2.29 -7.74
CA GLN H 224 75.39 -2.35 -6.39
C GLN H 224 75.52 -0.97 -5.74
N CYS H 225 74.90 0.05 -6.31
CA CYS H 225 74.96 1.39 -5.74
C CYS H 225 73.61 2.07 -5.87
N HIS H 226 73.38 3.06 -5.00
CA HIS H 226 72.16 3.85 -5.03
C HIS H 226 72.50 5.29 -4.69
N VAL H 227 71.95 6.22 -5.48
CA VAL H 227 72.25 7.64 -5.34
C VAL H 227 70.95 8.43 -5.28
N SER H 228 71.00 9.61 -4.65
CA SER H 228 69.84 10.47 -4.50
C SER H 228 70.29 11.91 -4.30
N VAL H 229 69.57 12.85 -4.93
CA VAL H 229 69.87 14.26 -4.76
C VAL H 229 69.52 14.70 -3.34
N THR H 230 70.25 15.71 -2.84
CA THR H 230 70.19 16.08 -1.43
C THR H 230 70.01 17.56 -1.16
N ASP H 231 70.39 18.45 -2.09
CA ASP H 231 70.49 19.88 -1.80
C ASP H 231 69.18 20.46 -1.27
N HIS H 232 68.14 20.50 -2.10
CA HIS H 232 66.78 20.81 -1.69
C HIS H 232 66.67 22.03 -0.77
N LYS H 233 67.07 23.20 -1.26
CA LYS H 233 66.99 24.44 -0.47
C LYS H 233 65.59 25.02 -0.38
N LYS H 234 64.70 24.66 -1.29
CA LYS H 234 63.36 25.22 -1.36
C LYS H 234 62.44 24.52 -0.35
N TRP H 235 61.14 24.78 -0.48
CA TRP H 235 60.13 24.22 0.41
C TRP H 235 59.12 23.41 -0.40
N GLN H 236 58.42 22.50 0.28
CA GLN H 236 57.40 21.66 -0.33
C GLN H 236 56.17 21.63 0.56
N PHE H 237 55.01 21.39 -0.06
CA PHE H 237 53.79 21.26 0.73
C PHE H 237 53.74 19.90 1.40
N ASN H 238 53.25 19.87 2.64
CA ASN H 238 53.16 18.62 3.39
C ASN H 238 52.06 17.75 2.81
N SER H 239 52.44 16.76 2.01
CA SER H 239 51.49 15.92 1.32
C SER H 239 51.59 14.48 1.78
N PRO H 240 50.46 13.81 2.01
CA PRO H 240 50.51 12.39 2.40
C PRO H 240 51.12 11.49 1.35
N PHE H 241 51.25 11.95 0.11
CA PHE H 241 51.73 11.11 -0.99
C PHE H 241 53.23 11.23 -1.23
N VAL H 242 53.94 12.01 -0.42
CA VAL H 242 55.39 12.18 -0.55
C VAL H 242 56.01 11.94 0.81
N PRO H 243 57.08 11.15 0.91
CA PRO H 243 57.66 10.87 2.22
C PRO H 243 58.27 12.12 2.85
N ARG H 244 58.29 12.13 4.18
CA ARG H 244 58.78 13.24 4.96
C ARG H 244 60.24 13.03 5.33
N ALA H 245 60.99 14.13 5.34
CA ALA H 245 62.42 14.08 5.62
C ALA H 245 62.66 13.69 7.09
N ASP H 246 63.94 13.63 7.46
CA ASP H 246 64.31 13.16 8.78
C ASP H 246 63.75 14.03 9.89
N GLU H 247 63.83 15.34 9.73
CA GLU H 247 63.41 16.26 10.79
C GLU H 247 61.89 16.26 10.91
N PRO H 248 61.33 16.00 12.10
CA PRO H 248 59.87 15.98 12.24
C PRO H 248 59.29 17.36 12.59
N ALA H 249 60.09 18.40 12.42
CA ALA H 249 59.73 19.73 12.88
C ALA H 249 59.12 20.56 11.76
N ARG H 250 57.96 21.14 12.02
CA ARG H 250 57.37 22.10 11.10
C ARG H 250 58.36 23.24 10.85
N LYS H 251 58.51 23.62 9.59
CA LYS H 251 59.50 24.62 9.20
C LYS H 251 58.88 25.96 8.85
N GLY H 252 57.80 25.99 8.08
CA GLY H 252 57.20 27.23 7.67
C GLY H 252 55.70 27.12 7.49
N LYS H 253 55.07 28.28 7.38
CA LYS H 253 53.63 28.39 7.16
C LYS H 253 53.37 29.38 6.03
N VAL H 254 52.38 29.08 5.20
CA VAL H 254 52.03 29.92 4.06
C VAL H 254 50.53 30.17 4.10
N HIS H 255 50.13 31.44 3.96
CA HIS H 255 48.72 31.78 3.95
C HIS H 255 48.06 31.25 2.68
N ILE H 256 46.74 31.11 2.75
CA ILE H 256 45.99 30.64 1.58
C ILE H 256 44.99 31.72 1.19
N PRO H 257 44.84 32.02 -0.10
CA PRO H 257 44.01 33.17 -0.50
C PRO H 257 42.53 32.86 -0.50
N PHE H 258 41.74 33.82 -0.97
CA PHE H 258 40.30 33.67 -1.19
C PHE H 258 39.54 33.32 0.09
N PRO H 259 39.40 34.26 1.03
CA PRO H 259 38.60 33.96 2.23
C PRO H 259 37.10 33.95 1.97
N LEU H 260 36.31 33.81 3.02
CA LEU H 260 34.86 33.73 2.92
C LEU H 260 34.23 35.06 3.26
N ASP H 261 33.12 35.38 2.59
CA ASP H 261 32.44 36.66 2.79
C ASP H 261 30.94 36.49 2.57
N ASN H 262 30.17 37.43 3.13
CA ASN H 262 28.74 37.56 2.88
C ASN H 262 28.55 38.42 1.64
N ILE H 263 27.61 38.07 0.78
CA ILE H 263 27.10 38.96 -0.25
C ILE H 263 25.57 38.85 -0.30
N THR H 264 24.98 39.56 -1.26
CA THR H 264 23.55 39.48 -1.54
C THR H 264 23.39 38.66 -2.81
N CYS H 265 22.48 37.69 -2.77
CA CYS H 265 22.45 36.61 -3.75
C CYS H 265 20.99 36.30 -4.12
N ARG H 266 20.68 36.40 -5.41
CA ARG H 266 19.32 36.62 -5.88
C ARG H 266 18.59 35.31 -6.13
N VAL H 267 17.29 35.32 -5.85
CA VAL H 267 16.40 34.18 -6.06
C VAL H 267 15.11 34.66 -6.74
N PRO H 268 14.45 33.81 -7.52
CA PRO H 268 13.17 34.22 -8.13
C PRO H 268 12.00 34.01 -7.18
N MET H 269 10.88 34.65 -7.52
CA MET H 269 9.63 34.50 -6.79
C MET H 269 8.68 33.61 -7.58
N ALA H 270 8.07 32.64 -6.90
CA ALA H 270 7.15 31.74 -7.56
C ALA H 270 5.82 32.43 -7.86
N ARG H 271 5.07 31.83 -8.79
CA ARG H 271 3.76 32.36 -9.16
C ARG H 271 2.78 32.21 -8.00
N GLU H 272 1.79 33.09 -7.97
CA GLU H 272 0.71 32.93 -7.02
C GLU H 272 -0.12 31.69 -7.39
N PRO H 273 -0.68 31.00 -6.40
CA PRO H 273 -1.65 29.95 -6.67
C PRO H 273 -3.04 30.53 -6.82
N THR H 274 -3.88 29.80 -7.54
CA THR H 274 -5.27 30.18 -7.73
C THR H 274 -6.10 29.53 -6.63
N VAL H 275 -6.93 30.33 -5.97
CA VAL H 275 -7.69 29.89 -4.80
C VAL H 275 -9.14 29.70 -5.22
N ILE H 276 -9.71 28.55 -4.85
CA ILE H 276 -11.13 28.28 -5.01
C ILE H 276 -11.73 28.06 -3.63
N HIS H 277 -12.63 28.94 -3.23
CA HIS H 277 -13.16 28.90 -1.87
C HIS H 277 -14.15 27.75 -1.71
N GLY H 278 -14.42 27.42 -0.45
CA GLY H 278 -15.36 26.36 -0.15
C GLY H 278 -15.83 26.47 1.28
N LYS H 279 -16.55 25.44 1.72
CA LYS H 279 -17.09 25.39 3.07
C LYS H 279 -15.99 24.87 3.99
N ARG H 280 -15.34 25.79 4.73
CA ARG H 280 -14.25 25.46 5.64
C ARG H 280 -13.10 24.76 4.92
N GLU H 281 -12.86 25.13 3.67
CA GLU H 281 -11.85 24.48 2.86
C GLU H 281 -11.37 25.42 1.77
N VAL H 282 -10.11 25.27 1.39
CA VAL H 282 -9.54 25.94 0.23
C VAL H 282 -8.77 24.92 -0.59
N THR H 283 -9.04 24.87 -1.89
CA THR H 283 -8.33 24.00 -2.82
C THR H 283 -7.44 24.87 -3.70
N LEU H 284 -6.18 24.49 -3.83
CA LEU H 284 -5.18 25.32 -4.48
C LEU H 284 -4.65 24.64 -5.74
N HIS H 285 -4.48 25.42 -6.81
CA HIS H 285 -3.85 24.96 -8.02
C HIS H 285 -2.42 25.50 -8.06
N LEU H 286 -1.44 24.60 -8.06
CA LEU H 286 -0.03 24.97 -8.02
C LEU H 286 0.59 24.74 -9.39
N HIS H 287 1.30 25.75 -9.90
CA HIS H 287 1.91 25.71 -11.23
C HIS H 287 3.37 26.11 -11.11
N PRO H 288 4.26 25.16 -10.84
CA PRO H 288 5.67 25.49 -10.67
C PRO H 288 6.45 25.42 -11.97
N ASP H 289 7.57 26.14 -11.98
CA ASP H 289 8.61 25.97 -13.00
C ASP H 289 9.85 25.29 -12.46
N HIS H 290 10.04 25.30 -11.15
CA HIS H 290 11.17 24.71 -10.47
C HIS H 290 10.63 23.83 -9.34
N PRO H 291 11.46 22.95 -8.79
CA PRO H 291 11.11 22.33 -7.52
C PRO H 291 10.96 23.38 -6.42
N THR H 292 9.76 23.59 -5.91
CA THR H 292 9.49 24.60 -4.91
C THR H 292 8.86 23.97 -3.67
N LEU H 293 9.01 24.65 -2.54
CA LEU H 293 8.53 24.14 -1.26
C LEU H 293 7.13 24.67 -0.98
N PHE H 294 6.30 23.83 -0.36
CA PHE H 294 4.93 24.20 -0.02
C PHE H 294 4.61 23.70 1.38
N SER H 295 4.37 24.64 2.29
CA SER H 295 4.09 24.28 3.68
C SER H 295 2.88 25.08 4.15
N TYR H 296 2.11 24.47 5.06
CA TYR H 296 0.94 25.13 5.63
C TYR H 296 0.77 24.65 7.06
N ARG H 297 0.05 25.44 7.85
CA ARG H 297 -0.23 25.08 9.23
C ARG H 297 -1.50 25.78 9.68
N THR H 298 -2.11 25.23 10.72
CA THR H 298 -3.31 25.80 11.33
C THR H 298 -2.96 26.44 12.66
N LEU H 299 -3.54 27.60 12.92
CA LEU H 299 -3.15 28.45 14.04
C LEU H 299 -3.95 28.16 15.32
N GLY H 300 -4.45 26.94 15.48
CA GLY H 300 -5.23 26.58 16.65
C GLY H 300 -4.37 26.03 17.77
N GLU H 301 -5.05 25.37 18.71
CA GLU H 301 -4.36 24.74 19.83
C GLU H 301 -3.44 23.62 19.36
N ASP H 302 -3.98 22.72 18.53
CA ASP H 302 -3.20 21.61 17.98
C ASP H 302 -3.08 21.80 16.47
N PRO H 303 -1.88 22.04 15.94
CA PRO H 303 -1.75 22.38 14.52
C PRO H 303 -1.63 21.14 13.64
N GLN H 304 -2.13 21.26 12.41
CA GLN H 304 -2.00 20.22 11.39
C GLN H 304 -1.02 20.72 10.34
N TYR H 305 0.26 20.46 10.59
CA TYR H 305 1.31 20.93 9.68
C TYR H 305 1.56 19.91 8.57
N HIS H 306 2.17 20.38 7.49
CA HIS H 306 2.52 19.54 6.36
C HIS H 306 3.44 20.32 5.43
N GLU H 307 4.44 19.63 4.88
CA GLU H 307 5.37 20.24 3.95
C GLU H 307 5.82 19.20 2.94
N GLU H 308 6.14 19.67 1.73
CA GLU H 308 6.51 18.77 0.65
C GLU H 308 7.05 19.58 -0.52
N TRP H 309 7.81 18.90 -1.38
CA TRP H 309 8.35 19.49 -2.60
C TRP H 309 7.38 19.21 -3.74
N VAL H 310 7.13 20.22 -4.57
CA VAL H 310 6.26 20.05 -5.73
C VAL H 310 7.09 20.25 -7.00
N THR H 311 6.93 19.33 -7.95
CA THR H 311 7.68 19.35 -9.19
C THR H 311 6.79 19.61 -10.40
N ALA H 312 5.61 19.00 -10.44
CA ALA H 312 4.67 19.21 -11.53
C ALA H 312 3.40 19.87 -11.01
N ALA H 313 2.52 20.24 -11.93
CA ALA H 313 1.27 20.88 -11.56
C ALA H 313 0.37 19.91 -10.83
N VAL H 314 -0.07 20.29 -9.64
CA VAL H 314 -0.93 19.47 -8.80
C VAL H 314 -1.95 20.38 -8.13
N GLU H 315 -2.92 19.78 -7.45
CA GLU H 315 -3.93 20.51 -6.69
C GLU H 315 -4.02 19.93 -5.29
N ARG H 316 -4.09 20.82 -4.31
CA ARG H 316 -4.14 20.44 -2.90
C ARG H 316 -5.32 21.09 -2.21
N THR H 317 -5.95 20.34 -1.32
CA THR H 317 -7.04 20.84 -0.49
C THR H 317 -6.54 21.05 0.92
N ILE H 318 -6.87 22.20 1.49
CA ILE H 318 -6.35 22.60 2.79
C ILE H 318 -7.52 22.93 3.73
N PRO H 319 -7.53 22.41 4.95
CA PRO H 319 -8.60 22.76 5.90
C PRO H 319 -8.36 24.14 6.50
N VAL H 320 -9.39 24.97 6.45
CA VAL H 320 -9.32 26.31 7.04
C VAL H 320 -10.36 26.37 8.15
N PRO H 321 -9.97 26.19 9.41
CA PRO H 321 -10.93 26.30 10.51
C PRO H 321 -11.21 27.75 10.85
N VAL H 322 -12.14 27.94 11.79
CA VAL H 322 -12.50 29.27 12.25
C VAL H 322 -11.33 29.98 12.93
N ASP H 323 -10.41 29.24 13.54
CA ASP H 323 -9.27 29.87 14.20
C ASP H 323 -8.36 30.55 13.19
N GLY H 324 -8.04 29.87 12.09
CA GLY H 324 -7.21 30.44 11.04
C GLY H 324 -6.35 29.41 10.35
N MET H 325 -5.72 29.82 9.25
CA MET H 325 -4.85 28.98 8.45
C MET H 325 -3.80 29.86 7.80
N GLU H 326 -2.59 29.32 7.64
CA GLU H 326 -1.50 30.03 7.00
C GLU H 326 -0.74 29.08 6.10
N TYR H 327 -0.48 29.50 4.86
CA TYR H 327 0.22 28.67 3.88
C TYR H 327 1.39 29.46 3.29
N HIS H 328 2.49 28.76 3.07
CA HIS H 328 3.73 29.34 2.54
C HIS H 328 4.04 28.67 1.21
N TRP H 329 4.26 29.47 0.17
CA TRP H 329 4.47 28.97 -1.17
C TRP H 329 5.68 29.67 -1.78
N GLY H 330 6.68 28.89 -2.16
CA GLY H 330 7.85 29.46 -2.80
C GLY H 330 8.63 30.36 -1.87
N ASN H 331 9.03 31.53 -2.37
CA ASN H 331 9.79 32.50 -1.60
C ASN H 331 8.93 33.68 -1.16
N ASN H 332 7.63 33.67 -1.45
CA ASN H 332 6.76 34.77 -1.10
C ASN H 332 6.50 34.79 0.40
N ASP H 333 5.94 35.91 0.87
CA ASP H 333 5.53 36.00 2.25
C ASP H 333 4.32 35.09 2.51
N PRO H 334 4.22 34.53 3.71
CA PRO H 334 3.07 33.68 4.02
C PRO H 334 1.76 34.47 3.97
N VAL H 335 0.70 33.77 3.60
CA VAL H 335 -0.63 34.37 3.44
C VAL H 335 -1.58 33.67 4.40
N ARG H 336 -2.38 34.48 5.10
CA ARG H 336 -3.29 33.99 6.13
C ARG H 336 -4.73 34.12 5.66
N LEU H 337 -5.54 33.11 5.94
CA LEU H 337 -6.95 33.12 5.61
C LEU H 337 -7.76 32.68 6.83
N TRP H 338 -9.00 33.16 6.89
CA TRP H 338 -9.90 32.85 7.99
C TRP H 338 -11.26 32.45 7.41
N SER H 339 -12.03 31.72 8.21
CA SER H 339 -13.33 31.21 7.80
C SER H 339 -14.43 31.88 8.61
N GLN H 340 -15.46 32.34 7.92
CA GLN H 340 -16.62 32.95 8.56
C GLN H 340 -17.62 31.89 9.00
N LEU H 341 -18.68 32.34 9.65
CA LEU H 341 -19.75 31.45 10.09
C LEU H 341 -20.87 31.43 9.06
N THR H 342 -20.81 30.49 8.11
CA THR H 342 -21.81 30.38 7.06
C THR H 342 -22.42 28.98 7.07
N THR H 343 -23.67 28.90 6.68
CA THR H 343 -24.42 27.65 6.67
C THR H 343 -25.66 27.83 5.81
N GLU H 344 -26.52 26.83 5.79
CA GLU H 344 -27.80 26.87 5.12
C GLU H 344 -28.91 27.02 6.14
N GLY H 345 -30.16 27.06 5.66
CA GLY H 345 -31.29 27.24 6.54
C GLY H 345 -31.51 28.70 6.89
N LYS H 346 -32.65 28.94 7.54
CA LYS H 346 -33.05 30.27 7.94
C LYS H 346 -33.03 30.38 9.45
N PRO H 347 -32.40 31.41 10.03
CA PRO H 347 -32.31 31.54 11.48
C PRO H 347 -33.49 32.23 12.14
N HIS H 348 -34.59 32.49 11.42
CA HIS H 348 -35.78 33.07 12.03
C HIS H 348 -37.07 32.49 11.47
N GLY H 349 -37.00 31.33 10.83
CA GLY H 349 -38.15 30.70 10.22
C GLY H 349 -38.80 29.67 11.11
N TRP H 350 -39.35 28.64 10.48
CA TRP H 350 -39.98 27.55 11.22
C TRP H 350 -38.91 26.76 11.99
N PRO H 351 -39.32 26.04 13.04
CA PRO H 351 -38.32 25.38 13.92
C PRO H 351 -37.37 24.44 13.18
N HIS H 352 -37.85 23.71 12.17
CA HIS H 352 -36.96 22.81 11.45
C HIS H 352 -35.86 23.59 10.73
N GLN H 353 -36.19 24.77 10.21
CA GLN H 353 -35.17 25.62 9.60
C GLN H 353 -34.15 26.09 10.62
N ILE H 354 -34.61 26.41 11.84
CA ILE H 354 -33.71 26.78 12.92
C ILE H 354 -32.74 25.64 13.22
N VAL H 355 -33.27 24.43 13.33
CA VAL H 355 -32.44 23.28 13.66
C VAL H 355 -31.44 23.01 12.53
N GLN H 356 -31.88 23.18 11.28
CA GLN H 356 -30.98 23.00 10.15
C GLN H 356 -29.83 24.00 10.19
N TYR H 357 -30.15 25.27 10.46
CA TYR H 357 -29.12 26.30 10.55
C TYR H 357 -28.11 25.97 11.65
N TYR H 358 -28.60 25.69 12.85
CA TYR H 358 -27.68 25.47 13.96
C TYR H 358 -26.89 24.18 13.80
N TYR H 359 -27.49 23.15 13.18
CA TYR H 359 -26.75 21.95 12.85
C TYR H 359 -25.67 22.22 11.83
N GLY H 360 -25.96 23.13 10.88
CA GLY H 360 -24.92 23.55 9.95
C GLY H 360 -23.76 24.21 10.65
N LEU H 361 -24.04 25.02 11.67
CA LEU H 361 -22.95 25.60 12.46
C LEU H 361 -22.20 24.53 13.26
N TYR H 362 -22.88 23.89 14.21
CA TYR H 362 -22.27 22.86 15.06
C TYR H 362 -23.14 21.62 15.05
N PRO H 363 -22.72 20.54 14.40
CA PRO H 363 -23.59 19.36 14.26
C PRO H 363 -23.85 18.58 15.55
N ALA H 364 -22.78 18.20 16.24
CA ALA H 364 -22.92 17.26 17.36
C ALA H 364 -23.71 17.88 18.51
N ALA H 365 -23.40 19.14 18.85
CA ALA H 365 -24.12 19.80 19.94
C ALA H 365 -25.60 19.93 19.62
N THR H 366 -25.93 20.26 18.37
CA THR H 366 -27.33 20.38 17.97
C THR H 366 -28.05 19.05 18.06
N VAL H 367 -27.42 17.97 17.59
CA VAL H 367 -28.05 16.65 17.67
C VAL H 367 -28.32 16.29 19.13
N SER H 368 -27.30 16.49 19.98
CA SER H 368 -27.45 16.15 21.39
C SER H 368 -28.55 16.97 22.05
N ALA H 369 -28.58 18.28 21.79
CA ALA H 369 -29.60 19.13 22.39
C ALA H 369 -31.00 18.75 21.93
N VAL H 370 -31.14 18.46 20.64
CA VAL H 370 -32.46 18.08 20.11
C VAL H 370 -32.94 16.80 20.77
N VAL H 371 -32.07 15.80 20.85
CA VAL H 371 -32.50 14.52 21.43
C VAL H 371 -32.81 14.68 22.91
N GLY H 372 -32.05 15.53 23.62
CA GLY H 372 -32.32 15.74 25.03
C GLY H 372 -33.65 16.43 25.27
N MET H 373 -33.95 17.48 24.49
CA MET H 373 -35.23 18.16 24.64
C MET H 373 -36.38 17.23 24.30
N SER H 374 -36.23 16.42 23.24
CA SER H 374 -37.29 15.48 22.89
C SER H 374 -37.53 14.48 24.01
N LEU H 375 -36.44 13.96 24.59
CA LEU H 375 -36.60 12.99 25.68
C LEU H 375 -37.29 13.63 26.88
N LEU H 376 -36.91 14.86 27.24
CA LEU H 376 -37.53 15.52 28.39
C LEU H 376 -39.02 15.75 28.15
N ALA H 377 -39.38 16.22 26.95
CA ALA H 377 -40.80 16.43 26.65
C ALA H 377 -41.57 15.12 26.72
N LEU H 378 -40.98 14.04 26.19
CA LEU H 378 -41.67 12.75 26.19
C LEU H 378 -41.89 12.25 27.62
N ILE H 379 -40.87 12.35 28.47
CA ILE H 379 -41.04 11.82 29.83
C ILE H 379 -42.05 12.66 30.60
N SER H 380 -42.03 13.98 30.40
CA SER H 380 -43.01 14.84 31.08
C SER H 380 -44.43 14.47 30.66
N ILE H 381 -44.66 14.31 29.36
CA ILE H 381 -46.02 14.00 28.90
C ILE H 381 -46.46 12.62 29.38
N PHE H 382 -45.53 11.65 29.39
CA PHE H 382 -45.89 10.32 29.86
C PHE H 382 -46.23 10.32 31.34
N ALA H 383 -45.44 11.03 32.14
CA ALA H 383 -45.73 11.10 33.57
C ALA H 383 -47.07 11.76 33.83
N SER H 384 -47.36 12.85 33.11
CA SER H 384 -48.64 13.52 33.30
C SER H 384 -49.81 12.61 32.96
N CYS H 385 -49.73 11.91 31.82
CA CYS H 385 -50.83 11.04 31.41
C CYS H 385 -51.01 9.88 32.39
N TYR H 386 -49.91 9.24 32.78
CA TYR H 386 -50.00 8.10 33.71
C TYR H 386 -50.57 8.54 35.05
N MET H 387 -50.16 9.70 35.54
CA MET H 387 -50.63 10.12 36.85
C MET H 387 -52.08 10.59 36.81
N LEU H 388 -52.50 11.18 35.68
CA LEU H 388 -53.93 11.47 35.51
C LEU H 388 -54.76 10.19 35.52
N VAL H 389 -54.29 9.14 34.82
CA VAL H 389 -55.08 7.91 34.81
C VAL H 389 -55.07 7.26 36.19
N ALA H 390 -53.97 7.42 36.94
CA ALA H 390 -53.93 6.92 38.31
C ALA H 390 -54.93 7.66 39.19
N ALA H 391 -55.05 8.98 39.02
CA ALA H 391 -56.04 9.73 39.79
C ALA H 391 -57.46 9.30 39.43
N ARG H 392 -57.70 9.06 38.14
CA ARG H 392 -58.98 8.49 37.72
C ARG H 392 -59.27 7.18 38.43
N SER H 393 -58.28 6.27 38.44
CA SER H 393 -58.48 4.97 39.06
C SER H 393 -58.77 5.10 40.54
N LYS H 394 -58.02 5.97 41.23
CA LYS H 394 -58.25 6.17 42.65
C LYS H 394 -59.65 6.74 42.92
N CYS H 395 -60.09 7.70 42.11
CA CYS H 395 -61.38 8.32 42.37
C CYS H 395 -62.54 7.39 42.07
N LEU H 396 -62.42 6.54 41.04
CA LEU H 396 -63.53 5.70 40.64
C LEU H 396 -63.52 4.31 41.27
N THR H 397 -62.44 3.93 41.95
CA THR H 397 -62.35 2.57 42.47
C THR H 397 -63.31 2.25 43.62
N PRO H 398 -63.66 3.17 44.53
CA PRO H 398 -64.58 2.76 45.61
C PRO H 398 -65.95 2.36 45.12
N TYR H 399 -66.43 2.91 44.01
CA TYR H 399 -67.76 2.56 43.50
C TYR H 399 -67.78 1.19 42.85
N ALA H 400 -66.63 0.61 42.54
CA ALA H 400 -66.58 -0.72 41.96
C ALA H 400 -66.57 -1.82 43.01
N LEU H 401 -66.58 -1.46 44.29
CA LEU H 401 -66.58 -2.43 45.39
C LEU H 401 -67.90 -2.48 46.13
N THR H 402 -68.63 -1.37 46.15
CA THR H 402 -69.96 -1.32 46.76
C THR H 402 -70.89 -2.30 46.06
N PRO H 403 -71.55 -3.20 46.78
CA PRO H 403 -72.51 -4.09 46.13
C PRO H 403 -73.77 -3.35 45.70
N GLY H 404 -74.29 -3.75 44.55
CA GLY H 404 -75.37 -3.02 43.91
C GLY H 404 -74.95 -1.61 43.58
N ALA H 405 -75.91 -0.70 43.69
CA ALA H 405 -75.68 0.73 43.51
C ALA H 405 -75.17 1.08 42.12
N ALA H 406 -74.86 2.35 41.89
CA ALA H 406 -74.40 2.80 40.58
C ALA H 406 -73.71 4.15 40.71
N VAL H 407 -72.78 4.40 39.79
CA VAL H 407 -72.05 5.66 39.73
C VAL H 407 -72.98 6.77 39.28
N PRO H 408 -72.85 7.99 39.80
CA PRO H 408 -73.65 9.10 39.29
C PRO H 408 -73.38 9.34 37.81
N TRP H 409 -74.43 9.70 37.07
CA TRP H 409 -74.29 9.93 35.65
C TRP H 409 -73.38 11.11 35.36
N THR H 410 -73.29 12.06 36.29
CA THR H 410 -72.40 13.21 36.09
C THR H 410 -70.94 12.75 36.02
N LEU H 411 -70.50 11.98 37.01
CA LEU H 411 -69.14 11.44 36.99
C LEU H 411 -68.96 10.37 35.94
N GLY H 412 -70.02 9.63 35.59
CA GLY H 412 -69.94 8.65 34.53
C GLY H 412 -69.86 9.24 33.14
N ILE H 413 -70.25 10.50 32.99
CA ILE H 413 -70.10 11.22 31.73
C ILE H 413 -68.80 12.01 31.68
N LEU H 414 -68.44 12.68 32.79
CA LEU H 414 -67.16 13.37 32.85
C LEU H 414 -66.01 12.37 32.76
N CYS H 415 -66.13 11.23 33.43
CA CYS H 415 -65.16 10.15 33.35
C CYS H 415 -65.88 8.91 32.81
N CYS H 416 -65.28 8.27 31.80
CA CYS H 416 -65.95 7.18 31.12
C CYS H 416 -66.00 5.93 31.99
N ALA H 417 -67.06 5.80 32.79
CA ALA H 417 -67.18 4.68 33.71
C ALA H 417 -67.95 3.53 33.07
N PRO H 418 -67.66 2.28 33.45
CA PRO H 418 -68.40 1.12 32.95
C PRO H 418 -69.83 1.08 33.45
N TYR I 1 -7.70 58.51 40.83
CA TYR I 1 -8.58 57.36 40.69
C TYR I 1 -7.81 56.16 40.19
N GLU I 2 -8.18 54.97 40.68
CA GLU I 2 -7.52 53.72 40.29
C GLU I 2 -8.55 52.79 39.69
N HIS I 3 -8.08 51.94 38.78
CA HIS I 3 -8.96 51.00 38.10
C HIS I 3 -8.13 49.82 37.60
N SER I 4 -8.76 48.66 37.54
CA SER I 4 -8.13 47.45 37.03
C SER I 4 -9.10 46.74 36.09
N THR I 5 -8.56 46.21 35.00
CA THR I 5 -9.35 45.50 34.01
C THR I 5 -8.44 44.52 33.27
N VAL I 6 -9.06 43.59 32.55
CA VAL I 6 -8.33 42.58 31.79
C VAL I 6 -8.66 42.76 30.31
N MET I 7 -7.64 42.56 29.48
CA MET I 7 -7.77 42.64 28.03
C MET I 7 -7.20 41.39 27.41
N PRO I 8 -7.73 40.96 26.26
CA PRO I 8 -7.22 39.73 25.63
C PRO I 8 -5.96 40.01 24.81
N ASN I 9 -5.10 39.00 24.76
CA ASN I 9 -3.80 39.13 24.09
C ASN I 9 -3.91 38.61 22.65
N VAL I 10 -4.56 39.42 21.81
CA VAL I 10 -4.62 39.18 20.39
C VAL I 10 -4.27 40.48 19.67
N VAL I 11 -3.32 40.41 18.74
CA VAL I 11 -2.82 41.62 18.09
C VAL I 11 -3.88 42.18 17.16
N GLY I 12 -4.02 43.51 17.17
CA GLY I 12 -4.96 44.19 16.30
C GLY I 12 -6.39 44.21 16.78
N PHE I 13 -6.66 43.78 18.01
CA PHE I 13 -8.03 43.74 18.52
C PHE I 13 -8.28 45.02 19.32
N PRO I 14 -9.17 45.91 18.87
CA PRO I 14 -9.44 47.12 19.65
C PRO I 14 -10.22 46.80 20.91
N TYR I 15 -9.74 47.36 22.02
CA TYR I 15 -10.35 47.15 23.33
C TYR I 15 -10.81 48.48 23.90
N LYS I 16 -12.00 48.48 24.48
CA LYS I 16 -12.60 49.67 25.06
C LYS I 16 -12.71 49.49 26.56
N ALA I 17 -12.23 50.47 27.31
CA ALA I 17 -12.28 50.46 28.77
C ALA I 17 -13.14 51.62 29.24
N HIS I 18 -14.11 51.33 30.11
CA HIS I 18 -15.08 52.31 30.57
C HIS I 18 -14.73 52.74 31.99
N ILE I 19 -14.64 54.05 32.19
CA ILE I 19 -14.34 54.63 33.49
C ILE I 19 -15.50 55.52 33.90
N GLU I 20 -16.15 55.20 35.01
CA GLU I 20 -17.19 56.05 35.54
C GLU I 20 -16.98 56.23 37.04
N ARG I 21 -17.12 57.46 37.50
CA ARG I 21 -16.97 57.82 38.91
C ARG I 21 -17.99 58.87 39.26
N PRO I 22 -18.39 58.96 40.53
CA PRO I 22 -19.31 60.03 40.94
C PRO I 22 -18.67 61.40 40.74
N GLY I 23 -19.49 62.35 40.31
CA GLY I 23 -19.03 63.71 40.11
C GLY I 23 -18.35 63.98 38.79
N TYR I 24 -18.25 63.00 37.91
CA TYR I 24 -17.61 63.17 36.62
C TYR I 24 -18.32 62.34 35.57
N SER I 25 -18.27 62.80 34.32
CA SER I 25 -18.91 62.07 33.24
C SER I 25 -18.07 60.84 32.88
N PRO I 26 -18.72 59.78 32.39
CA PRO I 26 -17.97 58.57 32.03
C PRO I 26 -16.96 58.85 30.91
N LEU I 27 -15.84 58.14 30.98
CA LEU I 27 -14.76 58.27 30.01
C LEU I 27 -14.40 56.89 29.49
N THR I 28 -14.11 56.83 28.19
CA THR I 28 -13.83 55.57 27.50
C THR I 28 -12.37 55.55 27.06
N LEU I 29 -11.73 54.40 27.25
CA LEU I 29 -10.32 54.20 26.96
C LEU I 29 -10.17 53.18 25.83
N GLN I 30 -9.30 53.49 24.87
CA GLN I 30 -8.97 52.55 23.80
C GLN I 30 -7.53 52.10 23.98
N MET I 31 -7.33 50.79 23.97
CA MET I 31 -6.01 50.19 24.13
C MET I 31 -5.85 49.05 23.14
N GLN I 32 -4.72 49.03 22.45
CA GLN I 32 -4.46 48.05 21.40
C GLN I 32 -3.06 47.48 21.58
N VAL I 33 -2.88 46.25 21.12
CA VAL I 33 -1.61 45.56 21.17
C VAL I 33 -1.05 45.50 19.75
N VAL I 34 0.11 46.11 19.55
CA VAL I 34 0.72 46.18 18.23
C VAL I 34 1.54 44.92 17.98
N GLU I 35 2.54 44.67 18.82
CA GLU I 35 3.36 43.48 18.72
C GLU I 35 3.72 43.00 20.11
N THR I 36 3.97 41.69 20.24
CA THR I 36 4.31 41.07 21.51
C THR I 36 5.42 40.07 21.27
N SER I 37 6.41 40.05 22.16
CA SER I 37 7.58 39.20 22.02
C SER I 37 7.75 38.35 23.27
N LEU I 38 8.02 37.07 23.08
CA LEU I 38 8.25 36.13 24.18
C LEU I 38 9.63 35.49 23.97
N GLU I 39 10.59 35.85 24.82
CA GLU I 39 11.96 35.44 24.65
C GLU I 39 12.41 34.61 25.85
N PRO I 40 13.03 33.45 25.64
CA PRO I 40 13.54 32.65 26.75
C PRO I 40 14.96 33.05 27.14
N THR I 41 15.34 32.62 28.33
CA THR I 41 16.71 32.78 28.81
C THR I 41 17.46 31.46 28.63
N LEU I 42 18.59 31.52 27.94
CA LEU I 42 19.31 30.32 27.53
C LEU I 42 20.68 30.25 28.19
N ASN I 43 21.18 29.03 28.33
CA ASN I 43 22.58 28.78 28.64
C ASN I 43 23.15 27.85 27.59
N LEU I 44 24.38 28.09 27.17
CA LEU I 44 24.94 27.36 26.04
C LEU I 44 25.74 26.16 26.52
N GLU I 45 25.42 24.99 25.97
CA GLU I 45 26.06 23.74 26.36
C GLU I 45 27.30 23.44 25.52
N TYR I 46 27.12 23.33 24.21
CA TYR I 46 28.23 23.00 23.30
C TYR I 46 27.80 23.40 21.89
N ILE I 47 28.80 23.60 21.02
CA ILE I 47 28.56 23.91 19.62
C ILE I 47 29.15 22.79 18.77
N THR I 48 28.72 22.74 17.51
CA THR I 48 29.14 21.69 16.60
C THR I 48 29.41 22.30 15.23
N CYS I 49 30.43 21.78 14.56
CA CYS I 49 30.74 22.19 13.20
C CYS I 49 31.42 21.02 12.49
N GLU I 50 31.67 21.20 11.21
CA GLU I 50 32.34 20.18 10.42
C GLU I 50 33.78 19.99 10.90
N TYR I 51 34.30 18.79 10.70
CA TYR I 51 35.67 18.47 11.10
C TYR I 51 36.54 18.28 9.87
N LYS I 52 37.84 18.47 10.07
CA LYS I 52 38.85 18.17 9.06
C LYS I 52 39.89 17.26 9.68
N THR I 53 40.20 16.18 8.98
CA THR I 53 41.20 15.22 9.44
C THR I 53 42.55 15.66 8.91
N VAL I 54 43.49 15.91 9.83
CA VAL I 54 44.83 16.36 9.45
C VAL I 54 45.73 15.13 9.42
N VAL I 55 46.39 14.92 8.28
CA VAL I 55 47.26 13.75 8.13
C VAL I 55 48.58 14.18 7.50
N PRO I 56 49.67 14.17 8.26
CA PRO I 56 50.95 14.65 7.73
C PRO I 56 51.62 13.60 6.84
N SER I 57 52.73 14.00 6.23
CA SER I 57 53.46 13.12 5.34
C SER I 57 54.01 11.92 6.11
N PRO I 58 54.05 10.75 5.48
CA PRO I 58 54.50 9.56 6.19
C PRO I 58 56.01 9.54 6.36
N TYR I 59 56.43 9.10 7.53
CA TYR I 59 57.85 8.96 7.86
C TYR I 59 58.30 7.55 7.54
N VAL I 60 59.26 7.43 6.64
CA VAL I 60 59.84 6.14 6.26
C VAL I 60 61.30 6.14 6.66
N LYS I 61 61.74 5.06 7.29
CA LYS I 61 63.12 4.90 7.73
C LYS I 61 63.65 3.58 7.18
N CYS I 62 64.82 3.62 6.57
CA CYS I 62 65.39 2.45 5.93
C CYS I 62 66.56 1.91 6.75
N CYS I 63 66.61 0.59 6.91
CA CYS I 63 67.59 -0.09 7.74
C CYS I 63 67.52 0.42 9.18
N GLY I 64 66.35 0.22 9.78
CA GLY I 64 66.12 0.67 11.14
C GLY I 64 64.70 0.39 11.56
N ALA I 65 64.30 1.05 12.64
CA ALA I 65 62.95 0.91 13.18
C ALA I 65 62.62 2.14 13.99
N SER I 66 61.31 2.33 14.24
CA SER I 66 60.85 3.47 15.01
C SER I 66 59.61 3.09 15.79
N GLU I 67 59.39 3.81 16.88
CA GLU I 67 58.18 3.70 17.69
C GLU I 67 57.62 5.11 17.93
N CYS I 68 56.30 5.21 18.03
CA CYS I 68 55.65 6.50 18.20
C CYS I 68 54.98 6.56 19.56
N SER I 69 54.93 7.76 20.13
CA SER I 69 54.42 7.99 21.47
C SER I 69 53.07 8.70 21.40
N THR I 70 52.21 8.38 22.37
CA THR I 70 50.89 8.99 22.44
C THR I 70 51.00 10.48 22.73
N LYS I 71 50.05 11.24 22.19
CA LYS I 71 50.01 12.68 22.36
C LYS I 71 48.59 13.10 22.73
N GLU I 72 48.50 14.22 23.46
CA GLU I 72 47.21 14.79 23.82
C GLU I 72 46.69 15.57 22.62
N LYS I 73 45.86 14.89 21.81
CA LYS I 73 45.34 15.48 20.58
C LYS I 73 44.07 14.74 20.23
N PRO I 74 43.05 15.41 19.72
CA PRO I 74 41.75 14.74 19.50
C PRO I 74 41.87 13.58 18.53
N ASP I 75 41.46 12.40 19.01
CA ASP I 75 41.40 11.18 18.20
C ASP I 75 42.75 10.87 17.54
N TYR I 76 43.82 10.96 18.31
CA TYR I 76 45.14 10.60 17.79
C TYR I 76 45.20 9.10 17.55
N GLN I 77 45.67 8.71 16.35
CA GLN I 77 45.76 7.31 15.96
C GLN I 77 47.06 7.13 15.20
N CYS I 78 48.04 6.47 15.82
CA CYS I 78 49.33 6.20 15.19
C CYS I 78 49.63 4.71 15.23
N LYS I 79 50.35 4.25 14.21
CA LYS I 79 50.77 2.86 14.13
C LYS I 79 52.08 2.80 13.36
N VAL I 80 52.84 1.72 13.59
CA VAL I 80 54.13 1.51 12.94
C VAL I 80 54.03 0.23 12.12
N TYR I 81 54.28 0.34 10.82
CA TYR I 81 54.17 -0.77 9.89
C TYR I 81 55.56 -1.19 9.45
N THR I 82 55.84 -2.49 9.52
CA THR I 82 57.16 -3.03 9.28
C THR I 82 57.21 -3.79 7.96
N GLY I 83 58.39 -3.81 7.36
CA GLY I 83 58.61 -4.52 6.12
C GLY I 83 57.94 -3.87 4.92
N VAL I 84 58.41 -2.69 4.53
CA VAL I 84 57.85 -1.94 3.42
C VAL I 84 58.96 -1.62 2.43
N TYR I 85 58.60 -1.48 1.15
CA TYR I 85 59.54 -1.17 0.07
C TYR I 85 58.98 -0.02 -0.74
N PRO I 86 59.19 1.22 -0.30
CA PRO I 86 58.60 2.36 -1.01
C PRO I 86 59.23 2.57 -2.39
N PHE I 87 58.45 3.17 -3.28
CA PHE I 87 58.88 3.47 -4.63
C PHE I 87 58.59 4.94 -4.94
N MET I 88 59.49 5.54 -5.70
CA MET I 88 59.33 6.90 -6.21
C MET I 88 59.51 6.88 -7.73
N TRP I 89 59.43 8.06 -8.34
CA TRP I 89 59.52 8.12 -9.79
C TRP I 89 60.92 7.80 -10.29
N GLY I 90 61.95 8.15 -9.51
CA GLY I 90 63.31 7.86 -9.93
C GLY I 90 63.72 6.41 -9.75
N GLY I 91 63.13 5.73 -8.78
CA GLY I 91 63.45 4.34 -8.51
C GLY I 91 63.12 3.99 -7.06
N ALA I 92 63.79 2.96 -6.56
CA ALA I 92 63.60 2.54 -5.18
C ALA I 92 64.12 3.62 -4.23
N TYR I 93 63.60 3.60 -3.01
CA TYR I 93 63.88 4.65 -2.04
C TYR I 93 65.08 4.34 -1.15
N CYS I 94 65.23 3.10 -0.69
CA CYS I 94 66.35 2.74 0.18
C CYS I 94 66.77 1.30 -0.08
N PHE I 95 67.97 0.97 0.41
CA PHE I 95 68.59 -0.31 0.08
C PHE I 95 67.86 -1.49 0.72
N CYS I 96 67.70 -1.46 2.05
CA CYS I 96 67.22 -2.63 2.77
C CYS I 96 65.89 -3.11 2.22
N ASP I 97 65.84 -4.40 1.83
CA ASP I 97 64.67 -4.95 1.17
C ASP I 97 63.51 -5.15 2.12
N SER I 98 63.75 -5.70 3.32
CA SER I 98 62.67 -5.99 4.24
C SER I 98 62.95 -5.46 5.64
N GLU I 99 63.79 -4.44 5.77
CA GLU I 99 64.15 -3.84 7.07
C GLU I 99 63.77 -2.38 7.09
N ASN I 100 62.57 -2.05 6.62
CA ASN I 100 62.09 -0.67 6.54
C ASN I 100 60.79 -0.55 7.30
N THR I 101 60.59 0.59 7.96
CA THR I 101 59.39 0.86 8.74
C THR I 101 58.81 2.20 8.31
N GLN I 102 57.49 2.24 8.16
CA GLN I 102 56.76 3.47 7.85
C GLN I 102 55.91 3.86 9.04
N LEU I 103 56.04 5.10 9.48
CA LEU I 103 55.28 5.63 10.61
C LEU I 103 54.18 6.54 10.08
N SER I 104 52.96 6.32 10.54
CA SER I 104 51.80 7.03 10.05
C SER I 104 50.88 7.41 11.20
N GLU I 105 50.35 8.63 11.14
CA GLU I 105 49.43 9.10 12.16
C GLU I 105 48.51 10.16 11.58
N ALA I 106 47.38 10.36 12.24
CA ALA I 106 46.41 11.37 11.83
C ALA I 106 45.54 11.72 13.03
N TYR I 107 44.97 12.93 13.00
CA TYR I 107 44.08 13.39 14.04
C TYR I 107 43.06 14.34 13.42
N VAL I 108 42.13 14.82 14.24
CA VAL I 108 40.99 15.59 13.78
C VAL I 108 40.92 16.90 14.55
N ASP I 109 40.68 18.00 13.84
CA ASP I 109 40.49 19.31 14.45
C ASP I 109 39.30 19.99 13.77
N ARG I 110 38.75 20.99 14.45
CA ARG I 110 37.60 21.70 13.91
C ARG I 110 37.98 22.47 12.65
N SER I 111 37.01 22.62 11.76
CA SER I 111 37.26 23.22 10.46
C SER I 111 37.58 24.70 10.60
N ASP I 112 38.17 25.26 9.54
CA ASP I 112 38.59 26.66 9.54
C ASP I 112 37.42 27.63 9.41
N VAL I 113 36.21 27.13 9.14
CA VAL I 113 35.03 27.99 9.03
C VAL I 113 34.02 27.68 10.13
N CYS I 114 34.47 27.15 11.26
CA CYS I 114 33.56 26.88 12.37
C CYS I 114 32.96 28.15 12.95
N ARG I 115 33.64 29.29 12.82
CA ARG I 115 33.09 30.54 13.32
C ARG I 115 31.86 30.97 12.55
N HIS I 116 31.85 30.74 11.24
CA HIS I 116 30.78 31.24 10.38
C HIS I 116 29.61 30.28 10.28
N ASP I 117 29.86 28.97 10.28
CA ASP I 117 28.82 27.96 10.14
C ASP I 117 28.94 26.99 11.30
N HIS I 118 27.99 27.05 12.23
CA HIS I 118 27.97 26.14 13.37
C HIS I 118 26.55 26.08 13.92
N ALA I 119 26.27 25.03 14.69
CA ALA I 119 24.98 24.81 15.31
C ALA I 119 25.16 24.75 16.82
N SER I 120 24.28 25.43 17.55
CA SER I 120 24.38 25.55 18.99
C SER I 120 23.34 24.69 19.69
N ALA I 121 23.67 24.27 20.91
CA ALA I 121 22.76 23.53 21.76
C ALA I 121 22.49 24.36 23.01
N TYR I 122 21.21 24.50 23.35
CA TYR I 122 20.79 25.36 24.44
C TYR I 122 19.83 24.62 25.35
N LYS I 123 19.56 25.22 26.52
CA LYS I 123 18.49 24.79 27.41
C LYS I 123 17.59 25.98 27.68
N ALA I 124 16.28 25.76 27.61
CA ALA I 124 15.31 26.82 27.77
C ALA I 124 14.76 26.86 29.19
N HIS I 125 14.51 28.07 29.67
CA HIS I 125 14.03 28.30 31.03
C HIS I 125 12.76 29.15 31.01
N THR I 126 12.34 29.64 32.17
CA THR I 126 11.21 30.56 32.23
C THR I 126 11.50 31.78 31.36
N ALA I 127 10.49 32.22 30.63
CA ALA I 127 10.65 33.25 29.61
C ALA I 127 9.86 34.49 29.99
N SER I 128 10.45 35.65 29.72
CA SER I 128 9.80 36.93 29.94
C SER I 128 9.02 37.36 28.71
N LEU I 129 8.16 38.37 28.88
CA LEU I 129 7.31 38.84 27.81
C LEU I 129 7.48 40.34 27.63
N LYS I 130 7.46 40.78 26.38
CA LYS I 130 7.50 42.20 26.02
C LYS I 130 6.34 42.49 25.08
N ALA I 131 5.93 43.76 25.06
CA ALA I 131 4.77 44.17 24.28
C ALA I 131 4.93 45.61 23.83
N LYS I 132 4.06 46.02 22.90
CA LYS I 132 4.02 47.38 22.39
C LYS I 132 2.56 47.78 22.27
N VAL I 133 2.11 48.67 23.14
CA VAL I 133 0.69 49.01 23.24
C VAL I 133 0.47 50.43 22.73
N ARG I 134 -0.69 50.63 22.12
CA ARG I 134 -1.13 51.94 21.65
C ARG I 134 -2.37 52.35 22.43
N VAL I 135 -2.32 53.52 23.07
CA VAL I 135 -3.38 54.00 23.96
C VAL I 135 -3.98 55.26 23.36
N MET I 136 -5.31 55.38 23.44
CA MET I 136 -6.02 56.53 22.94
C MET I 136 -7.10 56.93 23.94
N TYR I 137 -7.14 58.22 24.29
CA TYR I 137 -8.22 58.79 25.09
C TYR I 137 -8.11 60.30 25.06
N GLY I 138 -9.24 60.97 24.88
CA GLY I 138 -9.22 62.41 24.84
C GLY I 138 -8.44 62.91 23.64
N ASN I 139 -7.34 63.62 23.92
CA ASN I 139 -6.45 64.15 22.91
C ASN I 139 -5.05 63.56 23.08
N VAL I 140 -4.97 62.27 23.35
CA VAL I 140 -3.72 61.56 23.51
C VAL I 140 -3.71 60.36 22.57
N ASN I 141 -2.61 60.19 21.82
CA ASN I 141 -2.46 59.07 20.90
C ASN I 141 -0.97 58.73 20.88
N GLN I 142 -0.58 57.77 21.73
CA GLN I 142 0.82 57.48 21.98
C GLN I 142 1.01 55.98 22.10
N THR I 143 2.20 55.51 21.70
CA THR I 143 2.57 54.11 21.82
C THR I 143 3.79 53.98 22.72
N VAL I 144 3.84 52.90 23.48
CA VAL I 144 4.90 52.69 24.46
C VAL I 144 5.21 51.21 24.54
N ASP I 145 6.49 50.89 24.79
CA ASP I 145 6.94 49.52 24.93
C ASP I 145 7.08 49.20 26.42
N VAL I 146 6.41 48.14 26.86
CA VAL I 146 6.32 47.79 28.27
C VAL I 146 6.73 46.34 28.46
N TYR I 147 7.06 46.01 29.71
CA TYR I 147 7.33 44.63 30.11
C TYR I 147 6.08 44.06 30.77
N VAL I 148 5.58 42.94 30.25
CA VAL I 148 4.38 42.30 30.81
C VAL I 148 4.87 41.34 31.89
N ASN I 149 5.04 41.88 33.09
CA ASN I 149 5.42 41.07 34.24
C ASN I 149 4.89 41.61 35.57
N GLY I 150 4.10 42.67 35.55
CA GLY I 150 3.57 43.25 36.77
C GLY I 150 4.50 44.16 37.52
N ASP I 151 5.65 44.51 36.95
CA ASP I 151 6.64 45.35 37.62
C ASP I 151 6.88 46.67 36.91
N HIS I 152 6.96 46.68 35.58
CA HIS I 152 7.23 47.91 34.85
C HIS I 152 6.06 48.88 35.00
N ALA I 153 6.39 50.17 35.07
CA ALA I 153 5.38 51.23 35.18
C ALA I 153 5.74 52.34 34.21
N VAL I 154 4.80 52.65 33.32
CA VAL I 154 5.01 53.70 32.32
C VAL I 154 3.97 54.78 32.52
N THR I 155 4.33 56.00 32.11
CA THR I 155 3.46 57.16 32.22
C THR I 155 3.17 57.72 30.83
N ILE I 156 1.89 57.83 30.49
CA ILE I 156 1.44 58.39 29.21
C ILE I 156 0.50 59.54 29.55
N GLY I 157 1.00 60.77 29.42
CA GLY I 157 0.18 61.94 29.72
C GLY I 157 -0.21 62.06 31.17
N GLY I 158 0.71 61.79 32.09
CA GLY I 158 0.45 61.94 33.50
C GLY I 158 -0.28 60.80 34.16
N THR I 159 -0.54 59.72 33.43
CA THR I 159 -1.27 58.56 33.95
C THR I 159 -0.34 57.35 34.00
N GLN I 160 -0.37 56.64 35.12
CA GLN I 160 0.50 55.48 35.32
C GLN I 160 -0.18 54.22 34.81
N PHE I 161 0.58 53.41 34.08
CA PHE I 161 0.10 52.14 33.54
C PHE I 161 1.02 51.02 34.00
N ILE I 162 0.41 49.94 34.50
CA ILE I 162 1.13 48.73 34.91
C ILE I 162 0.48 47.55 34.21
N PHE I 163 1.28 46.77 33.50
CA PHE I 163 0.80 45.64 32.71
C PHE I 163 1.23 44.33 33.33
N GLY I 164 0.47 43.27 33.04
CA GLY I 164 0.81 41.94 33.44
C GLY I 164 0.49 41.62 34.88
N PRO I 165 0.85 40.41 35.34
CA PRO I 165 1.52 39.33 34.60
C PRO I 165 0.56 38.52 33.73
N LEU I 166 1.06 37.70 32.81
CA LEU I 166 0.19 36.92 31.94
C LEU I 166 -0.58 35.88 32.75
N SER I 167 -1.80 35.60 32.30
CA SER I 167 -2.65 34.65 33.01
C SER I 167 -2.16 33.22 32.84
N SER I 168 -1.79 32.84 31.62
CA SER I 168 -1.39 31.49 31.30
C SER I 168 0.11 31.46 30.98
N ALA I 169 0.84 30.59 31.68
CA ALA I 169 2.27 30.45 31.48
C ALA I 169 2.51 29.28 30.52
N TRP I 170 2.63 29.60 29.23
CA TRP I 170 2.83 28.59 28.20
C TRP I 170 3.95 29.04 27.29
N THR I 171 4.84 28.11 26.94
CA THR I 171 5.98 28.40 26.08
C THR I 171 6.07 27.36 24.98
N PRO I 172 6.46 27.76 23.77
CA PRO I 172 6.60 26.77 22.68
C PRO I 172 7.93 26.05 22.68
N PHE I 173 8.93 26.55 23.41
CA PHE I 173 10.24 25.92 23.45
C PHE I 173 10.30 24.86 24.54
N ASP I 174 10.77 23.67 24.17
CA ASP I 174 10.94 22.59 25.12
C ASP I 174 12.21 22.86 25.94
N ASN I 175 12.58 21.93 26.81
CA ASN I 175 13.73 22.14 27.69
C ASN I 175 15.02 22.26 26.89
N LYS I 176 15.20 21.44 25.86
CA LYS I 176 16.40 21.45 25.05
C LYS I 176 16.05 21.86 23.63
N ILE I 177 16.77 22.86 23.09
CA ILE I 177 16.57 23.34 21.74
C ILE I 177 17.94 23.44 21.05
N VAL I 178 17.90 23.44 19.72
CA VAL I 178 19.09 23.58 18.89
C VAL I 178 18.81 24.67 17.86
N VAL I 179 19.69 25.66 17.79
CA VAL I 179 19.54 26.80 16.89
C VAL I 179 20.56 26.68 15.78
N TYR I 180 20.18 27.14 14.58
CA TYR I 180 21.05 27.12 13.42
C TYR I 180 20.53 28.14 12.41
N LYS I 181 21.39 29.08 12.01
CA LYS I 181 21.03 30.13 11.07
C LYS I 181 19.83 30.91 11.57
N ASP I 182 18.63 30.58 11.07
CA ASP I 182 17.43 31.29 11.48
C ASP I 182 16.29 30.35 11.84
N GLU I 183 16.58 29.08 12.14
CA GLU I 183 15.56 28.12 12.52
C GLU I 183 15.93 27.48 13.86
N VAL I 184 14.92 27.24 14.68
CA VAL I 184 15.08 26.62 15.99
C VAL I 184 14.42 25.25 15.95
N PHE I 185 15.15 24.23 16.38
CA PHE I 185 14.71 22.85 16.29
C PHE I 185 14.50 22.29 17.70
N ASN I 186 13.32 21.73 17.91
CA ASN I 186 12.90 21.24 19.22
C ASN I 186 13.30 19.77 19.34
N GLN I 187 14.57 19.54 19.65
CA GLN I 187 15.09 18.19 19.73
C GLN I 187 16.07 18.07 20.89
N ASP I 188 16.27 16.85 21.35
CA ASP I 188 17.29 16.57 22.35
C ASP I 188 18.61 16.17 21.68
N PHE I 189 19.70 16.31 22.43
CA PHE I 189 21.03 16.09 21.91
C PHE I 189 21.85 15.27 22.88
N PRO I 190 22.90 14.60 22.41
CA PRO I 190 23.73 13.81 23.31
C PRO I 190 24.42 14.71 24.32
N PRO I 191 24.70 14.19 25.51
CA PRO I 191 25.38 15.01 26.52
C PRO I 191 26.85 15.20 26.18
N TYR I 192 27.44 16.23 26.80
CA TYR I 192 28.83 16.56 26.53
C TYR I 192 29.74 15.40 26.95
N GLY I 193 30.73 15.11 26.11
CA GLY I 193 31.64 14.02 26.36
C GLY I 193 31.10 12.65 26.00
N SER I 194 29.91 12.57 25.42
CA SER I 194 29.31 11.29 25.06
C SER I 194 28.73 11.31 23.65
N GLY I 195 29.44 11.93 22.71
CA GLY I 195 28.97 11.94 21.34
C GLY I 195 29.21 10.62 20.63
N GLN I 196 28.37 10.35 19.64
CA GLN I 196 28.48 9.11 18.89
C GLN I 196 28.97 9.39 17.47
N PRO I 197 29.75 8.48 16.88
CA PRO I 197 30.24 8.72 15.52
C PRO I 197 29.12 8.64 14.50
N GLY I 198 29.20 9.52 13.50
CA GLY I 198 28.26 9.51 12.40
C GLY I 198 26.96 10.23 12.66
N ARG I 199 26.66 10.63 13.90
CA ARG I 199 25.40 11.29 14.19
C ARG I 199 25.68 12.73 14.58
N PHE I 200 24.66 13.46 15.01
CA PHE I 200 24.88 14.82 15.52
C PHE I 200 25.71 14.78 16.79
N GLY I 201 26.72 15.65 16.86
CA GLY I 201 27.57 15.71 18.02
C GLY I 201 28.81 14.85 17.97
N ASP I 202 29.32 14.57 16.77
CA ASP I 202 30.56 13.80 16.66
C ASP I 202 31.73 14.55 17.30
N ILE I 203 31.85 15.84 17.03
CA ILE I 203 32.88 16.67 17.63
C ILE I 203 32.19 17.80 18.39
N GLN I 204 32.76 18.15 19.54
CA GLN I 204 32.11 19.06 20.47
C GLN I 204 33.11 20.08 20.97
N SER I 205 32.60 21.24 21.37
CA SER I 205 33.41 22.29 21.96
C SER I 205 32.53 23.16 22.84
N ARG I 206 33.08 23.61 23.96
CA ARG I 206 32.28 24.36 24.93
C ARG I 206 31.84 25.72 24.37
N THR I 207 32.76 26.41 23.68
CA THR I 207 32.44 27.68 23.06
C THR I 207 33.28 27.82 21.81
N VAL I 208 32.88 28.78 20.96
CA VAL I 208 33.52 28.94 19.66
C VAL I 208 35.01 29.24 19.79
N GLU I 209 35.43 29.92 20.86
CA GLU I 209 36.83 30.28 21.05
C GLU I 209 37.59 29.28 21.91
N SER I 210 36.93 28.24 22.41
CA SER I 210 37.57 27.30 23.33
C SER I 210 38.65 26.50 22.60
N ASN I 211 39.67 26.09 23.35
CA ASN I 211 40.81 25.37 22.80
C ASN I 211 40.74 23.86 23.04
N ASP I 212 39.68 23.36 23.65
CA ASP I 212 39.51 21.92 23.83
C ASP I 212 38.46 21.38 22.87
N LEU I 213 38.62 20.12 22.50
CA LEU I 213 37.74 19.50 21.52
C LEU I 213 37.61 18.03 21.85
N TYR I 214 36.37 17.57 21.92
CA TYR I 214 36.04 16.16 22.13
C TYR I 214 35.59 15.58 20.80
N ALA I 215 36.35 14.61 20.29
CA ALA I 215 36.08 14.04 18.98
C ALA I 215 35.99 12.52 19.09
N ASN I 216 35.01 11.96 18.39
CA ASN I 216 34.83 10.50 18.32
C ASN I 216 34.28 10.19 16.93
N THR I 217 35.19 9.87 16.01
CA THR I 217 34.84 9.65 14.62
C THR I 217 35.32 8.31 14.07
N ALA I 218 35.90 7.46 14.92
CA ALA I 218 36.36 6.12 14.54
C ALA I 218 37.40 6.20 13.42
N LEU I 219 38.51 6.87 13.72
CA LEU I 219 39.63 6.96 12.79
C LEU I 219 40.47 5.69 12.91
N LYS I 220 40.44 4.86 11.87
CA LYS I 220 41.20 3.62 11.82
C LYS I 220 42.19 3.67 10.67
N LEU I 221 43.45 3.39 10.96
CA LEU I 221 44.49 3.37 9.94
C LEU I 221 44.58 1.98 9.32
N ALA I 222 45.28 1.87 8.20
CA ALA I 222 45.39 0.62 7.48
C ALA I 222 46.78 0.52 6.85
N ARG I 223 47.18 -0.71 6.58
CA ARG I 223 48.51 -0.95 6.03
C ARG I 223 48.59 -0.50 4.58
N PRO I 224 49.67 0.15 4.17
CA PRO I 224 49.76 0.64 2.79
C PRO I 224 49.88 -0.49 1.78
N SER I 225 49.37 -0.23 0.58
CA SER I 225 49.54 -1.16 -0.53
C SER I 225 51.03 -1.28 -0.87
N PRO I 226 51.48 -2.48 -1.23
CA PRO I 226 52.92 -2.67 -1.46
C PRO I 226 53.41 -1.84 -2.65
N GLY I 227 54.64 -1.35 -2.54
CA GLY I 227 55.22 -0.51 -3.57
C GLY I 227 54.54 0.83 -3.74
N MET I 228 54.21 1.51 -2.65
CA MET I 228 53.57 2.80 -2.73
C MET I 228 53.89 3.62 -1.48
N VAL I 229 53.71 4.92 -1.59
CA VAL I 229 53.93 5.84 -0.48
C VAL I 229 52.61 6.58 -0.27
N HIS I 230 51.77 6.05 0.61
CA HIS I 230 50.49 6.67 0.91
C HIS I 230 50.00 6.12 2.24
N VAL I 231 49.28 6.96 2.97
CA VAL I 231 48.67 6.59 4.24
C VAL I 231 47.16 6.50 4.07
N PRO I 232 46.56 5.31 4.21
CA PRO I 232 45.11 5.19 4.11
C PRO I 232 44.43 5.25 5.48
N TYR I 233 43.14 5.56 5.44
CA TYR I 233 42.34 5.66 6.65
C TYR I 233 40.86 5.59 6.28
N THR I 234 40.09 4.95 7.15
CA THR I 234 38.63 4.87 7.02
C THR I 234 38.00 5.60 8.20
N GLN I 235 37.03 6.47 7.90
CA GLN I 235 36.46 7.33 8.93
C GLN I 235 35.03 7.69 8.56
N THR I 236 34.12 7.55 9.52
CA THR I 236 32.72 7.82 9.26
C THR I 236 32.53 9.28 8.90
N PRO I 237 31.66 9.60 7.96
CA PRO I 237 31.48 11.00 7.52
C PRO I 237 30.97 11.87 8.66
N SER I 238 31.08 13.18 8.43
CA SER I 238 30.67 14.14 9.44
C SER I 238 29.19 14.01 9.75
N GLY I 239 28.87 13.90 11.04
CA GLY I 239 27.49 13.81 11.44
C GLY I 239 26.75 15.13 11.30
N PHE I 240 27.50 16.23 11.21
CA PHE I 240 26.86 17.53 11.01
C PHE I 240 26.19 17.60 9.65
N LYS I 241 26.84 17.08 8.60
CA LYS I 241 26.19 17.02 7.29
C LYS I 241 24.99 16.08 7.31
N TYR I 242 25.12 14.94 8.00
CA TYR I 242 23.98 14.03 8.10
C TYR I 242 22.79 14.72 8.76
N TRP I 243 23.05 15.47 9.83
CA TRP I 243 21.97 16.21 10.47
C TRP I 243 21.43 17.31 9.57
N LEU I 244 22.31 17.93 8.79
CA LEU I 244 21.87 18.96 7.86
C LEU I 244 20.98 18.39 6.76
N LYS I 245 21.15 17.11 6.42
CA LYS I 245 20.34 16.52 5.37
C LYS I 245 18.94 16.12 5.84
N GLU I 246 18.83 15.51 7.02
CA GLU I 246 17.55 15.05 7.55
C GLU I 246 17.35 15.52 8.98
N LYS I 247 17.50 16.82 9.20
CA LYS I 247 17.26 17.40 10.51
C LYS I 247 15.84 17.16 10.98
N GLY I 248 14.86 17.37 10.09
CA GLY I 248 13.45 17.19 10.41
C GLY I 248 12.63 18.39 9.98
N THR I 249 11.59 18.68 10.76
CA THR I 249 10.72 19.82 10.51
C THR I 249 11.01 20.90 11.54
N ALA I 250 11.16 22.13 11.06
CA ALA I 250 11.48 23.24 11.95
C ALA I 250 10.30 23.59 12.84
N LEU I 251 10.60 24.24 13.97
CA LEU I 251 9.55 24.79 14.81
C LEU I 251 8.85 25.97 14.15
N ASN I 252 9.48 26.57 13.13
CA ASN I 252 8.86 27.67 12.40
C ASN I 252 7.57 27.22 11.73
N THR I 253 7.53 25.99 11.25
CA THR I 253 6.37 25.45 10.53
C THR I 253 5.53 24.55 11.41
N LYS I 254 5.77 24.55 12.72
CA LYS I 254 5.05 23.68 13.63
C LYS I 254 4.54 24.37 14.89
N ALA I 255 4.99 25.58 15.21
CA ALA I 255 4.60 26.21 16.46
C ALA I 255 3.11 26.53 16.45
N PRO I 256 2.40 26.26 17.55
CA PRO I 256 0.96 26.55 17.62
C PRO I 256 0.72 28.01 17.93
N PHE I 257 -0.57 28.38 17.93
CA PHE I 257 -1.03 29.74 18.20
C PHE I 257 -0.47 30.76 17.22
N GLY I 258 -0.03 30.32 16.05
CA GLY I 258 0.46 31.23 15.03
C GLY I 258 1.67 32.03 15.44
N CYS I 259 2.56 31.45 16.24
CA CYS I 259 3.74 32.17 16.68
C CYS I 259 4.80 32.23 15.59
N GLN I 260 5.31 33.42 15.33
CA GLN I 260 6.36 33.64 14.36
C GLN I 260 7.71 33.59 15.08
N ILE I 261 8.51 32.57 14.79
CA ILE I 261 9.77 32.34 15.48
C ILE I 261 10.89 33.06 14.72
N LYS I 262 11.68 33.84 15.44
CA LYS I 262 12.86 34.50 14.92
C LYS I 262 14.05 34.15 15.80
N THR I 263 15.25 34.43 15.28
CA THR I 263 16.49 34.15 15.99
C THR I 263 17.30 35.43 16.12
N ASN I 264 18.32 35.37 16.97
CA ASN I 264 19.24 36.47 17.24
C ASN I 264 18.49 37.71 17.73
N PRO I 265 17.94 37.69 18.95
CA PRO I 265 17.86 36.57 19.90
C PRO I 265 16.66 35.68 19.62
N VAL I 266 16.60 34.48 20.19
CA VAL I 266 15.47 33.60 19.96
C VAL I 266 14.23 34.18 20.64
N ARG I 267 13.13 34.24 19.89
CA ARG I 267 11.90 34.80 20.44
C ARG I 267 10.72 34.28 19.63
N ALA I 268 9.57 34.23 20.29
CA ALA I 268 8.30 33.92 19.65
C ALA I 268 7.43 35.17 19.67
N MET I 269 6.94 35.57 18.51
CA MET I 269 6.24 36.84 18.36
C MET I 269 4.79 36.60 17.97
N ASN I 270 3.92 37.51 18.43
CA ASN I 270 2.50 37.50 18.09
C ASN I 270 1.83 36.17 18.47
N CYS I 271 2.11 35.68 19.68
CA CYS I 271 1.44 34.50 20.18
C CYS I 271 0.12 34.89 20.81
N ALA I 272 -0.97 34.26 20.37
CA ALA I 272 -2.31 34.58 20.84
C ALA I 272 -2.70 33.57 21.92
N VAL I 273 -2.53 33.96 23.19
CA VAL I 273 -2.89 33.10 24.31
C VAL I 273 -3.03 33.95 25.58
N GLY I 274 -4.01 33.62 26.42
CA GLY I 274 -4.18 34.30 27.68
C GLY I 274 -4.73 35.72 27.54
N ASN I 275 -4.79 36.39 28.68
CA ASN I 275 -5.24 37.78 28.73
C ASN I 275 -4.38 38.53 29.73
N ILE I 276 -4.18 39.82 29.47
CA ILE I 276 -3.26 40.67 30.22
C ILE I 276 -4.08 41.55 31.15
N PRO I 277 -3.86 41.48 32.47
CA PRO I 277 -4.47 42.47 33.37
C PRO I 277 -3.66 43.76 33.38
N VAL I 278 -4.38 44.88 33.40
CA VAL I 278 -3.77 46.20 33.40
C VAL I 278 -4.37 47.03 34.52
N SER I 279 -3.51 47.68 35.30
CA SER I 279 -3.93 48.53 36.40
C SER I 279 -3.50 49.96 36.11
N MET I 280 -4.43 50.89 36.20
CA MET I 280 -4.20 52.28 35.81
C MET I 280 -4.47 53.19 37.00
N ASN I 281 -3.88 54.38 36.94
CA ASN I 281 -4.12 55.42 37.94
C ASN I 281 -4.26 56.73 37.18
N LEU I 282 -5.50 57.22 37.07
CA LEU I 282 -5.81 58.39 36.27
C LEU I 282 -5.87 59.64 37.14
N PRO I 283 -5.39 60.77 36.63
CA PRO I 283 -5.53 62.03 37.36
C PRO I 283 -6.92 62.62 37.15
N ASP I 284 -7.18 63.74 37.83
CA ASP I 284 -8.48 64.38 37.76
C ASP I 284 -8.58 65.39 36.61
N SER I 285 -7.51 65.57 35.83
CA SER I 285 -7.55 66.50 34.72
C SER I 285 -8.07 65.88 33.43
N ALA I 286 -8.27 64.56 33.40
CA ALA I 286 -8.73 63.88 32.20
C ALA I 286 -10.24 63.71 32.15
N PHE I 287 -10.96 64.11 33.19
CA PHE I 287 -12.40 63.98 33.25
C PHE I 287 -13.08 65.32 32.99
N THR I 288 -14.40 65.27 32.87
CA THR I 288 -15.23 66.46 32.74
C THR I 288 -16.34 66.41 33.78
N ARG I 289 -16.61 67.54 34.41
CA ARG I 289 -17.68 67.60 35.39
C ARG I 289 -19.04 67.41 34.71
N ILE I 290 -20.04 67.05 35.51
CA ILE I 290 -21.36 66.80 34.97
C ILE I 290 -21.98 68.10 34.43
N VAL I 291 -21.68 69.23 35.06
CA VAL I 291 -22.41 70.45 34.73
C VAL I 291 -21.96 71.03 33.40
N GLU I 292 -20.75 70.68 32.95
CA GLU I 292 -20.42 70.94 31.55
C GLU I 292 -20.81 69.78 30.64
N ALA I 293 -21.12 68.61 31.19
CA ALA I 293 -21.49 67.51 30.30
C ALA I 293 -22.96 67.64 29.88
N PRO I 294 -23.28 67.23 28.65
CA PRO I 294 -24.68 67.30 28.21
C PRO I 294 -25.56 66.36 29.00
N THR I 295 -26.83 66.74 29.14
CA THR I 295 -27.84 65.95 29.82
C THR I 295 -28.71 65.27 28.79
N ILE I 296 -29.02 64.00 29.00
CA ILE I 296 -29.77 63.19 28.04
C ILE I 296 -30.93 62.52 28.76
N ILE I 297 -32.12 62.61 28.17
CA ILE I 297 -33.33 62.02 28.74
C ILE I 297 -34.08 61.26 27.67
N ASP I 298 -34.87 60.29 28.10
CA ASP I 298 -35.74 59.47 27.25
C ASP I 298 -35.06 59.06 25.95
N LEU I 299 -33.98 58.30 26.11
CA LEU I 299 -33.18 57.83 24.98
C LEU I 299 -33.53 56.37 24.70
N THR I 300 -33.88 56.07 23.45
CA THR I 300 -34.29 54.74 23.04
C THR I 300 -33.45 54.28 21.86
N CYS I 301 -33.42 52.96 21.66
CA CYS I 301 -32.53 52.33 20.69
C CYS I 301 -33.32 51.50 19.69
N THR I 302 -32.80 51.45 18.46
CA THR I 302 -33.34 50.59 17.43
C THR I 302 -32.24 50.29 16.42
N VAL I 303 -32.30 49.12 15.82
CA VAL I 303 -31.32 48.68 14.85
C VAL I 303 -31.90 48.85 13.44
N ALA I 304 -31.01 48.92 12.45
CA ALA I 304 -31.41 49.08 11.06
C ALA I 304 -31.16 47.84 10.24
N THR I 305 -29.93 47.32 10.23
CA THR I 305 -29.62 46.09 9.54
C THR I 305 -28.47 45.41 10.25
N CYS I 306 -28.55 44.09 10.36
CA CYS I 306 -27.53 43.30 11.04
C CYS I 306 -27.19 42.07 10.23
N THR I 307 -25.90 41.74 10.21
CA THR I 307 -25.42 40.50 9.59
C THR I 307 -24.13 40.10 10.30
N HIS I 308 -24.17 39.00 11.04
CA HIS I 308 -23.05 38.62 11.88
C HIS I 308 -21.87 38.13 11.05
N SER I 309 -20.92 39.02 10.81
CA SER I 309 -19.74 38.71 10.03
C SER I 309 -18.49 39.17 10.77
N SER I 310 -17.33 38.83 10.20
CA SER I 310 -16.06 39.24 10.79
C SER I 310 -15.88 40.75 10.76
N ASP I 311 -16.40 41.43 9.74
CA ASP I 311 -16.30 42.87 9.64
C ASP I 311 -17.35 43.53 10.55
N PHE I 312 -17.49 44.85 10.45
CA PHE I 312 -18.48 45.58 11.24
C PHE I 312 -19.80 45.61 10.48
N GLY I 313 -20.48 44.47 10.50
CA GLY I 313 -21.75 44.32 9.82
C GLY I 313 -22.95 44.66 10.68
N GLY I 314 -23.10 45.93 11.03
CA GLY I 314 -24.24 46.35 11.82
C GLY I 314 -24.30 47.85 12.03
N VAL I 315 -25.49 48.43 11.82
CA VAL I 315 -25.73 49.85 12.02
C VAL I 315 -26.92 50.01 12.95
N LEU I 316 -26.77 50.84 13.97
CA LEU I 316 -27.85 51.12 14.91
C LEU I 316 -27.98 52.63 15.10
N THR I 317 -29.21 53.07 15.29
CA THR I 317 -29.54 54.48 15.44
C THR I 317 -30.13 54.74 16.82
N LEU I 318 -29.66 55.80 17.47
CA LEU I 318 -30.11 56.19 18.79
C LEU I 318 -30.84 57.52 18.72
N THR I 319 -32.00 57.58 19.36
CA THR I 319 -32.81 58.80 19.43
C THR I 319 -32.79 59.32 20.85
N TYR I 320 -32.71 60.64 20.99
CA TYR I 320 -32.53 61.26 22.30
C TYR I 320 -33.07 62.67 22.27
N LYS I 321 -33.29 63.22 23.46
CA LYS I 321 -33.59 64.64 23.65
C LYS I 321 -32.54 65.23 24.58
N THR I 322 -31.80 66.20 24.07
CA THR I 322 -30.70 66.82 24.80
C THR I 322 -31.04 68.28 25.11
N ASP I 323 -30.09 68.98 25.69
CA ASP I 323 -30.24 70.39 26.03
C ASP I 323 -29.16 71.30 25.44
N LYS I 324 -27.93 70.82 25.30
CA LYS I 324 -26.89 71.58 24.62
C LYS I 324 -26.01 70.61 23.85
N ASN I 325 -25.39 71.12 22.79
CA ASN I 325 -24.62 70.25 21.91
C ASN I 325 -23.18 70.09 22.42
N GLY I 326 -22.59 68.95 22.10
CA GLY I 326 -21.27 68.63 22.61
C GLY I 326 -20.89 67.22 22.22
N ASP I 327 -19.97 66.64 23.00
CA ASP I 327 -19.45 65.31 22.75
C ASP I 327 -19.60 64.45 24.00
N CYS I 328 -19.84 63.16 23.77
CA CYS I 328 -20.03 62.18 24.83
C CYS I 328 -19.20 60.93 24.54
N SER I 329 -19.21 60.00 25.48
CA SER I 329 -18.50 58.74 25.37
C SER I 329 -19.52 57.61 25.32
N VAL I 330 -19.40 56.74 24.31
CA VAL I 330 -20.35 55.66 24.10
C VAL I 330 -19.61 54.33 24.21
N HIS I 331 -20.26 53.35 24.86
CA HIS I 331 -19.65 52.06 25.12
C HIS I 331 -20.74 51.01 25.24
N SER I 332 -20.40 49.78 24.86
CA SER I 332 -21.29 48.64 24.97
C SER I 332 -20.95 47.85 26.22
N HIS I 333 -21.95 47.62 27.07
CA HIS I 333 -21.73 47.04 28.38
C HIS I 333 -21.76 45.52 28.38
N SER I 334 -21.90 44.90 27.21
CA SER I 334 -21.90 43.45 27.12
C SER I 334 -20.84 43.01 26.13
N ASN I 335 -20.37 41.78 26.30
CA ASN I 335 -19.31 41.21 25.48
C ASN I 335 -19.82 40.77 24.12
N VAL I 336 -21.13 40.54 23.99
CA VAL I 336 -21.68 39.96 22.76
C VAL I 336 -21.39 40.84 21.55
N ALA I 337 -21.43 42.16 21.71
CA ALA I 337 -21.17 43.07 20.61
C ALA I 337 -20.11 44.06 21.01
N THR I 338 -19.23 44.40 20.07
CA THR I 338 -18.17 45.39 20.28
C THR I 338 -18.37 46.54 19.31
N LEU I 339 -18.38 47.76 19.84
CA LEU I 339 -18.60 48.94 19.02
C LEU I 339 -17.33 49.28 18.23
N GLN I 340 -17.48 50.23 17.30
CA GLN I 340 -16.35 50.69 16.51
C GLN I 340 -15.76 51.98 17.07
N GLU I 341 -16.58 53.02 17.21
CA GLU I 341 -16.12 54.31 17.69
C GLU I 341 -16.50 54.48 19.16
N ALA I 342 -15.67 55.26 19.87
CA ALA I 342 -15.85 55.45 21.30
C ALA I 342 -16.35 56.84 21.66
N THR I 343 -16.25 57.82 20.76
CA THR I 343 -16.76 59.16 20.99
C THR I 343 -17.79 59.49 19.92
N ALA I 344 -18.87 60.13 20.33
CA ALA I 344 -19.93 60.55 19.42
C ALA I 344 -20.31 61.99 19.69
N LYS I 345 -20.71 62.70 18.64
CA LYS I 345 -21.13 64.09 18.76
C LYS I 345 -22.65 64.16 18.83
N VAL I 346 -23.16 64.81 19.87
CA VAL I 346 -24.60 64.97 20.06
C VAL I 346 -25.00 66.38 19.65
N LYS I 347 -26.18 66.49 19.04
CA LYS I 347 -26.72 67.76 18.58
C LYS I 347 -28.18 67.84 18.99
N THR I 348 -28.79 69.00 18.73
CA THR I 348 -30.20 69.19 19.06
C THR I 348 -31.12 68.39 18.14
N ALA I 349 -30.58 67.88 17.02
CA ALA I 349 -31.41 67.08 16.11
C ALA I 349 -31.94 65.82 16.80
N GLY I 350 -31.09 65.14 17.56
CA GLY I 350 -31.52 63.98 18.31
C GLY I 350 -31.38 62.66 17.60
N LYS I 351 -30.52 62.56 16.59
CA LYS I 351 -30.32 61.32 15.85
C LYS I 351 -28.82 61.08 15.68
N VAL I 352 -28.38 59.88 16.05
CA VAL I 352 -26.97 59.50 15.90
C VAL I 352 -26.92 58.06 15.40
N THR I 353 -25.85 57.73 14.68
CA THR I 353 -25.67 56.40 14.11
C THR I 353 -24.40 55.78 14.66
N LEU I 354 -24.41 54.47 14.83
CA LEU I 354 -23.30 53.73 15.41
C LEU I 354 -23.04 52.47 14.60
N HIS I 355 -21.80 52.00 14.66
CA HIS I 355 -21.39 50.77 14.01
C HIS I 355 -20.98 49.75 15.05
N PHE I 356 -21.27 48.48 14.78
CA PHE I 356 -20.96 47.42 15.73
C PHE I 356 -20.86 46.09 14.99
N SER I 357 -20.26 45.11 15.66
CA SER I 357 -20.09 43.77 15.12
C SER I 357 -20.53 42.75 16.17
N THR I 358 -21.00 41.60 15.70
CA THR I 358 -21.49 40.56 16.59
C THR I 358 -21.42 39.22 15.86
N ALA I 359 -21.66 38.15 16.62
CA ALA I 359 -21.62 36.80 16.08
C ALA I 359 -22.85 35.96 16.41
N SER I 360 -23.67 36.40 17.36
CA SER I 360 -24.86 35.63 17.71
C SER I 360 -25.98 35.89 16.72
N ALA I 361 -26.88 34.91 16.61
CA ALA I 361 -28.04 35.05 15.71
C ALA I 361 -28.94 36.19 16.18
N SER I 362 -29.17 36.29 17.48
CA SER I 362 -30.00 37.36 18.05
C SER I 362 -29.31 37.87 19.31
N PRO I 363 -28.60 38.99 19.20
CA PRO I 363 -27.92 39.55 20.37
C PRO I 363 -28.80 40.51 21.16
N SER I 364 -28.34 40.80 22.37
CA SER I 364 -28.98 41.76 23.25
C SER I 364 -27.93 42.38 24.16
N PHE I 365 -27.84 43.70 24.14
CA PHE I 365 -26.83 44.41 24.91
C PHE I 365 -27.34 45.80 25.25
N VAL I 366 -26.74 46.40 26.27
CA VAL I 366 -27.11 47.73 26.74
C VAL I 366 -26.01 48.70 26.37
N VAL I 367 -26.38 49.74 25.63
CA VAL I 367 -25.44 50.76 25.17
C VAL I 367 -25.68 52.02 25.98
N SER I 368 -24.61 52.75 26.26
CA SER I 368 -24.67 53.94 27.09
C SER I 368 -24.05 55.11 26.35
N LEU I 369 -24.78 56.21 26.27
CA LEU I 369 -24.31 57.45 25.67
C LEU I 369 -24.29 58.49 26.78
N CYS I 370 -23.09 58.93 27.16
CA CYS I 370 -22.89 59.70 28.39
C CYS I 370 -23.51 58.98 29.57
N SER I 371 -24.41 59.65 30.30
CA SER I 371 -24.97 59.07 31.52
C SER I 371 -26.23 58.25 31.28
N ALA I 372 -26.78 58.25 30.07
CA ALA I 372 -28.02 57.54 29.78
C ALA I 372 -27.74 56.19 29.15
N ARG I 373 -28.67 55.26 29.35
CA ARG I 373 -28.54 53.89 28.88
C ARG I 373 -29.85 53.43 28.23
N ALA I 374 -29.73 52.42 27.37
CA ALA I 374 -30.89 51.80 26.74
C ALA I 374 -30.48 50.39 26.30
N THR I 375 -31.49 49.56 26.04
CA THR I 375 -31.26 48.18 25.64
C THR I 375 -31.57 48.02 24.16
N CYS I 376 -30.78 47.19 23.48
CA CYS I 376 -30.90 46.98 22.05
C CYS I 376 -31.03 45.50 21.76
N SER I 377 -31.97 45.15 20.88
CA SER I 377 -32.16 43.78 20.45
C SER I 377 -32.31 43.76 18.94
N ALA I 378 -31.70 42.77 18.29
CA ALA I 378 -31.64 42.73 16.84
C ALA I 378 -31.75 41.29 16.37
N SER I 379 -32.17 41.12 15.11
CA SER I 379 -32.17 39.84 14.43
C SER I 379 -31.21 39.91 13.26
N CYS I 380 -30.23 39.01 13.24
CA CYS I 380 -29.14 39.06 12.28
C CYS I 380 -29.14 37.82 11.40
N GLU I 381 -28.93 38.03 10.08
CA GLU I 381 -28.90 36.96 9.09
C GLU I 381 -27.46 36.57 8.77
N PRO I 382 -27.22 35.29 8.50
CA PRO I 382 -25.86 34.84 8.19
C PRO I 382 -25.34 35.49 6.92
N PRO I 383 -24.03 35.57 6.75
CA PRO I 383 -23.46 36.10 5.52
C PRO I 383 -23.40 35.02 4.44
N LYS I 384 -22.82 35.40 3.30
CA LYS I 384 -22.69 34.49 2.17
C LYS I 384 -21.24 34.16 1.81
N ASP I 385 -20.30 35.03 2.14
CA ASP I 385 -18.91 34.80 1.80
C ASP I 385 -18.31 33.72 2.69
N HIS I 386 -17.42 32.91 2.11
CA HIS I 386 -16.89 31.76 2.85
C HIS I 386 -15.58 32.10 3.56
N ILE I 387 -14.60 32.62 2.83
CA ILE I 387 -13.26 32.85 3.35
C ILE I 387 -12.91 34.32 3.21
N VAL I 388 -12.40 34.92 4.28
CA VAL I 388 -11.99 36.32 4.26
C VAL I 388 -10.55 36.44 4.77
N PRO I 389 -9.79 37.42 4.29
CA PRO I 389 -8.38 37.55 4.69
C PRO I 389 -8.12 38.33 5.98
N TYR I 390 -9.14 38.88 6.63
CA TYR I 390 -8.92 39.66 7.85
C TYR I 390 -9.42 38.89 9.07
N ALA I 391 -8.71 39.04 10.17
CA ALA I 391 -9.03 38.33 11.40
C ALA I 391 -10.33 38.84 12.00
N ALA I 392 -10.84 38.08 12.96
CA ALA I 392 -12.11 38.42 13.60
C ALA I 392 -12.00 39.72 14.39
N SER I 393 -13.06 40.51 14.34
CA SER I 393 -13.17 41.74 15.11
C SER I 393 -14.29 41.63 16.15
N HIS I 394 -14.54 40.43 16.64
CA HIS I 394 -15.58 40.19 17.62
C HIS I 394 -15.16 39.03 18.51
N SER I 395 -15.49 39.13 19.79
CA SER I 395 -15.29 38.00 20.70
C SER I 395 -16.35 36.94 20.42
N ASN I 396 -15.94 35.69 20.35
CA ASN I 396 -16.80 34.60 19.88
C ASN I 396 -17.86 34.29 20.93
N VAL I 397 -19.10 34.66 20.63
CA VAL I 397 -20.27 34.31 21.45
C VAL I 397 -21.38 33.90 20.51
N VAL I 398 -22.07 32.82 20.85
CA VAL I 398 -23.07 32.26 19.94
C VAL I 398 -24.44 32.21 20.60
N PHE I 399 -24.47 32.08 21.93
CA PHE I 399 -25.73 31.85 22.63
C PHE I 399 -26.65 33.07 22.47
N PRO I 400 -27.88 32.87 22.02
CA PRO I 400 -28.80 34.00 21.78
C PRO I 400 -29.48 34.42 23.08
N ASP I 401 -30.17 35.56 23.01
CA ASP I 401 -30.91 36.09 24.13
C ASP I 401 -32.14 35.23 24.39
N MET I 402 -32.64 35.30 25.63
CA MET I 402 -33.85 34.56 26.00
C MET I 402 -35.06 34.99 25.19
N SER I 403 -35.03 36.18 24.59
CA SER I 403 -36.14 36.71 23.82
C SER I 403 -36.00 36.44 22.33
N GLY I 404 -34.98 35.69 21.91
CA GLY I 404 -34.85 35.35 20.51
C GLY I 404 -35.89 34.34 20.07
N THR I 405 -35.97 34.15 18.75
CA THR I 405 -37.04 33.33 18.19
C THR I 405 -36.96 31.89 18.65
N ALA I 406 -35.77 31.28 18.58
CA ALA I 406 -35.62 29.88 18.95
C ALA I 406 -35.91 29.68 20.43
N LEU I 407 -35.32 30.52 21.29
CA LEU I 407 -35.59 30.42 22.71
C LEU I 407 -37.03 30.78 23.03
N SER I 408 -37.64 31.66 22.23
CA SER I 408 -39.06 31.93 22.40
C SER I 408 -39.90 30.68 22.17
N TRP I 409 -39.62 29.95 21.09
CA TRP I 409 -40.34 28.71 20.83
C TRP I 409 -40.11 27.70 21.95
N VAL I 410 -38.86 27.58 22.40
CA VAL I 410 -38.53 26.63 23.45
C VAL I 410 -39.29 26.95 24.73
N GLN I 411 -39.31 28.23 25.11
CA GLN I 411 -39.98 28.62 26.34
C GLN I 411 -41.50 28.50 26.21
N LYS I 412 -42.05 28.72 25.01
CA LYS I 412 -43.49 28.52 24.82
C LYS I 412 -43.87 27.06 25.03
N ILE I 413 -43.11 26.15 24.42
CA ILE I 413 -43.39 24.72 24.59
C ILE I 413 -43.23 24.32 26.05
N SER I 414 -42.17 24.82 26.70
CA SER I 414 -41.95 24.50 28.10
C SER I 414 -43.09 25.01 28.97
N GLY I 415 -43.57 26.22 28.71
CA GLY I 415 -44.69 26.75 29.47
C GLY I 415 -45.95 25.93 29.30
N GLY I 416 -46.24 25.51 28.06
CA GLY I 416 -47.41 24.68 27.85
C GLY I 416 -47.34 23.36 28.60
N LEU I 417 -46.19 22.68 28.51
CA LEU I 417 -46.05 21.41 29.20
C LEU I 417 -46.10 21.59 30.72
N GLY I 418 -45.50 22.67 31.22
CA GLY I 418 -45.56 22.94 32.65
C GLY I 418 -46.97 23.23 33.13
N ALA I 419 -47.75 23.97 32.33
CA ALA I 419 -49.14 24.21 32.70
C ALA I 419 -49.93 22.91 32.75
N PHE I 420 -49.71 22.02 31.77
CA PHE I 420 -50.38 20.72 31.80
C PHE I 420 -50.01 19.94 33.06
N ALA I 421 -48.72 19.93 33.41
CA ALA I 421 -48.27 19.21 34.59
C ALA I 421 -48.87 19.81 35.87
N ILE I 422 -48.94 21.13 35.95
CA ILE I 422 -49.47 21.78 37.15
C ILE I 422 -50.95 21.49 37.30
N GLY I 423 -51.70 21.51 36.19
CA GLY I 423 -53.09 21.13 36.24
C GLY I 423 -53.28 19.70 36.72
N ALA I 424 -52.44 18.79 36.23
CA ALA I 424 -52.50 17.42 36.71
C ALA I 424 -52.21 17.34 38.21
N ILE I 425 -51.22 18.10 38.68
CA ILE I 425 -50.89 18.15 40.10
C ILE I 425 -52.12 18.56 40.92
N LEU I 426 -52.77 19.63 40.50
CA LEU I 426 -53.94 20.12 41.24
C LEU I 426 -55.06 19.09 41.23
N VAL I 427 -55.28 18.44 40.09
CA VAL I 427 -56.37 17.45 40.00
C VAL I 427 -56.10 16.28 40.95
N LEU I 428 -54.87 15.76 40.93
CA LEU I 428 -54.55 14.65 41.82
C LEU I 428 -54.66 15.06 43.27
N VAL I 429 -54.20 16.27 43.60
CA VAL I 429 -54.23 16.70 45.00
C VAL I 429 -55.67 16.82 45.49
N VAL I 430 -56.55 17.43 44.69
CA VAL I 430 -57.93 17.58 45.13
C VAL I 430 -58.62 16.22 45.21
N VAL I 431 -58.30 15.31 44.29
CA VAL I 431 -58.91 13.99 44.33
C VAL I 431 -58.50 13.24 45.59
N THR I 432 -57.20 13.26 45.91
CA THR I 432 -56.74 12.53 47.09
C THR I 432 -57.22 13.19 48.38
N CYS I 433 -57.37 14.52 48.39
CA CYS I 433 -57.93 15.17 49.57
C CYS I 433 -59.38 14.77 49.78
N ILE I 434 -60.18 14.77 48.71
CA ILE I 434 -61.57 14.34 48.82
C ILE I 434 -61.63 12.89 49.29
N GLY I 435 -60.74 12.05 48.77
CA GLY I 435 -60.73 10.66 49.19
C GLY I 435 -60.39 10.48 50.65
N LEU I 436 -59.38 11.22 51.14
CA LEU I 436 -58.98 11.10 52.54
C LEU I 436 -59.98 11.73 53.49
N ARG I 437 -60.79 12.68 53.02
CA ARG I 437 -61.81 13.26 53.89
C ARG I 437 -62.84 12.23 54.31
N ARG I 438 -63.27 11.38 53.38
CA ARG I 438 -64.26 10.36 53.67
C ARG I 438 -63.74 9.37 54.71
N CYS J 1 66.70 -40.51 41.95
CA CYS J 1 65.41 -41.19 41.91
C CYS J 1 65.36 -42.24 40.81
N ARG J 2 64.26 -42.26 40.06
CA ARG J 2 64.08 -43.20 38.98
C ARG J 2 65.05 -42.90 37.83
N ILE J 3 65.13 -43.84 36.89
CA ILE J 3 66.02 -43.67 35.74
C ILE J 3 65.60 -42.47 34.89
N HIS J 4 64.31 -42.13 34.91
CA HIS J 4 63.78 -41.04 34.11
C HIS J 4 63.48 -39.79 34.94
N GLU J 5 64.16 -39.62 36.08
CA GLU J 5 63.94 -38.46 36.94
C GLU J 5 65.27 -37.86 37.36
N ILE J 6 65.31 -36.54 37.49
CA ILE J 6 66.49 -35.80 37.92
C ILE J 6 66.15 -35.01 39.17
N SER J 7 67.03 -35.06 40.16
CA SER J 7 66.84 -34.30 41.38
C SER J 7 67.06 -32.81 41.12
N CYS J 8 66.30 -31.97 41.83
CA CYS J 8 66.42 -30.52 41.70
C CYS J 8 67.64 -30.03 42.50
N GLY J 9 68.81 -30.42 42.02
CA GLY J 9 70.05 -30.07 42.66
C GLY J 9 70.45 -31.07 43.73
N ALA J 10 71.73 -30.99 44.13
CA ALA J 10 72.25 -31.91 45.13
C ALA J 10 71.75 -31.55 46.53
N HIS J 11 71.37 -30.30 46.75
CA HIS J 11 70.96 -29.85 48.07
C HIS J 11 69.49 -30.12 48.37
N SER J 12 68.74 -30.68 47.43
CA SER J 12 67.33 -30.99 47.62
C SER J 12 67.05 -32.42 47.20
N THR J 13 66.07 -33.03 47.85
CA THR J 13 65.67 -34.40 47.56
C THR J 13 64.56 -34.49 46.53
N GLN J 14 64.01 -33.36 46.08
CA GLN J 14 62.92 -33.38 45.11
C GLN J 14 63.46 -33.77 43.74
N CYS J 15 62.79 -34.73 43.09
CA CYS J 15 63.16 -35.20 41.77
C CYS J 15 61.98 -35.08 40.82
N ILE J 16 62.27 -34.69 39.59
CA ILE J 16 61.23 -34.43 38.59
C ILE J 16 61.53 -35.23 37.34
N PRO J 17 60.51 -35.56 36.55
CA PRO J 17 60.75 -36.33 35.33
C PRO J 17 61.57 -35.54 34.30
N VAL J 18 62.13 -36.30 33.35
CA VAL J 18 63.06 -35.72 32.38
C VAL J 18 62.36 -34.67 31.51
N SER J 19 61.13 -34.96 31.09
CA SER J 19 60.42 -34.09 30.15
C SER J 19 60.18 -32.68 30.70
N TRP J 20 60.28 -32.48 32.01
CA TRP J 20 60.09 -31.18 32.62
C TRP J 20 61.34 -30.31 32.58
N ARG J 21 62.31 -30.65 31.72
CA ARG J 21 63.52 -29.84 31.59
C ARG J 21 63.37 -28.89 30.41
N CYS J 22 63.63 -27.61 30.66
CA CYS J 22 63.54 -26.55 29.65
C CYS J 22 62.16 -26.52 29.01
N ASP J 23 61.13 -26.57 29.85
CA ASP J 23 59.75 -26.44 29.40
C ASP J 23 59.23 -25.01 29.45
N GLY J 24 60.04 -24.07 29.95
CA GLY J 24 59.60 -22.71 30.14
C GLY J 24 58.94 -22.43 31.48
N GLU J 25 58.87 -23.41 32.37
CA GLU J 25 58.30 -23.24 33.69
C GLU J 25 59.29 -23.72 34.74
N ASN J 26 59.40 -22.97 35.84
CA ASN J 26 60.32 -23.31 36.92
C ASN J 26 59.64 -24.33 37.84
N ASP J 27 59.82 -25.61 37.50
CA ASP J 27 59.25 -26.70 38.29
C ASP J 27 60.08 -27.05 39.52
N CYS J 28 61.34 -26.60 39.58
CA CYS J 28 62.16 -26.85 40.75
C CYS J 28 61.84 -25.84 41.85
N ASP J 29 62.59 -25.92 42.95
CA ASP J 29 62.37 -24.98 44.05
C ASP J 29 62.74 -23.56 43.65
N SER J 30 63.84 -23.39 42.91
CA SER J 30 64.29 -22.07 42.49
C SER J 30 64.65 -22.05 41.01
N GLY J 31 63.97 -22.86 40.22
CA GLY J 31 64.20 -22.89 38.78
C GLY J 31 65.57 -23.38 38.37
N GLU J 32 66.09 -24.42 39.03
CA GLU J 32 67.36 -24.99 38.63
C GLU J 32 67.29 -25.65 37.26
N ASP J 33 66.16 -26.29 36.94
CA ASP J 33 66.03 -26.99 35.66
C ASP J 33 66.05 -26.02 34.49
N GLU J 34 65.50 -24.81 34.66
CA GLU J 34 65.50 -23.84 33.58
C GLU J 34 66.83 -23.10 33.44
N GLU J 35 67.74 -23.25 34.41
CA GLU J 35 69.04 -22.61 34.30
C GLU J 35 69.89 -23.32 33.25
N ASN J 36 70.85 -22.58 32.70
CA ASN J 36 71.77 -23.04 31.65
C ASN J 36 71.07 -23.88 30.60
N CYS J 37 69.93 -23.37 30.13
CA CYS J 37 69.14 -24.06 29.11
C CYS J 37 69.78 -23.94 27.74
N CYS K 1 -30.53 -33.32 -76.33
CA CYS K 1 -31.24 -32.98 -75.10
C CYS K 1 -31.96 -31.64 -75.24
N ARG K 2 -32.01 -30.89 -74.14
CA ARG K 2 -32.65 -29.58 -74.12
C ARG K 2 -31.84 -28.60 -74.96
N ILE K 3 -32.48 -27.46 -75.26
CA ILE K 3 -31.81 -26.41 -76.02
C ILE K 3 -30.62 -25.85 -75.25
N HIS K 4 -30.70 -25.83 -73.92
CA HIS K 4 -29.65 -25.29 -73.08
C HIS K 4 -28.72 -26.37 -72.53
N GLU K 5 -28.63 -27.52 -73.21
CA GLU K 5 -27.78 -28.61 -72.77
C GLU K 5 -26.92 -29.09 -73.94
N ILE K 6 -25.67 -29.43 -73.64
CA ILE K 6 -24.72 -29.95 -74.62
C ILE K 6 -24.24 -31.32 -74.14
N SER K 7 -24.31 -32.31 -75.03
CA SER K 7 -23.86 -33.64 -74.69
C SER K 7 -22.33 -33.70 -74.67
N CYS K 8 -21.80 -34.63 -73.86
CA CYS K 8 -20.36 -34.81 -73.75
C CYS K 8 -19.85 -35.70 -74.88
N GLY K 9 -20.05 -35.23 -76.10
CA GLY K 9 -19.68 -35.97 -77.29
C GLY K 9 -20.79 -36.91 -77.75
N ALA K 10 -20.70 -37.30 -79.02
CA ALA K 10 -21.69 -38.20 -79.59
C ALA K 10 -21.59 -39.61 -78.99
N HIS K 11 -20.39 -40.02 -78.58
CA HIS K 11 -20.19 -41.37 -78.07
C HIS K 11 -20.80 -41.59 -76.69
N SER K 12 -21.27 -40.53 -76.02
CA SER K 12 -21.89 -40.64 -74.72
C SER K 12 -23.27 -40.00 -74.75
N THR K 13 -24.20 -40.61 -74.01
CA THR K 13 -25.58 -40.13 -73.95
C THR K 13 -25.81 -39.08 -72.89
N GLN K 14 -24.83 -38.80 -72.04
CA GLN K 14 -24.98 -37.81 -70.98
C GLN K 14 -24.94 -36.40 -71.56
N CYS K 15 -25.89 -35.56 -71.14
CA CYS K 15 -25.94 -34.17 -71.55
C CYS K 15 -25.93 -33.29 -70.31
N ILE K 16 -25.19 -32.18 -70.40
CA ILE K 16 -24.99 -31.29 -69.26
C ILE K 16 -25.39 -29.87 -69.67
N PRO K 17 -25.79 -29.02 -68.74
CA PRO K 17 -26.14 -27.64 -69.11
C PRO K 17 -24.92 -26.87 -69.60
N VAL K 18 -25.17 -25.91 -70.49
CA VAL K 18 -24.09 -25.16 -71.12
C VAL K 18 -23.34 -24.30 -70.12
N SER K 19 -23.93 -23.98 -68.98
CA SER K 19 -23.25 -23.17 -67.97
C SER K 19 -22.05 -23.90 -67.36
N TRP K 20 -21.96 -25.21 -67.55
CA TRP K 20 -20.87 -26.01 -67.02
C TRP K 20 -19.70 -26.11 -67.98
N ARG K 21 -19.76 -25.44 -69.13
CA ARG K 21 -18.67 -25.49 -70.09
C ARG K 21 -17.54 -24.57 -69.66
N CYS K 22 -16.34 -25.14 -69.54
CA CYS K 22 -15.13 -24.40 -69.17
C CYS K 22 -15.30 -23.69 -67.82
N ASP K 23 -15.79 -24.43 -66.83
CA ASP K 23 -15.91 -23.92 -65.47
C ASP K 23 -14.73 -24.27 -64.59
N GLY K 24 -13.71 -24.94 -65.13
CA GLY K 24 -12.60 -25.39 -64.34
C GLY K 24 -12.76 -26.73 -63.66
N GLU K 25 -13.86 -27.43 -63.94
CA GLU K 25 -14.12 -28.75 -63.39
C GLU K 25 -14.51 -29.71 -64.50
N ASN K 26 -14.07 -30.96 -64.37
CA ASN K 26 -14.36 -31.98 -65.37
C ASN K 26 -15.74 -32.58 -65.08
N ASP K 27 -16.77 -31.86 -65.55
CA ASP K 27 -18.15 -32.29 -65.32
C ASP K 27 -18.53 -33.47 -66.21
N CYS K 28 -17.87 -33.65 -67.34
CA CYS K 28 -18.19 -34.74 -68.26
C CYS K 28 -17.65 -36.06 -67.70
N ASP K 29 -17.78 -37.13 -68.48
CA ASP K 29 -17.26 -38.43 -68.04
C ASP K 29 -15.74 -38.40 -67.91
N SER K 30 -15.05 -37.78 -68.87
CA SER K 30 -13.60 -37.69 -68.84
C SER K 30 -13.14 -36.29 -69.26
N GLY K 31 -13.86 -35.27 -68.79
CA GLY K 31 -13.48 -33.89 -69.03
C GLY K 31 -13.50 -33.48 -70.50
N GLU K 32 -14.53 -33.90 -71.23
CA GLU K 32 -14.65 -33.50 -72.63
C GLU K 32 -14.91 -32.01 -72.77
N ASP K 33 -15.73 -31.43 -71.88
CA ASP K 33 -16.06 -30.01 -71.98
C ASP K 33 -14.84 -29.12 -71.77
N GLU K 34 -13.96 -29.48 -70.84
CA GLU K 34 -12.77 -28.68 -70.57
C GLU K 34 -11.75 -28.75 -71.70
N GLU K 35 -11.89 -29.68 -72.64
CA GLU K 35 -10.96 -29.77 -73.74
C GLU K 35 -11.12 -28.60 -74.71
N ASN K 36 -10.05 -28.32 -75.45
CA ASN K 36 -9.99 -27.25 -76.45
C ASN K 36 -10.70 -25.98 -75.99
N CYS K 37 -10.34 -25.53 -74.79
CA CYS K 37 -10.91 -24.31 -74.24
C CYS K 37 -9.82 -23.45 -73.59
N CYS L 1 -22.76 82.24 23.86
CA CYS L 1 -22.77 81.01 24.65
C CYS L 1 -21.69 81.04 25.74
N ARG L 2 -21.19 79.86 26.09
CA ARG L 2 -20.17 79.72 27.12
C ARG L 2 -18.83 80.22 26.59
N ILE L 3 -17.81 80.18 27.46
CA ILE L 3 -16.47 80.61 27.05
C ILE L 3 -15.89 79.64 26.03
N HIS L 4 -16.18 78.35 26.17
CA HIS L 4 -15.64 77.32 25.29
C HIS L 4 -16.50 77.05 24.07
N GLU L 5 -17.55 77.83 23.85
CA GLU L 5 -18.45 77.66 22.72
C GLU L 5 -18.48 78.93 21.88
N ILE L 6 -18.52 78.76 20.56
CA ILE L 6 -18.59 79.88 19.63
C ILE L 6 -19.84 79.70 18.76
N SER L 7 -20.57 80.79 18.56
CA SER L 7 -21.80 80.74 17.77
C SER L 7 -21.48 80.60 16.28
N CYS L 8 -22.40 79.94 15.56
CA CYS L 8 -22.25 79.76 14.11
C CYS L 8 -22.81 80.98 13.37
N GLY L 9 -22.22 82.12 13.66
CA GLY L 9 -22.66 83.37 13.06
C GLY L 9 -23.59 84.13 13.97
N ALA L 10 -23.60 85.46 13.81
CA ALA L 10 -24.45 86.30 14.64
C ALA L 10 -25.93 86.12 14.31
N HIS L 11 -26.26 85.85 13.04
CA HIS L 11 -27.66 85.75 12.64
C HIS L 11 -28.33 84.49 13.17
N SER L 12 -27.56 83.53 13.67
CA SER L 12 -28.11 82.28 14.18
C SER L 12 -27.79 82.13 15.66
N THR L 13 -28.70 81.47 16.38
CA THR L 13 -28.54 81.22 17.80
C THR L 13 -27.80 79.93 18.10
N GLN L 14 -27.48 79.14 17.09
CA GLN L 14 -26.78 77.88 17.32
C GLN L 14 -25.32 78.15 17.66
N CYS L 15 -24.82 77.48 18.70
CA CYS L 15 -23.44 77.61 19.13
C CYS L 15 -22.84 76.23 19.33
N ILE L 16 -21.55 76.10 19.02
CA ILE L 16 -20.86 74.81 19.05
C ILE L 16 -19.57 74.98 19.82
N PRO L 17 -19.07 73.90 20.43
CA PRO L 17 -17.78 73.99 21.14
C PRO L 17 -16.62 74.20 20.17
N VAL L 18 -15.57 74.85 20.69
CA VAL L 18 -14.43 75.24 19.88
C VAL L 18 -13.69 74.04 19.29
N SER L 19 -13.80 72.87 19.93
CA SER L 19 -13.10 71.70 19.44
C SER L 19 -13.59 71.27 18.06
N TRP L 20 -14.80 71.68 17.66
CA TRP L 20 -15.36 71.34 16.37
C TRP L 20 -14.93 72.29 15.26
N ARG L 21 -14.18 73.34 15.59
CA ARG L 21 -13.76 74.31 14.58
C ARG L 21 -12.66 73.73 13.70
N CYS L 22 -12.84 73.82 12.39
CA CYS L 22 -11.88 73.30 11.41
C CYS L 22 -11.60 71.82 11.65
N ASP L 23 -12.65 71.05 11.96
CA ASP L 23 -12.53 69.63 12.23
C ASP L 23 -12.82 68.78 11.00
N GLY L 24 -13.08 69.39 9.85
CA GLY L 24 -13.38 68.65 8.64
C GLY L 24 -14.83 68.27 8.46
N GLU L 25 -15.71 68.66 9.40
CA GLU L 25 -17.13 68.39 9.29
C GLU L 25 -17.90 69.68 9.50
N ASN L 26 -18.85 69.95 8.61
CA ASN L 26 -19.67 71.16 8.70
C ASN L 26 -20.71 70.96 9.80
N ASP L 27 -20.26 71.16 11.04
CA ASP L 27 -21.12 70.97 12.20
C ASP L 27 -22.17 72.05 12.35
N CYS L 28 -21.94 73.23 11.79
CA CYS L 28 -22.89 74.34 11.91
C CYS L 28 -24.06 74.11 10.95
N ASP L 29 -24.98 75.07 10.91
CA ASP L 29 -26.14 74.95 10.02
C ASP L 29 -25.72 74.97 8.55
N SER L 30 -24.75 75.84 8.21
CA SER L 30 -24.28 75.93 6.83
C SER L 30 -22.76 75.94 6.75
N GLY L 31 -22.08 75.36 7.74
CA GLY L 31 -20.64 75.22 7.71
C GLY L 31 -19.86 76.51 7.72
N GLU L 32 -20.29 77.48 8.53
CA GLU L 32 -19.54 78.72 8.66
C GLU L 32 -18.20 78.49 9.34
N ASP L 33 -18.13 77.54 10.28
CA ASP L 33 -16.90 77.30 11.01
C ASP L 33 -15.80 76.75 10.09
N GLU L 34 -16.17 75.91 9.12
CA GLU L 34 -15.17 75.37 8.21
C GLU L 34 -14.69 76.40 7.20
N GLU L 35 -15.42 77.51 7.05
CA GLU L 35 -14.98 78.56 6.14
C GLU L 35 -13.76 79.29 6.69
N ASN L 36 -13.03 79.95 5.79
CA ASN L 36 -11.81 80.70 6.10
C ASN L 36 -10.93 79.97 7.11
N CYS L 37 -10.63 78.71 6.80
CA CYS L 37 -9.79 77.89 7.66
C CYS L 37 -8.33 78.00 7.26
C1 NAG M . 15.77 70.42 -17.35
C2 NAG M . 14.30 70.16 -17.61
C3 NAG M . 13.44 70.92 -16.60
C4 NAG M . 13.90 70.62 -15.18
C5 NAG M . 15.40 70.82 -15.03
C6 NAG M . 15.93 70.36 -13.69
C7 NAG M . 13.89 69.65 -19.97
C8 NAG M . 13.49 70.20 -21.31
N2 NAG M . 13.93 70.52 -18.97
O3 NAG M . 12.07 70.57 -16.77
O4 NAG M . 13.24 71.51 -14.27
O5 NAG M . 16.10 70.05 -16.02
O6 NAG M . 17.27 70.80 -13.49
O7 NAG M . 14.16 68.46 -19.82
C1 NAG M . 12.24 70.79 -13.51
C2 NAG M . 12.19 71.38 -12.10
C3 NAG M . 11.10 70.69 -11.29
C4 NAG M . 9.77 70.75 -12.02
C5 NAG M . 9.92 70.20 -13.44
C6 NAG M . 8.67 70.34 -14.26
C7 NAG M . 14.29 72.31 -11.24
C8 NAG M . 15.57 72.02 -10.53
N2 NAG M . 13.47 71.27 -11.44
O3 NAG M . 10.98 71.32 -10.02
O4 NAG M . 8.79 70.00 -11.32
O5 NAG M . 10.95 70.90 -14.13
O6 NAG M . 8.90 71.13 -15.42
O7 NAG M . 14.00 73.45 -11.62
C1 NAG N . -0.84 19.70 -42.42
C2 NAG N . -0.66 21.22 -42.57
C3 NAG N . -2.00 21.92 -42.35
C4 NAG N . -3.09 21.31 -43.23
C5 NAG N . -3.10 19.78 -43.13
C6 NAG N . -4.00 19.13 -44.15
C7 NAG N . 1.04 22.86 -41.88
C8 NAG N . 2.04 23.23 -40.82
N2 NAG N . 0.34 21.73 -41.65
O3 NAG N . -1.86 23.30 -42.66
O4 NAG N . -4.35 21.77 -42.75
O5 NAG N . -1.78 19.25 -43.37
O6 NAG N . -3.86 19.73 -45.43
O7 NAG N . 0.86 23.54 -42.88
C1 NAG N . -5.08 22.51 -43.76
C2 NAG N . -6.50 22.71 -43.24
C3 NAG N . -7.32 23.54 -44.24
C4 NAG N . -6.59 24.84 -44.56
C5 NAG N . -5.17 24.56 -45.03
C6 NAG N . -4.36 25.82 -45.24
C7 NAG N . -7.55 21.04 -41.78
C8 NAG N . -8.19 19.69 -41.71
N2 NAG N . -7.15 21.43 -43.00
O3 NAG N . -8.60 23.82 -43.69
O4 NAG N . -7.29 25.54 -45.59
O5 NAG N . -4.48 23.79 -44.02
O6 NAG N . -4.83 26.53 -46.39
O7 NAG N . -7.39 21.74 -40.79
C1 NAG O . 19.43 -4.70 -71.28
C2 NAG O . 19.32 -6.14 -70.79
C3 NAG O . 18.13 -6.83 -71.44
C4 NAG O . 16.86 -6.00 -71.26
C5 NAG O . 17.09 -4.56 -71.70
C6 NAG O . 15.91 -3.66 -71.40
C7 NAG O . 21.60 -6.86 -70.26
C8 NAG O . 22.79 -7.66 -70.70
N2 NAG O . 20.55 -6.87 -71.08
O3 NAG O . 17.96 -8.12 -70.85
O4 NAG O . 15.81 -6.56 -72.06
O5 NAG O . 18.21 -4.01 -71.00
O6 NAG O . 16.23 -2.29 -71.59
O7 NAG O . 21.61 -6.22 -69.21
C1 NAG O . 14.86 -7.16 -71.17
C2 NAG O . 13.47 -6.97 -71.79
C3 NAG O . 12.42 -7.66 -70.92
C4 NAG O . 12.79 -9.11 -70.68
C5 NAG O . 14.20 -9.21 -70.12
C6 NAG O . 14.69 -10.63 -69.98
C7 NAG O . 12.75 -5.04 -73.12
C8 NAG O . 12.49 -3.57 -73.12
N2 NAG O . 13.17 -5.56 -71.97
O3 NAG O . 11.15 -7.57 -71.56
O4 NAG O . 11.87 -9.70 -69.76
O5 NAG O . 15.12 -8.56 -71.01
O6 NAG O . 14.50 -11.36 -71.18
O7 NAG O . 12.61 -5.73 -74.13
C1 NAG P . 41.56 -15.71 -17.68
C2 NAG P . 41.19 -16.14 -19.12
C3 NAG P . 40.20 -17.31 -19.10
C4 NAG P . 40.71 -18.44 -18.24
C5 NAG P . 40.94 -17.92 -16.83
C6 NAG P . 41.50 -18.95 -15.89
C7 NAG P . 40.75 -14.92 -21.21
C8 NAG P . 40.09 -13.71 -21.82
N2 NAG P . 40.63 -15.03 -19.88
O3 NAG P . 39.98 -17.77 -20.44
O4 NAG P . 39.79 -19.52 -18.24
O5 NAG P . 41.92 -16.86 -16.90
O6 NAG P . 42.83 -18.64 -15.49
O7 NAG P . 41.34 -15.75 -21.88
C1 NAG P . 40.43 -20.70 -18.75
C2 NAG P . 39.43 -21.86 -18.68
C3 NAG P . 40.08 -23.14 -19.23
C4 NAG P . 40.62 -22.89 -20.63
C5 NAG P . 41.55 -21.69 -20.64
C6 NAG P . 42.03 -21.32 -22.03
C7 NAG P . 37.72 -22.43 -17.03
C8 NAG P . 37.41 -22.59 -15.57
N2 NAG P . 38.98 -22.07 -17.32
O3 NAG P . 39.12 -24.18 -19.25
O4 NAG P . 41.32 -24.05 -21.09
O5 NAG P . 40.88 -20.54 -20.11
O6 NAG P . 42.74 -22.39 -22.64
O7 NAG P . 36.88 -22.61 -17.89
C1 NAG Q . 74.25 1.31 3.26
C2 NAG Q . 73.74 1.70 4.65
C3 NAG Q . 74.05 0.58 5.65
C4 NAG Q . 73.53 -0.76 5.14
C5 NAG Q . 74.01 -1.01 3.71
C6 NAG Q . 73.39 -2.25 3.11
C7 NAG Q . 73.75 4.15 4.92
C8 NAG Q . 74.49 5.33 5.43
N2 NAG Q . 74.34 2.96 5.09
O3 NAG Q . 73.45 0.90 6.90
O4 NAG Q . 74.01 -1.80 5.97
O5 NAG Q . 73.66 0.08 2.86
O6 NAG Q . 73.90 -2.49 1.80
O7 NAG Q . 72.65 4.25 4.36
C1 NAG Q . 72.96 -2.32 6.81
C2 NAG Q . 73.16 -3.83 6.95
C3 NAG Q . 72.10 -4.42 7.88
C4 NAG Q . 72.11 -3.69 9.21
C5 NAG Q . 71.96 -2.18 8.99
C6 NAG Q . 72.08 -1.38 10.27
C7 NAG Q . 74.16 -5.14 5.13
C8 NAG Q . 73.94 -5.76 3.79
N2 NAG Q . 73.12 -4.49 5.66
O3 NAG Q . 72.36 -5.80 8.08
O4 NAG Q . 71.04 -4.15 10.03
O5 NAG Q . 72.99 -1.72 8.10
O6 NAG Q . 72.75 -0.14 10.04
O7 NAG Q . 75.23 -5.24 5.72
C1 NAG R . 28.61 37.98 7.01
C2 NAG R . 29.75 37.31 7.79
C3 NAG R . 29.22 36.59 9.03
C4 NAG R . 28.41 37.55 9.88
C5 NAG R . 27.25 38.07 9.05
C6 NAG R . 26.37 39.05 9.79
C7 NAG R . 31.78 36.15 7.01
C8 NAG R . 32.33 35.12 6.08
N2 NAG R . 30.46 36.35 6.94
O3 NAG R . 30.31 36.08 9.78
O4 NAG R . 27.92 36.89 11.05
O5 NAG R . 27.78 38.76 7.91
O6 NAG R . 26.88 40.38 9.71
O7 NAG R . 32.48 36.77 7.79
C1 NAG R . 28.40 37.56 12.24
C2 NAG R . 27.91 36.80 13.49
C3 NAG R . 28.43 37.47 14.76
C4 NAG R . 29.95 37.63 14.69
C5 NAG R . 30.35 38.37 13.42
C6 NAG R . 31.85 38.46 13.24
C7 NAG R . 25.80 35.74 14.13
C8 NAG R . 24.30 35.81 14.06
N2 NAG R . 26.46 36.72 13.51
O3 NAG R . 28.08 36.70 15.89
O4 NAG R . 30.41 38.37 15.81
O5 NAG R . 29.84 37.66 12.27
O6 NAG R . 32.20 39.60 12.47
O7 NAG R . 26.38 34.84 14.72
C1 NAG S . -17.31 -10.89 -56.36
C2 NAG S . -16.52 -12.19 -56.25
C3 NAG S . -15.29 -11.98 -55.37
C4 NAG S . -14.46 -10.80 -55.88
C5 NAG S . -15.33 -9.56 -56.01
C6 NAG S . -14.60 -8.39 -56.65
C7 NAG S . -17.85 -14.22 -56.51
C8 NAG S . -18.67 -15.26 -55.82
N2 NAG S . -17.34 -13.27 -55.74
O3 NAG S . -14.51 -13.16 -55.35
O4 NAG S . -13.39 -10.53 -54.98
O5 NAG S . -16.47 -9.84 -56.86
O6 NAG S . -13.93 -8.79 -57.84
O7 NAG S . -17.67 -14.25 -57.72
C1 NAG T . 50.41 -28.14 16.60
C2 NAG T . 50.51 -27.06 17.66
C3 NAG T . 49.93 -25.75 17.14
C4 NAG T . 50.61 -25.36 15.83
C5 NAG T . 50.54 -26.50 14.82
C6 NAG T . 51.33 -26.23 13.57
C7 NAG T . 50.51 -27.72 20.03
C8 NAG T . 49.67 -28.11 21.21
N2 NAG T . 49.84 -27.46 18.89
O3 NAG T . 50.11 -24.73 18.11
O4 NAG T . 49.97 -24.21 15.28
O5 NAG T . 51.08 -27.71 15.40
O6 NAG T . 52.66 -25.85 13.88
O7 NAG T . 51.73 -27.63 20.10
C1 NAG U . -2.64 57.68 16.17
C2 NAG U . -3.79 57.74 15.16
C3 NAG U . -3.54 56.73 14.04
C4 NAG U . -2.17 56.94 13.41
C5 NAG U . -1.10 56.93 14.50
C6 NAG U . 0.28 57.26 13.96
C7 NAG U . -6.10 58.33 15.71
C8 NAG U . -7.35 57.92 16.43
N2 NAG U . -5.06 57.49 15.80
O3 NAG U . -4.56 56.87 13.05
O4 NAG U . -1.91 55.91 12.47
O5 NAG U . -1.40 57.91 15.50
O6 NAG U . 0.41 58.65 13.68
O7 NAG U . -6.04 59.37 15.07
CA CA V . 60.96 -26.86 33.60
CA CA W . -16.60 -27.91 -67.19
CA CA X . -16.66 71.85 12.00
#